data_9KR8
#
_entry.id   9KR8
#
_cell.length_a   1.00
_cell.length_b   1.00
_cell.length_c   1.00
_cell.angle_alpha   90.00
_cell.angle_beta   90.00
_cell.angle_gamma   90.00
#
_symmetry.space_group_name_H-M   'P 1'
#
loop_
_entity.id
_entity.type
_entity.pdbx_description
1 polymer 'Spike glycoprotein'
2 branched 2-acetamido-2-deoxy-beta-D-glucopyranose-(1-4)-2-acetamido-2-deoxy-beta-D-glucopyranose
3 non-polymer 'PALMITIC ACID'
4 non-polymer 2-acetamido-2-deoxy-beta-D-glucopyranose
5 non-polymer 'OLEIC ACID'
#
_entity_poly.entity_id   1
_entity_poly.type   'polypeptide(L)'
_entity_poly.pdbx_seq_one_letter_code
;MIRSVLVLMCSLTFIGNLTRGQSVDMGHNGTGSCLDSQVQPDYFESVHTTWPMPIDTSKAEGVIYPNGKSYSNITLTYTG
LYPKANDLGKQYLFSDGHSAPGRLNNLFVSNYSSQVESFDDGFVVRIGAAANKTGTTVISQSTFKPIKKIYPAFLLGHSV
GNYTPSNRTGRYLNHTLVILPDGCGTILHAFYCVLHPRTQQNCAGETNFKSLSLWDTPASDCVSGSYNQEATLGAFKVYF
DLINCTFRYNYTITEDENAEWFGITQDTQGVHLYSSRKENVFRNNMFHFATLPVYQKILYYTVIPRSIRSPFNDRKAWAA
FYIYKLHPLTYLLNFDVEGYITKAVDCGYDDLAQLQCSYESFEVETGVYSVSSFEASPRGEFIEQATTQECDFTPMLTGT
PPPIYNFKRLVFTNCNYNLTKLLSLFQVSEFSCHQVSPSSLATGCYSSLTVDYFAYSTDMSSYLQPGSAGAIVQFNYKQD
FSNPTCRVLATVPQNLTTITKPSNYAYLTECYKTSAYGKNYLYNAPGAYTPCLSLASRGFSTKYQSHSDGELTTTGYIYP
VTGNLQMAFIISVQYGTDTNSVCPMQALRNDTSIEDKLDVCVEYSLHGITGRGVFHNCTSVGLRNQRFVYDTFDNLVGYH
SDNGNYYCVRPCVSVPVSVIYDKASNSHATLFGSVACSHVTTMMSQFSRMTKTNLLARTTPGPLQTTVGCAMGFINSSMV
VDECQLPLGQSLCAIPPTTSSRVRRATSGASDVFQIATLNFTSPLTLAPINSTGFVVAVPTNFTFGVTQEFIETTIQKIT
VDCKQYVCNGFKKCEDLLKEYGQFCSKINQALHGANLRQDESIANLFSSIKTQNTQPLQAGLNGDFNLTMLQIPQVTTGE
RKYRSTIEDLLFNKVTIADPGYMQGYDECMQQGPQSARDLICAQYVAGYKVLPPLYDPYMEAAYTSSLLGSIAGASWTAG
LSSFAAIPFAQSIFYRLNGVGITQQVLSENQKIIANKFNQALGAMQTGFTTTNLAFNKVQDAVNANAMALSKLAAELSNT
FGAISSSISDILARLDTVEQEAQIDRLINGRLTSLNAFVAQQLVRTEAAARSAQLAQDKVNECVKSQSKRNGFCGTGTHI
VSFAINAPNGLYFFHVGYQPTSHVNATAAYGLCNTENPQKCIAPIDGYFVLNQTTSTVADSDQQWYYTGSSFFHPEPITE
ANSKYVSMDVKFENLTNRLPPPLLSNSTDLDFKEELEEFFKNVSSQGPNFQEISKINTTLLNLNTELMVLSEVVKQLNES
YIDLKELGNYTFYQKWPWYIWLGFIAGLVALALCVFFILCCTGCGTSCLGKLKCNRCCDSYDEYEVEKIHVH
;
_entity_poly.pdbx_strand_id   A,B,C
#
loop_
_chem_comp.id
_chem_comp.type
_chem_comp.name
_chem_comp.formula
NAG D-saccharide, beta linking 2-acetamido-2-deoxy-beta-D-glucopyranose 'C8 H15 N O6'
OLA non-polymer 'OLEIC ACID' 'C18 H34 O2'
PLM non-polymer 'PALMITIC ACID' 'C16 H32 O2'
#
# COMPACT_ATOMS: atom_id res chain seq x y z
N VAL A 39 -35.88 56.79 -29.58
CA VAL A 39 -35.45 55.98 -28.44
C VAL A 39 -36.51 55.99 -27.34
N GLN A 40 -37.01 54.81 -26.99
CA GLN A 40 -37.97 54.66 -25.90
C GLN A 40 -37.71 53.34 -25.18
N PRO A 41 -37.00 53.39 -24.05
CA PRO A 41 -36.70 52.14 -23.32
C PRO A 41 -37.90 51.53 -22.62
N ASP A 42 -39.05 52.21 -22.59
CA ASP A 42 -40.30 51.62 -22.13
C ASP A 42 -41.06 50.90 -23.23
N TYR A 43 -40.66 51.08 -24.49
CA TYR A 43 -41.41 50.57 -25.64
C TYR A 43 -40.93 49.19 -26.10
N PHE A 44 -39.72 48.78 -25.73
CA PHE A 44 -39.18 47.50 -26.18
C PHE A 44 -39.36 46.41 -25.13
N GLU A 45 -38.82 46.68 -23.94
CA GLU A 45 -38.86 45.75 -22.81
C GLU A 45 -40.20 45.59 -22.11
N SER A 46 -41.25 45.36 -22.89
CA SER A 46 -42.59 45.14 -22.36
C SER A 46 -42.82 43.64 -22.22
N VAL A 47 -44.08 43.25 -22.02
CA VAL A 47 -44.44 41.83 -21.97
C VAL A 47 -45.10 41.47 -23.30
N HIS A 48 -44.73 42.19 -24.36
CA HIS A 48 -45.28 41.98 -25.70
C HIS A 48 -44.95 40.61 -26.25
N THR A 49 -43.67 40.33 -26.51
CA THR A 49 -43.27 38.95 -26.74
C THR A 49 -42.72 38.38 -25.45
N THR A 50 -41.55 38.90 -25.04
CA THR A 50 -40.81 38.61 -23.80
C THR A 50 -40.86 37.13 -23.41
N TRP A 51 -40.51 36.29 -24.36
CA TRP A 51 -40.46 34.86 -24.11
C TRP A 51 -39.24 34.54 -23.26
N PRO A 52 -39.40 33.89 -22.11
CA PRO A 52 -38.24 33.39 -21.39
C PRO A 52 -37.68 32.16 -22.07
N MET A 53 -36.38 32.18 -22.32
CA MET A 53 -35.68 31.08 -22.98
C MET A 53 -34.57 30.59 -22.07
N PRO A 54 -34.87 29.72 -21.12
CA PRO A 54 -33.83 29.20 -20.23
C PRO A 54 -32.96 28.17 -20.95
N ILE A 55 -31.78 27.93 -20.37
CA ILE A 55 -30.84 26.95 -20.89
C ILE A 55 -31.30 25.55 -20.51
N ASP A 56 -31.45 24.68 -21.49
CA ASP A 56 -31.83 23.29 -21.27
C ASP A 56 -30.63 22.40 -21.54
N THR A 57 -29.99 21.93 -20.47
CA THR A 57 -28.83 21.05 -20.61
C THR A 57 -29.20 19.67 -21.13
N SER A 58 -30.46 19.28 -21.07
CA SER A 58 -30.88 17.99 -21.60
C SER A 58 -30.84 17.94 -23.13
N LYS A 59 -30.74 19.09 -23.80
CA LYS A 59 -30.47 19.14 -25.22
C LYS A 59 -29.05 19.63 -25.51
N ALA A 60 -28.25 19.86 -24.46
CA ALA A 60 -26.89 20.41 -24.49
C ALA A 60 -26.84 21.75 -25.23
N GLU A 61 -27.61 22.71 -24.73
CA GLU A 61 -27.72 24.02 -25.34
C GLU A 61 -26.52 24.88 -24.95
N GLY A 62 -25.94 25.55 -25.94
CA GLY A 62 -24.81 26.43 -25.70
C GLY A 62 -23.55 25.76 -25.20
N VAL A 63 -23.21 24.60 -25.73
CA VAL A 63 -22.05 23.82 -25.27
C VAL A 63 -20.97 23.88 -26.34
N ILE A 64 -19.77 24.26 -25.94
CA ILE A 64 -18.64 24.29 -26.84
C ILE A 64 -18.01 22.91 -26.91
N TYR A 65 -17.85 22.38 -28.11
CA TYR A 65 -17.22 21.11 -28.41
C TYR A 65 -15.72 21.17 -28.12
N PRO A 66 -15.13 20.12 -27.55
CA PRO A 66 -13.67 20.10 -27.27
C PRO A 66 -12.82 20.15 -28.54
N ASN A 67 -11.72 20.90 -28.49
CA ASN A 67 -10.97 21.15 -29.71
C ASN A 67 -9.83 20.14 -29.88
N GLY A 68 -9.60 19.78 -31.14
CA GLY A 68 -8.55 18.84 -31.50
C GLY A 68 -8.91 17.37 -31.42
N LYS A 69 -10.12 17.01 -31.04
CA LYS A 69 -10.43 15.60 -30.84
C LYS A 69 -11.93 15.35 -30.95
N SER A 70 -12.28 14.07 -30.90
CA SER A 70 -13.64 13.58 -31.05
C SER A 70 -13.83 12.38 -30.14
N TYR A 71 -15.08 12.14 -29.73
CA TYR A 71 -15.44 10.94 -29.00
C TYR A 71 -16.62 10.28 -29.69
N SER A 72 -16.78 8.98 -29.44
CA SER A 72 -17.82 8.20 -30.10
C SER A 72 -18.47 7.28 -29.09
N ASN A 73 -19.77 7.50 -28.84
CA ASN A 73 -20.65 6.59 -28.13
C ASN A 73 -20.23 6.36 -26.68
N ILE A 74 -19.94 7.44 -25.95
CA ILE A 74 -19.48 7.33 -24.57
C ILE A 74 -20.05 8.47 -23.75
N THR A 75 -19.67 8.52 -22.48
CA THR A 75 -20.13 9.51 -21.52
C THR A 75 -18.98 9.87 -20.60
N LEU A 76 -18.65 11.15 -20.51
CA LEU A 76 -17.51 11.53 -19.67
C LEU A 76 -17.72 12.91 -19.08
N THR A 77 -16.91 13.26 -18.09
CA THR A 77 -16.94 14.60 -17.53
C THR A 77 -15.84 15.45 -18.13
N TYR A 78 -16.10 16.75 -18.22
CA TYR A 78 -15.23 17.68 -18.90
C TYR A 78 -15.34 19.01 -18.20
N THR A 79 -14.20 19.62 -17.92
CA THR A 79 -14.12 20.93 -17.30
C THR A 79 -13.91 21.98 -18.39
N GLY A 80 -14.71 23.02 -18.37
CA GLY A 80 -14.59 24.05 -19.38
C GLY A 80 -15.34 25.29 -19.00
N LEU A 81 -15.79 26.02 -20.01
CA LEU A 81 -16.57 27.24 -19.83
C LEU A 81 -17.95 26.98 -20.40
N TYR A 82 -18.96 27.01 -19.53
CA TYR A 82 -20.29 26.55 -19.84
C TYR A 82 -21.32 27.48 -19.22
N PRO A 83 -22.54 27.53 -19.77
CA PRO A 83 -23.60 28.28 -19.10
C PRO A 83 -24.26 27.45 -18.01
N LYS A 84 -24.79 28.16 -17.02
CA LYS A 84 -25.56 27.54 -15.95
C LYS A 84 -26.81 26.84 -16.49
N ALA A 85 -27.25 25.81 -15.78
CA ALA A 85 -28.50 25.17 -16.11
C ALA A 85 -29.66 26.09 -15.73
N ASN A 86 -30.64 26.19 -16.63
CA ASN A 86 -31.84 27.03 -16.50
C ASN A 86 -31.51 28.50 -16.30
N ASP A 87 -30.51 28.99 -17.00
CA ASP A 87 -30.17 30.40 -16.99
C ASP A 87 -31.04 31.13 -18.01
N LEU A 88 -31.71 32.17 -17.57
CA LEU A 88 -32.57 32.91 -18.48
C LEU A 88 -31.77 33.82 -19.42
N GLY A 89 -30.63 34.31 -18.95
CA GLY A 89 -29.77 35.13 -19.79
C GLY A 89 -30.26 36.57 -19.85
N LYS A 90 -30.09 37.17 -21.02
CA LYS A 90 -30.61 38.51 -21.26
C LYS A 90 -31.12 38.61 -22.68
N GLN A 91 -32.31 39.15 -22.82
CA GLN A 91 -33.04 39.24 -24.08
C GLN A 91 -32.83 40.60 -24.72
N TYR A 92 -32.71 40.61 -26.05
CA TYR A 92 -32.52 41.85 -26.81
C TYR A 92 -33.56 41.87 -27.92
N LEU A 93 -34.42 42.91 -27.86
CA LEU A 93 -35.54 43.11 -28.76
C LEU A 93 -35.27 44.31 -29.66
N PHE A 94 -35.37 44.10 -30.97
CA PHE A 94 -35.07 45.13 -31.93
C PHE A 94 -36.29 45.41 -32.78
N SER A 95 -36.39 46.66 -33.25
CA SER A 95 -37.55 47.09 -34.01
C SER A 95 -37.12 47.93 -35.20
N ASP A 96 -38.03 48.04 -36.16
CA ASP A 96 -37.89 48.99 -37.25
C ASP A 96 -38.08 50.40 -36.70
N GLY A 97 -37.62 51.39 -37.46
CA GLY A 97 -37.70 52.76 -37.03
C GLY A 97 -39.09 53.35 -37.21
N HIS A 98 -39.20 54.63 -36.84
CA HIS A 98 -40.40 55.41 -37.15
C HIS A 98 -40.57 55.50 -38.66
N SER A 99 -41.82 55.65 -39.09
CA SER A 99 -42.13 55.45 -40.49
C SER A 99 -43.29 56.35 -40.93
N ALA A 100 -43.01 57.20 -41.91
CA ALA A 100 -44.04 57.78 -42.74
C ALA A 100 -44.45 56.75 -43.78
N PRO A 101 -45.65 56.89 -44.40
CA PRO A 101 -46.04 55.97 -45.46
C PRO A 101 -45.13 56.01 -46.68
N GLY A 102 -44.42 54.90 -46.92
CA GLY A 102 -43.50 54.80 -48.04
C GLY A 102 -42.18 55.52 -47.87
N ARG A 103 -41.89 56.04 -46.68
CA ARG A 103 -40.70 56.87 -46.48
C ARG A 103 -39.82 56.25 -45.39
N LEU A 104 -38.75 56.96 -45.05
CA LEU A 104 -37.77 56.53 -44.05
C LEU A 104 -37.55 57.64 -43.05
N ASN A 105 -37.76 57.34 -41.77
CA ASN A 105 -37.60 58.29 -40.68
C ASN A 105 -36.51 57.81 -39.73
N ASN A 106 -36.43 58.47 -38.57
CA ASN A 106 -35.44 58.18 -37.54
C ASN A 106 -35.62 56.78 -36.97
N LEU A 107 -34.51 56.22 -36.50
CA LEU A 107 -34.48 54.85 -36.02
C LEU A 107 -35.21 54.74 -34.68
N PHE A 108 -35.72 53.55 -34.39
CA PHE A 108 -36.36 53.25 -33.11
C PHE A 108 -35.51 52.16 -32.47
N VAL A 109 -34.51 52.58 -31.70
CA VAL A 109 -33.57 51.68 -31.02
C VAL A 109 -33.75 51.84 -29.52
N SER A 110 -33.13 50.91 -28.78
CA SER A 110 -33.18 50.92 -27.32
C SER A 110 -32.00 51.73 -26.78
N ASN A 111 -31.78 51.68 -25.47
CA ASN A 111 -30.61 52.31 -24.87
C ASN A 111 -29.56 51.27 -24.48
N TYR A 112 -29.36 50.27 -25.35
CA TYR A 112 -28.28 49.31 -25.19
C TYR A 112 -26.89 49.92 -25.39
N SER A 113 -26.81 51.11 -25.99
CA SER A 113 -25.53 51.76 -26.24
C SER A 113 -24.90 52.32 -24.98
N SER A 114 -25.69 52.94 -24.10
CA SER A 114 -25.18 53.37 -22.80
C SER A 114 -24.88 52.21 -21.87
N GLN A 115 -25.44 51.02 -22.15
CA GLN A 115 -25.19 49.85 -21.34
C GLN A 115 -23.81 49.28 -21.66
N VAL A 116 -22.95 49.23 -20.67
CA VAL A 116 -21.63 48.62 -20.77
C VAL A 116 -21.63 47.42 -19.84
N GLU A 117 -21.55 46.23 -20.43
CA GLU A 117 -21.60 44.99 -19.67
C GLU A 117 -20.20 44.53 -19.31
N SER A 118 -20.13 43.60 -18.38
CA SER A 118 -18.85 43.00 -18.01
C SER A 118 -18.67 41.67 -18.73
N PHE A 119 -17.50 41.48 -19.33
CA PHE A 119 -17.24 40.31 -20.16
C PHE A 119 -17.06 39.07 -19.29
N ASP A 120 -16.04 39.10 -18.44
CA ASP A 120 -15.64 38.21 -17.35
C ASP A 120 -15.20 36.80 -17.73
N ASP A 121 -15.81 36.18 -18.73
CA ASP A 121 -15.38 34.88 -19.22
C ASP A 121 -15.84 34.68 -20.65
N GLY A 122 -16.51 35.67 -21.21
CA GLY A 122 -17.12 35.50 -22.51
C GLY A 122 -18.54 35.04 -22.38
N PHE A 123 -19.13 34.76 -23.54
CA PHE A 123 -20.58 34.54 -23.56
C PHE A 123 -20.94 33.75 -24.79
N VAL A 124 -22.15 33.19 -24.75
CA VAL A 124 -22.76 32.58 -25.92
C VAL A 124 -24.06 33.32 -26.23
N VAL A 125 -24.42 33.33 -27.52
CA VAL A 125 -25.59 34.02 -28.03
C VAL A 125 -26.47 33.03 -28.78
N ARG A 126 -27.75 32.97 -28.40
CA ARG A 126 -28.79 32.28 -29.14
C ARG A 126 -29.43 33.23 -30.15
N ILE A 127 -29.33 32.88 -31.44
CA ILE A 127 -29.82 33.71 -32.54
C ILE A 127 -31.07 33.05 -33.12
N GLY A 128 -32.19 33.77 -33.08
CA GLY A 128 -33.29 33.51 -33.99
C GLY A 128 -34.09 32.25 -33.80
N ALA A 129 -34.42 31.92 -32.55
CA ALA A 129 -35.25 30.75 -32.28
C ALA A 129 -36.71 30.96 -32.67
N ALA A 130 -37.16 32.20 -32.81
CA ALA A 130 -38.55 32.52 -33.08
C ALA A 130 -38.88 32.62 -34.56
N ALA A 131 -37.89 32.50 -35.45
CA ALA A 131 -38.11 32.81 -36.87
C ALA A 131 -38.66 31.61 -37.64
N ASN A 132 -39.72 30.98 -37.11
CA ASN A 132 -40.47 29.98 -37.86
C ASN A 132 -41.97 30.08 -37.64
N LYS A 133 -42.45 31.07 -36.90
CA LYS A 133 -43.88 31.28 -36.69
C LYS A 133 -44.19 32.74 -36.97
N THR A 134 -45.44 33.13 -36.71
CA THR A 134 -45.92 34.45 -37.03
C THR A 134 -45.78 35.39 -35.83
N GLY A 135 -45.51 36.65 -36.13
CA GLY A 135 -45.29 37.65 -35.11
C GLY A 135 -44.88 38.97 -35.73
N THR A 136 -44.78 39.98 -34.87
CA THR A 136 -44.34 41.31 -35.26
C THR A 136 -42.98 41.60 -34.64
N THR A 137 -42.35 42.69 -35.08
CA THR A 137 -41.02 43.03 -34.56
C THR A 137 -41.09 43.43 -33.09
N VAL A 138 -41.47 44.67 -32.79
CA VAL A 138 -42.29 45.02 -31.64
C VAL A 138 -43.13 46.24 -32.03
N ILE A 139 -42.74 46.92 -33.12
CA ILE A 139 -43.14 48.31 -33.33
C ILE A 139 -44.58 48.39 -33.80
N SER A 140 -44.94 47.64 -34.83
CA SER A 140 -46.32 47.55 -35.27
C SER A 140 -46.99 46.51 -34.37
N GLN A 141 -48.15 46.86 -33.84
CA GLN A 141 -48.73 46.04 -32.77
C GLN A 141 -49.70 44.99 -33.30
N SER A 142 -50.10 45.07 -34.56
CA SER A 142 -51.04 44.13 -35.16
C SER A 142 -50.64 43.76 -36.59
N THR A 143 -49.33 43.74 -36.87
CA THR A 143 -48.83 43.39 -38.20
C THR A 143 -48.00 42.12 -38.07
N PHE A 144 -48.65 40.98 -38.20
CA PHE A 144 -47.95 39.70 -38.11
C PHE A 144 -47.28 39.40 -39.45
N LYS A 145 -45.97 39.58 -39.50
CA LYS A 145 -45.14 39.41 -40.68
C LYS A 145 -44.27 38.16 -40.50
N PRO A 146 -43.70 37.63 -41.58
CA PRO A 146 -42.68 36.58 -41.41
C PRO A 146 -41.43 37.13 -40.75
N ILE A 147 -41.06 36.52 -39.62
CA ILE A 147 -39.95 37.01 -38.79
C ILE A 147 -38.63 36.65 -39.45
N LYS A 148 -37.80 37.67 -39.69
CA LYS A 148 -36.43 37.46 -40.15
C LYS A 148 -35.51 37.29 -38.95
N LYS A 149 -34.20 37.25 -39.23
CA LYS A 149 -33.19 36.97 -38.22
C LYS A 149 -32.19 38.12 -38.16
N ILE A 150 -31.96 38.64 -36.97
CA ILE A 150 -31.00 39.72 -36.74
C ILE A 150 -29.77 39.10 -36.08
N TYR A 151 -28.60 39.34 -36.68
CA TYR A 151 -27.33 38.90 -36.11
C TYR A 151 -26.76 40.01 -35.26
N PRO A 152 -26.20 39.72 -34.09
CA PRO A 152 -25.71 40.79 -33.21
C PRO A 152 -24.38 41.38 -33.67
N ALA A 153 -24.09 42.58 -33.16
CA ALA A 153 -22.90 43.34 -33.46
C ALA A 153 -22.31 43.89 -32.16
N PHE A 154 -20.99 43.87 -32.04
CA PHE A 154 -20.35 44.08 -30.75
C PHE A 154 -19.16 45.03 -30.83
N LEU A 155 -19.01 45.83 -29.77
CA LEU A 155 -17.75 46.52 -29.46
C LEU A 155 -17.18 45.92 -28.19
N LEU A 156 -15.91 45.52 -28.22
CA LEU A 156 -15.26 44.88 -27.09
C LEU A 156 -13.97 45.60 -26.78
N GLY A 157 -13.66 45.74 -25.50
CA GLY A 157 -12.56 46.59 -25.11
C GLY A 157 -12.06 46.32 -23.72
N HIS A 158 -10.84 46.78 -23.48
CA HIS A 158 -10.19 46.78 -22.18
C HIS A 158 -10.54 48.00 -21.34
N SER A 159 -10.76 49.15 -21.96
CA SER A 159 -10.76 50.44 -21.29
C SER A 159 -11.89 51.31 -21.81
N VAL A 160 -12.57 51.99 -20.89
CA VAL A 160 -13.82 52.69 -21.18
C VAL A 160 -13.82 54.05 -20.51
N GLY A 161 -14.24 55.07 -21.25
CA GLY A 161 -14.30 56.41 -20.73
C GLY A 161 -15.56 57.16 -21.15
N ASN A 162 -15.46 58.48 -21.18
CA ASN A 162 -16.60 59.35 -21.40
C ASN A 162 -16.49 60.08 -22.74
N TYR A 163 -17.64 60.51 -23.26
CA TYR A 163 -17.73 60.90 -24.67
C TYR A 163 -17.24 62.31 -24.96
N THR A 164 -17.51 63.32 -24.08
CA THR A 164 -16.81 64.61 -24.03
C THR A 164 -16.79 65.39 -25.35
N PRO A 165 -17.79 66.24 -25.66
CA PRO A 165 -18.50 67.12 -24.72
C PRO A 165 -19.84 66.67 -24.16
N SER A 166 -20.36 65.53 -24.60
CA SER A 166 -21.68 65.11 -24.14
C SER A 166 -21.69 64.64 -22.70
N ASN A 167 -20.50 64.38 -22.13
CA ASN A 167 -20.31 63.80 -20.78
C ASN A 167 -21.08 62.49 -20.63
N ARG A 168 -21.18 61.74 -21.73
CA ARG A 168 -21.92 60.49 -21.80
C ARG A 168 -20.95 59.34 -21.64
N THR A 169 -21.39 58.29 -20.96
CA THR A 169 -20.57 57.11 -20.77
C THR A 169 -20.59 56.24 -22.02
N GLY A 170 -19.76 55.20 -22.02
CA GLY A 170 -19.83 54.18 -23.05
C GLY A 170 -18.87 54.37 -24.21
N ARG A 171 -17.79 55.10 -23.99
CA ARG A 171 -16.80 55.35 -25.03
C ARG A 171 -15.60 54.45 -24.83
N TYR A 172 -15.11 53.85 -25.92
CA TYR A 172 -14.02 52.89 -25.88
C TYR A 172 -12.72 53.56 -26.30
N LEU A 173 -11.79 53.71 -25.37
CA LEU A 173 -10.60 54.49 -25.65
C LEU A 173 -9.32 53.70 -25.40
N ASN A 174 -8.92 52.92 -26.40
CA ASN A 174 -7.57 52.55 -26.91
C ASN A 174 -7.90 51.67 -28.13
N HIS A 175 -7.06 50.73 -28.51
CA HIS A 175 -7.45 49.70 -29.47
C HIS A 175 -8.68 48.93 -28.98
N THR A 176 -9.60 48.67 -29.90
CA THR A 176 -10.94 48.15 -29.66
C THR A 176 -11.23 47.08 -30.71
N LEU A 177 -11.84 45.98 -30.26
CA LEU A 177 -12.30 44.93 -31.16
C LEU A 177 -13.73 45.20 -31.62
N VAL A 178 -13.95 45.19 -32.92
CA VAL A 178 -15.25 45.43 -33.52
C VAL A 178 -15.67 44.18 -34.29
N ILE A 179 -16.84 43.64 -33.94
CA ILE A 179 -17.38 42.45 -34.57
C ILE A 179 -18.68 42.86 -35.28
N LEU A 180 -18.70 42.75 -36.61
CA LEU A 180 -19.73 43.37 -37.42
C LEU A 180 -20.27 42.44 -38.50
N PRO A 181 -21.57 42.18 -38.54
CA PRO A 181 -22.15 41.42 -39.67
C PRO A 181 -22.50 42.30 -40.84
N ASP A 182 -22.29 41.78 -42.04
CA ASP A 182 -22.56 42.52 -43.27
C ASP A 182 -23.12 41.57 -44.32
N GLY A 183 -23.58 42.16 -45.42
CA GLY A 183 -24.06 41.43 -46.58
C GLY A 183 -25.35 40.67 -46.39
N CYS A 184 -26.28 41.23 -45.60
CA CYS A 184 -27.48 40.54 -45.12
C CYS A 184 -27.17 39.16 -44.54
N GLY A 185 -26.37 39.12 -43.48
CA GLY A 185 -26.06 37.88 -42.80
C GLY A 185 -25.14 36.94 -43.56
N THR A 186 -24.18 37.47 -44.32
CA THR A 186 -23.31 36.60 -45.11
C THR A 186 -21.84 36.76 -44.76
N ILE A 187 -21.42 37.95 -44.34
CA ILE A 187 -20.03 38.21 -44.00
C ILE A 187 -19.95 38.61 -42.53
N LEU A 188 -18.90 38.16 -41.85
CA LEU A 188 -18.53 38.69 -40.54
C LEU A 188 -17.19 39.41 -40.66
N HIS A 189 -17.17 40.69 -40.28
CA HIS A 189 -15.95 41.48 -40.17
C HIS A 189 -15.45 41.46 -38.73
N ALA A 190 -14.16 41.21 -38.55
CA ALA A 190 -13.52 41.32 -37.25
C ALA A 190 -12.33 42.26 -37.40
N PHE A 191 -12.34 43.41 -36.73
CA PHE A 191 -11.16 44.25 -36.84
C PHE A 191 -10.82 44.92 -35.53
N TYR A 192 -9.59 45.42 -35.46
CA TYR A 192 -8.95 45.84 -34.21
C TYR A 192 -8.33 47.21 -34.42
N CYS A 193 -8.99 48.27 -33.98
CA CYS A 193 -8.60 49.62 -34.38
C CYS A 193 -8.75 50.60 -33.24
N VAL A 194 -8.36 51.84 -33.47
CA VAL A 194 -8.69 52.94 -32.59
C VAL A 194 -9.83 53.73 -33.24
N LEU A 195 -10.92 53.89 -32.51
CA LEU A 195 -12.13 54.53 -33.02
C LEU A 195 -12.09 56.01 -32.67
N HIS A 196 -11.96 56.86 -33.68
CA HIS A 196 -11.96 58.29 -33.46
C HIS A 196 -13.35 58.85 -33.70
N PRO A 197 -14.00 59.44 -32.70
CA PRO A 197 -15.34 60.00 -32.92
C PRO A 197 -15.29 61.26 -33.76
N ARG A 198 -16.23 61.37 -34.68
CA ARG A 198 -16.35 62.50 -35.58
C ARG A 198 -17.24 63.59 -34.97
N THR A 199 -17.23 64.77 -35.58
CA THR A 199 -18.00 65.92 -35.11
C THR A 199 -18.92 66.45 -36.20
N GLN A 200 -19.62 65.55 -36.88
CA GLN A 200 -20.53 65.88 -37.97
C GLN A 200 -21.90 66.24 -37.37
N GLN A 201 -22.95 66.19 -38.19
CA GLN A 201 -24.27 65.86 -37.66
C GLN A 201 -24.13 64.65 -36.73
N ASN A 202 -24.79 64.73 -35.58
CA ASN A 202 -24.16 64.58 -34.27
C ASN A 202 -22.91 63.71 -34.19
N CYS A 203 -22.98 62.43 -34.59
CA CYS A 203 -21.82 61.53 -34.78
C CYS A 203 -20.96 61.34 -33.52
N ALA A 204 -21.57 61.44 -32.33
CA ALA A 204 -20.98 61.17 -31.01
C ALA A 204 -19.83 62.08 -30.63
N GLY A 205 -19.67 63.20 -31.32
CA GLY A 205 -18.68 64.19 -30.92
C GLY A 205 -19.30 65.57 -30.77
N GLU A 206 -20.61 65.62 -30.95
CA GLU A 206 -21.39 66.84 -30.81
C GLU A 206 -21.72 67.06 -29.35
N THR A 207 -22.32 68.24 -29.07
CA THR A 207 -22.89 68.50 -27.76
C THR A 207 -24.05 67.55 -27.45
N ASN A 208 -24.74 67.07 -28.48
CA ASN A 208 -25.90 66.17 -28.34
C ASN A 208 -25.50 64.79 -28.85
N PHE A 209 -25.38 63.84 -27.94
CA PHE A 209 -25.13 62.44 -28.30
C PHE A 209 -26.35 61.63 -27.90
N LYS A 210 -27.17 61.26 -28.90
CA LYS A 210 -28.34 60.43 -28.62
C LYS A 210 -27.93 58.96 -28.49
N SER A 211 -27.32 58.43 -29.54
CA SER A 211 -26.81 57.06 -29.57
C SER A 211 -25.92 56.91 -30.80
N LEU A 212 -25.21 55.80 -30.85
CA LEU A 212 -24.70 55.26 -32.10
C LEU A 212 -25.67 54.17 -32.55
N SER A 213 -26.09 54.22 -33.80
CA SER A 213 -27.05 53.25 -34.30
C SER A 213 -26.60 52.74 -35.66
N LEU A 214 -27.06 51.55 -36.02
CA LEU A 214 -26.77 50.94 -37.31
C LEU A 214 -28.06 50.52 -37.97
N TRP A 215 -27.98 50.18 -39.25
CA TRP A 215 -29.17 49.95 -40.05
C TRP A 215 -28.84 49.18 -41.31
N ASP A 216 -29.90 48.84 -42.04
CA ASP A 216 -29.81 48.22 -43.36
C ASP A 216 -31.16 48.41 -44.04
N THR A 217 -31.18 48.18 -45.35
CA THR A 217 -32.42 48.25 -46.12
C THR A 217 -32.51 46.99 -46.98
N PRO A 218 -33.51 46.13 -46.77
CA PRO A 218 -33.52 44.83 -47.45
C PRO A 218 -34.01 44.91 -48.89
N ALA A 219 -34.60 46.04 -49.26
CA ALA A 219 -35.08 46.22 -50.63
C ALA A 219 -34.18 47.13 -51.45
N SER A 220 -33.20 47.80 -50.82
CA SER A 220 -32.23 48.61 -51.54
C SER A 220 -30.86 47.96 -51.60
N ASP A 221 -30.36 47.47 -50.46
CA ASP A 221 -29.02 46.89 -50.43
C ASP A 221 -29.02 45.39 -50.62
N CYS A 222 -30.14 44.72 -50.32
CA CYS A 222 -30.20 43.26 -50.35
C CYS A 222 -30.95 42.74 -51.58
N VAL A 223 -30.71 43.35 -52.75
CA VAL A 223 -31.26 42.82 -54.00
C VAL A 223 -30.60 41.49 -54.31
N SER A 224 -31.40 40.53 -54.78
CA SER A 224 -30.93 39.16 -55.00
C SER A 224 -29.88 39.11 -56.11
N GLY A 225 -28.74 38.51 -55.79
CA GLY A 225 -27.57 38.57 -56.64
C GLY A 225 -26.62 39.68 -56.26
N SER A 226 -27.08 40.93 -56.31
CA SER A 226 -26.26 42.10 -55.97
C SER A 226 -26.34 42.33 -54.46
N TYR A 227 -25.46 41.65 -53.71
CA TYR A 227 -25.41 41.77 -52.26
C TYR A 227 -24.30 42.73 -51.87
N ASN A 228 -24.66 43.99 -51.64
CA ASN A 228 -23.68 45.01 -51.28
C ASN A 228 -23.21 44.76 -49.86
N GLN A 229 -22.11 44.04 -49.71
CA GLN A 229 -21.61 43.65 -48.41
C GLN A 229 -20.65 44.66 -47.81
N GLU A 230 -21.05 45.94 -47.79
CA GLU A 230 -20.27 46.97 -47.13
C GLU A 230 -21.15 48.03 -46.48
N ALA A 231 -22.45 47.79 -46.37
CA ALA A 231 -23.37 48.86 -45.99
C ALA A 231 -23.34 49.12 -44.49
N THR A 232 -23.27 48.04 -43.70
CA THR A 232 -23.07 48.16 -42.25
C THR A 232 -21.72 48.80 -41.93
N LEU A 233 -20.70 48.48 -42.73
CA LEU A 233 -19.38 49.10 -42.55
C LEU A 233 -19.38 50.57 -42.95
N GLY A 234 -20.12 50.93 -44.00
CA GLY A 234 -20.21 52.34 -44.36
C GLY A 234 -20.98 53.15 -43.35
N ALA A 235 -22.05 52.56 -42.81
CA ALA A 235 -22.75 53.16 -41.69
C ALA A 235 -21.88 53.26 -40.43
N PHE A 236 -20.93 52.34 -40.26
CA PHE A 236 -20.01 52.42 -39.13
C PHE A 236 -18.96 53.50 -39.34
N LYS A 237 -18.42 53.63 -40.56
CA LYS A 237 -17.46 54.67 -40.86
C LYS A 237 -18.09 56.05 -40.90
N VAL A 238 -19.42 56.12 -41.00
CA VAL A 238 -20.13 57.38 -40.79
C VAL A 238 -19.88 57.91 -39.38
N TYR A 239 -19.86 57.02 -38.39
CA TYR A 239 -19.75 57.44 -37.00
C TYR A 239 -18.30 57.58 -36.51
N PHE A 240 -17.38 56.80 -37.06
CA PHE A 240 -16.02 56.73 -36.55
C PHE A 240 -15.02 56.81 -37.68
N ASP A 241 -13.82 57.31 -37.36
CA ASP A 241 -12.65 57.08 -38.19
C ASP A 241 -11.89 55.90 -37.60
N LEU A 242 -11.36 55.06 -38.48
CA LEU A 242 -10.67 53.84 -38.08
C LEU A 242 -9.17 54.08 -38.21
N ILE A 243 -8.49 54.24 -37.08
CA ILE A 243 -7.10 54.64 -37.05
C ILE A 243 -6.27 53.50 -36.49
N ASN A 244 -5.18 53.17 -37.20
CA ASN A 244 -4.14 52.24 -36.75
C ASN A 244 -4.69 50.83 -36.54
N CYS A 245 -5.25 50.29 -37.61
CA CYS A 245 -5.86 48.97 -37.53
C CYS A 245 -4.79 47.89 -37.68
N THR A 246 -4.66 47.04 -36.67
CA THR A 246 -3.66 45.99 -36.72
C THR A 246 -4.08 44.80 -37.58
N PHE A 247 -5.35 44.38 -37.55
CA PHE A 247 -5.81 43.39 -38.50
C PHE A 247 -7.19 43.75 -39.01
N ARG A 248 -7.61 43.04 -40.07
CA ARG A 248 -8.93 43.18 -40.68
C ARG A 248 -9.33 41.84 -41.28
N TYR A 249 -10.04 41.02 -40.52
CA TYR A 249 -10.40 39.69 -40.99
C TYR A 249 -11.85 39.65 -41.45
N ASN A 250 -12.09 38.83 -42.47
CA ASN A 250 -13.41 38.62 -43.03
C ASN A 250 -13.70 37.12 -43.09
N TYR A 251 -14.88 36.74 -42.60
CA TYR A 251 -15.27 35.34 -42.53
C TYR A 251 -16.61 35.15 -43.21
N THR A 252 -16.86 33.96 -43.73
CA THR A 252 -18.12 33.66 -44.41
C THR A 252 -19.08 33.00 -43.44
N ILE A 253 -20.29 33.56 -43.33
CA ILE A 253 -21.34 33.03 -42.49
C ILE A 253 -22.43 32.44 -43.38
N THR A 254 -22.76 31.17 -43.15
CA THR A 254 -23.89 30.56 -43.84
C THR A 254 -25.13 30.74 -42.98
N GLU A 255 -26.07 31.54 -43.48
CA GLU A 255 -27.30 31.85 -42.77
C GLU A 255 -28.47 31.08 -43.37
N ASP A 256 -29.42 30.74 -42.52
CA ASP A 256 -30.66 30.09 -42.93
C ASP A 256 -31.73 30.48 -41.91
N GLU A 257 -32.83 29.73 -41.87
CA GLU A 257 -33.88 29.98 -40.89
C GLU A 257 -33.98 28.87 -39.84
N ASN A 258 -32.85 28.29 -39.45
CA ASN A 258 -32.81 27.33 -38.36
C ASN A 258 -32.12 27.99 -37.16
N ALA A 259 -31.88 27.19 -36.11
CA ALA A 259 -31.30 27.74 -34.89
C ALA A 259 -29.80 27.98 -35.06
N GLU A 260 -29.35 29.08 -34.48
CA GLU A 260 -27.98 29.54 -34.63
C GLU A 260 -27.40 29.84 -33.25
N TRP A 261 -26.13 29.52 -33.07
CA TRP A 261 -25.43 29.76 -31.82
C TRP A 261 -24.08 30.36 -32.14
N PHE A 262 -23.71 31.39 -31.37
CA PHE A 262 -22.44 32.11 -31.52
C PHE A 262 -21.78 32.23 -30.17
N GLY A 263 -20.44 32.29 -30.13
CA GLY A 263 -19.75 32.33 -28.85
C GLY A 263 -18.41 33.03 -28.94
N ILE A 264 -17.96 33.56 -27.81
CA ILE A 264 -16.67 34.24 -27.75
C ILE A 264 -16.05 34.06 -26.37
N THR A 265 -14.75 33.71 -26.35
CA THR A 265 -13.94 33.58 -25.14
C THR A 265 -12.57 34.22 -25.39
N GLN A 266 -11.80 34.40 -24.33
CA GLN A 266 -10.44 34.89 -24.46
C GLN A 266 -9.53 34.13 -23.52
N ASP A 267 -8.34 33.75 -24.00
CA ASP A 267 -7.30 33.24 -23.12
C ASP A 267 -5.98 33.89 -23.53
N THR A 268 -4.89 33.33 -23.02
CA THR A 268 -3.56 33.86 -23.29
C THR A 268 -3.16 33.74 -24.76
N GLN A 269 -3.75 32.84 -25.51
CA GLN A 269 -3.51 32.76 -26.95
C GLN A 269 -4.43 33.66 -27.76
N GLY A 270 -5.23 34.53 -27.12
CA GLY A 270 -6.04 35.48 -27.83
C GLY A 270 -7.51 35.18 -27.72
N VAL A 271 -8.28 35.76 -28.65
CA VAL A 271 -9.74 35.72 -28.62
C VAL A 271 -10.23 34.62 -29.57
N HIS A 272 -11.04 33.70 -29.05
CA HIS A 272 -11.61 32.63 -29.85
C HIS A 272 -13.09 32.84 -30.12
N LEU A 273 -13.48 32.60 -31.37
CA LEU A 273 -14.86 32.72 -31.84
C LEU A 273 -15.42 31.37 -32.23
N TYR A 274 -16.69 31.12 -31.87
CA TYR A 274 -17.35 29.83 -32.02
C TYR A 274 -18.69 30.00 -32.69
N SER A 275 -19.11 28.97 -33.41
CA SER A 275 -20.33 29.03 -34.21
C SER A 275 -20.90 27.63 -34.41
N SER A 276 -22.21 27.59 -34.60
CA SER A 276 -22.86 26.35 -35.01
C SER A 276 -22.65 26.10 -36.50
N ARG A 277 -22.47 24.84 -36.87
CA ARG A 277 -22.15 24.48 -38.24
C ARG A 277 -23.42 24.39 -39.10
N LYS A 278 -23.24 24.43 -40.41
CA LYS A 278 -24.34 24.51 -41.37
C LYS A 278 -24.79 23.11 -41.77
N GLU A 279 -25.50 22.45 -40.87
CA GLU A 279 -25.97 21.10 -41.17
C GLU A 279 -27.44 20.84 -40.86
N ASN A 280 -28.07 21.63 -39.98
CA ASN A 280 -29.31 21.28 -39.26
C ASN A 280 -29.22 19.92 -38.58
N VAL A 281 -28.02 19.53 -38.14
CA VAL A 281 -27.77 18.26 -37.47
C VAL A 281 -27.00 18.61 -36.21
N PHE A 282 -27.72 18.65 -35.08
CA PHE A 282 -27.20 19.01 -33.76
C PHE A 282 -26.58 20.41 -33.78
N ARG A 283 -27.44 21.38 -34.04
CA ARG A 283 -27.04 22.78 -34.11
C ARG A 283 -26.64 23.36 -32.77
N ASN A 284 -26.87 22.66 -31.67
CA ASN A 284 -26.47 23.20 -30.39
C ASN A 284 -24.98 23.05 -30.16
N ASN A 285 -24.32 22.20 -30.95
CA ASN A 285 -22.87 22.07 -30.87
C ASN A 285 -22.18 23.25 -31.55
N MET A 286 -21.27 23.89 -30.83
CA MET A 286 -20.51 25.03 -31.34
C MET A 286 -19.05 24.66 -31.50
N PHE A 287 -18.45 25.11 -32.60
CA PHE A 287 -17.11 24.72 -32.98
C PHE A 287 -16.26 25.96 -33.20
N HIS A 288 -15.00 25.86 -32.79
CA HIS A 288 -14.01 26.90 -32.99
C HIS A 288 -13.83 27.21 -34.47
N PHE A 289 -13.93 28.48 -34.86
CA PHE A 289 -13.63 28.82 -36.24
C PHE A 289 -12.64 29.96 -36.42
N ALA A 290 -12.16 30.61 -35.36
CA ALA A 290 -11.25 31.74 -35.52
C ALA A 290 -10.52 32.03 -34.21
N THR A 291 -9.25 32.39 -34.34
CA THR A 291 -8.46 32.98 -33.28
C THR A 291 -8.00 34.36 -33.73
N LEU A 292 -8.09 35.34 -32.84
CA LEU A 292 -7.70 36.71 -33.08
C LEU A 292 -6.58 37.11 -32.13
N PRO A 293 -5.51 37.71 -32.63
CA PRO A 293 -4.36 38.15 -31.81
C PRO A 293 -4.65 39.39 -30.97
N VAL A 294 -5.45 39.21 -29.93
CA VAL A 294 -5.81 40.29 -29.01
C VAL A 294 -5.42 39.80 -27.62
N TYR A 295 -4.45 40.46 -27.01
CA TYR A 295 -3.80 39.92 -25.83
C TYR A 295 -4.03 40.74 -24.57
N GLN A 296 -4.34 42.03 -24.69
CA GLN A 296 -4.84 42.77 -23.55
C GLN A 296 -6.21 42.24 -23.15
N LYS A 297 -6.50 42.31 -21.86
CA LYS A 297 -7.69 41.66 -21.34
C LYS A 297 -8.95 42.47 -21.63
N ILE A 298 -9.90 41.82 -22.30
CA ILE A 298 -11.20 42.42 -22.58
C ILE A 298 -12.03 42.45 -21.31
N LEU A 299 -12.48 43.64 -20.92
CA LEU A 299 -13.27 43.78 -19.71
C LEU A 299 -14.68 44.27 -19.96
N TYR A 300 -14.93 44.91 -21.11
CA TYR A 300 -16.22 45.51 -21.39
C TYR A 300 -16.68 45.19 -22.81
N TYR A 301 -17.98 45.04 -22.99
CA TYR A 301 -18.55 44.95 -24.32
C TYR A 301 -19.85 45.72 -24.40
N THR A 302 -20.31 45.92 -25.63
CA THR A 302 -21.50 46.69 -25.96
C THR A 302 -22.17 46.06 -27.16
N VAL A 303 -23.45 45.75 -27.03
CA VAL A 303 -24.30 45.39 -28.17
C VAL A 303 -24.71 46.67 -28.88
N ILE A 304 -24.43 46.75 -30.18
CA ILE A 304 -24.67 47.97 -30.94
C ILE A 304 -26.14 48.04 -31.33
N PRO A 305 -26.88 49.07 -30.92
CA PRO A 305 -28.33 49.10 -31.18
C PRO A 305 -28.63 49.41 -32.65
N ARG A 306 -29.56 48.65 -33.21
CA ARG A 306 -29.87 48.72 -34.63
C ARG A 306 -31.36 48.95 -34.84
N SER A 307 -31.69 49.31 -36.08
CA SER A 307 -33.07 49.39 -36.54
C SER A 307 -33.03 49.26 -38.06
N ILE A 308 -33.47 48.11 -38.57
CA ILE A 308 -33.31 47.83 -40.00
C ILE A 308 -34.49 48.41 -40.78
N ARG A 309 -34.19 49.11 -41.87
CA ARG A 309 -35.17 49.90 -42.61
C ARG A 309 -35.96 49.06 -43.59
N SER A 310 -36.79 48.14 -43.09
CA SER A 310 -37.87 47.60 -43.90
C SER A 310 -38.88 48.69 -44.21
N PRO A 311 -39.62 48.58 -45.32
CA PRO A 311 -40.65 49.60 -45.64
C PRO A 311 -41.83 49.64 -44.68
N PHE A 312 -42.77 50.56 -44.91
CA PHE A 312 -43.87 50.74 -43.97
C PHE A 312 -45.00 49.73 -44.22
N ASN A 313 -45.24 49.38 -45.47
CA ASN A 313 -46.28 48.41 -45.78
C ASN A 313 -45.68 47.01 -45.98
N ASP A 314 -44.53 46.94 -46.64
CA ASP A 314 -43.79 45.69 -46.75
C ASP A 314 -42.70 45.64 -45.68
N ARG A 315 -43.13 45.70 -44.43
CA ARG A 315 -42.19 45.60 -43.32
C ARG A 315 -41.79 44.15 -43.09
N LYS A 316 -40.76 43.98 -42.27
CA LYS A 316 -40.31 42.67 -41.85
C LYS A 316 -40.26 42.61 -40.32
N ALA A 317 -40.77 41.52 -39.77
CA ALA A 317 -40.69 41.32 -38.33
C ALA A 317 -39.28 40.89 -37.95
N TRP A 318 -38.78 41.44 -36.84
CA TRP A 318 -37.45 41.14 -36.39
C TRP A 318 -37.51 40.21 -35.19
N ALA A 319 -36.55 39.29 -35.14
CA ALA A 319 -36.44 38.36 -34.03
C ALA A 319 -35.68 39.02 -32.88
N ALA A 320 -35.52 38.28 -31.81
CA ALA A 320 -34.71 38.70 -30.68
C ALA A 320 -33.34 38.02 -30.77
N PHE A 321 -32.47 38.31 -29.82
CA PHE A 321 -31.41 37.34 -29.52
C PHE A 321 -31.19 37.31 -28.02
N TYR A 322 -30.44 36.30 -27.58
CA TYR A 322 -30.28 36.03 -26.16
C TYR A 322 -28.81 35.84 -25.85
N ILE A 323 -28.35 36.40 -24.73
CA ILE A 323 -26.95 36.36 -24.36
C ILE A 323 -26.81 35.76 -22.98
N TYR A 324 -25.98 34.73 -22.86
CA TYR A 324 -25.77 33.96 -21.65
C TYR A 324 -24.30 34.00 -21.27
N LYS A 325 -24.03 34.20 -19.99
CA LYS A 325 -22.66 34.23 -19.50
C LYS A 325 -22.10 32.84 -19.26
N LEU A 326 -20.78 32.72 -19.40
CA LEU A 326 -20.07 31.47 -19.25
C LEU A 326 -19.33 31.44 -17.92
N HIS A 327 -19.22 30.25 -17.35
CA HIS A 327 -18.60 30.04 -16.06
C HIS A 327 -17.71 28.81 -16.14
N PRO A 328 -16.63 28.78 -15.37
CA PRO A 328 -15.80 27.57 -15.29
C PRO A 328 -16.48 26.45 -14.51
N LEU A 329 -16.95 25.45 -15.24
CA LEU A 329 -17.82 24.42 -14.69
C LEU A 329 -17.38 23.05 -15.18
N THR A 330 -17.81 22.03 -14.45
CA THR A 330 -17.69 20.64 -14.89
C THR A 330 -19.04 20.16 -15.39
N TYR A 331 -19.04 19.56 -16.58
CA TYR A 331 -20.23 19.02 -17.21
C TYR A 331 -20.00 17.56 -17.56
N LEU A 332 -21.00 16.75 -17.27
CA LEU A 332 -21.10 15.40 -17.81
C LEU A 332 -21.67 15.52 -19.21
N LEU A 333 -20.98 14.96 -20.19
CA LEU A 333 -21.38 15.05 -21.58
C LEU A 333 -21.58 13.65 -22.14
N ASN A 334 -22.55 13.53 -23.04
CA ASN A 334 -22.83 12.26 -23.70
C ASN A 334 -22.62 12.39 -25.20
N PHE A 335 -21.75 11.56 -25.75
CA PHE A 335 -21.43 11.55 -27.18
C PHE A 335 -22.08 10.34 -27.83
N ASP A 336 -22.73 10.57 -28.97
CA ASP A 336 -23.34 9.48 -29.73
C ASP A 336 -22.30 8.86 -30.66
N VAL A 337 -22.74 8.06 -31.63
CA VAL A 337 -21.78 7.38 -32.50
C VAL A 337 -21.29 8.30 -33.60
N GLU A 338 -22.05 9.35 -33.93
CA GLU A 338 -21.63 10.25 -34.99
C GLU A 338 -20.64 11.28 -34.47
N GLY A 339 -20.42 11.31 -33.17
CA GLY A 339 -19.51 12.24 -32.55
C GLY A 339 -20.14 13.48 -31.95
N TYR A 340 -21.44 13.63 -32.00
CA TYR A 340 -22.10 14.83 -31.52
C TYR A 340 -22.51 14.68 -30.06
N ILE A 341 -22.66 15.82 -29.39
CA ILE A 341 -23.11 15.86 -28.00
C ILE A 341 -24.63 15.93 -28.00
N THR A 342 -25.27 15.02 -27.28
CA THR A 342 -26.73 14.95 -27.28
C THR A 342 -27.33 15.40 -25.98
N LYS A 343 -26.65 15.15 -24.85
CA LYS A 343 -27.15 15.59 -23.57
C LYS A 343 -25.99 15.90 -22.65
N ALA A 344 -26.29 16.69 -21.62
CA ALA A 344 -25.31 17.19 -20.69
C ALA A 344 -25.92 17.27 -19.30
N VAL A 345 -25.06 17.32 -18.30
CA VAL A 345 -25.45 17.50 -16.91
C VAL A 345 -24.49 18.52 -16.32
N ASP A 346 -25.03 19.61 -15.79
CA ASP A 346 -24.24 20.56 -15.02
C ASP A 346 -23.97 19.97 -13.64
N CYS A 347 -22.70 19.68 -13.36
CA CYS A 347 -22.35 18.88 -12.18
C CYS A 347 -22.48 19.66 -10.88
N GLY A 348 -22.69 20.96 -10.93
CA GLY A 348 -22.80 21.73 -9.71
C GLY A 348 -24.21 22.20 -9.44
N TYR A 349 -25.17 21.65 -10.17
CA TYR A 349 -26.52 22.18 -10.13
C TYR A 349 -27.24 21.75 -8.86
N ASP A 350 -27.46 20.45 -8.68
CA ASP A 350 -28.01 19.93 -7.44
C ASP A 350 -27.26 18.66 -7.09
N ASP A 351 -27.74 17.93 -6.08
CA ASP A 351 -27.02 16.79 -5.56
C ASP A 351 -27.19 15.52 -6.41
N LEU A 352 -28.33 15.35 -7.09
CA LEU A 352 -28.48 14.22 -8.01
C LEU A 352 -27.56 14.36 -9.24
N ALA A 353 -27.39 15.59 -9.73
CA ALA A 353 -26.42 15.84 -10.80
C ALA A 353 -25.00 15.54 -10.34
N GLN A 354 -24.72 15.80 -9.07
CA GLN A 354 -23.41 15.52 -8.50
C GLN A 354 -23.17 14.02 -8.39
N LEU A 355 -24.21 13.25 -8.03
CA LEU A 355 -24.12 11.79 -8.05
C LEU A 355 -23.93 11.25 -9.46
N GLN A 356 -24.63 11.82 -10.44
CA GLN A 356 -24.49 11.37 -11.82
C GLN A 356 -23.11 11.67 -12.38
N CYS A 357 -22.51 12.79 -11.98
CA CYS A 357 -21.16 13.08 -12.40
C CYS A 357 -20.12 12.23 -11.69
N SER A 358 -20.33 11.85 -10.44
CA SER A 358 -19.36 10.97 -9.80
C SER A 358 -19.44 9.54 -10.31
N TYR A 359 -20.60 9.07 -10.73
CA TYR A 359 -20.65 7.76 -11.37
C TYR A 359 -20.31 7.78 -12.83
N GLU A 360 -20.23 8.98 -13.44
CA GLU A 360 -20.08 9.20 -14.88
C GLU A 360 -21.12 8.42 -15.68
N SER A 361 -22.38 8.64 -15.34
CA SER A 361 -23.47 7.86 -15.91
C SER A 361 -24.77 8.64 -15.73
N PHE A 362 -25.57 8.66 -16.78
CA PHE A 362 -26.90 9.25 -16.71
C PHE A 362 -27.91 8.35 -16.01
N GLU A 363 -27.58 7.07 -15.84
CA GLU A 363 -28.47 6.09 -15.26
C GLU A 363 -27.81 5.48 -14.03
N VAL A 364 -28.39 5.75 -12.86
CA VAL A 364 -27.92 5.15 -11.61
C VAL A 364 -29.04 4.28 -11.05
N GLU A 365 -28.63 3.27 -10.29
CA GLU A 365 -29.57 2.37 -9.66
C GLU A 365 -30.19 3.00 -8.42
N THR A 366 -31.38 2.52 -8.07
CA THR A 366 -32.10 2.91 -6.86
C THR A 366 -31.25 2.69 -5.61
N GLY A 367 -31.21 3.69 -4.73
CA GLY A 367 -30.42 3.54 -3.53
C GLY A 367 -30.33 4.83 -2.73
N VAL A 368 -29.50 4.77 -1.70
CA VAL A 368 -29.24 5.89 -0.81
C VAL A 368 -27.73 6.13 -0.84
N TYR A 369 -27.33 7.28 -1.36
CA TYR A 369 -25.93 7.53 -1.69
C TYR A 369 -25.42 8.74 -0.93
N SER A 370 -24.24 8.63 -0.36
CA SER A 370 -23.60 9.79 0.24
C SER A 370 -22.90 10.61 -0.84
N VAL A 371 -23.06 11.93 -0.78
CA VAL A 371 -22.42 12.81 -1.76
C VAL A 371 -21.49 13.76 -1.02
N SER A 372 -20.75 14.56 -1.79
CA SER A 372 -19.78 15.47 -1.23
C SER A 372 -20.46 16.66 -0.56
N SER A 373 -19.85 17.11 0.52
CA SER A 373 -20.50 17.93 1.51
C SER A 373 -20.53 19.40 1.09
N PHE A 374 -21.29 20.18 1.85
CA PHE A 374 -21.34 21.62 1.63
C PHE A 374 -20.20 22.29 2.39
N GLU A 375 -19.24 22.80 1.63
CA GLU A 375 -17.96 23.22 2.17
C GLU A 375 -18.00 24.67 2.64
N ALA A 376 -16.92 25.08 3.29
CA ALA A 376 -16.93 26.29 4.11
C ALA A 376 -16.74 27.56 3.28
N SER A 377 -15.56 27.70 2.61
CA SER A 377 -15.15 28.87 1.85
C SER A 377 -15.20 30.15 2.68
N PRO A 378 -14.13 30.45 3.43
CA PRO A 378 -14.20 31.44 4.52
C PRO A 378 -14.57 32.86 4.09
N ARG A 379 -15.29 33.55 4.99
CA ARG A 379 -15.83 34.87 4.68
C ARG A 379 -14.93 36.01 5.14
N GLY A 380 -14.70 36.13 6.44
CA GLY A 380 -14.02 37.29 6.97
C GLY A 380 -12.62 37.06 7.47
N GLU A 381 -12.07 38.04 8.14
CA GLU A 381 -10.76 37.98 8.78
C GLU A 381 -10.89 38.41 10.24
N PHE A 382 -10.03 37.86 11.09
CA PHE A 382 -9.99 38.19 12.51
C PHE A 382 -8.91 39.23 12.83
N ILE A 383 -7.95 39.48 11.94
CA ILE A 383 -6.58 39.93 12.19
C ILE A 383 -6.25 40.69 13.49
N GLU A 384 -5.23 40.22 14.22
CA GLU A 384 -4.69 40.91 15.39
C GLU A 384 -3.19 41.09 15.26
N GLN A 385 -2.64 42.10 15.94
CA GLN A 385 -1.22 42.42 15.87
C GLN A 385 -0.81 43.25 17.07
N ALA A 386 0.50 43.40 17.25
CA ALA A 386 1.06 44.16 18.36
C ALA A 386 1.54 45.54 17.90
N THR A 387 1.97 46.37 18.85
CA THR A 387 2.32 47.76 18.58
C THR A 387 3.67 47.93 17.90
N THR A 388 4.71 47.22 18.36
CA THR A 388 5.80 46.77 17.48
C THR A 388 6.64 47.83 16.77
N GLN A 389 7.67 48.36 17.43
CA GLN A 389 8.62 49.21 16.73
C GLN A 389 9.51 48.42 15.76
N GLU A 390 10.49 49.09 15.17
CA GLU A 390 11.08 48.60 13.93
C GLU A 390 12.49 48.02 14.11
N CYS A 391 12.80 47.04 13.27
CA CYS A 391 14.07 46.32 13.33
C CYS A 391 15.24 47.21 12.90
N ASP A 392 16.42 46.90 13.45
CA ASP A 392 17.58 47.79 13.40
C ASP A 392 18.62 47.23 12.44
N PHE A 393 18.60 47.71 11.20
CA PHE A 393 19.52 47.23 10.17
C PHE A 393 20.70 48.15 9.92
N THR A 394 20.83 49.24 10.68
CA THR A 394 21.94 50.17 10.47
C THR A 394 23.35 49.65 10.79
N PRO A 395 23.58 48.64 11.65
CA PRO A 395 24.92 48.01 11.64
C PRO A 395 25.32 47.40 10.29
N MET A 396 24.37 46.85 9.54
CA MET A 396 24.69 46.27 8.25
C MET A 396 24.94 47.33 7.20
N LEU A 397 24.44 48.55 7.40
CA LEU A 397 24.44 49.57 6.37
C LEU A 397 25.41 50.72 6.65
N THR A 398 26.25 50.59 7.69
CA THR A 398 27.26 51.59 8.00
C THR A 398 28.55 50.88 8.37
N GLY A 399 29.65 51.34 7.78
CA GLY A 399 30.94 50.78 8.09
C GLY A 399 31.39 49.73 7.09
N THR A 400 32.43 48.99 7.46
CA THR A 400 33.08 48.07 6.57
C THR A 400 32.65 46.65 6.86
N PRO A 401 32.17 45.89 5.88
CA PRO A 401 31.83 44.49 6.11
C PRO A 401 33.08 43.67 6.40
N PRO A 402 32.96 42.64 7.23
CA PRO A 402 34.14 41.90 7.66
C PRO A 402 34.59 40.89 6.62
N PRO A 403 35.69 40.18 6.86
CA PRO A 403 36.00 38.98 6.06
C PRO A 403 35.12 37.79 6.39
N ILE A 404 35.16 36.79 5.51
CA ILE A 404 34.26 35.64 5.58
C ILE A 404 34.49 34.83 6.85
N TYR A 405 35.74 34.71 7.30
CA TYR A 405 36.02 33.88 8.45
C TYR A 405 35.60 34.56 9.74
N ASN A 406 35.60 35.88 9.77
CA ASN A 406 35.05 36.69 10.84
C ASN A 406 33.70 37.31 10.46
N PHE A 407 32.69 36.50 10.18
CA PHE A 407 31.43 37.02 9.66
C PHE A 407 30.60 37.70 10.77
N LYS A 408 29.62 38.49 10.35
CA LYS A 408 28.75 39.17 11.29
C LYS A 408 27.36 38.56 11.33
N ARG A 409 26.80 38.41 12.52
CA ARG A 409 25.48 37.84 12.73
C ARG A 409 24.54 38.86 13.36
N LEU A 410 23.35 39.03 12.76
CA LEU A 410 22.25 39.81 13.32
C LEU A 410 21.03 38.92 13.51
N VAL A 411 20.33 39.08 14.63
CA VAL A 411 19.13 38.31 14.97
C VAL A 411 18.01 39.29 15.28
N PHE A 412 16.83 39.05 14.73
CA PHE A 412 15.66 39.90 14.92
C PHE A 412 14.48 39.10 15.44
N THR A 413 13.87 39.60 16.52
CA THR A 413 12.57 39.16 17.01
C THR A 413 11.70 40.38 17.32
N ASN A 414 10.39 40.23 17.09
CA ASN A 414 9.34 41.15 17.54
C ASN A 414 9.51 42.57 16.98
N CYS A 415 9.49 42.67 15.66
CA CYS A 415 9.67 43.95 14.98
C CYS A 415 9.14 43.86 13.56
N ASN A 416 9.04 45.03 12.92
CA ASN A 416 8.74 45.16 11.50
C ASN A 416 9.94 45.81 10.83
N TYR A 417 10.16 45.57 9.52
CA TYR A 417 11.47 46.00 9.01
C TYR A 417 11.55 46.66 7.63
N ASN A 418 10.47 46.82 6.87
CA ASN A 418 10.50 47.49 5.56
C ASN A 418 11.45 46.83 4.56
N LEU A 419 11.07 45.63 4.09
CA LEU A 419 11.87 44.88 3.13
C LEU A 419 12.02 45.64 1.81
N THR A 420 10.96 46.27 1.35
CA THR A 420 11.09 47.26 0.29
C THR A 420 11.81 48.47 0.86
N LYS A 421 12.82 48.96 0.13
CA LYS A 421 13.93 49.89 0.42
C LYS A 421 15.13 49.23 1.08
N LEU A 422 15.04 48.00 1.53
CA LEU A 422 16.25 47.24 1.79
C LEU A 422 16.75 46.57 0.52
N LEU A 423 15.84 46.14 -0.34
CA LEU A 423 16.20 45.59 -1.63
C LEU A 423 16.61 46.66 -2.63
N SER A 424 16.16 47.90 -2.46
CA SER A 424 16.56 48.99 -3.33
C SER A 424 17.93 49.54 -3.01
N LEU A 425 18.60 49.06 -1.97
CA LEU A 425 19.96 49.45 -1.69
C LEU A 425 21.00 48.52 -2.31
N PHE A 426 20.57 47.38 -2.85
CA PHE A 426 21.45 46.33 -3.34
C PHE A 426 21.02 45.89 -4.73
N GLN A 427 21.97 45.42 -5.50
CA GLN A 427 21.70 44.80 -6.79
C GLN A 427 22.04 43.33 -6.67
N VAL A 428 21.02 42.48 -6.54
CA VAL A 428 21.20 41.06 -6.31
C VAL A 428 21.76 40.39 -7.56
N SER A 429 22.84 39.61 -7.39
CA SER A 429 23.38 38.84 -8.50
C SER A 429 22.77 37.45 -8.58
N GLU A 430 22.67 36.75 -7.46
CA GLU A 430 22.03 35.44 -7.42
C GLU A 430 21.56 35.12 -6.01
N PHE A 431 20.51 34.31 -5.95
CA PHE A 431 20.00 33.78 -4.70
C PHE A 431 19.66 32.31 -4.88
N SER A 432 19.86 31.53 -3.83
CA SER A 432 19.38 30.15 -3.80
C SER A 432 18.83 29.84 -2.43
N CYS A 433 17.63 29.26 -2.41
CA CYS A 433 16.85 29.08 -1.20
C CYS A 433 16.53 27.62 -0.96
N HIS A 434 16.26 27.30 0.30
CA HIS A 434 16.01 25.95 0.76
C HIS A 434 14.78 25.98 1.66
N GLN A 435 13.69 25.38 1.15
CA GLN A 435 12.41 25.16 1.82
C GLN A 435 11.67 26.46 2.14
N VAL A 436 11.95 27.52 1.39
CA VAL A 436 11.31 28.82 1.55
C VAL A 436 11.59 29.56 0.26
N SER A 437 10.79 30.58 -0.03
CA SER A 437 11.06 31.40 -1.20
C SER A 437 11.15 32.86 -0.82
N PRO A 438 11.84 33.70 -1.60
CA PRO A 438 11.88 35.14 -1.27
C PRO A 438 10.54 35.85 -1.38
N SER A 439 9.67 35.46 -2.30
CA SER A 439 8.35 36.08 -2.41
C SER A 439 7.45 35.77 -1.23
N SER A 440 7.71 34.68 -0.50
CA SER A 440 6.96 34.34 0.69
C SER A 440 7.56 34.93 1.94
N LEU A 441 8.85 35.26 1.92
CA LEU A 441 9.45 36.02 3.00
C LEU A 441 8.99 37.48 2.98
N ALA A 442 8.44 37.95 1.87
CA ALA A 442 7.92 39.31 1.73
C ALA A 442 6.45 39.43 2.06
N THR A 443 5.72 38.32 2.11
CA THR A 443 4.29 38.38 2.40
C THR A 443 3.89 37.70 3.70
N GLY A 444 4.82 37.11 4.44
CA GLY A 444 4.48 36.34 5.62
C GLY A 444 5.33 36.73 6.81
N CYS A 445 4.92 36.26 7.97
CA CYS A 445 5.58 36.54 9.23
C CYS A 445 6.22 35.27 9.77
N TYR A 446 7.22 35.42 10.62
CA TYR A 446 8.02 34.31 11.13
C TYR A 446 8.40 34.62 12.57
N SER A 447 8.86 33.60 13.28
CA SER A 447 9.20 33.78 14.69
C SER A 447 10.49 34.55 14.88
N SER A 448 11.51 34.26 14.08
CA SER A 448 12.74 35.03 14.13
C SER A 448 13.39 35.04 12.76
N LEU A 449 14.28 36.02 12.60
CA LEU A 449 15.07 36.21 11.39
C LEU A 449 16.54 36.37 11.74
N THR A 450 17.42 35.66 11.03
CA THR A 450 18.86 35.69 11.28
C THR A 450 19.59 35.96 9.99
N VAL A 451 20.54 36.90 10.01
CA VAL A 451 21.37 37.27 8.86
C VAL A 451 22.85 37.18 9.23
N ASP A 452 23.61 36.31 8.55
CA ASP A 452 25.06 36.29 8.55
C ASP A 452 25.58 36.99 7.30
N TYR A 453 26.53 37.90 7.44
CA TYR A 453 26.95 38.64 6.27
C TYR A 453 28.46 38.92 6.32
N PHE A 454 29.01 39.08 5.12
CA PHE A 454 30.45 39.33 4.93
C PHE A 454 30.69 39.85 3.52
N ALA A 455 31.85 40.47 3.32
CA ALA A 455 32.29 40.81 1.98
C ALA A 455 32.74 39.54 1.25
N TYR A 456 32.53 39.49 -0.06
CA TYR A 456 32.76 38.28 -0.86
C TYR A 456 32.71 38.57 -2.35
N SER A 457 33.69 38.13 -3.13
CA SER A 457 33.62 38.28 -4.58
C SER A 457 32.59 37.35 -5.18
N THR A 458 31.76 37.86 -6.10
CA THR A 458 30.74 37.04 -6.74
C THR A 458 31.35 35.93 -7.60
N ASP A 459 32.52 36.14 -8.17
CA ASP A 459 33.08 35.07 -8.97
C ASP A 459 33.69 33.92 -8.13
N MET A 460 33.67 33.93 -6.80
CA MET A 460 33.90 32.74 -5.99
C MET A 460 32.60 32.10 -5.55
N SER A 461 31.51 32.34 -6.28
CA SER A 461 30.17 31.97 -5.84
C SER A 461 29.99 30.46 -5.72
N SER A 462 30.61 29.68 -6.62
CA SER A 462 30.45 28.24 -6.59
C SER A 462 31.21 27.61 -5.43
N TYR A 463 32.15 28.33 -4.82
CA TYR A 463 32.75 27.82 -3.60
C TYR A 463 31.83 27.91 -2.39
N LEU A 464 30.65 28.52 -2.50
CA LEU A 464 29.67 28.55 -1.42
C LEU A 464 28.49 27.62 -1.65
N GLN A 465 28.50 26.86 -2.74
CA GLN A 465 27.49 25.86 -2.98
C GLN A 465 27.57 24.74 -1.95
N PRO A 466 26.46 24.10 -1.61
CA PRO A 466 26.54 22.89 -0.77
C PRO A 466 27.06 21.70 -1.57
N GLY A 467 28.02 21.00 -1.00
CA GLY A 467 28.71 19.97 -1.72
C GLY A 467 30.03 20.38 -2.31
N SER A 468 30.42 21.64 -2.17
CA SER A 468 31.70 22.11 -2.69
C SER A 468 32.86 21.54 -1.87
N ALA A 469 34.03 21.48 -2.49
CA ALA A 469 35.18 20.83 -1.91
C ALA A 469 36.33 21.75 -1.49
N GLY A 470 36.29 23.03 -1.81
CA GLY A 470 37.46 23.85 -1.55
C GLY A 470 37.74 24.32 -0.12
N ALA A 471 38.51 25.39 0.00
CA ALA A 471 38.91 25.93 1.29
C ALA A 471 37.83 26.75 1.98
N ILE A 472 36.89 27.31 1.22
CA ILE A 472 35.84 28.17 1.77
C ILE A 472 34.94 27.40 2.73
N VAL A 473 34.48 26.21 2.34
CA VAL A 473 33.61 25.43 3.21
C VAL A 473 34.41 24.80 4.35
N GLN A 474 35.67 24.44 4.11
CA GLN A 474 36.47 23.76 5.13
C GLN A 474 36.88 24.70 6.25
N PHE A 475 37.38 25.89 5.93
CA PHE A 475 37.98 26.73 6.96
C PHE A 475 37.32 28.08 7.19
N ASN A 476 36.32 28.48 6.40
CA ASN A 476 35.76 29.82 6.58
C ASN A 476 34.29 29.83 6.97
N TYR A 477 33.42 29.27 6.15
CA TYR A 477 31.98 29.30 6.44
C TYR A 477 31.35 28.04 5.88
N LYS A 478 30.56 27.36 6.69
CA LYS A 478 29.80 26.20 6.26
C LYS A 478 28.34 26.40 6.61
N GLN A 479 27.49 26.48 5.60
CA GLN A 479 26.08 26.79 5.78
C GLN A 479 25.33 25.66 6.48
N ASP A 480 24.53 26.05 7.46
CA ASP A 480 23.67 25.16 8.24
C ASP A 480 22.32 25.04 7.55
N PHE A 481 21.78 23.82 7.50
CA PHE A 481 20.55 23.56 6.76
C PHE A 481 19.43 22.98 7.61
N SER A 482 19.45 23.21 8.92
CA SER A 482 18.42 22.64 9.77
C SER A 482 17.14 23.48 9.83
N ASN A 483 17.19 24.78 9.52
CA ASN A 483 16.05 25.66 9.36
C ASN A 483 15.96 26.08 7.90
N PRO A 484 14.80 26.56 7.42
CA PRO A 484 14.74 27.06 6.04
C PRO A 484 15.59 28.32 5.83
N THR A 485 16.29 28.36 4.70
CA THR A 485 17.41 29.29 4.60
C THR A 485 17.59 29.76 3.16
N CYS A 486 18.30 30.88 2.99
CA CYS A 486 18.55 31.47 1.69
C CYS A 486 19.94 32.10 1.65
N ARG A 487 20.58 31.98 0.50
CA ARG A 487 21.91 32.52 0.27
C ARG A 487 21.79 33.55 -0.84
N VAL A 488 22.28 34.77 -0.59
CA VAL A 488 22.15 35.90 -1.51
C VAL A 488 23.52 36.52 -1.74
N LEU A 489 23.87 36.78 -3.00
CA LEU A 489 25.03 37.58 -3.34
C LEU A 489 24.60 38.87 -4.00
N ALA A 490 25.22 39.99 -3.63
CA ALA A 490 24.79 41.29 -4.13
C ALA A 490 25.94 42.26 -4.25
N THR A 491 25.71 43.32 -5.00
CA THR A 491 26.64 44.42 -5.22
C THR A 491 26.05 45.68 -4.61
N VAL A 492 26.87 46.44 -3.89
CA VAL A 492 26.43 47.71 -3.32
C VAL A 492 26.90 48.84 -4.24
N PRO A 493 25.98 49.58 -4.86
CA PRO A 493 26.38 50.64 -5.79
C PRO A 493 26.91 51.87 -5.07
N GLN A 494 27.45 52.80 -5.86
CA GLN A 494 28.33 53.84 -5.34
C GLN A 494 27.60 54.88 -4.51
N ASN A 495 26.40 55.29 -4.85
CA ASN A 495 25.85 56.37 -4.05
C ASN A 495 24.83 56.11 -2.94
N LEU A 496 24.20 54.95 -2.92
CA LEU A 496 23.17 54.71 -1.92
C LEU A 496 23.61 54.43 -0.48
N THR A 497 24.90 54.47 -0.16
CA THR A 497 25.30 54.16 1.21
C THR A 497 26.58 54.74 1.86
N THR A 498 26.61 54.42 3.14
CA THR A 498 27.50 54.61 4.26
C THR A 498 28.41 53.41 4.43
N ILE A 499 28.23 52.39 3.60
CA ILE A 499 29.09 51.22 3.57
C ILE A 499 30.42 51.58 2.94
N THR A 500 31.51 51.39 3.67
CA THR A 500 32.84 51.70 3.19
C THR A 500 33.50 50.44 2.63
N LYS A 501 34.54 50.64 1.83
CA LYS A 501 35.21 49.52 1.19
C LYS A 501 36.50 49.16 1.91
N PRO A 502 36.79 47.88 2.09
CA PRO A 502 38.11 47.47 2.58
C PRO A 502 39.12 47.44 1.43
N SER A 503 40.40 47.28 1.77
CA SER A 503 41.40 47.26 0.73
C SER A 503 41.41 45.93 -0.03
N ASN A 504 41.31 44.81 0.67
CA ASN A 504 41.41 43.50 0.05
C ASN A 504 40.19 42.65 0.39
N TYR A 505 39.92 41.68 -0.45
CA TYR A 505 39.20 40.46 -0.08
C TYR A 505 40.21 39.48 0.49
N ALA A 506 39.75 38.61 1.39
CA ALA A 506 40.66 37.80 2.19
C ALA A 506 39.98 36.55 2.74
N TYR A 507 40.58 35.38 2.54
CA TYR A 507 40.07 34.17 3.17
C TYR A 507 41.21 33.30 3.69
N LEU A 508 40.88 32.27 4.46
CA LEU A 508 41.86 31.35 5.02
C LEU A 508 42.00 30.11 4.14
N THR A 509 43.22 29.58 4.04
CA THR A 509 43.47 28.39 3.24
C THR A 509 43.84 27.15 4.05
N GLU A 510 44.20 27.29 5.32
CA GLU A 510 44.63 26.18 6.16
C GLU A 510 44.34 26.48 7.61
N CYS A 511 44.02 25.45 8.37
CA CYS A 511 43.98 25.53 9.83
C CYS A 511 44.23 24.13 10.38
N TYR A 512 45.28 23.97 11.18
CA TYR A 512 45.63 22.65 11.68
C TYR A 512 46.37 22.79 13.00
N LYS A 513 46.43 21.69 13.74
CA LYS A 513 47.33 21.54 14.86
C LYS A 513 48.47 20.61 14.48
N THR A 514 49.68 20.99 14.82
CA THR A 514 50.82 20.09 14.71
C THR A 514 50.93 19.25 15.97
N SER A 515 51.22 17.96 15.78
CA SER A 515 51.55 17.06 16.88
C SER A 515 52.84 16.33 16.51
N ALA A 516 53.16 15.29 17.30
CA ALA A 516 54.27 14.42 16.97
C ALA A 516 54.06 13.67 15.66
N TYR A 517 52.80 13.41 15.32
CA TYR A 517 52.49 12.73 14.07
C TYR A 517 52.59 13.69 12.88
N GLY A 518 51.90 14.82 12.95
CA GLY A 518 51.95 15.80 11.89
C GLY A 518 50.75 16.73 11.94
N LYS A 519 50.33 17.15 10.76
CA LYS A 519 49.18 18.02 10.63
C LYS A 519 47.90 17.29 10.99
N ASN A 520 47.07 17.95 11.80
CA ASN A 520 45.70 17.52 12.04
C ASN A 520 44.82 18.71 11.68
N TYR A 521 44.17 18.64 10.52
CA TYR A 521 43.33 19.72 10.03
C TYR A 521 42.05 19.86 10.84
N LEU A 522 41.68 21.10 11.14
CA LEU A 522 40.50 21.41 11.93
C LEU A 522 39.43 22.05 11.05
N TYR A 523 38.32 21.35 10.85
CA TYR A 523 37.28 21.77 9.91
C TYR A 523 36.14 22.47 10.64
N ASN A 524 35.47 23.37 9.92
CA ASN A 524 34.35 24.14 10.46
C ASN A 524 33.10 23.28 10.60
N ALA A 525 32.42 23.45 11.70
CA ALA A 525 31.08 22.95 11.98
C ALA A 525 30.05 23.81 11.25
N PRO A 526 28.84 23.29 10.99
CA PRO A 526 27.83 24.08 10.26
C PRO A 526 27.33 25.29 11.05
N GLY A 527 27.56 26.48 10.48
CA GLY A 527 27.17 27.74 11.08
C GLY A 527 28.04 28.23 12.21
N ALA A 528 29.28 27.78 12.33
CA ALA A 528 30.15 28.17 13.42
C ALA A 528 31.40 28.90 12.90
N TYR A 529 32.18 29.45 13.81
CA TYR A 529 33.44 30.11 13.50
C TYR A 529 34.57 29.09 13.44
N THR A 530 35.61 29.44 12.68
CA THR A 530 36.78 28.60 12.61
C THR A 530 37.55 28.64 13.94
N PRO A 531 38.18 27.53 14.33
CA PRO A 531 39.02 27.55 15.54
C PRO A 531 40.23 28.47 15.44
N CYS A 532 40.66 28.84 14.24
CA CYS A 532 41.81 29.68 13.99
C CYS A 532 41.49 31.18 14.00
N LEU A 533 40.34 31.58 14.58
CA LEU A 533 39.83 32.94 14.42
C LEU A 533 40.70 33.98 15.14
N SER A 534 41.17 33.64 16.33
CA SER A 534 42.02 34.56 17.08
C SER A 534 43.37 34.76 16.42
N LEU A 535 43.93 33.70 15.84
CA LEU A 535 45.14 33.82 15.04
C LEU A 535 44.93 34.66 13.80
N ALA A 536 43.81 34.47 13.10
CA ALA A 536 43.54 35.23 11.88
C ALA A 536 43.19 36.68 12.15
N SER A 537 42.86 37.03 13.40
CA SER A 537 42.65 38.43 13.79
C SER A 537 43.92 39.28 13.73
N ARG A 538 45.10 38.68 13.57
CA ARG A 538 46.32 39.48 13.38
C ARG A 538 46.40 40.11 11.99
N GLY A 539 45.60 39.65 11.03
CA GLY A 539 45.58 40.24 9.71
C GLY A 539 46.66 39.68 8.80
N PHE A 540 46.51 39.97 7.51
CA PHE A 540 47.39 39.44 6.49
C PHE A 540 47.83 40.54 5.56
N SER A 541 49.15 40.64 5.34
CA SER A 541 49.72 41.66 4.47
C SER A 541 50.08 41.14 3.09
N THR A 542 50.32 39.84 2.95
CA THR A 542 50.74 39.24 1.71
C THR A 542 49.96 37.95 1.50
N LYS A 543 50.00 37.43 0.28
CA LYS A 543 49.42 36.14 -0.01
C LYS A 543 50.25 35.03 0.62
N TYR A 544 49.54 34.00 1.13
CA TYR A 544 50.14 32.83 1.79
C TYR A 544 51.01 33.22 2.97
N GLN A 545 50.62 34.26 3.68
CA GLN A 545 51.23 34.60 4.95
C GLN A 545 50.62 33.72 6.03
N SER A 546 51.47 33.11 6.83
CA SER A 546 51.02 32.27 7.92
C SER A 546 51.26 32.94 9.25
N HIS A 547 50.37 32.65 10.19
CA HIS A 547 50.57 32.97 11.59
C HIS A 547 50.55 31.66 12.36
N SER A 548 51.26 31.63 13.47
CA SER A 548 51.34 30.44 14.31
C SER A 548 51.23 30.86 15.75
N ASP A 549 50.63 29.98 16.56
CA ASP A 549 50.47 30.25 17.99
C ASP A 549 50.44 28.88 18.68
N GLY A 550 51.57 28.50 19.26
CA GLY A 550 51.71 27.22 19.92
C GLY A 550 51.46 26.05 19.00
N GLU A 551 50.31 25.39 19.18
CA GLU A 551 49.98 24.24 18.37
C GLU A 551 49.29 24.64 17.06
N LEU A 552 48.69 25.82 17.02
CA LEU A 552 47.88 26.16 15.84
C LEU A 552 48.67 26.92 14.79
N THR A 553 48.28 26.73 13.54
CA THR A 553 48.85 27.42 12.40
C THR A 553 47.73 27.76 11.42
N THR A 554 47.77 28.96 10.85
CA THR A 554 46.77 29.37 9.87
C THR A 554 47.45 30.16 8.77
N THR A 555 46.89 30.09 7.57
CA THR A 555 47.47 30.69 6.40
C THR A 555 46.39 31.48 5.67
N GLY A 556 46.72 32.68 5.22
CA GLY A 556 45.74 33.52 4.58
C GLY A 556 45.99 33.86 3.13
N TYR A 557 44.95 34.21 2.38
CA TYR A 557 45.06 34.65 0.99
C TYR A 557 44.29 35.95 0.84
N ILE A 558 44.91 36.96 0.23
CA ILE A 558 44.27 38.26 0.02
C ILE A 558 44.40 38.64 -1.45
N TYR A 559 43.54 39.57 -1.88
CA TYR A 559 43.59 40.14 -3.23
C TYR A 559 42.73 41.40 -3.26
N PRO A 560 43.13 42.43 -4.01
CA PRO A 560 42.48 43.75 -3.86
C PRO A 560 41.05 43.82 -4.38
N VAL A 561 40.32 44.79 -3.85
CA VAL A 561 38.94 45.07 -4.25
C VAL A 561 38.97 45.96 -5.47
N THR A 562 38.26 45.57 -6.53
CA THR A 562 38.23 46.32 -7.77
C THR A 562 36.78 46.52 -8.20
N GLY A 563 36.33 47.77 -8.21
CA GLY A 563 34.97 48.07 -8.58
C GLY A 563 34.10 48.36 -7.38
N ASN A 564 32.80 48.13 -7.50
CA ASN A 564 31.93 48.20 -6.34
C ASN A 564 32.18 47.01 -5.42
N LEU A 565 31.87 47.22 -4.15
CA LEU A 565 31.98 46.13 -3.19
C LEU A 565 30.91 45.08 -3.44
N GLN A 566 31.24 43.84 -3.16
CA GLN A 566 30.34 42.70 -3.29
C GLN A 566 30.21 41.99 -1.94
N MET A 567 28.98 41.60 -1.61
CA MET A 567 28.66 41.06 -0.29
C MET A 567 27.83 39.78 -0.41
N ALA A 568 27.96 38.93 0.60
CA ALA A 568 27.14 37.75 0.76
C ALA A 568 26.33 37.83 2.05
N PHE A 569 25.10 37.32 1.96
CA PHE A 569 24.10 37.30 3.01
C PHE A 569 23.51 35.91 3.14
N ILE A 570 23.58 35.34 4.33
CA ILE A 570 23.00 34.04 4.64
C ILE A 570 21.85 34.29 5.60
N ILE A 571 20.66 33.86 5.21
CA ILE A 571 19.41 34.23 5.88
C ILE A 571 18.70 32.97 6.33
N SER A 572 18.26 32.95 7.59
CA SER A 572 17.46 31.85 8.10
C SER A 572 16.28 32.38 8.89
N VAL A 573 15.17 31.64 8.87
CA VAL A 573 13.94 32.03 9.55
C VAL A 573 13.45 30.86 10.38
N GLN A 574 12.74 31.17 11.45
CA GLN A 574 12.07 30.14 12.25
C GLN A 574 10.57 30.37 12.29
N TYR A 575 9.82 29.29 12.45
CA TYR A 575 8.36 29.34 12.54
C TYR A 575 7.91 28.65 13.81
N GLY A 576 6.95 29.26 14.49
CA GLY A 576 6.27 28.58 15.58
C GLY A 576 7.01 28.51 16.88
N THR A 577 8.04 29.33 17.08
CA THR A 577 8.87 29.26 18.28
C THR A 577 8.65 30.44 19.20
N ASP A 578 7.62 31.25 18.95
CA ASP A 578 7.53 32.54 19.60
C ASP A 578 6.10 33.02 19.66
N THR A 579 5.81 33.84 20.66
CA THR A 579 4.50 34.44 20.88
C THR A 579 4.29 35.72 20.07
N ASN A 580 5.34 36.32 19.54
CA ASN A 580 5.24 37.43 18.60
C ASN A 580 6.03 37.10 17.33
N SER A 581 5.87 37.94 16.32
CA SER A 581 6.41 37.65 15.00
C SER A 581 7.33 38.76 14.52
N VAL A 582 8.01 38.46 13.42
CA VAL A 582 8.77 39.42 12.65
C VAL A 582 8.05 39.55 11.31
N CYS A 583 7.67 40.76 10.93
CA CYS A 583 6.83 40.92 9.76
C CYS A 583 7.37 42.01 8.85
N PRO A 584 7.43 41.78 7.54
CA PRO A 584 7.65 42.89 6.61
C PRO A 584 6.47 43.86 6.63
N MET A 585 6.79 45.14 6.43
CA MET A 585 5.82 46.22 6.56
C MET A 585 4.71 46.17 5.50
N GLN A 586 4.98 45.60 4.33
CA GLN A 586 3.96 45.46 3.31
C GLN A 586 2.93 44.37 3.62
N ALA A 587 3.09 43.63 4.71
CA ALA A 587 2.19 42.54 5.08
C ALA A 587 1.21 42.93 6.17
N LEU A 588 1.23 44.16 6.66
CA LEU A 588 0.40 44.56 7.77
C LEU A 588 -0.97 45.02 7.30
N ARG A 589 -2.02 44.47 7.91
CA ARG A 589 -3.39 44.93 7.76
C ARG A 589 -3.85 45.52 9.08
N ASN A 590 -4.97 46.25 9.04
CA ASN A 590 -5.29 47.10 10.18
C ASN A 590 -5.65 46.39 11.48
N ASP A 591 -6.87 45.86 11.60
CA ASP A 591 -7.38 45.05 12.71
C ASP A 591 -8.84 44.71 12.46
N THR A 592 -9.31 43.59 12.98
CA THR A 592 -10.71 43.22 12.88
C THR A 592 -11.15 42.63 14.22
N SER A 593 -12.47 42.53 14.42
CA SER A 593 -13.04 41.88 15.59
C SER A 593 -13.46 40.47 15.24
N ILE A 594 -13.70 39.66 16.26
CA ILE A 594 -14.28 38.34 16.05
C ILE A 594 -15.70 38.25 16.58
N GLU A 595 -16.14 39.22 17.38
CA GLU A 595 -17.38 39.16 18.14
C GLU A 595 -18.63 39.03 17.29
N ASP A 596 -18.55 39.31 15.99
CA ASP A 596 -19.68 39.22 15.09
C ASP A 596 -19.48 38.23 13.94
N LYS A 597 -18.47 37.37 14.01
CA LYS A 597 -18.34 36.30 13.05
C LYS A 597 -17.93 35.01 13.74
N LEU A 598 -18.57 34.72 14.86
CA LEU A 598 -18.39 33.43 15.50
C LEU A 598 -19.18 32.35 14.76
N ASP A 599 -18.70 31.12 14.89
CA ASP A 599 -19.29 29.89 14.35
C ASP A 599 -19.35 29.87 12.83
N VAL A 600 -18.62 30.74 12.15
CA VAL A 600 -18.41 30.64 10.71
C VAL A 600 -16.93 30.48 10.45
N CYS A 601 -16.60 29.96 9.28
CA CYS A 601 -15.22 29.78 8.86
C CYS A 601 -14.65 31.13 8.45
N VAL A 602 -13.57 31.55 9.10
CA VAL A 602 -12.86 32.77 8.73
C VAL A 602 -11.40 32.44 8.51
N GLU A 603 -10.75 33.27 7.70
CA GLU A 603 -9.29 33.33 7.71
C GLU A 603 -8.86 34.08 8.95
N TYR A 604 -7.65 33.82 9.41
CA TYR A 604 -7.12 34.62 10.50
C TYR A 604 -5.63 34.84 10.34
N SER A 605 -5.18 35.91 10.96
CA SER A 605 -3.78 36.31 11.08
C SER A 605 -3.65 36.86 12.50
N LEU A 606 -3.22 36.02 13.43
CA LEU A 606 -3.18 36.36 14.84
C LEU A 606 -1.74 36.46 15.29
N HIS A 607 -1.24 37.69 15.41
CA HIS A 607 0.14 38.02 15.78
C HIS A 607 1.16 37.30 14.90
N GLY A 608 0.83 37.18 13.62
CA GLY A 608 1.66 36.51 12.66
C GLY A 608 1.34 35.06 12.40
N ILE A 609 0.52 34.42 13.22
CA ILE A 609 0.11 33.04 13.02
C ILE A 609 -1.12 33.02 12.13
N THR A 610 -1.03 32.45 10.94
CA THR A 610 -2.13 32.54 10.00
C THR A 610 -2.82 31.19 9.84
N GLY A 611 -4.01 31.22 9.27
CA GLY A 611 -4.73 29.99 8.97
C GLY A 611 -6.17 30.25 8.62
N ARG A 612 -6.98 29.19 8.69
CA ARG A 612 -8.42 29.31 8.55
C ARG A 612 -9.10 28.39 9.56
N GLY A 613 -10.23 28.82 10.09
CA GLY A 613 -10.84 28.08 11.16
C GLY A 613 -12.12 28.71 11.65
N VAL A 614 -12.71 28.06 12.65
CA VAL A 614 -13.99 28.46 13.22
C VAL A 614 -13.77 28.75 14.70
N PHE A 615 -14.25 29.89 15.16
CA PHE A 615 -14.00 30.35 16.52
C PHE A 615 -15.27 30.28 17.35
N HIS A 616 -15.11 29.95 18.63
CA HIS A 616 -16.25 29.79 19.51
C HIS A 616 -15.85 30.21 20.90
N ASN A 617 -16.66 31.05 21.53
CA ASN A 617 -16.37 31.56 22.86
C ASN A 617 -16.39 30.44 23.90
N CYS A 618 -15.38 30.44 24.78
CA CYS A 618 -15.09 29.30 25.61
C CYS A 618 -14.61 29.74 26.98
N THR A 619 -14.47 28.77 27.87
CA THR A 619 -13.90 28.96 29.20
C THR A 619 -12.39 28.79 29.12
N SER A 620 -11.67 29.73 29.73
CA SER A 620 -10.22 29.84 29.57
C SER A 620 -9.47 28.63 30.14
N VAL A 621 -8.63 28.03 29.30
CA VAL A 621 -7.67 27.01 29.71
C VAL A 621 -6.30 27.41 29.17
N GLY A 622 -5.27 26.73 29.66
CA GLY A 622 -3.91 27.01 29.25
C GLY A 622 -3.34 28.23 29.95
N LEU A 623 -2.07 28.50 29.66
CA LEU A 623 -1.43 29.69 30.18
C LEU A 623 -1.77 30.88 29.30
N ARG A 624 -2.12 32.00 29.92
CA ARG A 624 -2.55 33.19 29.19
C ARG A 624 -1.41 33.88 28.45
N ASN A 625 -0.23 33.96 29.04
CA ASN A 625 0.91 34.63 28.42
C ASN A 625 1.46 33.88 27.21
N GLN A 626 1.11 32.61 27.03
CA GLN A 626 1.59 31.84 25.90
C GLN A 626 0.71 31.99 24.67
N ARG A 627 -0.49 32.54 24.82
CA ARG A 627 -1.37 33.11 23.79
C ARG A 627 -1.98 32.08 22.84
N PHE A 628 -1.41 30.88 22.75
CA PHE A 628 -1.87 29.85 21.84
C PHE A 628 -1.91 28.52 22.57
N VAL A 629 -2.89 27.69 22.23
CA VAL A 629 -3.04 26.35 22.79
C VAL A 629 -3.00 25.36 21.64
N TYR A 630 -2.31 24.24 21.84
CA TYR A 630 -2.11 23.24 20.80
C TYR A 630 -2.46 21.85 21.31
N ASP A 631 -2.76 20.95 20.38
CA ASP A 631 -3.02 19.56 20.72
C ASP A 631 -1.78 18.70 20.48
N THR A 632 -1.95 17.38 20.53
CA THR A 632 -0.84 16.45 20.33
C THR A 632 -0.34 16.43 18.89
N PHE A 633 -1.22 16.66 17.91
CA PHE A 633 -0.83 16.74 16.51
C PHE A 633 -0.27 18.11 16.15
N ASP A 634 -0.23 19.03 17.11
CA ASP A 634 0.25 20.41 16.97
C ASP A 634 -0.59 21.21 15.98
N ASN A 635 -1.91 21.06 16.07
CA ASN A 635 -2.86 21.98 15.48
C ASN A 635 -3.29 22.98 16.54
N LEU A 636 -3.63 24.19 16.11
CA LEU A 636 -4.07 25.24 17.00
C LEU A 636 -5.49 24.96 17.46
N VAL A 637 -5.74 25.05 18.76
CA VAL A 637 -7.07 24.77 19.30
C VAL A 637 -7.62 25.88 20.18
N GLY A 638 -6.84 26.91 20.51
CA GLY A 638 -7.33 27.94 21.39
C GLY A 638 -6.49 29.19 21.31
N TYR A 639 -7.12 30.33 21.56
CA TYR A 639 -6.48 31.64 21.43
C TYR A 639 -6.90 32.54 22.57
N HIS A 640 -5.91 33.11 23.26
CA HIS A 640 -6.14 34.10 24.31
C HIS A 640 -6.09 35.49 23.70
N SER A 641 -7.25 36.11 23.54
CA SER A 641 -7.36 37.34 22.77
C SER A 641 -6.95 38.56 23.57
N ASP A 642 -6.80 39.67 22.85
CA ASP A 642 -6.44 40.93 23.47
C ASP A 642 -7.61 41.60 24.17
N ASN A 643 -8.85 41.21 23.85
CA ASN A 643 -9.98 41.78 24.57
C ASN A 643 -10.22 41.13 25.92
N GLY A 644 -9.48 40.07 26.24
CA GLY A 644 -9.59 39.39 27.51
C GLY A 644 -10.26 38.05 27.44
N ASN A 645 -10.85 37.70 26.31
CA ASN A 645 -11.61 36.47 26.18
C ASN A 645 -10.72 35.32 25.74
N TYR A 646 -11.29 34.12 25.80
CA TYR A 646 -10.65 32.92 25.29
C TYR A 646 -11.52 32.33 24.21
N TYR A 647 -10.92 31.90 23.11
CA TYR A 647 -11.69 31.32 22.02
C TYR A 647 -11.17 29.94 21.71
N CYS A 648 -12.06 28.96 21.62
CA CYS A 648 -11.75 27.68 21.04
C CYS A 648 -11.72 27.81 19.52
N VAL A 649 -10.81 27.07 18.90
CA VAL A 649 -10.60 27.10 17.46
C VAL A 649 -10.77 25.68 16.95
N ARG A 650 -11.44 25.55 15.83
CA ARG A 650 -11.68 24.28 15.17
C ARG A 650 -11.34 24.46 13.70
N PRO A 651 -11.01 23.38 13.00
CA PRO A 651 -10.94 23.48 11.53
C PRO A 651 -12.33 23.67 10.98
N CYS A 652 -12.39 24.17 9.74
CA CYS A 652 -13.67 24.41 9.11
C CYS A 652 -14.34 23.08 8.76
N VAL A 653 -15.60 22.95 9.14
CA VAL A 653 -16.32 21.70 9.07
C VAL A 653 -17.29 21.73 7.90
N SER A 654 -17.85 20.58 7.58
CA SER A 654 -18.74 20.43 6.44
C SER A 654 -19.99 19.67 6.85
N VAL A 655 -21.08 19.91 6.14
CA VAL A 655 -22.36 19.28 6.48
C VAL A 655 -22.56 18.06 5.57
N PRO A 656 -22.80 16.87 6.13
CA PRO A 656 -22.98 15.68 5.29
C PRO A 656 -24.33 15.60 4.60
N VAL A 657 -24.31 15.11 3.37
CA VAL A 657 -25.48 15.08 2.49
C VAL A 657 -25.65 13.67 1.92
N SER A 658 -26.88 13.15 1.97
CA SER A 658 -27.25 11.93 1.28
C SER A 658 -28.38 12.22 0.30
N VAL A 659 -28.31 11.58 -0.86
CA VAL A 659 -29.37 11.65 -1.86
C VAL A 659 -30.06 10.29 -1.92
N ILE A 660 -31.38 10.30 -1.82
CA ILE A 660 -32.20 9.10 -1.96
C ILE A 660 -32.78 9.10 -3.35
N TYR A 661 -32.50 8.06 -4.13
CA TYR A 661 -32.86 8.06 -5.54
C TYR A 661 -33.66 6.80 -5.89
N ASP A 662 -34.82 7.00 -6.48
CA ASP A 662 -35.66 5.92 -6.97
C ASP A 662 -35.71 5.99 -8.48
N LYS A 663 -35.29 4.90 -9.13
CA LYS A 663 -35.04 4.92 -10.56
C LYS A 663 -36.32 4.72 -11.36
N ALA A 664 -37.26 3.92 -10.84
CA ALA A 664 -38.44 3.55 -11.63
C ALA A 664 -39.41 4.71 -11.78
N SER A 665 -39.30 5.73 -10.93
CA SER A 665 -40.08 6.94 -11.05
C SER A 665 -39.23 8.17 -11.36
N ASN A 666 -37.91 8.00 -11.45
CA ASN A 666 -36.94 9.08 -11.68
C ASN A 666 -37.08 10.20 -10.65
N SER A 667 -37.02 9.85 -9.38
CA SER A 667 -37.26 10.82 -8.33
C SER A 667 -36.15 10.76 -7.29
N HIS A 668 -35.92 11.87 -6.61
CA HIS A 668 -34.91 11.89 -5.56
C HIS A 668 -35.37 12.80 -4.43
N ALA A 669 -34.67 12.67 -3.30
CA ALA A 669 -34.87 13.53 -2.14
C ALA A 669 -33.55 13.64 -1.39
N THR A 670 -33.51 14.47 -0.36
CA THR A 670 -32.26 14.78 0.32
C THR A 670 -32.39 14.52 1.81
N LEU A 671 -31.31 14.01 2.41
CA LEU A 671 -31.21 13.95 3.86
C LEU A 671 -29.91 14.61 4.29
N PHE A 672 -29.97 15.54 5.22
CA PHE A 672 -28.79 16.07 5.88
C PHE A 672 -28.63 15.32 7.19
N GLY A 673 -27.65 14.43 7.24
CA GLY A 673 -27.51 13.54 8.39
C GLY A 673 -26.85 14.25 9.57
N SER A 674 -27.43 14.02 10.76
CA SER A 674 -26.97 14.52 12.06
C SER A 674 -27.12 16.04 12.18
N VAL A 675 -28.00 16.64 11.39
CA VAL A 675 -28.24 18.08 11.40
C VAL A 675 -29.67 18.33 11.88
N ALA A 676 -29.82 19.29 12.81
CA ALA A 676 -31.14 19.73 13.24
C ALA A 676 -31.71 20.74 12.27
N CYS A 677 -33.03 20.65 12.04
CA CYS A 677 -33.68 21.45 11.01
C CYS A 677 -33.75 22.94 11.35
N SER A 678 -33.52 23.32 12.60
CA SER A 678 -33.38 24.73 12.95
C SER A 678 -32.07 25.35 12.46
N HIS A 679 -31.17 24.56 11.89
CA HIS A 679 -29.92 25.04 11.32
C HIS A 679 -29.79 24.74 9.84
N VAL A 680 -30.81 24.16 9.22
CA VAL A 680 -30.76 23.91 7.78
C VAL A 680 -31.37 25.07 7.03
N THR A 681 -32.41 25.67 7.59
CA THR A 681 -33.04 26.84 6.99
C THR A 681 -32.14 28.06 7.05
N THR A 682 -31.21 28.08 8.01
CA THR A 682 -30.24 29.17 8.09
C THR A 682 -29.23 29.11 6.94
N MET A 683 -28.90 27.91 6.49
CA MET A 683 -27.95 27.71 5.40
C MET A 683 -28.62 27.43 4.06
N MET A 684 -29.80 28.01 3.80
CA MET A 684 -30.51 27.70 2.56
C MET A 684 -29.83 28.33 1.34
N SER A 685 -28.95 29.31 1.56
CA SER A 685 -28.15 29.86 0.48
C SER A 685 -26.91 29.00 0.21
N PRO A 701 -42.64 20.28 0.12
CA PRO A 701 -42.83 20.23 1.57
C PRO A 701 -41.61 20.78 2.32
N GLY A 702 -41.81 21.22 3.57
CA GLY A 702 -40.76 21.85 4.34
C GLY A 702 -39.79 20.84 4.92
N PRO A 703 -38.77 21.36 5.61
CA PRO A 703 -37.81 20.47 6.28
C PRO A 703 -38.42 19.69 7.43
N LEU A 704 -38.12 18.40 7.47
CA LEU A 704 -38.71 17.45 8.40
C LEU A 704 -37.63 16.92 9.33
N GLN A 705 -37.89 16.86 10.62
CA GLN A 705 -36.91 16.34 11.55
C GLN A 705 -37.15 14.86 11.78
N THR A 706 -36.14 14.04 11.52
CA THR A 706 -36.16 12.61 11.78
C THR A 706 -35.04 12.25 12.74
N THR A 707 -35.11 11.04 13.28
CA THR A 707 -34.08 10.49 14.16
C THR A 707 -32.73 10.29 13.47
N VAL A 708 -32.64 10.42 12.16
CA VAL A 708 -31.37 10.37 11.45
C VAL A 708 -30.99 11.72 10.83
N GLY A 709 -31.76 12.78 11.09
CA GLY A 709 -31.36 14.08 10.59
C GLY A 709 -32.47 14.91 9.97
N CYS A 710 -32.14 15.86 9.11
CA CYS A 710 -33.14 16.72 8.49
C CYS A 710 -33.45 16.25 7.09
N ALA A 711 -34.71 15.90 6.85
CA ALA A 711 -35.18 15.42 5.55
C ALA A 711 -35.72 16.58 4.74
N MET A 712 -35.38 16.60 3.44
CA MET A 712 -35.91 17.55 2.48
C MET A 712 -36.55 16.78 1.34
N GLY A 713 -37.81 17.11 1.03
CA GLY A 713 -38.52 16.45 -0.04
C GLY A 713 -39.37 15.29 0.44
N PHE A 714 -39.75 15.30 1.70
CA PHE A 714 -40.39 14.16 2.34
C PHE A 714 -41.68 14.61 3.00
N ILE A 715 -42.68 13.74 3.01
CA ILE A 715 -43.91 14.03 3.74
C ILE A 715 -44.13 12.93 4.77
N ASN A 716 -44.60 13.35 5.94
CA ASN A 716 -44.81 12.47 7.07
C ASN A 716 -45.98 11.52 6.83
N SER A 717 -45.88 10.32 7.38
CA SER A 717 -46.93 9.32 7.19
C SER A 717 -47.04 8.46 8.44
N SER A 718 -48.21 7.82 8.59
CA SER A 718 -48.45 6.82 9.61
C SER A 718 -48.29 5.41 9.07
N MET A 719 -47.66 5.28 7.91
CA MET A 719 -47.56 4.01 7.22
C MET A 719 -46.54 3.11 7.89
N VAL A 720 -46.89 1.82 8.02
CA VAL A 720 -46.03 0.81 8.64
C VAL A 720 -45.75 -0.26 7.59
N VAL A 721 -44.51 -0.72 7.53
CA VAL A 721 -44.08 -1.73 6.57
C VAL A 721 -43.25 -2.79 7.29
N ASP A 722 -43.04 -3.91 6.60
CA ASP A 722 -42.25 -5.01 7.15
C ASP A 722 -41.01 -5.30 6.33
N GLU A 723 -40.87 -4.72 5.15
CA GLU A 723 -39.71 -4.90 4.31
C GLU A 723 -39.48 -3.61 3.54
N CYS A 724 -38.21 -3.24 3.35
CA CYS A 724 -37.87 -1.95 2.79
C CYS A 724 -36.79 -2.11 1.75
N GLN A 725 -36.88 -1.33 0.67
CA GLN A 725 -35.82 -1.32 -0.32
C GLN A 725 -35.00 -0.04 -0.33
N LEU A 726 -35.45 1.01 0.37
CA LEU A 726 -34.69 2.25 0.53
C LEU A 726 -34.53 2.58 2.01
N PRO A 727 -33.78 1.78 2.77
CA PRO A 727 -33.71 2.00 4.22
C PRO A 727 -32.89 3.23 4.56
N LEU A 728 -33.31 3.92 5.61
CA LEU A 728 -32.67 5.16 6.02
C LEU A 728 -31.98 5.07 7.37
N GLY A 729 -32.01 3.93 8.03
CA GLY A 729 -31.45 3.81 9.35
C GLY A 729 -32.50 3.99 10.43
N GLN A 730 -32.30 3.29 11.55
CA GLN A 730 -33.12 3.35 12.76
C GLN A 730 -34.59 3.08 12.47
N SER A 731 -34.82 2.04 11.67
CA SER A 731 -36.14 1.53 11.25
C SER A 731 -36.94 2.53 10.43
N LEU A 732 -36.29 3.47 9.75
CA LEU A 732 -36.96 4.40 8.85
C LEU A 732 -36.83 3.92 7.42
N CYS A 733 -37.85 4.16 6.62
CA CYS A 733 -37.94 3.64 5.28
C CYS A 733 -38.53 4.70 4.36
N ALA A 734 -37.86 4.97 3.26
CA ALA A 734 -38.33 5.96 2.29
C ALA A 734 -39.23 5.28 1.28
N ILE A 735 -40.40 5.85 1.06
CA ILE A 735 -41.40 5.29 0.17
C ILE A 735 -41.48 6.20 -1.06
N PRO A 736 -41.29 5.66 -2.26
CA PRO A 736 -41.18 6.50 -3.45
C PRO A 736 -42.54 7.00 -3.90
N PRO A 737 -42.58 8.14 -4.60
CA PRO A 737 -43.85 8.63 -5.14
C PRO A 737 -44.31 7.82 -6.33
N THR A 738 -45.60 7.55 -6.35
CA THR A 738 -46.19 6.76 -7.43
C THR A 738 -46.78 7.66 -8.51
N SER A 751 -48.33 9.05 -2.48
CA SER A 751 -48.58 10.44 -2.80
C SER A 751 -47.63 10.91 -3.92
N ASP A 752 -47.41 12.23 -3.99
CA ASP A 752 -46.63 12.83 -5.07
C ASP A 752 -45.17 13.05 -4.70
N VAL A 753 -44.82 12.97 -3.42
CA VAL A 753 -43.44 13.09 -2.97
C VAL A 753 -43.08 11.83 -2.21
N PHE A 754 -41.88 11.78 -1.66
CA PHE A 754 -41.45 10.65 -0.87
C PHE A 754 -42.10 10.68 0.51
N GLN A 755 -42.35 9.50 1.06
CA GLN A 755 -42.94 9.38 2.39
C GLN A 755 -41.99 8.66 3.34
N ILE A 756 -42.17 8.92 4.64
CA ILE A 756 -41.39 8.26 5.68
C ILE A 756 -42.26 7.23 6.37
N ALA A 757 -41.86 5.97 6.31
CA ALA A 757 -42.55 4.89 6.99
C ALA A 757 -41.61 4.25 8.01
N THR A 758 -42.17 3.44 8.89
CA THR A 758 -41.39 2.73 9.88
C THR A 758 -41.39 1.23 9.59
N LEU A 759 -40.28 0.58 9.94
CA LEU A 759 -40.18 -0.87 9.90
C LEU A 759 -40.60 -1.44 11.24
N ASN A 760 -41.72 -2.14 11.26
CA ASN A 760 -42.26 -2.61 12.54
C ASN A 760 -43.07 -3.87 12.30
N PHE A 761 -42.49 -5.02 12.64
CA PHE A 761 -43.19 -6.29 12.61
C PHE A 761 -42.96 -7.01 13.94
N THR A 762 -43.79 -8.00 14.20
CA THR A 762 -43.68 -8.80 15.41
C THR A 762 -44.24 -10.18 15.14
N SER A 763 -44.24 -11.01 16.18
CA SER A 763 -44.58 -12.43 16.04
C SER A 763 -46.07 -12.60 15.74
N PRO A 764 -46.42 -13.52 14.80
CA PRO A 764 -47.79 -13.59 14.28
C PRO A 764 -48.89 -13.96 15.28
N LEU A 765 -48.79 -15.12 15.94
CA LEU A 765 -49.87 -15.55 16.81
C LEU A 765 -49.33 -16.03 18.14
N THR A 766 -50.06 -15.70 19.21
CA THR A 766 -49.68 -16.06 20.57
C THR A 766 -50.71 -17.07 21.08
N LEU A 767 -50.36 -18.35 21.05
CA LEU A 767 -51.22 -19.37 21.62
C LEU A 767 -51.13 -19.32 23.14
N ALA A 768 -52.27 -19.41 23.80
CA ALA A 768 -52.23 -19.26 25.25
C ALA A 768 -52.43 -20.61 25.93
N PRO A 769 -51.71 -20.85 27.03
CA PRO A 769 -51.90 -22.11 27.77
C PRO A 769 -53.29 -22.18 28.39
N ILE A 770 -53.70 -23.41 28.69
CA ILE A 770 -55.09 -23.65 29.04
C ILE A 770 -55.19 -24.06 30.52
N ASN A 771 -56.39 -23.97 31.08
CA ASN A 771 -56.68 -24.53 32.40
C ASN A 771 -57.47 -25.81 32.17
N SER A 772 -56.75 -26.91 32.00
CA SER A 772 -57.29 -28.26 31.90
C SER A 772 -56.20 -29.19 32.45
N THR A 773 -56.46 -30.49 32.40
CA THR A 773 -55.44 -31.43 32.80
C THR A 773 -54.39 -31.63 31.70
N GLY A 774 -54.75 -31.40 30.45
CA GLY A 774 -53.82 -31.60 29.36
C GLY A 774 -53.09 -30.36 28.91
N PHE A 775 -53.08 -30.12 27.61
CA PHE A 775 -52.56 -28.89 27.03
C PHE A 775 -53.28 -28.66 25.71
N VAL A 776 -53.00 -27.53 25.08
CA VAL A 776 -53.59 -27.19 23.78
C VAL A 776 -52.47 -27.21 22.75
N VAL A 777 -52.75 -27.78 21.59
CA VAL A 777 -51.76 -27.87 20.52
C VAL A 777 -52.42 -27.48 19.20
N ALA A 778 -51.74 -26.65 18.42
CA ALA A 778 -52.19 -26.22 17.09
C ALA A 778 -51.65 -27.19 16.04
N VAL A 779 -52.52 -28.04 15.51
CA VAL A 779 -52.15 -29.11 14.60
C VAL A 779 -52.62 -28.73 13.20
N PRO A 780 -51.80 -28.91 12.16
CA PRO A 780 -52.21 -28.52 10.80
C PRO A 780 -53.37 -29.32 10.26
N THR A 781 -54.15 -28.67 9.39
CA THR A 781 -55.23 -29.30 8.64
C THR A 781 -55.10 -29.09 7.14
N ASN A 782 -54.22 -28.20 6.70
CA ASN A 782 -53.95 -27.96 5.28
C ASN A 782 -52.49 -27.55 5.18
N PHE A 783 -51.89 -27.76 4.01
CA PHE A 783 -50.46 -27.50 3.84
C PHE A 783 -50.18 -27.10 2.40
N THR A 784 -49.00 -26.52 2.19
CA THR A 784 -48.37 -26.39 0.88
C THR A 784 -46.91 -26.82 0.98
N PHE A 785 -46.24 -26.80 -0.17
CA PHE A 785 -44.81 -27.02 -0.25
C PHE A 785 -44.14 -25.70 -0.60
N GLY A 786 -43.06 -25.37 0.12
CA GLY A 786 -42.35 -24.13 -0.09
C GLY A 786 -40.91 -24.42 -0.44
N VAL A 787 -40.28 -23.50 -1.17
CA VAL A 787 -38.91 -23.63 -1.63
C VAL A 787 -38.09 -22.50 -1.05
N THR A 788 -37.00 -22.85 -0.37
CA THR A 788 -35.98 -21.89 0.03
C THR A 788 -34.81 -22.02 -0.94
N GLN A 789 -34.22 -20.90 -1.32
CA GLN A 789 -33.12 -20.90 -2.26
C GLN A 789 -31.85 -20.43 -1.57
N GLU A 790 -30.73 -21.01 -1.97
CA GLU A 790 -29.46 -20.68 -1.33
C GLU A 790 -28.33 -20.74 -2.36
N PHE A 791 -27.37 -19.82 -2.25
CA PHE A 791 -26.20 -19.86 -3.11
C PHE A 791 -24.96 -20.00 -2.26
N ILE A 792 -24.07 -20.93 -2.65
CA ILE A 792 -22.78 -21.06 -2.01
C ILE A 792 -21.70 -20.95 -3.07
N GLU A 793 -20.76 -20.05 -2.84
CA GLU A 793 -19.62 -19.86 -3.73
C GLU A 793 -18.56 -20.94 -3.50
N THR A 794 -17.97 -21.45 -4.58
CA THR A 794 -16.91 -22.42 -4.47
C THR A 794 -15.58 -22.00 -5.09
N THR A 795 -15.56 -20.95 -5.91
CA THR A 795 -14.39 -20.65 -6.72
C THR A 795 -14.39 -19.17 -7.07
N ILE A 796 -13.19 -18.61 -7.31
CA ILE A 796 -13.05 -17.29 -7.93
C ILE A 796 -12.37 -17.45 -9.28
N GLN A 797 -12.29 -16.35 -10.01
CA GLN A 797 -11.63 -16.34 -11.31
C GLN A 797 -10.11 -16.26 -11.16
N LYS A 798 -9.39 -17.13 -11.86
CA LYS A 798 -7.94 -17.29 -11.68
C LYS A 798 -7.18 -16.39 -12.64
N ILE A 799 -6.29 -15.58 -12.09
CA ILE A 799 -5.57 -14.53 -12.82
C ILE A 799 -4.08 -14.75 -12.68
N THR A 800 -3.34 -14.59 -13.77
CA THR A 800 -1.89 -14.42 -13.70
C THR A 800 -1.50 -13.08 -14.30
N VAL A 801 -0.38 -12.52 -13.84
CA VAL A 801 0.12 -11.23 -14.28
C VAL A 801 1.52 -11.39 -14.85
N ASP A 802 1.73 -10.89 -16.06
CA ASP A 802 3.06 -10.65 -16.59
C ASP A 802 3.54 -9.30 -16.05
N CYS A 803 4.43 -9.36 -15.05
CA CYS A 803 4.79 -8.19 -14.26
C CYS A 803 5.61 -7.19 -15.07
N LYS A 804 6.54 -7.68 -15.88
CA LYS A 804 7.40 -6.82 -16.67
C LYS A 804 6.62 -6.06 -17.73
N GLN A 805 5.62 -6.71 -18.32
CA GLN A 805 4.83 -6.03 -19.34
C GLN A 805 3.79 -5.13 -18.73
N TYR A 806 3.32 -5.46 -17.53
CA TYR A 806 2.41 -4.56 -16.82
C TYR A 806 3.12 -3.28 -16.38
N VAL A 807 4.37 -3.39 -15.94
CA VAL A 807 5.05 -2.21 -15.44
C VAL A 807 5.66 -1.40 -16.59
N CYS A 808 6.23 -2.05 -17.61
CA CYS A 808 7.03 -1.29 -18.55
C CYS A 808 6.48 -1.21 -19.97
N ASN A 809 5.44 -1.99 -20.32
CA ASN A 809 4.62 -1.83 -21.54
C ASN A 809 5.41 -1.95 -22.84
N GLY A 810 6.45 -2.77 -22.86
CA GLY A 810 7.40 -2.69 -23.94
C GLY A 810 8.52 -1.79 -23.47
N PHE A 811 9.06 -0.92 -24.32
CA PHE A 811 9.94 0.18 -23.90
C PHE A 811 11.20 -0.24 -23.15
N LYS A 812 12.23 -0.64 -23.90
CA LYS A 812 13.53 -1.07 -23.38
C LYS A 812 14.13 -0.22 -22.26
N LYS A 813 13.94 1.09 -22.28
CA LYS A 813 14.57 1.95 -21.28
C LYS A 813 13.92 1.80 -19.91
N CYS A 814 12.60 1.62 -19.89
CA CYS A 814 11.92 1.22 -18.65
C CYS A 814 12.42 -0.13 -18.16
N GLU A 815 12.62 -1.09 -19.06
CA GLU A 815 13.09 -2.43 -18.67
C GLU A 815 14.52 -2.41 -18.13
N ASP A 816 15.36 -1.55 -18.70
CA ASP A 816 16.70 -1.35 -18.17
C ASP A 816 16.68 -0.71 -16.80
N LEU A 817 15.74 0.21 -16.55
CA LEU A 817 15.57 0.68 -15.19
C LEU A 817 14.95 -0.39 -14.28
N LEU A 818 14.16 -1.29 -14.83
CA LEU A 818 13.38 -2.26 -14.08
C LEU A 818 14.20 -3.46 -13.65
N LYS A 819 15.37 -3.69 -14.28
CA LYS A 819 16.27 -4.78 -13.90
C LYS A 819 16.75 -4.70 -12.45
N GLU A 820 16.66 -3.53 -11.81
CA GLU A 820 16.94 -3.40 -10.38
C GLU A 820 15.80 -3.95 -9.51
N TYR A 821 14.64 -4.26 -10.08
CA TYR A 821 13.48 -4.69 -9.32
C TYR A 821 12.97 -6.07 -9.71
N GLY A 822 13.78 -6.91 -10.36
CA GLY A 822 13.26 -8.15 -10.90
C GLY A 822 12.92 -9.19 -9.85
N GLN A 823 13.57 -9.10 -8.69
CA GLN A 823 13.25 -9.98 -7.58
C GLN A 823 11.87 -9.69 -7.01
N PHE A 824 11.41 -8.45 -7.13
CA PHE A 824 10.07 -8.14 -6.66
C PHE A 824 9.02 -8.53 -7.66
N CYS A 825 9.37 -8.52 -8.96
CA CYS A 825 8.46 -9.03 -9.98
C CYS A 825 8.30 -10.54 -9.89
N SER A 826 9.33 -11.26 -9.43
CA SER A 826 9.23 -12.71 -9.29
C SER A 826 8.26 -13.14 -8.18
N LYS A 827 8.28 -12.43 -7.04
CA LYS A 827 7.49 -12.81 -5.89
C LYS A 827 5.98 -12.74 -6.16
N ILE A 828 5.58 -11.79 -7.00
CA ILE A 828 4.19 -11.64 -7.42
C ILE A 828 3.71 -12.86 -8.19
N ASN A 829 4.52 -13.32 -9.16
CA ASN A 829 4.16 -14.46 -9.98
C ASN A 829 4.10 -15.73 -9.15
N GLN A 830 5.02 -15.87 -8.21
CA GLN A 830 5.05 -17.07 -7.37
C GLN A 830 3.85 -17.13 -6.41
N ALA A 831 3.46 -15.98 -5.85
CA ALA A 831 2.28 -15.93 -4.97
C ALA A 831 1.00 -16.26 -5.71
N LEU A 832 0.83 -15.73 -6.93
CA LEU A 832 -0.37 -16.05 -7.70
C LEU A 832 -0.40 -17.51 -8.15
N HIS A 833 0.76 -18.05 -8.56
CA HIS A 833 0.88 -19.47 -8.87
C HIS A 833 0.41 -20.35 -7.72
N GLY A 834 0.86 -20.03 -6.49
CA GLY A 834 0.46 -20.82 -5.34
C GLY A 834 -1.03 -20.74 -5.03
N ALA A 835 -1.63 -19.57 -5.18
CA ALA A 835 -3.06 -19.43 -4.90
C ALA A 835 -3.90 -20.21 -5.92
N ASN A 836 -3.55 -20.15 -7.20
CA ASN A 836 -4.30 -20.87 -8.21
C ASN A 836 -4.17 -22.38 -8.05
N LEU A 837 -2.99 -22.85 -7.66
CA LEU A 837 -2.78 -24.28 -7.41
C LEU A 837 -3.60 -24.79 -6.23
N ARG A 838 -3.71 -23.98 -5.16
CA ARG A 838 -4.51 -24.37 -4.01
C ARG A 838 -6.00 -24.42 -4.34
N GLN A 839 -6.48 -23.50 -5.18
CA GLN A 839 -7.87 -23.55 -5.63
C GLN A 839 -8.15 -24.80 -6.48
N ASP A 840 -7.19 -25.20 -7.34
CA ASP A 840 -7.40 -26.41 -8.14
C ASP A 840 -7.50 -27.66 -7.29
N GLU A 841 -6.66 -27.75 -6.25
CA GLU A 841 -6.73 -28.87 -5.31
C GLU A 841 -8.05 -28.91 -4.56
N SER A 842 -8.55 -27.74 -4.11
CA SER A 842 -9.83 -27.68 -3.43
C SER A 842 -10.99 -28.13 -4.31
N ILE A 843 -11.00 -27.74 -5.59
CA ILE A 843 -12.11 -28.10 -6.47
C ILE A 843 -12.06 -29.57 -6.86
N ALA A 844 -10.86 -30.14 -7.05
CA ALA A 844 -10.76 -31.57 -7.29
C ALA A 844 -11.20 -32.39 -6.08
N ASN A 845 -10.96 -31.89 -4.87
CA ASN A 845 -11.45 -32.59 -3.69
C ASN A 845 -12.97 -32.50 -3.56
N LEU A 846 -13.57 -31.38 -3.99
CA LEU A 846 -15.02 -31.31 -4.03
C LEU A 846 -15.63 -32.30 -5.03
N PHE A 847 -15.04 -32.42 -6.22
CA PHE A 847 -15.56 -33.34 -7.23
C PHE A 847 -15.20 -34.80 -6.97
N SER A 848 -14.37 -35.09 -5.96
CA SER A 848 -13.95 -36.45 -5.64
C SER A 848 -15.09 -37.45 -5.43
N SER A 849 -16.24 -37.02 -4.92
CA SER A 849 -17.31 -37.92 -4.53
C SER A 849 -18.05 -38.58 -5.69
N ILE A 850 -17.79 -38.21 -6.94
CA ILE A 850 -18.47 -38.83 -8.07
C ILE A 850 -18.05 -40.28 -8.23
N LYS A 851 -16.77 -40.56 -8.00
CA LYS A 851 -16.17 -41.85 -8.34
C LYS A 851 -16.59 -42.99 -7.43
N THR A 852 -17.42 -42.74 -6.42
CA THR A 852 -17.70 -43.75 -5.41
C THR A 852 -19.14 -43.79 -4.94
N GLN A 853 -20.05 -43.01 -5.54
CA GLN A 853 -21.30 -42.72 -4.85
C GLN A 853 -22.29 -43.87 -4.68
N ASN A 854 -23.22 -44.00 -5.63
CA ASN A 854 -24.05 -45.11 -6.10
C ASN A 854 -25.15 -44.36 -6.83
N THR A 855 -25.86 -44.97 -7.77
CA THR A 855 -26.85 -44.16 -8.47
C THR A 855 -28.00 -45.03 -8.92
N GLN A 856 -29.18 -44.43 -8.93
CA GLN A 856 -30.38 -45.04 -9.45
C GLN A 856 -30.81 -44.24 -10.67
N PRO A 857 -31.17 -44.89 -11.77
CA PRO A 857 -31.59 -44.16 -12.96
C PRO A 857 -33.01 -43.64 -12.84
N LEU A 858 -33.17 -42.35 -13.14
CA LEU A 858 -34.44 -41.66 -13.04
C LEU A 858 -35.16 -41.68 -14.38
N GLN A 859 -36.49 -41.65 -14.33
CA GLN A 859 -37.28 -41.58 -15.54
C GLN A 859 -37.27 -40.18 -16.12
N ALA A 860 -37.37 -40.09 -17.44
CA ALA A 860 -37.51 -38.80 -18.11
C ALA A 860 -38.95 -38.34 -18.05
N GLY A 861 -39.16 -37.14 -17.55
CA GLY A 861 -40.50 -36.62 -17.37
C GLY A 861 -40.98 -36.82 -15.94
N LEU A 862 -42.06 -37.59 -15.78
CA LEU A 862 -42.63 -37.78 -14.47
C LEU A 862 -42.34 -39.16 -13.90
N ASN A 863 -42.19 -39.20 -12.58
CA ASN A 863 -41.73 -40.35 -11.82
C ASN A 863 -42.83 -40.67 -10.83
N GLY A 864 -43.65 -41.66 -11.15
CA GLY A 864 -44.92 -41.77 -10.48
C GLY A 864 -45.80 -40.65 -10.97
N ASP A 865 -46.08 -39.68 -10.09
CA ASP A 865 -46.81 -38.48 -10.46
C ASP A 865 -46.01 -37.21 -10.22
N PHE A 866 -44.78 -37.34 -9.75
CA PHE A 866 -43.90 -36.20 -9.49
C PHE A 866 -43.20 -35.82 -10.78
N ASN A 867 -43.31 -34.57 -11.16
CA ASN A 867 -42.77 -34.08 -12.43
C ASN A 867 -41.44 -33.40 -12.17
N LEU A 868 -40.37 -33.94 -12.75
CA LEU A 868 -39.00 -33.51 -12.45
C LEU A 868 -38.32 -32.87 -13.64
N THR A 869 -39.12 -32.39 -14.60
CA THR A 869 -38.64 -31.92 -15.91
C THR A 869 -37.71 -30.71 -15.79
N MET A 870 -37.93 -29.84 -14.82
CA MET A 870 -37.13 -28.64 -14.65
C MET A 870 -35.68 -28.95 -14.30
N LEU A 871 -35.44 -30.06 -13.61
CA LEU A 871 -34.12 -30.41 -13.08
C LEU A 871 -33.34 -31.34 -14.00
N GLN A 872 -33.94 -31.80 -15.08
CA GLN A 872 -33.31 -32.75 -15.99
C GLN A 872 -32.82 -32.05 -17.24
N ILE A 873 -31.76 -32.59 -17.82
CA ILE A 873 -31.19 -32.05 -19.05
C ILE A 873 -32.10 -32.45 -20.21
N PRO A 874 -32.50 -31.51 -21.07
CA PRO A 874 -33.39 -31.86 -22.19
C PRO A 874 -32.69 -32.73 -23.22
N GLN A 875 -33.21 -33.93 -23.41
CA GLN A 875 -32.81 -34.83 -24.49
C GLN A 875 -33.33 -34.21 -25.78
N VAL A 876 -32.41 -33.78 -26.63
CA VAL A 876 -32.76 -33.13 -27.88
C VAL A 876 -32.32 -34.02 -29.04
N THR A 877 -33.15 -34.06 -30.08
CA THR A 877 -32.85 -34.85 -31.27
C THR A 877 -32.00 -34.08 -32.27
N THR A 878 -31.69 -32.82 -31.99
CA THR A 878 -30.94 -31.95 -32.89
C THR A 878 -29.44 -32.26 -32.78
N GLY A 879 -28.61 -31.39 -33.36
CA GLY A 879 -27.19 -31.68 -33.45
C GLY A 879 -26.35 -31.11 -32.33
N GLU A 880 -26.99 -30.62 -31.28
CA GLU A 880 -26.30 -30.00 -30.15
C GLU A 880 -26.38 -30.93 -28.94
N ARG A 881 -25.30 -30.97 -28.17
CA ARG A 881 -25.28 -31.73 -26.93
C ARG A 881 -25.44 -30.75 -25.77
N LYS A 882 -26.67 -30.66 -25.27
CA LYS A 882 -26.98 -29.79 -24.15
C LYS A 882 -26.46 -30.40 -22.86
N TYR A 883 -25.90 -29.56 -21.99
CA TYR A 883 -25.43 -30.00 -20.68
C TYR A 883 -26.07 -29.28 -19.52
N ARG A 884 -27.01 -28.39 -19.76
CA ARG A 884 -27.69 -27.71 -18.68
C ARG A 884 -29.11 -28.24 -18.55
N SER A 885 -29.61 -28.20 -17.32
CA SER A 885 -31.03 -28.42 -17.11
C SER A 885 -31.79 -27.14 -17.44
N THR A 886 -33.11 -27.23 -17.47
CA THR A 886 -33.95 -26.08 -17.82
C THR A 886 -33.83 -24.95 -16.80
N ILE A 887 -33.82 -25.29 -15.51
CA ILE A 887 -33.75 -24.25 -14.49
C ILE A 887 -32.35 -23.64 -14.46
N GLU A 888 -31.33 -24.38 -14.88
CA GLU A 888 -29.99 -23.82 -15.02
C GLU A 888 -29.90 -22.82 -16.15
N ASP A 889 -30.55 -23.11 -17.28
CA ASP A 889 -30.59 -22.15 -18.39
C ASP A 889 -31.35 -20.90 -18.02
N LEU A 890 -32.42 -21.05 -17.23
CA LEU A 890 -33.13 -19.89 -16.70
C LEU A 890 -32.27 -19.05 -15.76
N LEU A 891 -31.45 -19.69 -14.93
CA LEU A 891 -30.58 -18.94 -14.02
C LEU A 891 -29.44 -18.28 -14.78
N PHE A 892 -28.89 -18.96 -15.80
CA PHE A 892 -27.75 -18.41 -16.51
C PHE A 892 -28.15 -17.30 -17.47
N ASN A 893 -29.40 -17.29 -17.94
CA ASN A 893 -29.83 -16.19 -18.79
C ASN A 893 -30.13 -14.91 -18.03
N LYS A 894 -30.07 -14.92 -16.70
CA LYS A 894 -30.33 -13.72 -15.91
C LYS A 894 -29.07 -13.07 -15.36
N VAL A 895 -27.89 -13.61 -15.66
CA VAL A 895 -26.63 -13.01 -15.23
C VAL A 895 -25.82 -12.69 -16.49
N THR A 896 -25.01 -11.64 -16.41
CA THR A 896 -24.17 -11.20 -17.51
C THR A 896 -22.72 -11.46 -17.14
N ILE A 897 -22.05 -12.33 -17.89
CA ILE A 897 -20.66 -12.69 -17.64
C ILE A 897 -19.87 -12.47 -18.92
N ALA A 898 -18.75 -11.76 -18.81
CA ALA A 898 -17.84 -11.58 -19.95
C ALA A 898 -17.13 -12.89 -20.31
N ASP A 899 -17.11 -13.18 -21.60
CA ASP A 899 -16.51 -14.40 -22.14
C ASP A 899 -14.99 -14.26 -22.25
N PRO A 900 -14.20 -15.08 -21.54
CA PRO A 900 -12.74 -14.92 -21.60
C PRO A 900 -12.09 -15.46 -22.87
N GLY A 901 -12.75 -16.35 -23.60
CA GLY A 901 -12.21 -16.87 -24.85
C GLY A 901 -10.99 -17.75 -24.69
N TYR A 902 -11.17 -18.95 -24.12
CA TYR A 902 -10.03 -19.78 -23.76
C TYR A 902 -9.32 -20.38 -24.97
N MET A 903 -10.03 -20.57 -26.07
CA MET A 903 -9.43 -21.29 -27.20
C MET A 903 -8.81 -20.36 -28.22
N GLN A 904 -9.51 -19.29 -28.61
CA GLN A 904 -8.97 -18.39 -29.64
C GLN A 904 -9.29 -16.93 -29.35
N GLY A 905 -9.27 -16.52 -28.09
CA GLY A 905 -9.67 -15.16 -27.73
C GLY A 905 -8.73 -14.06 -28.19
N TYR A 906 -7.44 -14.39 -28.36
CA TYR A 906 -6.47 -13.43 -28.87
C TYR A 906 -6.77 -13.07 -30.32
N ASP A 907 -7.03 -14.06 -31.16
CA ASP A 907 -7.33 -13.79 -32.56
C ASP A 907 -8.68 -13.10 -32.74
N GLU A 908 -9.62 -13.32 -31.82
CA GLU A 908 -10.89 -12.62 -31.91
C GLU A 908 -10.79 -11.20 -31.39
N CYS A 909 -9.91 -10.93 -30.44
CA CYS A 909 -9.64 -9.54 -30.06
C CYS A 909 -8.81 -8.80 -31.09
N MET A 910 -8.11 -9.51 -31.99
CA MET A 910 -7.37 -8.81 -33.04
C MET A 910 -8.26 -8.23 -34.13
N GLN A 911 -9.53 -8.60 -34.21
CA GLN A 911 -10.42 -8.18 -35.29
C GLN A 911 -11.69 -7.54 -34.71
N GLN A 912 -11.50 -6.55 -33.85
CA GLN A 912 -12.59 -6.04 -33.03
C GLN A 912 -13.53 -5.11 -33.81
N GLY A 913 -13.04 -3.95 -34.23
CA GLY A 913 -13.91 -2.90 -34.70
C GLY A 913 -14.77 -2.35 -33.56
N PRO A 914 -16.08 -2.61 -33.63
CA PRO A 914 -16.98 -2.32 -32.49
C PRO A 914 -16.81 -3.35 -31.37
N GLN A 915 -15.86 -3.07 -30.46
CA GLN A 915 -15.40 -4.05 -29.47
C GLN A 915 -16.50 -4.58 -28.56
N SER A 916 -17.53 -3.77 -28.29
CA SER A 916 -18.62 -4.19 -27.41
C SER A 916 -19.77 -4.78 -28.21
N ALA A 917 -19.44 -5.81 -29.00
CA ALA A 917 -20.44 -6.62 -29.71
C ALA A 917 -20.63 -7.97 -29.04
N ARG A 918 -19.54 -8.68 -28.78
CA ARG A 918 -19.53 -9.81 -27.88
C ARG A 918 -18.64 -9.46 -26.69
N ASP A 919 -19.08 -9.85 -25.50
CA ASP A 919 -18.41 -9.45 -24.26
C ASP A 919 -17.13 -10.26 -24.08
N LEU A 920 -16.06 -9.76 -24.68
CA LEU A 920 -14.74 -10.35 -24.53
C LEU A 920 -13.93 -9.56 -23.52
N ILE A 921 -12.80 -10.14 -23.11
CA ILE A 921 -11.87 -9.43 -22.22
C ILE A 921 -10.58 -9.24 -23.02
N CYS A 922 -10.50 -8.10 -23.71
CA CYS A 922 -9.34 -7.82 -24.54
C CYS A 922 -8.25 -7.07 -23.79
N ALA A 923 -8.60 -6.44 -22.68
CA ALA A 923 -7.68 -5.82 -21.73
C ALA A 923 -6.63 -6.79 -21.21
N GLN A 924 -6.88 -8.10 -21.25
CA GLN A 924 -5.85 -9.11 -21.03
C GLN A 924 -4.60 -8.84 -21.85
N TYR A 925 -4.75 -8.76 -23.16
CA TYR A 925 -3.58 -8.79 -24.02
C TYR A 925 -2.87 -7.45 -24.10
N VAL A 926 -3.55 -6.36 -23.76
CA VAL A 926 -2.91 -5.06 -23.66
C VAL A 926 -2.23 -4.87 -22.32
N ALA A 927 -2.97 -5.01 -21.22
CA ALA A 927 -2.43 -4.67 -19.92
C ALA A 927 -1.44 -5.70 -19.40
N GLY A 928 -1.59 -6.96 -19.79
CA GLY A 928 -0.61 -7.96 -19.42
C GLY A 928 -1.04 -8.96 -18.36
N TYR A 929 -2.32 -9.23 -18.24
CA TYR A 929 -2.80 -10.28 -17.35
C TYR A 929 -3.50 -11.35 -18.17
N LYS A 930 -3.77 -12.48 -17.54
CA LYS A 930 -4.34 -13.64 -18.19
C LYS A 930 -5.40 -14.24 -17.28
N VAL A 931 -6.57 -14.55 -17.86
CA VAL A 931 -7.58 -15.33 -17.15
C VAL A 931 -7.38 -16.80 -17.46
N LEU A 932 -7.16 -17.62 -16.41
CA LEU A 932 -6.92 -19.05 -16.50
C LEU A 932 -8.25 -19.81 -16.52
N PRO A 933 -8.35 -20.84 -17.37
CA PRO A 933 -9.61 -21.58 -17.46
C PRO A 933 -9.81 -22.45 -16.24
N PRO A 934 -11.07 -22.76 -15.90
CA PRO A 934 -11.32 -23.66 -14.78
C PRO A 934 -10.87 -25.09 -15.05
N LEU A 935 -10.76 -25.84 -13.96
CA LEU A 935 -10.25 -27.20 -13.98
C LEU A 935 -11.12 -28.15 -14.79
N TYR A 936 -12.44 -28.04 -14.70
CA TYR A 936 -13.35 -28.93 -15.40
C TYR A 936 -14.10 -28.19 -16.49
N ASP A 937 -14.54 -28.93 -17.48
CA ASP A 937 -15.36 -28.43 -18.58
C ASP A 937 -16.83 -28.61 -18.24
N PRO A 938 -17.77 -27.99 -18.99
CA PRO A 938 -19.20 -28.12 -18.66
C PRO A 938 -19.77 -29.53 -18.62
N TYR A 939 -19.25 -30.47 -19.41
CA TYR A 939 -19.66 -31.86 -19.34
C TYR A 939 -19.45 -32.45 -17.95
N MET A 940 -18.30 -32.21 -17.34
CA MET A 940 -17.99 -32.78 -16.04
C MET A 940 -18.84 -32.18 -14.92
N GLU A 941 -19.12 -30.88 -14.99
CA GLU A 941 -20.01 -30.23 -14.03
C GLU A 941 -21.44 -30.76 -14.14
N ALA A 942 -21.90 -30.99 -15.38
CA ALA A 942 -23.19 -31.63 -15.60
C ALA A 942 -23.22 -33.06 -15.04
N ALA A 943 -22.11 -33.78 -15.15
CA ALA A 943 -22.03 -35.12 -14.58
C ALA A 943 -22.08 -35.10 -13.06
N TYR A 944 -21.46 -34.09 -12.44
CA TYR A 944 -21.53 -33.94 -10.99
C TYR A 944 -22.96 -33.68 -10.51
N THR A 945 -23.70 -32.80 -11.19
CA THR A 945 -25.04 -32.54 -10.68
C THR A 945 -26.02 -33.65 -11.03
N SER A 946 -25.78 -34.41 -12.10
CA SER A 946 -26.57 -35.62 -12.31
C SER A 946 -26.28 -36.71 -11.30
N SER A 947 -25.03 -36.80 -10.83
CA SER A 947 -24.70 -37.71 -9.73
C SER A 947 -25.48 -37.33 -8.46
N LEU A 948 -25.50 -36.04 -8.14
CA LEU A 948 -26.29 -35.54 -7.02
C LEU A 948 -27.77 -35.82 -7.17
N LEU A 949 -28.31 -35.69 -8.38
CA LEU A 949 -29.73 -35.93 -8.58
C LEU A 949 -30.07 -37.41 -8.50
N GLY A 950 -29.20 -38.28 -8.97
CA GLY A 950 -29.49 -39.69 -8.89
C GLY A 950 -29.19 -40.35 -7.57
N SER A 951 -28.53 -39.64 -6.65
CA SER A 951 -28.29 -40.18 -5.32
C SER A 951 -29.41 -39.86 -4.32
N ILE A 952 -30.56 -39.39 -4.77
CA ILE A 952 -31.60 -38.93 -3.84
C ILE A 952 -32.52 -40.06 -3.41
N ALA A 953 -33.01 -40.87 -4.34
CA ALA A 953 -33.88 -41.99 -3.97
C ALA A 953 -33.04 -43.15 -3.43
N GLY A 954 -33.52 -43.76 -2.35
CA GLY A 954 -32.80 -44.84 -1.71
C GLY A 954 -31.61 -44.37 -0.92
N ALA A 955 -30.41 -44.83 -1.31
CA ALA A 955 -29.11 -44.33 -0.85
C ALA A 955 -28.94 -44.48 0.66
N SER A 956 -28.73 -45.74 1.07
CA SER A 956 -28.56 -46.16 2.47
C SER A 956 -29.82 -45.86 3.28
N TRP A 957 -30.83 -46.65 2.96
CA TRP A 957 -32.18 -46.63 3.53
C TRP A 957 -32.24 -46.76 5.06
N THR A 958 -31.15 -47.19 5.71
CA THR A 958 -31.18 -47.77 7.05
C THR A 958 -30.03 -47.19 7.86
N ALA A 959 -29.61 -47.94 8.89
CA ALA A 959 -28.69 -47.47 9.93
C ALA A 959 -27.37 -46.94 9.38
N GLY A 960 -26.59 -47.80 8.75
CA GLY A 960 -25.26 -47.41 8.33
C GLY A 960 -25.25 -46.61 7.04
N LEU A 961 -24.21 -46.84 6.24
CA LEU A 961 -24.07 -46.24 4.91
C LEU A 961 -23.59 -47.24 3.88
N SER A 962 -23.67 -48.54 4.18
CA SER A 962 -23.01 -49.56 3.39
C SER A 962 -23.92 -50.21 2.37
N SER A 963 -25.21 -50.29 2.63
CA SER A 963 -26.15 -50.87 1.69
C SER A 963 -26.73 -49.77 0.81
N PHE A 964 -27.22 -50.18 -0.35
CA PHE A 964 -27.84 -49.26 -1.30
C PHE A 964 -29.13 -49.89 -1.79
N ALA A 965 -30.26 -49.33 -1.39
CA ALA A 965 -31.58 -49.83 -1.74
C ALA A 965 -32.14 -49.04 -2.92
N ALA A 966 -32.65 -49.76 -3.91
CA ALA A 966 -33.17 -49.14 -5.13
C ALA A 966 -34.69 -49.01 -5.07
N ILE A 967 -35.15 -48.11 -4.23
CA ILE A 967 -36.58 -47.82 -4.13
C ILE A 967 -36.85 -46.58 -4.99
N PRO A 968 -37.96 -46.53 -5.72
CA PRO A 968 -38.20 -45.42 -6.65
C PRO A 968 -38.49 -44.12 -5.91
N PHE A 969 -38.57 -43.04 -6.71
CA PHE A 969 -38.56 -41.67 -6.19
C PHE A 969 -39.82 -41.37 -5.37
N ALA A 970 -40.99 -41.79 -5.85
CA ALA A 970 -42.24 -41.47 -5.18
C ALA A 970 -42.34 -42.14 -3.82
N GLN A 971 -41.94 -43.41 -3.72
CA GLN A 971 -41.91 -44.10 -2.44
C GLN A 971 -40.94 -43.47 -1.47
N SER A 972 -39.82 -42.94 -1.98
CA SER A 972 -38.85 -42.25 -1.15
C SER A 972 -39.43 -40.97 -0.57
N ILE A 973 -40.18 -40.21 -1.39
CA ILE A 973 -40.84 -38.98 -0.94
C ILE A 973 -41.88 -39.30 0.13
N PHE A 974 -42.69 -40.33 -0.10
CA PHE A 974 -43.73 -40.69 0.86
C PHE A 974 -43.17 -41.20 2.18
N TYR A 975 -42.01 -41.87 2.16
CA TYR A 975 -41.36 -42.23 3.42
C TYR A 975 -40.75 -41.03 4.13
N ARG A 976 -40.21 -40.06 3.39
CA ARG A 976 -39.74 -38.83 4.02
C ARG A 976 -40.88 -38.04 4.65
N LEU A 977 -42.07 -38.08 4.05
CA LEU A 977 -43.22 -37.40 4.62
C LEU A 977 -43.79 -38.16 5.81
N ASN A 978 -43.74 -39.49 5.76
CA ASN A 978 -44.16 -40.30 6.89
C ASN A 978 -43.25 -40.12 8.08
N GLY A 979 -41.97 -39.84 7.86
CA GLY A 979 -41.10 -39.65 8.98
C GLY A 979 -41.20 -38.33 9.71
N VAL A 980 -41.94 -37.36 9.19
CA VAL A 980 -42.07 -36.05 9.82
C VAL A 980 -43.44 -35.85 10.46
N GLY A 981 -44.28 -36.87 10.50
CA GLY A 981 -45.49 -36.76 11.29
C GLY A 981 -46.79 -36.98 10.56
N ILE A 982 -46.73 -37.52 9.34
CA ILE A 982 -47.91 -37.73 8.53
C ILE A 982 -48.13 -39.23 8.39
N THR A 983 -49.29 -39.71 8.82
CA THR A 983 -49.48 -41.15 8.91
C THR A 983 -49.85 -41.74 7.56
N GLN A 984 -49.84 -43.08 7.49
CA GLN A 984 -50.05 -43.79 6.24
C GLN A 984 -51.49 -43.67 5.74
N GLN A 985 -52.44 -43.46 6.63
CA GLN A 985 -53.82 -43.21 6.21
C GLN A 985 -53.93 -41.88 5.48
N VAL A 986 -53.30 -40.84 6.02
CA VAL A 986 -53.29 -39.53 5.38
C VAL A 986 -52.57 -39.58 4.04
N LEU A 987 -51.48 -40.35 3.97
CA LEU A 987 -50.72 -40.42 2.74
C LEU A 987 -51.43 -41.25 1.69
N SER A 988 -52.21 -42.24 2.10
CA SER A 988 -52.99 -43.01 1.13
C SER A 988 -54.19 -42.22 0.61
N GLU A 989 -54.83 -41.42 1.47
CA GLU A 989 -56.02 -40.70 1.03
C GLU A 989 -55.70 -39.44 0.22
N ASN A 990 -54.47 -38.95 0.26
CA ASN A 990 -54.10 -37.67 -0.33
C ASN A 990 -52.92 -37.80 -1.30
N GLN A 991 -52.90 -38.85 -2.12
CA GLN A 991 -51.73 -39.11 -2.96
C GLN A 991 -51.61 -38.11 -4.11
N LYS A 992 -52.68 -37.93 -4.87
CA LYS A 992 -52.66 -37.05 -6.02
C LYS A 992 -52.59 -35.59 -5.60
N ILE A 993 -53.15 -35.25 -4.44
CA ILE A 993 -53.10 -33.88 -3.94
C ILE A 993 -51.68 -33.50 -3.55
N ILE A 994 -50.94 -34.41 -2.91
CA ILE A 994 -49.54 -34.18 -2.56
C ILE A 994 -48.69 -34.05 -3.81
N ALA A 995 -48.93 -34.91 -4.81
CA ALA A 995 -48.18 -34.83 -6.06
C ALA A 995 -48.46 -33.53 -6.82
N ASN A 996 -49.72 -33.07 -6.83
CA ASN A 996 -50.04 -31.81 -7.50
C ASN A 996 -49.44 -30.61 -6.80
N LYS A 997 -49.44 -30.60 -5.46
CA LYS A 997 -48.80 -29.51 -4.73
C LYS A 997 -47.30 -29.49 -4.93
N PHE A 998 -46.67 -30.67 -5.04
CA PHE A 998 -45.24 -30.74 -5.32
C PHE A 998 -44.90 -30.20 -6.70
N ASN A 999 -45.66 -30.62 -7.73
CA ASN A 999 -45.44 -30.13 -9.08
C ASN A 999 -45.69 -28.63 -9.19
N GLN A 1000 -46.66 -28.13 -8.44
CA GLN A 1000 -46.94 -26.70 -8.41
C GLN A 1000 -45.83 -25.91 -7.72
N ALA A 1001 -45.19 -26.48 -6.69
CA ALA A 1001 -44.07 -25.77 -6.08
C ALA A 1001 -42.82 -25.82 -6.96
N LEU A 1002 -42.61 -26.93 -7.66
CA LEU A 1002 -41.46 -27.03 -8.55
C LEU A 1002 -41.60 -26.17 -9.79
N GLY A 1003 -42.82 -25.93 -10.26
CA GLY A 1003 -43.03 -25.08 -11.40
C GLY A 1003 -42.79 -23.60 -11.18
N ALA A 1004 -42.63 -23.17 -9.95
CA ALA A 1004 -42.53 -21.74 -9.63
C ALA A 1004 -41.18 -21.35 -9.04
N MET A 1005 -40.09 -21.95 -9.51
CA MET A 1005 -38.80 -21.67 -8.90
C MET A 1005 -38.09 -20.51 -9.59
N GLN A 1006 -38.40 -20.24 -10.85
CA GLN A 1006 -37.80 -19.12 -11.56
C GLN A 1006 -38.28 -17.77 -11.05
N THR A 1007 -39.33 -17.74 -10.23
CA THR A 1007 -39.77 -16.53 -9.57
C THR A 1007 -38.72 -16.00 -8.60
N GLY A 1008 -37.88 -16.87 -8.05
CA GLY A 1008 -36.86 -16.46 -7.12
C GLY A 1008 -35.66 -15.78 -7.75
N PHE A 1009 -35.60 -15.71 -9.08
CA PHE A 1009 -34.47 -15.12 -9.79
C PHE A 1009 -34.63 -13.61 -9.96
N THR A 1010 -34.91 -12.91 -8.87
CA THR A 1010 -35.08 -11.46 -8.86
C THR A 1010 -34.22 -10.87 -7.76
N THR A 1011 -34.01 -9.56 -7.82
CA THR A 1011 -33.08 -8.88 -6.93
C THR A 1011 -33.68 -8.59 -5.56
N THR A 1012 -34.90 -9.02 -5.29
CA THR A 1012 -35.41 -9.00 -3.93
C THR A 1012 -34.95 -10.22 -3.14
N ASN A 1013 -34.57 -11.29 -3.84
CA ASN A 1013 -34.15 -12.54 -3.22
C ASN A 1013 -32.66 -12.51 -2.89
N LEU A 1014 -32.32 -12.98 -1.69
CA LEU A 1014 -30.96 -12.87 -1.18
C LEU A 1014 -29.97 -13.74 -1.94
N ALA A 1015 -30.39 -14.94 -2.36
CA ALA A 1015 -29.49 -15.86 -3.05
C ALA A 1015 -29.10 -15.34 -4.45
N PHE A 1016 -30.07 -14.78 -5.18
CA PHE A 1016 -29.80 -14.18 -6.47
C PHE A 1016 -28.86 -12.97 -6.36
N ASN A 1017 -29.02 -12.20 -5.29
CA ASN A 1017 -28.10 -11.09 -5.05
C ASN A 1017 -26.71 -11.57 -4.71
N LYS A 1018 -26.58 -12.74 -4.08
CA LYS A 1018 -25.25 -13.27 -3.83
C LYS A 1018 -24.58 -13.79 -5.11
N VAL A 1019 -25.35 -14.35 -6.04
CA VAL A 1019 -24.80 -14.76 -7.33
C VAL A 1019 -24.27 -13.54 -8.11
N GLN A 1020 -25.07 -12.47 -8.15
CA GLN A 1020 -24.64 -11.25 -8.83
C GLN A 1020 -23.47 -10.57 -8.12
N ASP A 1021 -23.46 -10.62 -6.78
CA ASP A 1021 -22.33 -10.11 -6.00
C ASP A 1021 -21.02 -10.80 -6.35
N ALA A 1022 -21.06 -12.13 -6.56
CA ALA A 1022 -19.85 -12.86 -6.92
C ALA A 1022 -19.33 -12.48 -8.31
N VAL A 1023 -20.25 -12.38 -9.28
CA VAL A 1023 -19.89 -11.96 -10.63
C VAL A 1023 -19.27 -10.55 -10.63
N ASN A 1024 -19.81 -9.66 -9.80
CA ASN A 1024 -19.29 -8.31 -9.73
C ASN A 1024 -17.93 -8.23 -9.04
N ALA A 1025 -17.67 -9.07 -8.04
CA ALA A 1025 -16.35 -9.05 -7.42
C ALA A 1025 -15.25 -9.50 -8.39
N ASN A 1026 -15.56 -10.52 -9.22
CA ASN A 1026 -14.64 -10.91 -10.28
C ASN A 1026 -14.42 -9.77 -11.28
N ALA A 1027 -15.49 -9.07 -11.69
CA ALA A 1027 -15.31 -7.97 -12.65
C ALA A 1027 -14.56 -6.79 -12.04
N MET A 1028 -14.76 -6.54 -10.75
CA MET A 1028 -14.17 -5.40 -10.08
C MET A 1028 -12.65 -5.54 -9.95
N ALA A 1029 -12.17 -6.77 -9.74
CA ALA A 1029 -10.72 -6.98 -9.68
C ALA A 1029 -10.02 -6.62 -10.99
N LEU A 1030 -10.64 -6.96 -12.13
CA LEU A 1030 -10.03 -6.67 -13.42
C LEU A 1030 -10.13 -5.19 -13.78
N SER A 1031 -11.26 -4.54 -13.43
CA SER A 1031 -11.38 -3.10 -13.65
C SER A 1031 -10.34 -2.32 -12.85
N LYS A 1032 -10.17 -2.68 -11.58
CA LYS A 1032 -9.19 -1.99 -10.75
C LYS A 1032 -7.75 -2.26 -11.22
N LEU A 1033 -7.49 -3.44 -11.79
CA LEU A 1033 -6.18 -3.67 -12.41
C LEU A 1033 -5.95 -2.75 -13.60
N ALA A 1034 -6.87 -2.72 -14.56
CA ALA A 1034 -6.71 -1.93 -15.77
C ALA A 1034 -6.67 -0.43 -15.53
N ALA A 1035 -7.37 0.08 -14.52
CA ALA A 1035 -7.42 1.52 -14.27
C ALA A 1035 -6.14 2.10 -13.68
N GLU A 1036 -5.36 1.31 -12.96
CA GLU A 1036 -4.12 1.83 -12.36
C GLU A 1036 -3.02 2.11 -13.37
N LEU A 1037 -3.18 1.72 -14.63
CA LEU A 1037 -2.27 2.11 -15.69
C LEU A 1037 -2.52 3.53 -16.21
N SER A 1038 -3.48 4.26 -15.66
CA SER A 1038 -3.70 5.66 -16.00
C SER A 1038 -3.38 6.58 -14.83
N ASN A 1039 -2.87 6.04 -13.73
CA ASN A 1039 -2.36 6.85 -12.64
C ASN A 1039 -1.03 7.47 -13.07
N THR A 1040 -0.89 8.80 -12.91
CA THR A 1040 0.39 9.41 -13.21
C THR A 1040 1.35 9.29 -12.04
N PHE A 1041 0.84 9.07 -10.82
CA PHE A 1041 1.59 8.96 -9.57
C PHE A 1041 2.45 10.20 -9.29
N GLY A 1042 2.10 11.35 -9.87
CA GLY A 1042 2.91 12.54 -9.78
C GLY A 1042 3.93 12.73 -10.87
N ALA A 1043 3.89 11.94 -11.93
CA ALA A 1043 4.69 12.22 -13.12
C ALA A 1043 3.92 13.17 -14.03
N ILE A 1044 4.56 13.57 -15.12
CA ILE A 1044 3.93 14.49 -16.06
C ILE A 1044 2.93 13.77 -16.95
N SER A 1045 2.91 12.45 -16.93
CA SER A 1045 2.04 11.64 -17.78
C SER A 1045 2.03 10.24 -17.20
N SER A 1046 1.02 9.47 -17.56
CA SER A 1046 1.02 8.04 -17.28
C SER A 1046 1.51 7.23 -18.47
N SER A 1047 1.65 7.86 -19.62
CA SER A 1047 2.18 7.23 -20.82
C SER A 1047 3.70 7.37 -20.83
N ILE A 1048 4.40 6.26 -21.05
CA ILE A 1048 5.86 6.27 -21.07
C ILE A 1048 6.37 6.96 -22.34
N SER A 1049 5.64 6.82 -23.45
CA SER A 1049 6.02 7.41 -24.73
C SER A 1049 6.06 8.93 -24.69
N ASP A 1050 5.13 9.56 -23.96
CA ASP A 1050 5.11 11.01 -23.85
C ASP A 1050 6.23 11.52 -22.95
N ILE A 1051 6.62 10.75 -21.93
CA ILE A 1051 7.77 11.11 -21.11
C ILE A 1051 9.04 11.03 -21.93
N LEU A 1052 9.17 10.00 -22.78
CA LEU A 1052 10.36 9.87 -23.60
C LEU A 1052 10.40 10.94 -24.70
N ALA A 1053 9.25 11.42 -25.14
CA ALA A 1053 9.23 12.46 -26.16
C ALA A 1053 9.36 13.87 -25.61
N ARG A 1054 9.12 14.10 -24.32
CA ARG A 1054 9.14 15.47 -23.82
C ARG A 1054 10.31 15.82 -22.92
N LEU A 1055 11.06 14.86 -22.41
CA LEU A 1055 12.13 15.17 -21.47
C LEU A 1055 13.46 14.65 -22.00
N ASP A 1056 14.55 15.09 -21.37
CA ASP A 1056 15.87 14.52 -21.59
C ASP A 1056 16.13 13.39 -20.60
N THR A 1057 17.27 12.71 -20.79
CA THR A 1057 17.58 11.43 -20.15
C THR A 1057 17.57 11.48 -18.62
N VAL A 1058 18.19 12.51 -18.03
CA VAL A 1058 18.25 12.64 -16.58
C VAL A 1058 16.86 12.86 -15.99
N GLU A 1059 16.04 13.67 -16.65
CA GLU A 1059 14.67 13.87 -16.18
C GLU A 1059 13.79 12.66 -16.46
N GLN A 1060 14.04 11.98 -17.58
CA GLN A 1060 13.34 10.76 -17.95
C GLN A 1060 13.44 9.70 -16.87
N GLU A 1061 14.65 9.52 -16.30
CA GLU A 1061 14.86 8.47 -15.32
C GLU A 1061 14.04 8.70 -14.05
N ALA A 1062 14.04 9.92 -13.54
CA ALA A 1062 13.28 10.22 -12.34
C ALA A 1062 11.79 10.25 -12.60
N GLN A 1063 11.39 10.52 -13.84
CA GLN A 1063 9.97 10.45 -14.16
C GLN A 1063 9.48 9.02 -14.30
N ILE A 1064 10.31 8.13 -14.84
CA ILE A 1064 9.88 6.76 -15.09
C ILE A 1064 9.92 5.93 -13.80
N ASP A 1065 10.85 6.23 -12.89
CA ASP A 1065 10.89 5.46 -11.66
C ASP A 1065 9.70 5.73 -10.72
N ARG A 1066 9.04 6.89 -10.84
CA ARG A 1066 7.77 7.12 -10.16
C ARG A 1066 6.71 6.13 -10.63
N LEU A 1067 6.60 5.93 -11.94
CA LEU A 1067 5.62 5.02 -12.49
C LEU A 1067 5.95 3.58 -12.12
N ILE A 1068 7.25 3.25 -12.07
CA ILE A 1068 7.69 1.91 -11.71
C ILE A 1068 7.33 1.60 -10.26
N ASN A 1069 7.61 2.52 -9.34
CA ASN A 1069 7.36 2.26 -7.93
C ASN A 1069 5.86 2.24 -7.61
N GLY A 1070 5.09 3.13 -8.25
CA GLY A 1070 3.66 3.14 -8.04
C GLY A 1070 2.97 1.91 -8.59
N ARG A 1071 3.40 1.44 -9.76
CA ARG A 1071 2.80 0.24 -10.35
C ARG A 1071 3.18 -1.03 -9.58
N LEU A 1072 4.39 -1.09 -9.03
CA LEU A 1072 4.77 -2.26 -8.24
C LEU A 1072 3.98 -2.33 -6.93
N THR A 1073 3.75 -1.18 -6.30
CA THR A 1073 2.91 -1.15 -5.10
C THR A 1073 1.46 -1.56 -5.41
N SER A 1074 0.94 -1.14 -6.57
CA SER A 1074 -0.42 -1.54 -6.96
C SER A 1074 -0.53 -3.05 -7.22
N LEU A 1075 0.49 -3.65 -7.82
CA LEU A 1075 0.48 -5.10 -7.99
C LEU A 1075 0.54 -5.82 -6.66
N ASN A 1076 1.27 -5.28 -5.68
CA ASN A 1076 1.32 -5.92 -4.37
C ASN A 1076 -0.04 -5.89 -3.68
N ALA A 1077 -0.79 -4.81 -3.86
CA ALA A 1077 -2.13 -4.75 -3.29
C ALA A 1077 -3.09 -5.71 -3.98
N PHE A 1078 -2.95 -5.87 -5.30
CA PHE A 1078 -3.78 -6.83 -6.03
C PHE A 1078 -3.52 -8.27 -5.60
N VAL A 1079 -2.25 -8.60 -5.36
CA VAL A 1079 -1.89 -9.96 -4.94
C VAL A 1079 -2.43 -10.25 -3.54
N ALA A 1080 -2.33 -9.26 -2.64
CA ALA A 1080 -2.88 -9.43 -1.30
C ALA A 1080 -4.39 -9.54 -1.29
N GLN A 1081 -5.08 -8.91 -2.25
CA GLN A 1081 -6.52 -9.09 -2.35
C GLN A 1081 -6.91 -10.48 -2.86
N GLN A 1082 -6.17 -11.00 -3.85
CA GLN A 1082 -6.51 -12.30 -4.42
C GLN A 1082 -6.24 -13.44 -3.45
N LEU A 1083 -5.26 -13.28 -2.56
CA LEU A 1083 -4.99 -14.34 -1.57
C LEU A 1083 -6.16 -14.52 -0.60
N VAL A 1084 -6.72 -13.41 -0.11
CA VAL A 1084 -7.83 -13.46 0.83
C VAL A 1084 -9.10 -13.96 0.16
N ARG A 1085 -9.33 -13.56 -1.10
CA ARG A 1085 -10.49 -14.08 -1.82
C ARG A 1085 -10.39 -15.59 -2.09
N THR A 1086 -9.19 -16.09 -2.42
CA THR A 1086 -8.99 -17.53 -2.59
C THR A 1086 -9.24 -18.31 -1.30
N GLU A 1087 -8.81 -17.75 -0.16
CA GLU A 1087 -9.00 -18.43 1.12
C GLU A 1087 -10.46 -18.47 1.53
N ALA A 1088 -11.19 -17.38 1.29
CA ALA A 1088 -12.63 -17.35 1.51
C ALA A 1088 -13.37 -18.37 0.65
N ALA A 1089 -13.00 -18.47 -0.63
CA ALA A 1089 -13.68 -19.41 -1.53
C ALA A 1089 -13.41 -20.86 -1.14
N ALA A 1090 -12.21 -21.15 -0.64
CA ALA A 1090 -11.93 -22.52 -0.23
C ALA A 1090 -12.65 -22.90 1.07
N ARG A 1091 -12.91 -21.94 1.96
CA ARG A 1091 -13.75 -22.26 3.10
C ARG A 1091 -15.21 -22.48 2.71
N SER A 1092 -15.71 -21.69 1.77
CA SER A 1092 -17.11 -21.87 1.42
C SER A 1092 -17.34 -23.10 0.54
N ALA A 1093 -16.33 -23.59 -0.17
CA ALA A 1093 -16.45 -24.88 -0.84
C ALA A 1093 -16.59 -26.04 0.15
N GLN A 1094 -15.96 -25.93 1.32
CA GLN A 1094 -16.13 -26.94 2.35
C GLN A 1094 -17.52 -26.88 2.97
N LEU A 1095 -18.07 -25.68 3.10
CA LEU A 1095 -19.46 -25.53 3.54
C LEU A 1095 -20.44 -26.12 2.52
N ALA A 1096 -20.17 -25.91 1.23
CA ALA A 1096 -21.01 -26.49 0.18
C ALA A 1096 -20.95 -28.02 0.18
N GLN A 1097 -19.79 -28.58 0.54
CA GLN A 1097 -19.69 -30.03 0.69
C GLN A 1097 -20.54 -30.55 1.85
N ASP A 1098 -20.56 -29.80 2.98
CA ASP A 1098 -21.45 -30.16 4.08
C ASP A 1098 -22.93 -30.10 3.70
N LYS A 1099 -23.32 -29.07 2.93
CA LYS A 1099 -24.70 -28.95 2.47
C LYS A 1099 -25.09 -30.09 1.55
N VAL A 1100 -24.20 -30.50 0.65
CA VAL A 1100 -24.50 -31.63 -0.24
C VAL A 1100 -24.65 -32.92 0.57
N ASN A 1101 -23.82 -33.12 1.58
CA ASN A 1101 -23.87 -34.38 2.31
C ASN A 1101 -25.06 -34.46 3.26
N GLU A 1102 -25.48 -33.33 3.83
CA GLU A 1102 -26.53 -33.38 4.84
C GLU A 1102 -27.91 -32.98 4.34
N CYS A 1103 -28.04 -32.27 3.23
CA CYS A 1103 -29.36 -31.88 2.75
C CYS A 1103 -29.79 -32.58 1.48
N VAL A 1104 -28.88 -32.81 0.54
CA VAL A 1104 -29.23 -33.46 -0.72
C VAL A 1104 -29.24 -34.98 -0.56
N LYS A 1105 -28.29 -35.53 0.18
CA LYS A 1105 -28.12 -36.98 0.26
C LYS A 1105 -28.64 -37.60 1.56
N SER A 1106 -29.12 -36.82 2.52
CA SER A 1106 -29.71 -37.41 3.72
C SER A 1106 -30.86 -36.53 4.20
N GLN A 1107 -31.43 -36.90 5.34
CA GLN A 1107 -32.32 -36.06 6.13
C GLN A 1107 -31.54 -35.57 7.33
N SER A 1108 -31.32 -34.27 7.40
CA SER A 1108 -30.61 -33.69 8.54
C SER A 1108 -31.50 -33.66 9.77
N LYS A 1109 -30.89 -33.85 10.94
CA LYS A 1109 -31.56 -33.68 12.21
C LYS A 1109 -31.33 -32.29 12.81
N ARG A 1110 -30.78 -31.37 12.02
CA ARG A 1110 -30.46 -30.03 12.47
C ARG A 1110 -31.59 -29.09 12.07
N ASN A 1111 -32.23 -28.48 13.07
CA ASN A 1111 -33.33 -27.55 12.83
C ASN A 1111 -32.83 -26.29 12.15
N GLY A 1112 -33.30 -26.04 10.94
CA GLY A 1112 -33.01 -24.82 10.22
C GLY A 1112 -31.85 -24.88 9.26
N PHE A 1113 -31.12 -26.00 9.19
CA PHE A 1113 -29.94 -26.10 8.33
C PHE A 1113 -30.30 -26.22 6.86
N CYS A 1114 -31.49 -26.71 6.53
CA CYS A 1114 -31.84 -26.96 5.13
C CYS A 1114 -33.11 -26.21 4.76
N GLY A 1115 -33.16 -24.92 5.04
CA GLY A 1115 -34.29 -24.09 4.68
C GLY A 1115 -35.24 -23.88 5.85
N THR A 1116 -36.44 -23.45 5.50
CA THR A 1116 -37.46 -23.14 6.50
C THR A 1116 -38.57 -24.18 6.49
N GLY A 1117 -39.17 -24.39 7.66
CA GLY A 1117 -40.22 -25.37 7.81
C GLY A 1117 -39.66 -26.73 8.18
N THR A 1118 -40.34 -27.75 7.69
CA THR A 1118 -39.92 -29.13 7.87
C THR A 1118 -39.32 -29.61 6.56
N HIS A 1119 -38.02 -29.91 6.58
CA HIS A 1119 -37.30 -30.23 5.35
C HIS A 1119 -37.72 -31.58 4.78
N ILE A 1120 -38.16 -31.57 3.54
CA ILE A 1120 -38.53 -32.79 2.83
C ILE A 1120 -37.41 -33.25 1.92
N VAL A 1121 -37.01 -32.41 0.95
CA VAL A 1121 -36.03 -32.84 -0.04
C VAL A 1121 -35.27 -31.61 -0.50
N SER A 1122 -34.06 -31.82 -1.05
CA SER A 1122 -33.22 -30.75 -1.56
C SER A 1122 -32.61 -31.11 -2.92
N PHE A 1123 -32.43 -30.10 -3.75
CA PHE A 1123 -31.78 -30.24 -5.06
C PHE A 1123 -30.67 -29.22 -5.21
N ALA A 1124 -29.67 -29.54 -6.03
CA ALA A 1124 -28.53 -28.67 -6.25
C ALA A 1124 -28.21 -28.57 -7.73
N ILE A 1125 -27.96 -27.35 -8.21
CA ILE A 1125 -27.56 -27.09 -9.59
C ILE A 1125 -26.28 -26.26 -9.60
N ASN A 1126 -25.67 -26.19 -10.78
CA ASN A 1126 -24.53 -25.32 -11.01
C ASN A 1126 -24.96 -23.88 -11.19
N ALA A 1127 -24.23 -22.97 -10.58
CA ALA A 1127 -24.45 -21.54 -10.69
C ALA A 1127 -23.11 -20.92 -11.02
N PRO A 1128 -23.11 -19.72 -11.61
CA PRO A 1128 -21.83 -19.00 -11.82
C PRO A 1128 -21.10 -18.80 -10.50
N ASN A 1129 -19.93 -19.42 -10.43
CA ASN A 1129 -19.00 -19.47 -9.30
C ASN A 1129 -19.50 -20.29 -8.12
N GLY A 1130 -20.43 -21.22 -8.31
CA GLY A 1130 -20.76 -22.06 -7.16
C GLY A 1130 -21.91 -22.99 -7.39
N LEU A 1131 -22.60 -23.30 -6.30
CA LEU A 1131 -23.74 -24.19 -6.30
C LEU A 1131 -24.97 -23.47 -5.80
N TYR A 1132 -26.12 -23.80 -6.39
CA TYR A 1132 -27.39 -23.19 -6.06
C TYR A 1132 -28.35 -24.27 -5.59
N PHE A 1133 -28.97 -24.06 -4.43
CA PHE A 1133 -29.76 -25.06 -3.74
C PHE A 1133 -31.23 -24.67 -3.67
N PHE A 1134 -32.10 -25.66 -3.86
CA PHE A 1134 -33.54 -25.55 -3.64
C PHE A 1134 -33.93 -26.51 -2.52
N HIS A 1135 -34.40 -25.98 -1.40
CA HIS A 1135 -34.90 -26.78 -0.29
C HIS A 1135 -36.43 -26.80 -0.33
N VAL A 1136 -37.00 -27.98 -0.55
CA VAL A 1136 -38.43 -28.19 -0.58
C VAL A 1136 -38.87 -28.65 0.81
N GLY A 1137 -39.73 -27.84 1.42
CA GLY A 1137 -40.21 -28.04 2.78
C GLY A 1137 -41.71 -27.98 2.97
N TYR A 1138 -42.18 -28.62 4.02
CA TYR A 1138 -43.60 -28.73 4.36
C TYR A 1138 -44.05 -27.49 5.13
N GLN A 1139 -45.17 -26.89 4.72
CA GLN A 1139 -45.59 -25.63 5.31
C GLN A 1139 -47.08 -25.64 5.62
N PRO A 1140 -47.48 -25.56 6.89
CA PRO A 1140 -48.91 -25.49 7.22
C PRO A 1140 -49.55 -24.19 6.79
N THR A 1141 -50.80 -24.28 6.35
CA THR A 1141 -51.56 -23.09 5.99
C THR A 1141 -52.77 -22.84 6.88
N SER A 1142 -53.45 -23.87 7.35
CA SER A 1142 -54.51 -23.72 8.35
C SER A 1142 -54.34 -24.78 9.43
N HIS A 1143 -54.79 -24.47 10.64
CA HIS A 1143 -54.60 -25.37 11.76
C HIS A 1143 -55.88 -25.46 12.58
N VAL A 1144 -55.89 -26.42 13.51
CA VAL A 1144 -56.96 -26.60 14.48
C VAL A 1144 -56.34 -26.57 15.87
N ASN A 1145 -57.17 -26.24 16.86
CA ASN A 1145 -56.77 -26.23 18.27
C ASN A 1145 -57.29 -27.49 18.93
N ALA A 1146 -56.40 -28.41 19.26
CA ALA A 1146 -56.79 -29.68 19.86
C ALA A 1146 -56.37 -29.73 21.32
N THR A 1147 -57.19 -30.42 22.10
CA THR A 1147 -56.90 -30.72 23.50
C THR A 1147 -56.10 -32.01 23.55
N ALA A 1148 -54.97 -31.98 24.20
CA ALA A 1148 -54.05 -33.10 24.22
C ALA A 1148 -53.76 -33.52 25.66
N ALA A 1149 -53.37 -34.77 25.80
CA ALA A 1149 -52.96 -35.35 27.07
C ALA A 1149 -51.45 -35.57 27.06
N TYR A 1150 -50.84 -35.53 28.24
CA TYR A 1150 -49.42 -35.87 28.36
C TYR A 1150 -49.21 -37.38 28.32
N GLY A 1151 -50.19 -38.14 28.79
CA GLY A 1151 -50.09 -39.58 28.80
C GLY A 1151 -51.36 -40.12 29.42
N LEU A 1152 -51.50 -41.44 29.36
CA LEU A 1152 -52.69 -42.10 29.85
C LEU A 1152 -52.29 -43.26 30.75
N CYS A 1153 -52.99 -43.39 31.88
CA CYS A 1153 -52.66 -44.41 32.88
C CYS A 1153 -53.79 -45.41 33.07
N ASN A 1154 -53.57 -46.40 33.91
CA ASN A 1154 -54.39 -47.59 33.99
C ASN A 1154 -55.28 -47.65 35.22
N THR A 1155 -54.89 -47.00 36.32
CA THR A 1155 -55.50 -47.11 37.66
C THR A 1155 -55.58 -48.56 38.12
N GLU A 1156 -54.48 -49.27 37.91
CA GLU A 1156 -54.36 -50.67 38.28
C GLU A 1156 -53.21 -50.78 39.28
N ASN A 1157 -52.84 -52.01 39.60
CA ASN A 1157 -51.69 -52.27 40.49
C ASN A 1157 -51.02 -53.56 40.03
N PRO A 1158 -49.87 -53.47 39.35
CA PRO A 1158 -49.12 -52.24 39.02
C PRO A 1158 -49.66 -51.51 37.79
N GLN A 1159 -49.45 -50.19 37.75
CA GLN A 1159 -50.01 -49.32 36.74
C GLN A 1159 -49.23 -49.44 35.43
N LYS A 1160 -49.94 -49.43 34.32
CA LYS A 1160 -49.35 -49.30 33.00
C LYS A 1160 -49.69 -47.93 32.44
N CYS A 1161 -48.69 -47.25 31.87
CA CYS A 1161 -48.84 -45.90 31.35
C CYS A 1161 -48.22 -45.81 29.97
N ILE A 1162 -48.91 -45.15 29.05
CA ILE A 1162 -48.45 -45.05 27.68
C ILE A 1162 -48.29 -43.59 27.29
N ALA A 1163 -47.44 -43.37 26.30
CA ALA A 1163 -47.16 -42.10 25.67
C ALA A 1163 -47.17 -42.30 24.16
N PRO A 1164 -47.42 -41.25 23.37
CA PRO A 1164 -47.45 -41.44 21.92
C PRO A 1164 -46.06 -41.36 21.29
N ILE A 1165 -45.98 -41.85 20.06
CA ILE A 1165 -44.76 -41.85 19.26
C ILE A 1165 -45.01 -40.97 18.05
N ASP A 1166 -44.33 -39.83 17.99
CA ASP A 1166 -44.39 -38.85 16.89
C ASP A 1166 -45.80 -38.30 16.67
N GLY A 1167 -46.44 -37.84 17.74
CA GLY A 1167 -47.81 -37.38 17.62
C GLY A 1167 -48.40 -37.10 18.98
N TYR A 1168 -49.72 -37.01 19.02
CA TYR A 1168 -50.43 -36.58 20.21
C TYR A 1168 -51.60 -37.52 20.49
N PHE A 1169 -51.94 -37.63 21.77
CA PHE A 1169 -53.22 -38.17 22.19
C PHE A 1169 -54.22 -37.02 22.27
N VAL A 1170 -55.20 -37.01 21.37
CA VAL A 1170 -56.13 -35.89 21.26
C VAL A 1170 -57.57 -36.37 21.43
N LEU A 1171 -58.46 -35.42 21.65
CA LEU A 1171 -59.88 -35.66 21.54
C LEU A 1171 -60.32 -35.42 20.11
N ASN A 1172 -61.28 -36.21 19.65
CA ASN A 1172 -61.93 -35.96 18.36
C ASN A 1172 -63.03 -34.95 18.60
N GLN A 1173 -62.66 -33.67 18.71
CA GLN A 1173 -63.55 -32.66 19.28
C GLN A 1173 -64.31 -31.90 18.20
N THR A 1174 -64.69 -32.62 17.14
CA THR A 1174 -65.74 -32.12 16.27
C THR A 1174 -67.08 -32.15 17.01
N THR A 1175 -67.27 -33.13 17.90
CA THR A 1175 -68.39 -33.16 18.83
C THR A 1175 -67.87 -32.70 20.18
N SER A 1176 -67.88 -31.40 20.42
CA SER A 1176 -67.29 -30.83 21.63
C SER A 1176 -68.23 -30.98 22.81
N THR A 1177 -67.78 -30.44 23.96
CA THR A 1177 -68.53 -30.30 25.21
C THR A 1177 -69.00 -31.66 25.73
N VAL A 1178 -68.02 -32.48 26.11
CA VAL A 1178 -68.30 -33.81 26.66
C VAL A 1178 -67.83 -33.89 28.10
N ALA A 1179 -68.09 -35.03 28.75
CA ALA A 1179 -67.72 -35.24 30.15
C ALA A 1179 -66.39 -36.00 30.23
N ASP A 1180 -66.01 -36.42 31.43
CA ASP A 1180 -64.77 -37.16 31.62
C ASP A 1180 -64.96 -38.65 31.33
N SER A 1181 -66.19 -39.16 31.47
CA SER A 1181 -66.48 -40.51 31.01
C SER A 1181 -66.53 -40.57 29.49
N ASP A 1182 -67.01 -39.51 28.85
CA ASP A 1182 -67.01 -39.41 27.39
C ASP A 1182 -65.70 -38.84 26.84
N GLN A 1183 -64.62 -38.92 27.62
CA GLN A 1183 -63.29 -38.64 27.10
C GLN A 1183 -62.75 -39.89 26.42
N GLN A 1184 -63.15 -40.03 25.15
CA GLN A 1184 -62.51 -41.00 24.27
C GLN A 1184 -61.29 -40.35 23.62
N TRP A 1185 -60.13 -40.96 23.83
CA TRP A 1185 -58.88 -40.43 23.30
C TRP A 1185 -58.48 -41.16 22.04
N TYR A 1186 -57.86 -40.42 21.13
CA TYR A 1186 -57.38 -40.94 19.88
C TYR A 1186 -55.93 -40.54 19.69
N TYR A 1187 -55.36 -41.00 18.60
CA TYR A 1187 -54.01 -40.63 18.21
C TYR A 1187 -54.08 -39.76 16.96
N THR A 1188 -53.22 -38.74 16.92
CA THR A 1188 -52.95 -38.07 15.66
C THR A 1188 -51.45 -37.94 15.48
N GLY A 1189 -51.00 -37.98 14.23
CA GLY A 1189 -49.64 -37.59 13.93
C GLY A 1189 -49.47 -36.08 13.98
N SER A 1190 -48.25 -35.66 14.27
CA SER A 1190 -48.02 -34.27 14.66
C SER A 1190 -48.03 -33.28 13.50
N SER A 1191 -48.19 -33.71 12.27
CA SER A 1191 -48.14 -32.78 11.15
C SER A 1191 -49.43 -32.70 10.35
N PHE A 1192 -50.45 -33.47 10.70
CA PHE A 1192 -51.74 -33.40 10.02
C PHE A 1192 -52.78 -33.97 10.97
N PHE A 1193 -53.91 -33.29 11.10
CA PHE A 1193 -54.90 -33.69 12.08
C PHE A 1193 -55.83 -34.73 11.48
N HIS A 1194 -55.69 -35.97 11.93
CA HIS A 1194 -56.56 -37.06 11.53
C HIS A 1194 -56.59 -38.09 12.65
N PRO A 1195 -57.64 -38.10 13.48
CA PRO A 1195 -57.67 -39.02 14.63
C PRO A 1195 -57.89 -40.47 14.22
N GLU A 1196 -57.25 -41.38 14.95
CA GLU A 1196 -57.29 -42.81 14.70
C GLU A 1196 -57.12 -43.53 16.02
N PRO A 1197 -57.51 -44.82 16.10
CA PRO A 1197 -57.41 -45.55 17.37
C PRO A 1197 -55.99 -45.72 17.90
N ILE A 1198 -55.86 -45.66 19.22
CA ILE A 1198 -54.59 -45.88 19.91
C ILE A 1198 -54.30 -47.37 19.93
N THR A 1199 -53.11 -47.75 19.46
CA THR A 1199 -52.67 -49.14 19.41
C THR A 1199 -51.23 -49.20 19.85
N GLU A 1200 -50.64 -50.40 19.73
CA GLU A 1200 -49.22 -50.60 20.03
C GLU A 1200 -48.30 -50.08 18.92
N ALA A 1201 -48.86 -49.64 17.81
CA ALA A 1201 -48.05 -49.12 16.70
C ALA A 1201 -47.81 -47.63 16.81
N ASN A 1202 -48.51 -46.92 17.71
CA ASN A 1202 -48.31 -45.50 17.89
C ASN A 1202 -48.18 -45.10 19.36
N SER A 1203 -47.81 -46.03 20.23
CA SER A 1203 -47.65 -45.72 21.65
C SER A 1203 -46.53 -46.58 22.24
N LYS A 1204 -45.97 -46.10 23.34
CA LYS A 1204 -44.96 -46.84 24.09
C LYS A 1204 -45.21 -46.75 25.58
N TYR A 1205 -44.71 -47.73 26.32
CA TYR A 1205 -44.82 -47.78 27.76
C TYR A 1205 -43.79 -46.86 28.40
N VAL A 1206 -44.23 -46.08 29.37
CA VAL A 1206 -43.37 -45.15 30.08
C VAL A 1206 -43.57 -45.35 31.57
N SER A 1207 -42.65 -44.82 32.35
CA SER A 1207 -42.82 -44.78 33.80
C SER A 1207 -43.82 -43.69 34.17
N MET A 1208 -44.46 -43.87 35.32
CA MET A 1208 -45.64 -43.09 35.66
C MET A 1208 -45.29 -41.64 35.98
N ASP A 1209 -46.13 -40.74 35.48
CA ASP A 1209 -46.04 -39.30 35.70
C ASP A 1209 -47.38 -38.82 36.24
N VAL A 1210 -47.32 -37.79 37.09
CA VAL A 1210 -48.52 -37.30 37.76
C VAL A 1210 -49.39 -36.42 36.88
N LYS A 1211 -48.94 -36.08 35.67
CA LYS A 1211 -49.74 -35.26 34.77
C LYS A 1211 -50.54 -36.06 33.77
N PHE A 1212 -50.76 -37.35 34.01
CA PHE A 1212 -51.35 -38.21 33.00
C PHE A 1212 -52.82 -38.43 33.31
N GLU A 1213 -53.61 -38.70 32.27
CA GLU A 1213 -55.03 -38.97 32.46
C GLU A 1213 -55.23 -40.34 33.09
N ASN A 1214 -55.95 -40.37 34.21
CA ASN A 1214 -56.32 -41.61 34.87
C ASN A 1214 -57.65 -42.08 34.29
N LEU A 1215 -57.63 -43.24 33.63
CA LEU A 1215 -58.80 -43.75 32.93
C LEU A 1215 -59.40 -44.93 33.68
N THR A 1216 -60.70 -44.88 33.90
CA THR A 1216 -61.46 -45.98 34.48
C THR A 1216 -62.19 -46.82 33.45
N ASN A 1217 -62.70 -46.21 32.39
CA ASN A 1217 -63.27 -46.92 31.25
C ASN A 1217 -62.76 -46.29 29.96
N ARG A 1218 -63.24 -46.84 28.84
CA ARG A 1218 -62.78 -46.54 27.48
C ARG A 1218 -61.26 -46.73 27.35
N LEU A 1219 -60.78 -47.85 27.87
CA LEU A 1219 -59.35 -48.11 27.88
C LEU A 1219 -58.85 -48.59 26.53
N PRO A 1220 -57.75 -48.05 26.05
CA PRO A 1220 -57.11 -48.57 24.83
C PRO A 1220 -56.56 -49.96 25.07
N PRO A 1221 -56.42 -50.77 24.02
CA PRO A 1221 -55.91 -52.15 24.16
C PRO A 1221 -54.50 -52.26 24.74
N PRO A 1222 -53.56 -51.31 24.54
CA PRO A 1222 -52.30 -51.42 25.31
C PRO A 1222 -52.45 -51.21 26.80
N LEU A 1223 -53.56 -50.65 27.26
CA LEU A 1223 -53.82 -50.42 28.68
C LEU A 1223 -54.79 -51.43 29.26
N LEU A 1224 -55.02 -52.56 28.59
CA LEU A 1224 -56.05 -53.50 29.00
C LEU A 1224 -55.44 -54.63 29.82
N SER A 1225 -56.22 -55.13 30.78
CA SER A 1225 -55.79 -56.25 31.61
C SER A 1225 -55.77 -57.51 30.77
N ASN A 1226 -54.57 -58.06 30.55
CA ASN A 1226 -54.43 -59.17 29.63
C ASN A 1226 -54.64 -60.52 30.32
N SER A 1227 -55.87 -61.02 30.28
CA SER A 1227 -56.18 -62.36 30.81
C SER A 1227 -57.40 -62.89 30.07
N THR A 1228 -57.17 -63.75 29.08
CA THR A 1228 -58.27 -64.34 28.33
C THR A 1228 -58.71 -65.66 28.97
N VAL B 39 48.12 -18.41 -51.73
CA VAL B 39 46.71 -18.28 -51.44
C VAL B 39 45.89 -19.29 -52.24
N GLN B 40 45.28 -20.23 -51.52
CA GLN B 40 44.32 -21.17 -52.12
C GLN B 40 43.32 -21.56 -51.03
N PRO B 41 42.37 -20.67 -50.71
CA PRO B 41 41.58 -20.84 -49.48
C PRO B 41 40.52 -21.91 -49.54
N ASP B 42 40.37 -22.63 -50.65
CA ASP B 42 39.47 -23.78 -50.71
C ASP B 42 40.12 -25.04 -50.18
N TYR B 43 41.43 -25.02 -49.93
CA TYR B 43 42.18 -26.15 -49.38
C TYR B 43 42.17 -26.20 -47.87
N PHE B 44 41.99 -25.05 -47.21
CA PHE B 44 42.12 -24.95 -45.76
C PHE B 44 40.77 -25.14 -45.06
N GLU B 45 39.76 -24.42 -45.52
CA GLU B 45 38.41 -24.53 -44.96
C GLU B 45 37.57 -25.56 -45.72
N SER B 46 38.16 -26.73 -45.97
CA SER B 46 37.48 -27.80 -46.68
C SER B 46 36.72 -28.67 -45.68
N VAL B 47 36.31 -29.86 -46.11
CA VAL B 47 35.51 -30.74 -45.25
C VAL B 47 36.43 -31.79 -44.65
N HIS B 48 37.73 -31.50 -44.57
CA HIS B 48 38.69 -32.44 -44.02
C HIS B 48 38.53 -32.58 -42.51
N THR B 49 38.80 -31.53 -41.75
CA THR B 49 38.64 -31.65 -40.30
C THR B 49 37.25 -31.16 -39.88
N THR B 50 37.03 -29.84 -39.98
CA THR B 50 35.73 -29.16 -39.89
C THR B 50 34.89 -29.60 -38.69
N TRP B 51 35.56 -29.87 -37.59
CA TRP B 51 34.88 -30.42 -36.42
C TRP B 51 34.12 -29.31 -35.71
N PRO B 52 32.79 -29.40 -35.62
CA PRO B 52 32.01 -28.31 -35.01
C PRO B 52 32.12 -28.35 -33.49
N MET B 53 32.18 -27.15 -32.91
CA MET B 53 32.38 -26.99 -31.47
C MET B 53 31.45 -25.91 -30.96
N PRO B 54 30.23 -26.27 -30.58
CA PRO B 54 29.30 -25.25 -30.06
C PRO B 54 29.61 -24.90 -28.62
N ILE B 55 28.89 -23.88 -28.13
CA ILE B 55 29.04 -23.43 -26.76
C ILE B 55 28.12 -24.25 -25.86
N ASP B 56 28.69 -24.90 -24.85
CA ASP B 56 27.92 -25.63 -23.86
C ASP B 56 27.85 -24.80 -22.58
N THR B 57 26.68 -24.22 -22.30
CA THR B 57 26.53 -23.43 -21.09
C THR B 57 26.49 -24.28 -19.84
N SER B 58 26.18 -25.58 -19.96
CA SER B 58 26.16 -26.45 -18.80
C SER B 58 27.55 -26.74 -18.27
N LYS B 59 28.59 -26.46 -19.06
CA LYS B 59 29.97 -26.46 -18.59
C LYS B 59 30.52 -25.04 -18.46
N ALA B 60 29.72 -24.03 -18.80
CA ALA B 60 30.03 -22.59 -18.70
C ALA B 60 31.23 -22.20 -19.57
N GLU B 61 31.13 -22.52 -20.84
CA GLU B 61 32.20 -22.25 -21.80
C GLU B 61 32.12 -20.80 -22.27
N GLY B 62 33.24 -20.11 -22.19
CA GLY B 62 33.30 -18.74 -22.64
C GLY B 62 32.70 -17.71 -21.72
N VAL B 63 32.74 -17.93 -20.42
CA VAL B 63 32.08 -17.08 -19.43
C VAL B 63 33.13 -16.24 -18.72
N ILE B 64 32.93 -14.94 -18.69
CA ILE B 64 33.83 -14.02 -18.04
C ILE B 64 33.41 -13.85 -16.59
N TYR B 65 34.32 -14.00 -15.70
CA TYR B 65 34.07 -13.87 -14.28
C TYR B 65 33.84 -12.39 -13.92
N PRO B 66 32.99 -12.11 -12.93
CA PRO B 66 32.82 -10.72 -12.45
C PRO B 66 34.06 -10.19 -11.77
N ASN B 67 34.33 -8.90 -11.94
CA ASN B 67 35.56 -8.35 -11.37
C ASN B 67 35.29 -7.61 -10.06
N GLY B 68 36.29 -7.66 -9.19
CA GLY B 68 36.22 -7.05 -7.88
C GLY B 68 35.53 -7.86 -6.82
N LYS B 69 35.02 -9.05 -7.15
CA LYS B 69 34.21 -9.79 -6.18
C LYS B 69 34.20 -11.27 -6.53
N SER B 70 33.85 -12.07 -5.52
CA SER B 70 33.67 -13.50 -5.66
C SER B 70 32.38 -13.91 -4.95
N TYR B 71 31.86 -15.06 -5.33
CA TYR B 71 30.69 -15.66 -4.71
C TYR B 71 31.04 -17.09 -4.34
N SER B 72 30.27 -17.66 -3.41
CA SER B 72 30.60 -18.99 -2.89
C SER B 72 29.32 -19.77 -2.65
N ASN B 73 29.17 -20.87 -3.41
CA ASN B 73 28.12 -21.88 -3.21
C ASN B 73 26.72 -21.28 -3.35
N ILE B 74 26.47 -20.53 -4.41
CA ILE B 74 25.18 -19.87 -4.60
C ILE B 74 24.82 -19.89 -6.08
N THR B 75 23.68 -19.30 -6.39
CA THR B 75 23.15 -19.24 -7.74
C THR B 75 22.51 -17.87 -7.93
N LEU B 76 22.93 -17.13 -8.95
CA LEU B 76 22.32 -15.83 -9.17
C LEU B 76 22.32 -15.47 -10.64
N THR B 77 21.51 -14.47 -10.97
CA THR B 77 21.51 -13.91 -12.31
C THR B 77 22.51 -12.77 -12.42
N TYR B 78 23.09 -12.64 -13.61
CA TYR B 78 24.09 -11.62 -13.87
C TYR B 78 23.92 -11.15 -15.29
N THR B 79 23.92 -9.84 -15.47
CA THR B 79 23.81 -9.24 -16.78
C THR B 79 25.19 -8.85 -17.25
N GLY B 80 25.54 -9.21 -18.47
CA GLY B 80 26.86 -8.92 -18.95
C GLY B 80 26.98 -9.19 -20.42
N LEU B 81 28.21 -9.45 -20.85
CA LEU B 81 28.52 -9.76 -22.23
C LEU B 81 28.86 -11.24 -22.31
N TYR B 82 28.02 -12.00 -22.97
CA TYR B 82 28.07 -13.46 -22.96
C TYR B 82 27.84 -14.01 -24.37
N PRO B 83 28.26 -15.24 -24.64
CA PRO B 83 27.88 -15.86 -25.91
C PRO B 83 26.48 -16.47 -25.86
N LYS B 84 25.90 -16.61 -27.05
CA LYS B 84 24.64 -17.34 -27.17
C LYS B 84 24.86 -18.84 -27.00
N ALA B 85 23.88 -19.50 -26.39
CA ALA B 85 23.94 -20.94 -26.20
C ALA B 85 23.86 -21.67 -27.53
N ASN B 86 24.66 -22.74 -27.66
CA ASN B 86 24.82 -23.53 -28.88
C ASN B 86 25.23 -22.68 -30.08
N ASP B 87 26.03 -21.65 -29.85
CA ASP B 87 26.61 -20.90 -30.95
C ASP B 87 27.79 -21.68 -31.51
N LEU B 88 27.75 -21.97 -32.81
CA LEU B 88 28.83 -22.70 -33.44
C LEU B 88 30.09 -21.85 -33.57
N GLY B 89 29.93 -20.55 -33.74
CA GLY B 89 31.09 -19.69 -33.87
C GLY B 89 31.72 -19.81 -35.24
N LYS B 90 33.00 -19.49 -35.31
CA LYS B 90 33.71 -19.58 -36.58
C LYS B 90 35.03 -20.27 -36.34
N GLN B 91 35.41 -21.13 -37.27
CA GLN B 91 36.59 -21.97 -37.17
C GLN B 91 37.72 -21.43 -38.05
N TYR B 92 38.94 -21.50 -37.54
CA TYR B 92 40.14 -21.08 -38.26
C TYR B 92 41.12 -22.24 -38.26
N LEU B 93 41.44 -22.72 -39.47
CA LEU B 93 42.36 -23.84 -39.70
C LEU B 93 43.69 -23.32 -40.22
N PHE B 94 44.78 -23.71 -39.59
CA PHE B 94 46.10 -23.22 -39.96
C PHE B 94 46.96 -24.36 -40.48
N SER B 95 48.01 -23.99 -41.21
CA SER B 95 48.84 -24.96 -41.91
C SER B 95 50.26 -24.43 -42.07
N ASP B 96 51.22 -25.33 -41.89
CA ASP B 96 52.58 -25.12 -42.35
C ASP B 96 52.58 -24.88 -43.85
N GLY B 97 53.51 -24.05 -44.30
CA GLY B 97 53.54 -23.61 -45.67
C GLY B 97 54.07 -24.67 -46.61
N HIS B 98 54.27 -24.24 -47.86
CA HIS B 98 54.95 -25.06 -48.85
C HIS B 98 56.38 -25.33 -48.41
N SER B 99 56.79 -26.59 -48.52
CA SER B 99 58.11 -27.01 -48.05
C SER B 99 58.74 -27.93 -49.08
N ALA B 100 59.87 -27.49 -49.63
CA ALA B 100 60.71 -28.33 -50.46
C ALA B 100 61.43 -29.34 -49.55
N PRO B 101 61.96 -30.45 -50.12
CA PRO B 101 62.75 -31.37 -49.28
C PRO B 101 64.00 -30.74 -48.72
N GLY B 102 64.01 -30.52 -47.40
CA GLY B 102 65.10 -29.86 -46.72
C GLY B 102 65.11 -28.35 -46.83
N ARG B 103 64.16 -27.74 -47.54
CA ARG B 103 64.21 -26.32 -47.84
C ARG B 103 62.86 -25.68 -47.52
N LEU B 104 62.85 -24.34 -47.47
CA LEU B 104 61.70 -23.56 -47.06
C LEU B 104 61.27 -22.65 -48.20
N ASN B 105 59.96 -22.57 -48.41
CA ASN B 105 59.36 -21.90 -49.56
C ASN B 105 58.40 -20.82 -49.08
N ASN B 106 57.61 -20.28 -50.02
CA ASN B 106 56.55 -19.34 -49.68
C ASN B 106 55.46 -20.03 -48.86
N LEU B 107 54.68 -19.21 -48.16
CA LEU B 107 53.78 -19.71 -47.13
C LEU B 107 52.44 -20.11 -47.73
N PHE B 108 51.76 -21.06 -47.09
CA PHE B 108 50.46 -21.56 -47.54
C PHE B 108 49.41 -21.04 -46.58
N VAL B 109 48.83 -19.89 -46.92
CA VAL B 109 47.88 -19.20 -46.05
C VAL B 109 46.52 -19.15 -46.73
N SER B 110 45.52 -18.75 -45.95
CA SER B 110 44.19 -18.48 -46.45
C SER B 110 44.10 -17.00 -46.81
N ASN B 111 42.88 -16.51 -47.03
CA ASN B 111 42.65 -15.08 -47.20
C ASN B 111 42.03 -14.45 -45.96
N TYR B 112 42.47 -14.88 -44.77
CA TYR B 112 42.05 -14.28 -43.51
C TYR B 112 42.47 -12.81 -43.39
N SER B 113 43.51 -12.39 -44.11
CA SER B 113 43.94 -11.00 -44.14
C SER B 113 43.06 -10.12 -45.01
N SER B 114 42.06 -10.68 -45.69
CA SER B 114 41.07 -9.91 -46.41
C SER B 114 39.67 -10.14 -45.90
N GLN B 115 39.51 -10.90 -44.82
CA GLN B 115 38.23 -10.96 -44.12
C GLN B 115 38.24 -9.96 -42.98
N VAL B 116 37.57 -8.83 -43.20
CA VAL B 116 37.41 -7.78 -42.20
C VAL B 116 36.06 -8.01 -41.51
N GLU B 117 36.10 -8.28 -40.21
CA GLU B 117 34.92 -8.65 -39.47
C GLU B 117 34.49 -7.54 -38.52
N SER B 118 33.20 -7.49 -38.21
CA SER B 118 32.66 -6.50 -37.30
C SER B 118 32.84 -6.94 -35.85
N PHE B 119 33.35 -6.02 -35.04
CA PHE B 119 33.68 -6.29 -33.64
C PHE B 119 32.42 -6.41 -32.79
N ASP B 120 31.65 -5.34 -32.74
CA ASP B 120 30.32 -5.10 -32.18
C ASP B 120 30.20 -5.18 -30.66
N ASP B 121 30.95 -6.05 -30.00
CA ASP B 121 30.91 -6.16 -28.54
C ASP B 121 32.18 -6.81 -28.03
N GLY B 122 33.07 -7.17 -28.93
CA GLY B 122 34.17 -8.05 -28.59
C GLY B 122 33.83 -9.50 -28.82
N PHE B 123 34.78 -10.35 -28.46
CA PHE B 123 34.62 -11.76 -28.74
C PHE B 123 35.45 -12.57 -27.76
N VAL B 124 35.23 -13.88 -27.76
CA VAL B 124 36.08 -14.84 -27.07
C VAL B 124 36.57 -15.88 -28.07
N VAL B 125 37.74 -16.43 -27.79
CA VAL B 125 38.44 -17.38 -28.63
C VAL B 125 38.71 -18.62 -27.81
N ARG B 126 38.24 -19.77 -28.30
CA ARG B 126 38.62 -21.09 -27.83
C ARG B 126 39.88 -21.50 -28.57
N ILE B 127 40.97 -21.70 -27.84
CA ILE B 127 42.29 -21.86 -28.41
C ILE B 127 42.65 -23.34 -28.29
N GLY B 128 42.66 -24.03 -29.43
CA GLY B 128 43.24 -25.36 -29.58
C GLY B 128 42.71 -26.46 -28.69
N ALA B 129 41.40 -26.63 -28.65
CA ALA B 129 40.80 -27.71 -27.87
C ALA B 129 41.15 -29.08 -28.39
N ALA B 130 41.49 -29.19 -29.67
CA ALA B 130 41.92 -30.43 -30.29
C ALA B 130 43.41 -30.71 -30.14
N ALA B 131 44.09 -30.02 -29.22
CA ALA B 131 45.51 -30.27 -29.02
C ALA B 131 45.77 -31.30 -27.92
N ASN B 132 45.04 -32.41 -27.97
CA ASN B 132 45.31 -33.56 -27.14
C ASN B 132 45.10 -34.88 -27.86
N LYS B 133 44.77 -34.85 -29.15
CA LYS B 133 44.48 -36.05 -29.93
C LYS B 133 45.38 -36.07 -31.15
N THR B 134 45.18 -37.07 -32.02
CA THR B 134 45.92 -37.14 -33.26
C THR B 134 45.20 -36.36 -34.35
N GLY B 135 45.94 -36.06 -35.41
CA GLY B 135 45.38 -35.36 -36.55
C GLY B 135 46.43 -34.56 -37.27
N THR B 136 46.16 -34.32 -38.55
CA THR B 136 46.96 -33.43 -39.37
C THR B 136 46.51 -31.99 -39.13
N THR B 137 47.27 -31.04 -39.69
CA THR B 137 46.72 -29.69 -39.68
C THR B 137 45.65 -29.54 -40.75
N VAL B 138 46.06 -29.32 -41.99
CA VAL B 138 45.21 -29.52 -43.17
C VAL B 138 46.05 -29.95 -44.37
N ILE B 139 47.36 -29.72 -44.31
CA ILE B 139 48.17 -29.73 -45.53
C ILE B 139 48.69 -31.12 -45.84
N SER B 140 49.35 -31.76 -44.88
CA SER B 140 49.89 -33.10 -45.08
C SER B 140 48.80 -34.09 -44.68
N GLN B 141 48.03 -34.54 -45.66
CA GLN B 141 46.81 -35.30 -45.39
C GLN B 141 47.10 -36.73 -44.93
N SER B 142 48.32 -37.21 -45.13
CA SER B 142 48.71 -38.58 -44.80
C SER B 142 49.71 -38.62 -43.66
N THR B 143 49.97 -37.47 -43.04
CA THR B 143 50.96 -37.35 -41.96
C THR B 143 50.27 -36.79 -40.72
N PHE B 144 49.83 -37.68 -39.85
CA PHE B 144 49.36 -37.28 -38.53
C PHE B 144 50.56 -36.94 -37.64
N LYS B 145 50.56 -35.75 -37.07
CA LYS B 145 51.57 -35.28 -36.15
C LYS B 145 50.90 -34.78 -34.88
N PRO B 146 51.58 -34.83 -33.73
CA PRO B 146 50.93 -34.41 -32.47
C PRO B 146 50.57 -32.93 -32.46
N ILE B 147 49.27 -32.67 -32.28
CA ILE B 147 48.70 -31.36 -32.53
C ILE B 147 49.09 -30.40 -31.41
N LYS B 148 49.87 -29.38 -31.77
CA LYS B 148 50.25 -28.31 -30.86
C LYS B 148 49.11 -27.28 -30.79
N LYS B 149 49.31 -26.23 -30.00
CA LYS B 149 48.35 -25.14 -29.88
C LYS B 149 48.87 -23.92 -30.63
N ILE B 150 47.95 -23.15 -31.21
CA ILE B 150 48.29 -21.97 -32.00
C ILE B 150 47.53 -20.78 -31.41
N TYR B 151 48.27 -19.83 -30.87
CA TYR B 151 47.69 -18.61 -30.34
C TYR B 151 47.36 -17.68 -31.49
N PRO B 152 46.16 -17.09 -31.54
CA PRO B 152 45.81 -16.19 -32.65
C PRO B 152 46.49 -14.81 -32.53
N ALA B 153 46.64 -14.18 -33.69
CA ALA B 153 47.18 -12.83 -33.81
C ALA B 153 46.13 -11.90 -34.41
N PHE B 154 46.06 -10.68 -33.91
CA PHE B 154 44.97 -9.78 -34.31
C PHE B 154 45.46 -8.39 -34.69
N LEU B 155 44.77 -7.79 -35.65
CA LEU B 155 44.79 -6.35 -35.90
C LEU B 155 43.39 -5.82 -35.66
N LEU B 156 43.27 -4.70 -34.94
CA LEU B 156 41.98 -4.13 -34.61
C LEU B 156 42.00 -2.63 -34.82
N GLY B 157 40.93 -2.10 -35.40
CA GLY B 157 40.96 -0.68 -35.73
C GLY B 157 39.59 -0.05 -35.80
N HIS B 158 39.61 1.27 -35.91
CA HIS B 158 38.42 2.10 -36.09
C HIS B 158 38.11 2.39 -37.55
N SER B 159 39.12 2.43 -38.40
CA SER B 159 38.97 2.87 -39.77
C SER B 159 39.70 1.89 -40.68
N VAL B 160 39.16 1.68 -41.87
CA VAL B 160 39.65 0.66 -42.78
C VAL B 160 39.61 1.21 -44.22
N GLY B 161 40.51 0.73 -45.07
CA GLY B 161 40.58 1.25 -46.42
C GLY B 161 41.35 0.34 -47.38
N ASN B 162 41.63 0.90 -48.56
CA ASN B 162 42.29 0.21 -49.66
C ASN B 162 43.81 0.38 -49.60
N TYR B 163 44.52 -0.52 -50.28
CA TYR B 163 45.94 -0.69 -50.04
C TYR B 163 46.87 0.06 -50.99
N THR B 164 46.35 0.68 -52.09
CA THR B 164 46.98 1.80 -52.80
C THR B 164 48.43 1.64 -53.25
N PRO B 165 48.73 1.09 -54.46
CA PRO B 165 47.93 0.91 -55.67
C PRO B 165 47.36 -0.48 -55.96
N SER B 166 47.52 -1.44 -55.06
CA SER B 166 47.07 -2.80 -55.30
C SER B 166 45.56 -2.93 -55.40
N ASN B 167 44.81 -1.93 -54.94
CA ASN B 167 43.34 -1.87 -54.96
C ASN B 167 42.71 -3.03 -54.19
N ARG B 168 43.41 -3.48 -53.14
CA ARG B 168 42.93 -4.54 -52.27
C ARG B 168 42.40 -3.90 -50.99
N THR B 169 41.26 -4.37 -50.51
CA THR B 169 40.69 -3.88 -49.26
C THR B 169 41.42 -4.50 -48.07
N GLY B 170 41.17 -3.93 -46.89
CA GLY B 170 41.69 -4.53 -45.66
C GLY B 170 42.87 -3.81 -45.06
N ARG B 171 43.04 -2.53 -45.35
CA ARG B 171 44.14 -1.74 -44.82
C ARG B 171 43.64 -0.85 -43.69
N TYR B 172 44.33 -0.90 -42.55
CA TYR B 172 43.99 -0.10 -41.38
C TYR B 172 44.71 1.23 -41.47
N LEU B 173 43.96 2.31 -41.37
CA LEU B 173 44.54 3.64 -41.58
C LEU B 173 44.07 4.63 -40.54
N ASN B 174 44.66 4.53 -39.36
CA ASN B 174 45.00 5.54 -38.32
C ASN B 174 45.77 4.72 -37.28
N HIS B 175 45.82 5.12 -36.01
CA HIS B 175 46.30 4.24 -34.95
C HIS B 175 45.52 2.92 -34.91
N THR B 176 46.24 1.82 -35.07
CA THR B 176 45.72 0.46 -35.05
C THR B 176 46.30 -0.27 -33.85
N LEU B 177 45.51 -1.16 -33.25
CA LEU B 177 45.96 -2.00 -32.15
C LEU B 177 46.40 -3.37 -32.67
N VAL B 178 47.58 -3.81 -32.24
CA VAL B 178 48.22 -5.03 -32.71
C VAL B 178 48.42 -5.95 -31.52
N ILE B 179 47.89 -7.16 -31.61
CA ILE B 179 48.01 -8.18 -30.57
C ILE B 179 48.79 -9.36 -31.16
N LEU B 180 50.02 -9.56 -30.71
CA LEU B 180 50.94 -10.55 -31.28
C LEU B 180 51.44 -11.54 -30.25
N PRO B 181 51.29 -12.84 -30.48
CA PRO B 181 51.96 -13.83 -29.61
C PRO B 181 53.39 -14.09 -30.08
N ASP B 182 54.26 -14.33 -29.11
CA ASP B 182 55.69 -14.40 -29.42
C ASP B 182 56.38 -15.30 -28.40
N GLY B 183 57.64 -15.62 -28.70
CA GLY B 183 58.50 -16.38 -27.79
C GLY B 183 58.12 -17.83 -27.56
N CYS B 184 57.76 -18.54 -28.63
CA CYS B 184 57.12 -19.87 -28.58
C CYS B 184 55.93 -19.89 -27.62
N GLY B 185 55.07 -18.88 -27.69
CA GLY B 185 53.91 -18.81 -26.83
C GLY B 185 54.23 -18.54 -25.37
N THR B 186 55.08 -17.55 -25.10
CA THR B 186 55.35 -17.17 -23.73
C THR B 186 55.20 -15.66 -23.55
N ILE B 187 55.13 -14.93 -24.66
CA ILE B 187 55.03 -13.48 -24.65
C ILE B 187 53.78 -13.06 -25.40
N LEU B 188 53.11 -12.03 -24.90
CA LEU B 188 52.06 -11.32 -25.61
C LEU B 188 52.48 -9.86 -25.77
N HIS B 189 52.71 -9.43 -27.00
CA HIS B 189 52.93 -8.03 -27.32
C HIS B 189 51.60 -7.37 -27.66
N ALA B 190 51.37 -6.19 -27.10
CA ALA B 190 50.20 -5.37 -27.47
C ALA B 190 50.67 -3.95 -27.71
N PHE B 191 50.47 -3.42 -28.91
CA PHE B 191 50.83 -2.03 -29.11
C PHE B 191 49.83 -1.32 -30.00
N TYR B 192 49.93 0.00 -29.97
CA TYR B 192 48.95 0.90 -30.59
C TYR B 192 49.77 1.90 -31.40
N CYS B 193 49.78 1.75 -32.73
CA CYS B 193 50.72 2.49 -33.55
C CYS B 193 50.06 2.82 -34.89
N VAL B 194 50.72 3.66 -35.67
CA VAL B 194 50.38 3.86 -37.08
C VAL B 194 51.23 2.87 -37.88
N LEU B 195 50.59 2.17 -38.82
CA LEU B 195 51.24 1.14 -39.62
C LEU B 195 51.50 1.67 -41.01
N HIS B 196 52.77 1.78 -41.39
CA HIS B 196 53.11 2.27 -42.72
C HIS B 196 53.55 1.12 -43.60
N PRO B 197 52.84 0.83 -44.70
CA PRO B 197 53.22 -0.30 -45.54
C PRO B 197 54.52 -0.07 -46.28
N ARG B 198 55.30 -1.13 -46.43
CA ARG B 198 56.61 -1.04 -47.06
C ARG B 198 56.55 -1.52 -48.51
N THR B 199 57.32 -0.85 -49.35
CA THR B 199 57.24 -1.00 -50.80
C THR B 199 58.36 -1.89 -51.34
N GLN B 200 58.68 -2.94 -50.60
CA GLN B 200 59.74 -3.88 -50.99
C GLN B 200 59.14 -4.96 -51.88
N GLN B 201 59.86 -6.08 -52.08
CA GLN B 201 59.23 -7.30 -52.51
C GLN B 201 58.09 -7.63 -51.57
N ASN B 202 56.94 -8.03 -52.13
CA ASN B 202 55.65 -7.35 -51.94
C ASN B 202 55.47 -6.57 -50.64
N CYS B 203 55.69 -7.20 -49.47
CA CYS B 203 55.83 -6.53 -48.15
C CYS B 203 54.62 -5.67 -47.76
N ALA B 204 53.42 -6.05 -48.23
CA ALA B 204 52.14 -5.43 -47.92
C ALA B 204 52.00 -3.98 -48.37
N GLY B 205 52.89 -3.50 -49.25
CA GLY B 205 52.76 -2.15 -49.76
C GLY B 205 53.24 -1.94 -51.18
N GLU B 206 53.31 -3.00 -51.97
CA GLU B 206 53.75 -2.93 -53.36
C GLU B 206 52.52 -2.85 -54.28
N THR B 207 52.80 -2.82 -55.59
CA THR B 207 51.74 -2.99 -56.58
C THR B 207 51.11 -4.38 -56.50
N ASN B 208 51.93 -5.43 -56.46
CA ASN B 208 51.47 -6.80 -56.30
C ASN B 208 51.41 -7.10 -54.81
N PHE B 209 50.29 -7.62 -54.34
CA PHE B 209 50.03 -7.74 -52.91
C PHE B 209 49.20 -9.00 -52.65
N LYS B 210 49.84 -10.03 -52.11
CA LYS B 210 49.09 -11.22 -51.70
C LYS B 210 48.30 -10.94 -50.42
N SER B 211 49.03 -10.74 -49.32
CA SER B 211 48.49 -10.51 -47.98
C SER B 211 49.65 -10.21 -47.06
N LEU B 212 49.30 -9.84 -45.83
CA LEU B 212 50.23 -9.98 -44.71
C LEU B 212 50.16 -11.42 -44.23
N SER B 213 51.32 -12.03 -43.99
CA SER B 213 51.36 -13.40 -43.49
C SER B 213 52.60 -13.56 -42.63
N LEU B 214 52.46 -14.26 -41.51
CA LEU B 214 53.55 -14.37 -40.56
C LEU B 214 54.03 -15.81 -40.45
N TRP B 215 55.30 -15.96 -40.10
CA TRP B 215 55.96 -17.25 -40.04
C TRP B 215 56.73 -17.37 -38.74
N ASP B 216 57.14 -18.60 -38.43
CA ASP B 216 58.03 -18.88 -37.32
C ASP B 216 58.68 -20.24 -37.57
N THR B 217 59.78 -20.50 -36.87
CA THR B 217 60.57 -21.70 -37.09
C THR B 217 60.70 -22.45 -35.78
N PRO B 218 60.13 -23.66 -35.66
CA PRO B 218 60.24 -24.41 -34.40
C PRO B 218 61.63 -24.97 -34.17
N ALA B 219 62.42 -25.08 -35.25
CA ALA B 219 63.73 -25.70 -35.19
C ALA B 219 64.84 -24.75 -34.78
N SER B 220 64.85 -23.53 -35.30
CA SER B 220 65.92 -22.58 -35.04
C SER B 220 65.49 -21.47 -34.09
N ASP B 221 64.26 -20.97 -34.22
CA ASP B 221 63.80 -19.90 -33.34
C ASP B 221 63.32 -20.43 -32.01
N CYS B 222 63.01 -21.73 -31.92
CA CYS B 222 62.50 -22.32 -30.68
C CYS B 222 63.41 -23.42 -30.15
N VAL B 223 64.71 -23.15 -30.10
CA VAL B 223 65.62 -23.98 -29.31
C VAL B 223 65.41 -23.67 -27.85
N SER B 224 65.29 -24.72 -27.03
CA SER B 224 65.09 -24.53 -25.60
C SER B 224 66.33 -23.92 -24.95
N GLY B 225 66.10 -23.18 -23.86
CA GLY B 225 67.17 -22.46 -23.21
C GLY B 225 67.32 -21.06 -23.74
N SER B 226 67.27 -20.90 -25.06
CA SER B 226 67.31 -19.60 -25.72
C SER B 226 66.07 -19.47 -26.60
N TYR B 227 64.97 -19.03 -25.99
CA TYR B 227 63.76 -18.71 -26.73
C TYR B 227 63.92 -17.33 -27.36
N ASN B 228 63.90 -17.27 -28.69
CA ASN B 228 63.99 -15.99 -29.37
C ASN B 228 62.61 -15.34 -29.38
N GLN B 229 62.38 -14.43 -28.45
CA GLN B 229 61.08 -13.77 -28.33
C GLN B 229 61.01 -12.47 -29.10
N GLU B 230 61.47 -12.46 -30.36
CA GLU B 230 61.23 -11.33 -31.24
C GLU B 230 61.03 -11.76 -32.69
N ALA B 231 60.83 -13.05 -32.96
CA ALA B 231 60.78 -13.54 -34.33
C ALA B 231 59.50 -13.13 -35.03
N THR B 232 58.37 -13.21 -34.31
CA THR B 232 57.09 -12.73 -34.84
C THR B 232 57.10 -11.22 -34.98
N LEU B 233 57.70 -10.51 -34.02
CA LEU B 233 57.84 -9.06 -34.10
C LEU B 233 58.69 -8.66 -35.31
N GLY B 234 59.82 -9.34 -35.54
CA GLY B 234 60.65 -9.01 -36.69
C GLY B 234 59.99 -9.34 -38.03
N ALA B 235 59.33 -10.49 -38.12
CA ALA B 235 58.60 -10.83 -39.33
C ALA B 235 57.44 -9.87 -39.60
N PHE B 236 56.80 -9.36 -38.56
CA PHE B 236 55.79 -8.32 -38.71
C PHE B 236 56.40 -7.00 -39.16
N LYS B 237 57.57 -6.64 -38.62
CA LYS B 237 58.24 -5.40 -38.96
C LYS B 237 58.82 -5.40 -40.38
N VAL B 238 58.95 -6.58 -40.99
CA VAL B 238 59.27 -6.66 -42.40
C VAL B 238 58.15 -6.03 -43.24
N TYR B 239 56.90 -6.23 -42.82
CA TYR B 239 55.77 -5.72 -43.60
C TYR B 239 55.50 -4.25 -43.33
N PHE B 240 55.73 -3.76 -42.12
CA PHE B 240 55.23 -2.45 -41.72
C PHE B 240 56.30 -1.66 -40.99
N ASP B 241 56.19 -0.34 -41.10
CA ASP B 241 56.88 0.58 -40.22
C ASP B 241 55.94 0.93 -39.07
N LEU B 242 56.47 0.83 -37.84
CA LEU B 242 55.72 1.20 -36.65
C LEU B 242 56.04 2.66 -36.34
N ILE B 243 55.06 3.53 -36.52
CA ILE B 243 55.25 4.97 -36.39
C ILE B 243 54.35 5.46 -35.26
N ASN B 244 54.90 6.28 -34.37
CA ASN B 244 54.15 7.01 -33.33
C ASN B 244 53.41 6.06 -32.40
N CYS B 245 54.14 5.12 -31.84
CA CYS B 245 53.53 4.16 -30.93
C CYS B 245 53.23 4.84 -29.61
N THR B 246 51.98 4.78 -29.18
CA THR B 246 51.59 5.36 -27.90
C THR B 246 51.95 4.48 -26.72
N PHE B 247 51.85 3.16 -26.85
CA PHE B 247 52.34 2.25 -25.83
C PHE B 247 52.82 0.96 -26.48
N ARG B 248 53.54 0.16 -25.70
CA ARG B 248 54.11 -1.14 -26.09
C ARG B 248 54.14 -2.00 -24.83
N TYR B 249 53.13 -2.84 -24.65
CA TYR B 249 53.05 -3.67 -23.47
C TYR B 249 53.45 -5.10 -23.78
N ASN B 250 54.04 -5.76 -22.79
CA ASN B 250 54.46 -7.15 -22.88
C ASN B 250 53.89 -7.93 -21.70
N TYR B 251 53.34 -9.10 -21.99
CA TYR B 251 52.62 -9.88 -21.00
C TYR B 251 53.12 -11.31 -21.02
N THR B 252 53.16 -11.95 -19.85
CA THR B 252 53.62 -13.32 -19.75
C THR B 252 52.45 -14.29 -19.97
N ILE B 253 52.61 -15.17 -20.95
CA ILE B 253 51.59 -16.12 -21.36
C ILE B 253 51.92 -17.46 -20.74
N THR B 254 50.92 -18.14 -20.18
CA THR B 254 51.12 -19.48 -19.68
C THR B 254 50.68 -20.49 -20.74
N GLU B 255 51.64 -21.26 -21.24
CA GLU B 255 51.41 -22.24 -22.30
C GLU B 255 51.46 -23.64 -21.73
N ASP B 256 50.55 -24.47 -22.21
CA ASP B 256 50.52 -25.92 -22.00
C ASP B 256 49.67 -26.49 -23.12
N GLU B 257 49.28 -27.76 -23.02
CA GLU B 257 48.49 -28.38 -24.07
C GLU B 257 47.05 -28.65 -23.65
N ASN B 258 46.58 -28.00 -22.59
CA ASN B 258 45.20 -28.12 -22.16
C ASN B 258 44.34 -27.05 -22.83
N ALA B 259 43.12 -26.86 -22.32
CA ALA B 259 42.20 -25.92 -22.93
C ALA B 259 42.55 -24.48 -22.56
N GLU B 260 42.26 -23.56 -23.47
CA GLU B 260 42.65 -22.18 -23.35
C GLU B 260 41.54 -21.29 -23.88
N TRP B 261 41.26 -20.19 -23.17
CA TRP B 261 40.27 -19.22 -23.62
C TRP B 261 40.85 -17.82 -23.50
N PHE B 262 40.69 -17.03 -24.57
CA PHE B 262 41.11 -15.64 -24.65
C PHE B 262 39.90 -14.77 -24.97
N GLY B 263 39.89 -13.50 -24.57
CA GLY B 263 38.76 -12.63 -24.82
C GLY B 263 39.11 -11.17 -24.83
N ILE B 264 38.32 -10.39 -25.59
CA ILE B 264 38.55 -8.95 -25.66
C ILE B 264 37.23 -8.19 -25.73
N THR B 265 37.13 -7.10 -24.94
CA THR B 265 35.98 -6.19 -24.95
C THR B 265 36.47 -4.73 -24.94
N GLN B 266 35.58 -3.80 -25.31
CA GLN B 266 35.90 -2.38 -25.16
C GLN B 266 34.75 -1.65 -24.46
N ASP B 267 35.10 -0.71 -23.57
CA ASP B 267 34.12 0.21 -22.99
C ASP B 267 34.76 1.59 -22.91
N THR B 268 34.11 2.48 -22.16
CA THR B 268 34.57 3.86 -22.05
C THR B 268 35.83 4.02 -21.21
N GLN B 269 36.23 2.97 -20.49
CA GLN B 269 37.51 2.97 -19.81
C GLN B 269 38.62 2.32 -20.63
N GLY B 270 38.32 1.85 -21.84
CA GLY B 270 39.36 1.33 -22.69
C GLY B 270 39.11 -0.10 -23.11
N VAL B 271 40.18 -0.79 -23.45
CA VAL B 271 40.12 -2.15 -23.96
C VAL B 271 40.49 -3.11 -22.84
N HIS B 272 39.69 -4.15 -22.64
CA HIS B 272 39.95 -5.17 -21.63
C HIS B 272 40.27 -6.52 -22.26
N LEU B 273 41.26 -7.20 -21.67
CA LEU B 273 41.74 -8.50 -22.11
C LEU B 273 41.48 -9.54 -21.03
N TYR B 274 41.01 -10.72 -21.44
CA TYR B 274 40.60 -11.78 -20.53
C TYR B 274 41.27 -13.08 -20.91
N SER B 275 41.66 -13.85 -19.90
CA SER B 275 42.38 -15.08 -20.13
C SER B 275 41.95 -16.11 -19.11
N SER B 276 41.98 -17.38 -19.51
CA SER B 276 41.87 -18.44 -18.52
C SER B 276 43.16 -18.55 -17.73
N ARG B 277 43.05 -18.89 -16.44
CA ARG B 277 44.21 -18.93 -15.58
C ARG B 277 44.99 -20.22 -15.78
N LYS B 278 45.95 -20.47 -14.90
CA LYS B 278 46.86 -21.62 -15.02
C LYS B 278 46.73 -22.52 -13.79
N GLU B 279 45.75 -23.40 -13.80
CA GLU B 279 45.63 -24.38 -12.72
C GLU B 279 45.24 -25.78 -13.16
N ASN B 280 44.73 -25.98 -14.39
CA ASN B 280 43.88 -27.11 -14.77
C ASN B 280 42.71 -27.29 -13.79
N VAL B 281 42.20 -26.19 -13.26
CA VAL B 281 41.07 -26.19 -12.33
C VAL B 281 40.11 -25.14 -12.88
N PHE B 282 39.08 -25.62 -13.60
CA PHE B 282 38.01 -24.81 -14.20
C PHE B 282 38.59 -23.79 -15.19
N ARG B 283 39.17 -24.32 -16.26
CA ARG B 283 39.76 -23.49 -17.30
C ARG B 283 38.74 -22.80 -18.18
N ASN B 284 37.45 -22.97 -17.93
CA ASN B 284 36.45 -22.25 -18.68
C ASN B 284 36.25 -20.83 -18.18
N ASN B 285 36.74 -20.53 -16.98
CA ASN B 285 36.56 -19.21 -16.39
C ASN B 285 37.62 -18.24 -16.90
N MET B 286 37.19 -17.12 -17.44
CA MET B 286 38.08 -16.09 -17.94
C MET B 286 38.17 -14.93 -16.95
N PHE B 287 39.38 -14.50 -16.68
CA PHE B 287 39.64 -13.43 -15.72
C PHE B 287 40.34 -12.28 -16.40
N HIS B 288 40.05 -11.08 -15.92
CA HIS B 288 40.62 -9.86 -16.48
C HIS B 288 42.10 -9.77 -16.13
N PHE B 289 42.94 -9.54 -17.14
CA PHE B 289 44.36 -9.36 -16.86
C PHE B 289 44.98 -8.10 -17.45
N ALA B 290 44.27 -7.31 -18.25
CA ALA B 290 44.86 -6.12 -18.85
C ALA B 290 43.79 -5.13 -19.27
N THR B 291 44.10 -3.85 -19.11
CA THR B 291 43.35 -2.73 -19.70
C THR B 291 44.31 -1.90 -20.52
N LEU B 292 43.89 -1.49 -21.67
CA LEU B 292 44.66 -0.72 -22.61
C LEU B 292 43.98 0.62 -22.87
N PRO B 293 44.73 1.72 -22.85
CA PRO B 293 44.14 3.07 -22.99
C PRO B 293 43.79 3.43 -24.43
N VAL B 294 42.86 2.68 -24.99
CA VAL B 294 42.36 2.90 -26.34
C VAL B 294 40.93 3.34 -26.21
N TYR B 295 40.61 4.53 -26.72
CA TYR B 295 39.33 5.17 -26.43
C TYR B 295 38.46 5.39 -27.65
N GLN B 296 39.01 5.52 -28.84
CA GLN B 296 38.18 5.54 -30.02
C GLN B 296 37.62 4.15 -30.27
N LYS B 297 36.43 4.10 -30.84
CA LYS B 297 35.67 2.86 -30.88
C LYS B 297 36.26 1.91 -31.91
N ILE B 298 36.50 0.68 -31.48
CA ILE B 298 36.99 -0.37 -32.38
C ILE B 298 35.81 -0.89 -33.18
N LEU B 299 35.95 -0.85 -34.50
CA LEU B 299 34.89 -1.33 -35.37
C LEU B 299 35.26 -2.58 -36.14
N TYR B 300 36.52 -2.72 -36.56
CA TYR B 300 36.93 -3.79 -37.44
C TYR B 300 38.06 -4.58 -36.81
N TYR B 301 38.15 -5.86 -37.15
CA TYR B 301 39.29 -6.67 -36.77
C TYR B 301 39.62 -7.65 -37.88
N THR B 302 40.85 -8.15 -37.82
CA THR B 302 41.41 -9.06 -38.81
C THR B 302 42.28 -10.08 -38.09
N VAL B 303 41.98 -11.35 -38.27
CA VAL B 303 42.86 -12.44 -37.87
C VAL B 303 43.98 -12.50 -38.89
N ILE B 304 45.22 -12.63 -38.41
CA ILE B 304 46.39 -12.59 -39.27
C ILE B 304 46.74 -14.01 -39.72
N PRO B 305 46.84 -14.28 -41.02
CA PRO B 305 47.16 -15.63 -41.50
C PRO B 305 48.58 -16.03 -41.16
N ARG B 306 48.74 -17.21 -40.60
CA ARG B 306 50.03 -17.72 -40.15
C ARG B 306 50.39 -19.00 -40.88
N SER B 307 51.68 -19.30 -40.88
CA SER B 307 52.19 -20.58 -41.39
C SER B 307 53.53 -20.82 -40.70
N ILE B 308 53.56 -21.71 -39.72
CA ILE B 308 54.78 -21.91 -38.96
C ILE B 308 55.66 -22.93 -39.68
N ARG B 309 56.87 -22.47 -40.05
CA ARG B 309 57.65 -23.04 -41.14
C ARG B 309 58.53 -24.19 -40.68
N SER B 310 57.92 -25.22 -40.10
CA SER B 310 58.60 -26.46 -39.76
C SER B 310 59.16 -27.15 -41.00
N PRO B 311 60.18 -28.02 -40.85
CA PRO B 311 60.67 -28.81 -42.00
C PRO B 311 59.67 -29.81 -42.54
N PHE B 312 60.07 -30.54 -43.58
CA PHE B 312 59.14 -31.44 -44.27
C PHE B 312 58.98 -32.75 -43.53
N ASN B 313 60.08 -33.37 -43.10
CA ASN B 313 59.98 -34.69 -42.46
C ASN B 313 59.53 -34.58 -41.02
N ASP B 314 60.20 -33.76 -40.22
CA ASP B 314 59.82 -33.57 -38.82
C ASP B 314 59.02 -32.27 -38.63
N ARG B 315 57.75 -32.32 -39.04
CA ARG B 315 56.87 -31.18 -38.85
C ARG B 315 55.92 -31.43 -37.68
N LYS B 316 55.25 -30.36 -37.26
CA LYS B 316 54.22 -30.42 -36.24
C LYS B 316 52.88 -30.03 -36.86
N ALA B 317 51.85 -30.82 -36.58
CA ALA B 317 50.52 -30.52 -37.08
C ALA B 317 49.85 -29.49 -36.19
N TRP B 318 48.96 -28.71 -36.80
CA TRP B 318 48.44 -27.50 -36.19
C TRP B 318 46.97 -27.65 -35.85
N ALA B 319 46.56 -26.96 -34.79
CA ALA B 319 45.18 -26.98 -34.33
C ALA B 319 44.40 -25.82 -34.93
N ALA B 320 43.11 -25.81 -34.65
CA ALA B 320 42.23 -24.74 -35.04
C ALA B 320 42.12 -23.73 -33.90
N PHE B 321 41.39 -22.65 -34.14
CA PHE B 321 40.80 -21.92 -33.03
C PHE B 321 39.41 -21.44 -33.45
N TYR B 322 38.61 -21.09 -32.44
CA TYR B 322 37.20 -20.79 -32.67
C TYR B 322 36.84 -19.46 -32.04
N ILE B 323 36.20 -18.59 -32.81
CA ILE B 323 35.82 -17.27 -32.34
C ILE B 323 34.30 -17.19 -32.19
N TYR B 324 33.85 -16.70 -31.04
CA TYR B 324 32.45 -16.56 -30.68
C TYR B 324 32.16 -15.12 -30.26
N LYS B 325 31.07 -14.57 -30.77
CA LYS B 325 30.73 -13.17 -30.52
C LYS B 325 29.95 -13.00 -29.22
N LEU B 326 30.23 -11.90 -28.54
CA LEU B 326 29.56 -11.56 -27.29
C LEU B 326 28.34 -10.69 -27.55
N HIS B 327 27.35 -10.86 -26.68
CA HIS B 327 26.05 -10.21 -26.75
C HIS B 327 25.66 -9.79 -25.36
N PRO B 328 24.95 -8.69 -25.23
CA PRO B 328 24.43 -8.32 -23.90
C PRO B 328 23.27 -9.22 -23.50
N LEU B 329 23.50 -10.03 -22.47
CA LEU B 329 22.60 -11.10 -22.08
C LEU B 329 22.55 -11.22 -20.56
N THR B 330 21.48 -11.82 -20.08
CA THR B 330 21.38 -12.22 -18.68
C THR B 330 21.58 -13.73 -18.58
N TYR B 331 22.46 -14.13 -17.67
CA TYR B 331 22.78 -15.53 -17.44
C TYR B 331 22.50 -15.88 -15.99
N LEU B 332 22.11 -17.12 -15.78
CA LEU B 332 22.03 -17.72 -14.46
C LEU B 332 23.32 -18.49 -14.21
N LEU B 333 24.06 -18.11 -13.18
CA LEU B 333 25.36 -18.71 -12.89
C LEU B 333 25.31 -19.45 -11.56
N ASN B 334 26.03 -20.56 -11.50
CA ASN B 334 26.20 -21.34 -10.27
C ASN B 334 27.64 -21.31 -9.81
N PHE B 335 27.86 -20.95 -8.55
CA PHE B 335 29.17 -20.90 -7.93
C PHE B 335 29.29 -22.01 -6.90
N ASP B 336 30.40 -22.74 -6.93
CA ASP B 336 30.71 -23.73 -5.89
C ASP B 336 31.36 -23.04 -4.69
N VAL B 337 31.78 -23.82 -3.69
CA VAL B 337 32.34 -23.20 -2.48
C VAL B 337 33.75 -22.71 -2.73
N GLU B 338 34.39 -23.13 -3.82
CA GLU B 338 35.72 -22.65 -4.13
C GLU B 338 35.67 -21.35 -4.91
N GLY B 339 34.48 -20.96 -5.36
CA GLY B 339 34.28 -19.71 -6.06
C GLY B 339 34.17 -19.81 -7.56
N TYR B 340 34.27 -20.99 -8.15
CA TYR B 340 34.30 -21.11 -9.59
C TYR B 340 32.90 -21.25 -10.16
N ILE B 341 32.77 -20.94 -11.44
CA ILE B 341 31.50 -21.07 -12.16
C ILE B 341 31.45 -22.45 -12.79
N THR B 342 30.55 -23.29 -12.31
CA THR B 342 30.47 -24.66 -12.78
C THR B 342 29.39 -24.86 -13.83
N LYS B 343 28.35 -24.05 -13.85
CA LYS B 343 27.32 -24.13 -14.88
C LYS B 343 26.61 -22.79 -15.03
N ALA B 344 26.04 -22.60 -16.21
CA ALA B 344 25.32 -21.40 -16.56
C ALA B 344 24.06 -21.75 -17.32
N VAL B 345 23.17 -20.77 -17.44
CA VAL B 345 21.96 -20.86 -18.26
C VAL B 345 21.79 -19.52 -18.96
N ASP B 346 21.62 -19.55 -20.28
CA ASP B 346 21.25 -18.37 -21.05
C ASP B 346 19.73 -18.15 -20.93
N CYS B 347 19.34 -17.07 -20.24
CA CYS B 347 17.95 -16.82 -19.90
C CYS B 347 17.06 -16.57 -21.12
N GLY B 348 17.64 -16.17 -22.25
CA GLY B 348 16.83 -15.86 -23.41
C GLY B 348 16.78 -16.99 -24.42
N TYR B 349 17.33 -18.15 -24.06
CA TYR B 349 17.42 -19.26 -24.99
C TYR B 349 16.05 -19.86 -25.31
N ASP B 350 15.31 -20.30 -24.29
CA ASP B 350 13.94 -20.74 -24.49
C ASP B 350 13.11 -20.37 -23.26
N ASP B 351 11.92 -20.94 -23.17
CA ASP B 351 10.97 -20.61 -22.11
C ASP B 351 11.28 -21.32 -20.80
N LEU B 352 11.83 -22.54 -20.83
CA LEU B 352 12.26 -23.19 -19.60
C LEU B 352 13.47 -22.50 -18.98
N ALA B 353 14.39 -22.02 -19.81
CA ALA B 353 15.53 -21.24 -19.31
C ALA B 353 15.08 -19.96 -18.66
N GLN B 354 14.01 -19.37 -19.18
CA GLN B 354 13.46 -18.14 -18.64
C GLN B 354 12.69 -18.39 -17.34
N LEU B 355 12.02 -19.53 -17.24
CA LEU B 355 11.45 -19.96 -15.96
C LEU B 355 12.52 -20.23 -14.91
N GLN B 356 13.62 -20.89 -15.30
CA GLN B 356 14.70 -21.17 -14.36
C GLN B 356 15.40 -19.91 -13.90
N CYS B 357 15.52 -18.92 -14.78
CA CYS B 357 16.04 -17.61 -14.40
C CYS B 357 15.11 -16.82 -13.51
N SER B 358 13.79 -16.86 -13.75
CA SER B 358 12.87 -16.19 -12.85
C SER B 358 12.80 -16.83 -11.47
N TYR B 359 12.92 -18.15 -11.36
CA TYR B 359 12.98 -18.74 -10.03
C TYR B 359 14.36 -18.68 -9.40
N GLU B 360 15.38 -18.29 -10.17
CA GLU B 360 16.79 -18.23 -9.74
C GLU B 360 17.26 -19.57 -9.18
N SER B 361 16.98 -20.63 -9.93
CA SER B 361 17.25 -21.97 -9.45
C SER B 361 17.32 -22.90 -10.64
N PHE B 362 18.27 -23.83 -10.62
CA PHE B 362 18.33 -24.83 -11.66
C PHE B 362 17.31 -25.94 -11.45
N GLU B 363 16.76 -26.09 -10.25
CA GLU B 363 15.74 -27.09 -9.96
C GLU B 363 14.41 -26.41 -9.68
N VAL B 364 13.39 -26.75 -10.48
CA VAL B 364 12.03 -26.30 -10.25
C VAL B 364 11.11 -27.51 -10.15
N GLU B 365 9.98 -27.31 -9.48
CA GLU B 365 9.00 -28.36 -9.27
C GLU B 365 8.24 -28.68 -10.56
N THR B 366 7.53 -29.80 -10.53
CA THR B 366 6.60 -30.15 -11.59
C THR B 366 5.44 -29.16 -11.59
N GLY B 367 4.92 -28.82 -12.76
CA GLY B 367 3.84 -27.85 -12.77
C GLY B 367 3.66 -27.21 -14.13
N VAL B 368 2.70 -26.29 -14.16
CA VAL B 368 2.39 -25.44 -15.31
C VAL B 368 2.63 -24.01 -14.85
N TYR B 369 3.34 -23.25 -15.66
CA TYR B 369 3.79 -21.91 -15.29
C TYR B 369 3.53 -20.95 -16.42
N SER B 370 3.08 -19.75 -16.08
CA SER B 370 2.97 -18.68 -17.05
C SER B 370 4.30 -17.93 -17.09
N VAL B 371 4.80 -17.69 -18.29
CA VAL B 371 6.07 -16.99 -18.46
C VAL B 371 5.83 -15.69 -19.21
N SER B 372 6.86 -14.87 -19.28
CA SER B 372 6.80 -13.56 -19.89
C SER B 372 6.63 -13.69 -21.40
N SER B 373 5.72 -12.89 -21.91
CA SER B 373 5.11 -13.03 -23.21
C SER B 373 6.09 -12.69 -24.34
N PHE B 374 5.62 -12.86 -25.57
CA PHE B 374 6.42 -12.52 -26.74
C PHE B 374 6.32 -11.03 -27.04
N GLU B 375 7.46 -10.35 -27.01
CA GLU B 375 7.54 -8.90 -27.11
C GLU B 375 7.21 -8.42 -28.54
N ALA B 376 6.75 -7.18 -28.62
CA ALA B 376 6.31 -6.61 -29.89
C ALA B 376 7.49 -6.27 -30.80
N SER B 377 8.37 -5.34 -30.36
CA SER B 377 9.46 -4.74 -31.12
C SER B 377 8.98 -4.13 -32.43
N PRO B 378 8.46 -2.89 -32.42
CA PRO B 378 7.78 -2.33 -33.59
C PRO B 378 8.67 -2.22 -34.83
N ARG B 379 8.03 -2.36 -35.99
CA ARG B 379 8.74 -2.56 -37.25
C ARG B 379 8.83 -1.30 -38.09
N GLY B 380 7.69 -0.72 -38.47
CA GLY B 380 7.72 0.33 -39.47
C GLY B 380 7.40 1.71 -38.97
N GLU B 381 6.82 2.52 -39.86
CA GLU B 381 6.44 3.91 -39.63
C GLU B 381 5.27 4.25 -40.53
N PHE B 382 4.33 5.05 -40.01
CA PHE B 382 3.12 5.40 -40.75
C PHE B 382 3.26 6.72 -41.52
N ILE B 383 4.14 7.63 -41.11
CA ILE B 383 3.99 9.10 -41.16
C ILE B 383 3.05 9.74 -42.19
N GLU B 384 2.15 10.61 -41.71
CA GLU B 384 1.28 11.48 -42.50
C GLU B 384 1.39 12.90 -41.96
N GLN B 385 1.30 13.90 -42.85
CA GLN B 385 1.40 15.30 -42.46
C GLN B 385 0.78 16.20 -43.52
N ALA B 386 0.70 17.48 -43.21
CA ALA B 386 0.07 18.51 -44.04
C ALA B 386 1.09 19.32 -44.82
N THR B 387 0.61 20.14 -45.75
CA THR B 387 1.44 20.91 -46.67
C THR B 387 2.15 22.09 -46.01
N THR B 388 1.44 22.91 -45.24
CA THR B 388 2.03 23.70 -44.15
C THR B 388 3.08 24.77 -44.49
N GLN B 389 2.64 25.97 -44.88
CA GLN B 389 3.50 27.16 -44.94
C GLN B 389 4.25 27.42 -43.61
N GLU B 390 5.28 28.25 -43.69
CA GLU B 390 6.25 28.39 -42.63
C GLU B 390 5.96 29.60 -41.72
N CYS B 391 6.41 29.50 -40.46
CA CYS B 391 6.05 30.49 -39.45
C CYS B 391 6.76 31.81 -39.68
N ASP B 392 6.18 32.89 -39.16
CA ASP B 392 6.58 34.26 -39.46
C ASP B 392 7.22 34.88 -38.22
N PHE B 393 8.54 34.86 -38.16
CA PHE B 393 9.28 35.41 -37.03
C PHE B 393 9.82 36.81 -37.29
N THR B 394 9.59 37.35 -38.49
CA THR B 394 10.13 38.66 -38.84
C THR B 394 9.66 39.86 -38.00
N PRO B 395 8.48 39.87 -37.32
CA PRO B 395 8.28 40.90 -36.29
C PRO B 395 9.32 40.88 -35.18
N MET B 396 9.77 39.73 -34.74
CA MET B 396 10.75 39.66 -33.66
C MET B 396 12.14 40.02 -34.14
N LEU B 397 12.44 39.84 -35.42
CA LEU B 397 13.79 39.96 -35.94
C LEU B 397 14.10 41.34 -36.53
N THR B 398 13.10 42.20 -36.69
CA THR B 398 13.33 43.54 -37.18
C THR B 398 12.74 44.54 -36.20
N GLY B 399 13.42 45.67 -36.05
CA GLY B 399 12.93 46.74 -35.22
C GLY B 399 13.64 46.84 -33.87
N THR B 400 13.00 47.56 -32.96
CA THR B 400 13.49 47.69 -31.59
C THR B 400 12.64 46.82 -30.67
N PRO B 401 13.24 46.01 -29.80
CA PRO B 401 12.43 45.23 -28.87
C PRO B 401 11.83 46.12 -27.80
N PRO B 402 10.64 45.78 -27.31
CA PRO B 402 9.92 46.66 -26.39
C PRO B 402 10.46 46.58 -24.97
N PRO B 403 10.02 47.47 -24.08
CA PRO B 403 10.31 47.31 -22.64
C PRO B 403 9.49 46.20 -22.01
N ILE B 404 9.89 45.83 -20.79
CA ILE B 404 9.36 44.62 -20.16
C ILE B 404 7.89 44.78 -19.75
N TYR B 405 7.49 45.98 -19.31
CA TYR B 405 6.10 46.19 -18.92
C TYR B 405 5.19 46.21 -20.13
N ASN B 406 5.70 46.62 -21.27
CA ASN B 406 5.02 46.55 -22.55
C ASN B 406 5.58 45.43 -23.43
N PHE B 407 5.51 44.18 -22.99
CA PHE B 407 6.19 43.11 -23.72
C PHE B 407 5.42 42.75 -24.99
N LYS B 408 6.12 42.09 -25.92
CA LYS B 408 5.45 41.64 -27.14
C LYS B 408 5.13 40.13 -27.09
N ARG B 409 3.99 39.75 -27.66
CA ARG B 409 3.53 38.36 -27.70
C ARG B 409 3.31 37.91 -29.14
N LEU B 410 3.78 36.71 -29.46
CA LEU B 410 3.48 36.02 -30.72
C LEU B 410 2.96 34.62 -30.45
N VAL B 411 2.02 34.17 -31.27
CA VAL B 411 1.38 32.85 -31.15
C VAL B 411 1.39 32.17 -32.51
N PHE B 412 1.83 30.92 -32.55
CA PHE B 412 1.95 30.15 -33.78
C PHE B 412 1.17 28.84 -33.68
N THR B 413 0.33 28.58 -34.68
CA THR B 413 -0.30 27.30 -34.93
C THR B 413 -0.15 26.95 -36.39
N ASN B 414 -0.05 25.64 -36.69
CA ASN B 414 -0.12 25.05 -38.03
C ASN B 414 0.95 25.59 -38.99
N CYS B 415 2.21 25.48 -38.57
CA CYS B 415 3.33 25.98 -39.38
C CYS B 415 4.62 25.26 -39.00
N ASN B 416 5.64 25.42 -39.84
CA ASN B 416 7.00 24.95 -39.59
C ASN B 416 7.92 26.15 -39.43
N TYR B 417 9.04 26.03 -38.70
CA TYR B 417 9.73 27.28 -38.39
C TYR B 417 11.25 27.38 -38.48
N ASN B 418 11.99 26.29 -38.68
CA ASN B 418 13.47 26.32 -38.77
C ASN B 418 14.14 26.86 -37.51
N LEU B 419 14.11 26.06 -36.44
CA LEU B 419 14.79 26.37 -35.19
C LEU B 419 16.28 26.58 -35.36
N THR B 420 16.95 25.75 -36.15
CA THR B 420 18.27 26.08 -36.66
C THR B 420 18.14 27.33 -37.53
N LYS B 421 19.08 28.27 -37.37
CA LYS B 421 19.19 29.64 -37.86
C LYS B 421 18.37 30.62 -37.05
N LEU B 422 17.49 30.18 -36.17
CA LEU B 422 17.04 31.03 -35.10
C LEU B 422 18.05 31.05 -33.98
N LEU B 423 18.61 29.90 -33.64
CA LEU B 423 19.67 29.80 -32.64
C LEU B 423 20.98 30.43 -33.12
N SER B 424 21.17 30.59 -34.41
CA SER B 424 22.37 31.20 -34.98
C SER B 424 22.29 32.72 -35.04
N LEU B 425 21.21 33.34 -34.59
CA LEU B 425 21.13 34.79 -34.49
C LEU B 425 21.42 35.30 -33.09
N PHE B 426 21.36 34.45 -32.07
CA PHE B 426 21.50 34.87 -30.69
C PHE B 426 22.52 34.02 -30.00
N GLN B 427 23.15 34.59 -28.97
CA GLN B 427 24.09 33.87 -28.12
C GLN B 427 23.45 33.70 -26.75
N VAL B 428 23.07 32.46 -26.43
CA VAL B 428 22.33 32.15 -25.21
C VAL B 428 23.26 32.26 -24.01
N SER B 429 22.85 33.02 -23.01
CA SER B 429 23.59 33.07 -21.75
C SER B 429 23.04 32.08 -20.72
N GLU B 430 21.73 31.90 -20.69
CA GLU B 430 21.11 30.93 -19.79
C GLU B 430 19.70 30.59 -20.25
N PHE B 431 19.25 29.40 -19.83
CA PHE B 431 17.88 28.97 -20.00
C PHE B 431 17.47 28.19 -18.76
N SER B 432 16.15 28.14 -18.54
CA SER B 432 15.58 27.23 -17.56
C SER B 432 14.20 26.82 -18.00
N CYS B 433 13.91 25.52 -17.94
CA CYS B 433 12.68 24.96 -18.47
C CYS B 433 11.88 24.24 -17.39
N HIS B 434 10.60 24.11 -17.64
CA HIS B 434 9.64 23.55 -16.70
C HIS B 434 8.76 22.59 -17.46
N GLN B 435 8.91 21.29 -17.14
CA GLN B 435 8.20 20.14 -17.70
C GLN B 435 8.43 19.92 -19.18
N VAL B 436 9.55 20.42 -19.71
CA VAL B 436 9.95 20.21 -21.09
C VAL B 436 11.45 20.48 -21.11
N SER B 437 12.13 20.04 -22.18
CA SER B 437 13.53 20.36 -22.37
C SER B 437 13.75 20.93 -23.76
N PRO B 438 14.77 21.79 -23.97
CA PRO B 438 14.96 22.40 -25.29
C PRO B 438 15.36 21.44 -26.40
N SER B 439 15.99 20.32 -26.07
CA SER B 439 16.27 19.31 -27.08
C SER B 439 15.03 18.55 -27.53
N SER B 440 13.96 18.56 -26.73
CA SER B 440 12.70 17.96 -27.12
C SER B 440 11.84 18.89 -27.96
N LEU B 441 11.97 20.20 -27.77
CA LEU B 441 11.35 21.17 -28.65
C LEU B 441 11.94 21.11 -30.06
N ALA B 442 13.18 20.67 -30.20
CA ALA B 442 13.84 20.56 -31.48
C ALA B 442 13.47 19.30 -32.25
N THR B 443 12.96 18.27 -31.60
CA THR B 443 12.71 17.00 -32.27
C THR B 443 11.24 16.56 -32.27
N GLY B 444 10.33 17.38 -31.75
CA GLY B 444 8.94 16.99 -31.62
C GLY B 444 8.01 18.09 -32.08
N CYS B 445 6.73 17.80 -32.02
CA CYS B 445 5.69 18.71 -32.47
C CYS B 445 4.71 18.97 -31.33
N TYR B 446 4.02 20.11 -31.43
CA TYR B 446 3.13 20.60 -30.38
C TYR B 446 1.98 21.34 -31.05
N SER B 447 0.89 21.52 -30.31
CA SER B 447 -0.30 22.14 -30.88
C SER B 447 -0.12 23.64 -31.11
N SER B 448 0.47 24.35 -30.16
CA SER B 448 0.73 25.76 -30.32
C SER B 448 2.00 26.16 -29.61
N LEU B 449 2.63 27.21 -30.15
CA LEU B 449 3.80 27.84 -29.58
C LEU B 449 3.48 29.30 -29.24
N THR B 450 3.96 29.78 -28.09
CA THR B 450 3.69 31.13 -27.62
C THR B 450 4.98 31.75 -27.09
N VAL B 451 5.34 32.93 -27.61
CA VAL B 451 6.61 33.59 -27.30
C VAL B 451 6.33 35.01 -26.81
N ASP B 452 6.76 35.33 -25.60
CA ASP B 452 6.83 36.70 -25.12
C ASP B 452 8.27 37.19 -25.19
N TYR B 453 8.48 38.42 -25.63
CA TYR B 453 9.86 38.88 -25.79
C TYR B 453 9.96 40.37 -25.48
N PHE B 454 11.09 40.72 -24.88
CA PHE B 454 11.36 42.10 -24.50
C PHE B 454 12.87 42.28 -24.35
N ALA B 455 13.31 43.54 -24.39
CA ALA B 455 14.68 43.87 -24.02
C ALA B 455 14.85 43.74 -22.51
N TYR B 456 16.02 43.30 -22.06
CA TYR B 456 16.27 42.96 -20.66
C TYR B 456 17.75 42.74 -20.42
N SER B 457 18.29 43.33 -19.36
CA SER B 457 19.70 43.15 -19.02
C SER B 457 19.91 41.77 -18.41
N THR B 458 20.90 41.03 -18.89
CA THR B 458 21.19 39.68 -18.39
C THR B 458 21.63 39.68 -16.93
N ASP B 459 22.31 40.72 -16.48
CA ASP B 459 22.73 40.81 -15.10
C ASP B 459 21.56 41.09 -14.11
N MET B 460 20.32 41.21 -14.56
CA MET B 460 19.14 41.21 -13.71
C MET B 460 18.37 39.90 -13.80
N SER B 461 19.03 38.82 -14.26
CA SER B 461 18.40 37.52 -14.49
C SER B 461 17.71 36.96 -13.25
N SER B 462 18.31 37.14 -12.08
CA SER B 462 17.72 36.58 -10.87
C SER B 462 16.42 37.26 -10.46
N TYR B 463 16.11 38.44 -11.01
CA TYR B 463 14.81 39.03 -10.79
C TYR B 463 13.71 38.43 -11.65
N LEU B 464 14.04 37.54 -12.58
CA LEU B 464 13.01 36.85 -13.34
C LEU B 464 12.77 35.43 -12.86
N GLN B 465 13.54 34.96 -11.87
CA GLN B 465 13.37 33.64 -11.30
C GLN B 465 12.00 33.51 -10.64
N PRO B 466 11.41 32.31 -10.65
CA PRO B 466 10.19 32.09 -9.85
C PRO B 466 10.49 32.14 -8.36
N GLY B 467 9.64 32.83 -7.63
CA GLY B 467 9.84 33.04 -6.21
C GLY B 467 10.59 34.30 -5.86
N SER B 468 10.90 35.16 -6.83
CA SER B 468 11.64 36.37 -6.56
C SER B 468 10.74 37.42 -5.89
N ALA B 469 11.39 38.33 -5.15
CA ALA B 469 10.67 39.28 -4.31
C ALA B 469 10.62 40.72 -4.80
N GLY B 470 11.35 41.09 -5.85
CA GLY B 470 11.43 42.51 -6.19
C GLY B 470 10.37 43.09 -7.11
N ALA B 471 10.67 44.25 -7.68
CA ALA B 471 9.69 45.02 -8.46
C ALA B 471 9.38 44.42 -9.82
N ILE B 472 10.24 43.56 -10.35
CA ILE B 472 10.06 43.02 -11.69
C ILE B 472 8.87 42.06 -11.75
N VAL B 473 8.74 41.20 -10.74
CA VAL B 473 7.63 40.27 -10.73
C VAL B 473 6.34 40.97 -10.31
N GLN B 474 6.45 41.97 -9.44
CA GLN B 474 5.28 42.66 -8.91
C GLN B 474 4.62 43.58 -9.94
N PHE B 475 5.41 44.31 -10.72
CA PHE B 475 4.83 45.34 -11.55
C PHE B 475 5.14 45.24 -13.03
N ASN B 476 5.92 44.25 -13.47
CA ASN B 476 6.26 44.21 -14.89
C ASN B 476 5.86 42.92 -15.59
N TYR B 477 6.33 41.78 -15.12
CA TYR B 477 6.06 40.51 -15.79
C TYR B 477 6.06 39.42 -14.74
N LYS B 478 5.03 38.58 -14.76
CA LYS B 478 4.94 37.41 -13.91
C LYS B 478 4.72 36.19 -14.79
N GLN B 479 5.61 35.21 -14.68
CA GLN B 479 5.54 34.04 -15.56
C GLN B 479 4.44 33.08 -15.14
N ASP B 480 3.70 32.60 -16.13
CA ASP B 480 2.64 31.63 -15.97
C ASP B 480 3.21 30.21 -16.07
N PHE B 481 2.76 29.34 -15.17
CA PHE B 481 3.26 27.97 -15.10
C PHE B 481 2.16 26.93 -15.29
N SER B 482 1.13 27.23 -16.06
CA SER B 482 0.12 26.24 -16.40
C SER B 482 0.58 25.25 -17.45
N ASN B 483 1.12 25.72 -18.56
CA ASN B 483 1.69 24.92 -19.63
C ASN B 483 3.18 24.71 -19.37
N PRO B 484 3.82 23.76 -20.07
CA PRO B 484 5.29 23.67 -20.01
C PRO B 484 5.96 24.87 -20.64
N THR B 485 7.06 25.31 -20.04
CA THR B 485 7.55 26.65 -20.39
C THR B 485 9.05 26.76 -20.18
N CYS B 486 9.70 27.54 -21.05
CA CYS B 486 11.12 27.82 -20.94
C CYS B 486 11.37 29.33 -20.91
N ARG B 487 12.43 29.70 -20.21
CA ARG B 487 12.85 31.08 -20.04
C ARG B 487 14.27 31.18 -20.57
N VAL B 488 14.50 32.08 -21.53
CA VAL B 488 15.76 32.16 -22.27
C VAL B 488 16.29 33.58 -22.26
N LEU B 489 17.55 33.76 -21.86
CA LEU B 489 18.24 35.03 -22.01
C LEU B 489 19.27 34.96 -23.13
N ALA B 490 19.36 36.01 -23.92
CA ALA B 490 20.31 35.97 -25.04
C ALA B 490 20.81 37.36 -25.39
N THR B 491 21.97 37.37 -26.03
CA THR B 491 22.59 38.57 -26.56
C THR B 491 22.50 38.52 -28.08
N VAL B 492 22.23 39.65 -28.71
CA VAL B 492 22.21 39.73 -30.16
C VAL B 492 23.49 40.41 -30.62
N PRO B 493 24.26 39.70 -31.43
CA PRO B 493 25.55 40.10 -31.98
C PRO B 493 25.47 41.31 -32.90
N GLN B 494 26.55 42.07 -32.93
CA GLN B 494 26.62 43.29 -33.71
C GLN B 494 26.41 43.23 -35.21
N ASN B 495 26.73 42.13 -35.88
CA ASN B 495 26.57 42.09 -37.34
C ASN B 495 25.28 41.55 -37.91
N LEU B 496 24.85 40.39 -37.44
CA LEU B 496 23.63 39.79 -37.97
C LEU B 496 22.34 40.43 -37.47
N THR B 497 21.26 40.17 -38.18
CA THR B 497 19.94 40.70 -37.82
C THR B 497 19.79 42.19 -38.12
N THR B 498 18.55 42.66 -38.08
CA THR B 498 18.25 44.06 -38.28
C THR B 498 17.50 44.62 -37.07
N ILE B 499 17.89 44.13 -35.91
CA ILE B 499 17.38 44.53 -34.61
C ILE B 499 18.11 45.79 -34.17
N THR B 500 17.37 46.85 -33.91
CA THR B 500 17.96 48.12 -33.52
C THR B 500 17.86 48.30 -32.01
N LYS B 501 18.80 49.07 -31.47
CA LYS B 501 18.85 49.19 -30.04
C LYS B 501 18.00 50.35 -29.54
N PRO B 502 17.40 50.22 -28.38
CA PRO B 502 16.83 51.38 -27.68
C PRO B 502 17.92 52.25 -27.09
N SER B 503 17.51 53.39 -26.53
CA SER B 503 18.48 54.21 -25.83
C SER B 503 18.64 53.78 -24.37
N ASN B 504 17.57 53.34 -23.72
CA ASN B 504 17.65 52.90 -22.34
C ASN B 504 17.03 51.52 -22.18
N TYR B 505 17.34 50.89 -21.06
CA TYR B 505 16.53 49.89 -20.42
C TYR B 505 15.64 50.57 -19.39
N ALA B 506 14.47 49.98 -19.13
CA ALA B 506 13.43 50.67 -18.38
C ALA B 506 12.46 49.69 -17.75
N TYR B 507 12.25 49.78 -16.45
CA TYR B 507 11.19 49.01 -15.81
C TYR B 507 10.40 49.89 -14.86
N LEU B 508 9.30 49.37 -14.35
CA LEU B 508 8.46 50.09 -13.41
C LEU B 508 8.81 49.71 -11.98
N THR B 509 8.81 50.69 -11.09
CA THR B 509 9.07 50.41 -9.68
C THR B 509 7.84 50.50 -8.81
N GLU B 510 6.71 50.93 -9.33
CA GLU B 510 5.51 51.17 -8.53
C GLU B 510 4.28 51.20 -9.43
N CYS B 511 3.18 50.67 -8.92
CA CYS B 511 1.87 50.90 -9.52
C CYS B 511 0.84 50.81 -8.41
N TYR B 512 0.16 51.92 -8.12
CA TYR B 512 -0.82 51.95 -7.03
C TYR B 512 -1.93 52.92 -7.39
N LYS B 513 -3.08 52.72 -6.77
CA LYS B 513 -4.13 53.72 -6.80
C LYS B 513 -4.30 54.35 -5.42
N THR B 514 -4.58 55.64 -5.41
CA THR B 514 -4.79 56.36 -4.17
C THR B 514 -6.25 56.27 -3.75
N SER B 515 -6.48 56.24 -2.45
CA SER B 515 -7.82 56.22 -1.88
C SER B 515 -7.90 57.24 -0.76
N ALA B 516 -9.00 57.20 -0.01
CA ALA B 516 -9.04 57.88 1.27
C ALA B 516 -8.30 57.10 2.33
N TYR B 517 -8.12 55.80 2.11
CA TYR B 517 -7.40 54.95 3.05
C TYR B 517 -5.89 55.07 2.85
N GLY B 518 -5.46 55.19 1.59
CA GLY B 518 -4.05 55.29 1.30
C GLY B 518 -3.73 54.61 -0.01
N LYS B 519 -2.44 54.34 -0.21
CA LYS B 519 -1.96 53.62 -1.39
C LYS B 519 -2.48 52.19 -1.40
N ASN B 520 -2.95 51.75 -2.56
CA ASN B 520 -3.33 50.36 -2.78
C ASN B 520 -2.54 49.87 -3.99
N TYR B 521 -1.56 49.00 -3.77
CA TYR B 521 -0.72 48.50 -4.85
C TYR B 521 -1.46 47.51 -5.72
N LEU B 522 -1.21 47.57 -7.01
CA LEU B 522 -1.81 46.67 -7.99
C LEU B 522 -0.72 45.77 -8.55
N TYR B 523 -0.86 44.47 -8.35
CA TYR B 523 0.14 43.51 -8.75
C TYR B 523 -0.25 42.80 -10.04
N ASN B 524 0.77 42.41 -10.79
CA ASN B 524 0.58 41.68 -12.03
C ASN B 524 -0.03 40.30 -11.78
N ALA B 525 -0.90 39.91 -12.67
CA ALA B 525 -1.39 38.55 -12.77
C ALA B 525 -0.44 37.73 -13.65
N PRO B 526 -0.40 36.40 -13.50
CA PRO B 526 0.54 35.59 -14.29
C PRO B 526 0.21 35.60 -15.78
N GLY B 527 1.17 36.08 -16.58
CA GLY B 527 1.01 36.22 -18.00
C GLY B 527 0.33 37.49 -18.47
N ALA B 528 -0.05 38.40 -17.59
CA ALA B 528 -0.88 39.54 -17.91
C ALA B 528 -0.07 40.84 -17.96
N TYR B 529 -0.70 41.89 -18.46
CA TYR B 529 -0.10 43.21 -18.52
C TYR B 529 -0.39 43.99 -17.25
N THR B 530 0.45 44.98 -17.00
CA THR B 530 0.28 45.83 -15.83
C THR B 530 -0.92 46.75 -16.03
N PRO B 531 -1.66 47.08 -14.96
CA PRO B 531 -2.75 48.06 -15.08
C PRO B 531 -2.28 49.47 -15.33
N CYS B 532 -1.00 49.76 -15.09
CA CYS B 532 -0.41 51.07 -15.32
C CYS B 532 0.18 51.23 -16.72
N LEU B 533 -0.29 50.43 -17.70
CA LEU B 533 0.38 50.35 -18.99
C LEU B 533 0.13 51.59 -19.85
N SER B 534 -1.10 52.10 -19.85
CA SER B 534 -1.43 53.32 -20.59
C SER B 534 -0.72 54.54 -20.03
N LEU B 535 -0.59 54.62 -18.71
CA LEU B 535 0.19 55.70 -18.10
C LEU B 535 1.67 55.56 -18.43
N ALA B 536 2.20 54.34 -18.41
CA ALA B 536 3.60 54.08 -18.71
C ALA B 536 3.93 54.32 -20.17
N SER B 537 2.94 54.37 -21.05
CA SER B 537 3.17 54.67 -22.45
C SER B 537 3.56 56.12 -22.73
N ARG B 538 3.49 57.01 -21.73
CA ARG B 538 3.96 58.38 -21.92
C ARG B 538 5.48 58.50 -21.93
N GLY B 539 6.20 57.44 -21.58
CA GLY B 539 7.65 57.46 -21.59
C GLY B 539 8.24 57.99 -20.31
N PHE B 540 9.55 57.78 -20.16
CA PHE B 540 10.30 58.26 -19.03
C PHE B 540 11.61 58.86 -19.55
N SER B 541 11.92 60.08 -19.12
CA SER B 541 13.18 60.72 -19.46
C SER B 541 14.20 60.64 -18.34
N THR B 542 13.74 60.51 -17.11
CA THR B 542 14.54 60.66 -15.91
C THR B 542 14.30 59.43 -15.03
N LYS B 543 15.34 59.01 -14.31
CA LYS B 543 15.17 57.98 -13.29
C LYS B 543 14.24 58.48 -12.20
N TYR B 544 13.36 57.58 -11.74
CA TYR B 544 12.35 57.84 -10.71
C TYR B 544 11.40 58.96 -11.09
N GLN B 545 10.97 58.97 -12.35
CA GLN B 545 9.96 59.89 -12.84
C GLN B 545 8.60 59.23 -12.76
N SER B 546 7.59 60.01 -12.35
CA SER B 546 6.24 59.51 -12.17
C SER B 546 5.29 60.08 -13.21
N HIS B 547 4.18 59.38 -13.39
CA HIS B 547 3.06 59.81 -14.20
C HIS B 547 1.79 59.41 -13.47
N SER B 548 0.86 60.33 -13.35
CA SER B 548 -0.39 60.04 -12.67
C SER B 548 -1.59 60.42 -13.53
N ASP B 549 -2.73 59.81 -13.23
CA ASP B 549 -3.99 60.12 -13.88
C ASP B 549 -5.09 59.66 -12.94
N GLY B 550 -5.77 60.62 -12.31
CA GLY B 550 -6.86 60.33 -11.41
C GLY B 550 -6.46 59.54 -10.18
N GLU B 551 -6.86 58.26 -10.14
CA GLU B 551 -6.42 57.39 -9.05
C GLU B 551 -5.03 56.82 -9.34
N LEU B 552 -4.73 56.49 -10.60
CA LEU B 552 -3.55 55.69 -10.89
C LEU B 552 -2.29 56.54 -10.90
N THR B 553 -1.19 55.95 -10.43
CA THR B 553 0.12 56.57 -10.37
C THR B 553 1.17 55.50 -10.64
N THR B 554 2.17 55.84 -11.45
CA THR B 554 3.22 54.87 -11.77
C THR B 554 4.56 55.58 -11.81
N THR B 555 5.62 54.85 -11.49
CA THR B 555 6.97 55.38 -11.42
C THR B 555 7.92 54.50 -12.20
N GLY B 556 8.79 55.11 -12.99
CA GLY B 556 9.70 54.34 -13.81
C GLY B 556 11.19 54.55 -13.58
N TYR B 557 11.97 53.53 -13.91
CA TYR B 557 13.43 53.53 -13.78
C TYR B 557 14.01 53.26 -15.16
N ILE B 558 14.99 54.06 -15.58
CA ILE B 558 15.69 53.89 -16.85
C ILE B 558 17.19 53.94 -16.59
N TYR B 559 17.95 53.35 -17.52
CA TYR B 559 19.41 53.36 -17.48
C TYR B 559 19.93 52.98 -18.86
N PRO B 560 21.07 53.52 -19.29
CA PRO B 560 21.45 53.40 -20.71
C PRO B 560 21.94 52.03 -21.11
N VAL B 561 21.73 51.72 -22.38
CA VAL B 561 22.17 50.47 -23.00
C VAL B 561 23.65 50.62 -23.36
N THR B 562 24.49 49.77 -22.79
CA THR B 562 25.94 49.82 -23.03
C THR B 562 26.41 48.47 -23.56
N GLY B 563 26.76 48.42 -24.84
CA GLY B 563 27.26 47.21 -25.44
C GLY B 563 26.30 46.61 -26.44
N ASN B 564 26.28 45.29 -26.56
CA ASN B 564 25.27 44.64 -27.37
C ASN B 564 23.95 44.54 -26.60
N LEU B 565 22.85 44.60 -27.34
CA LEU B 565 21.52 44.46 -26.76
C LEU B 565 21.31 43.06 -26.22
N GLN B 566 20.64 42.98 -25.07
CA GLN B 566 20.30 41.71 -24.46
C GLN B 566 18.78 41.63 -24.33
N MET B 567 18.22 40.45 -24.63
CA MET B 567 16.78 40.24 -24.62
C MET B 567 16.41 39.02 -23.80
N ALA B 568 15.11 38.93 -23.49
CA ALA B 568 14.51 37.80 -22.82
C ALA B 568 13.32 37.29 -23.61
N PHE B 569 13.17 35.96 -23.58
CA PHE B 569 12.14 35.22 -24.29
C PHE B 569 11.48 34.25 -23.33
N ILE B 570 10.15 34.29 -23.25
CA ILE B 570 9.38 33.36 -22.44
C ILE B 570 8.53 32.53 -23.38
N ILE B 571 8.81 31.23 -23.42
CA ILE B 571 8.25 30.32 -24.41
C ILE B 571 7.32 29.34 -23.70
N SER B 572 6.16 29.08 -24.29
CA SER B 572 5.28 28.05 -23.77
C SER B 572 4.67 27.27 -24.94
N VAL B 573 4.41 25.99 -24.69
CA VAL B 573 3.85 25.10 -25.71
C VAL B 573 2.62 24.42 -25.14
N GLN B 574 1.71 24.05 -26.05
CA GLN B 574 0.57 23.22 -25.71
C GLN B 574 0.62 21.91 -26.47
N TYR B 575 0.04 20.85 -25.89
CA TYR B 575 0.01 19.52 -26.48
C TYR B 575 -1.42 19.03 -26.59
N GLY B 576 -1.77 18.48 -27.75
CA GLY B 576 -3.05 17.84 -27.96
C GLY B 576 -4.26 18.74 -27.88
N THR B 577 -4.17 19.99 -28.34
CA THR B 577 -5.31 20.91 -28.35
C THR B 577 -5.65 21.34 -29.76
N ASP B 578 -5.06 20.70 -30.77
CA ASP B 578 -5.34 21.09 -32.14
C ASP B 578 -5.34 19.85 -33.01
N THR B 579 -5.87 20.01 -34.21
CA THR B 579 -5.90 18.96 -35.21
C THR B 579 -4.68 18.99 -36.11
N ASN B 580 -3.87 20.05 -36.04
CA ASN B 580 -2.59 20.20 -36.69
C ASN B 580 -1.52 20.54 -35.65
N SER B 581 -0.29 20.78 -36.11
CA SER B 581 0.85 20.92 -35.22
C SER B 581 1.77 22.05 -35.65
N VAL B 582 2.69 22.39 -34.76
CA VAL B 582 3.84 23.23 -35.06
C VAL B 582 5.08 22.37 -34.95
N CYS B 583 5.86 22.28 -36.02
CA CYS B 583 7.02 21.42 -35.99
C CYS B 583 8.27 22.16 -36.45
N PRO B 584 9.41 21.97 -35.80
CA PRO B 584 10.67 22.38 -36.40
C PRO B 584 10.99 21.57 -37.64
N MET B 585 11.66 22.22 -38.59
CA MET B 585 11.92 21.63 -39.89
C MET B 585 12.88 20.46 -39.83
N GLN B 586 13.69 20.34 -38.79
CA GLN B 586 14.62 19.23 -38.69
C GLN B 586 13.95 17.93 -38.27
N ALA B 587 12.72 17.99 -37.79
CA ALA B 587 11.99 16.81 -37.36
C ALA B 587 11.05 16.27 -38.43
N LEU B 588 10.96 16.93 -39.58
CA LEU B 588 10.12 16.47 -40.67
C LEU B 588 10.76 15.30 -41.41
N ARG B 589 10.21 14.12 -41.21
CA ARG B 589 10.48 12.95 -42.04
C ARG B 589 9.50 12.97 -43.20
N ASN B 590 9.78 12.19 -44.24
CA ASN B 590 9.04 12.34 -45.48
C ASN B 590 7.56 11.96 -45.43
N ASP B 591 7.26 10.66 -45.53
CA ASP B 591 5.90 10.14 -45.59
C ASP B 591 5.94 8.61 -45.73
N THR B 592 4.89 7.92 -45.30
CA THR B 592 4.80 6.49 -45.53
C THR B 592 3.35 6.12 -45.75
N SER B 593 3.08 4.82 -45.78
CA SER B 593 1.74 4.28 -45.97
C SER B 593 1.49 3.21 -44.92
N ILE B 594 0.21 2.96 -44.64
CA ILE B 594 -0.14 1.93 -43.67
C ILE B 594 -0.73 0.69 -44.33
N GLU B 595 -1.12 0.75 -45.60
CA GLU B 595 -1.95 -0.29 -46.20
C GLU B 595 -1.20 -1.59 -46.43
N ASP B 596 0.13 -1.58 -46.37
CA ASP B 596 0.92 -2.78 -46.47
C ASP B 596 1.45 -3.28 -45.14
N LYS B 597 1.14 -2.61 -44.02
CA LYS B 597 1.62 -3.02 -42.72
C LYS B 597 0.51 -2.92 -41.67
N LEU B 598 -0.67 -3.40 -42.02
CA LEU B 598 -1.77 -3.47 -41.07
C LEU B 598 -1.55 -4.61 -40.08
N ASP B 599 -2.20 -4.49 -38.92
CA ASP B 599 -2.25 -5.47 -37.83
C ASP B 599 -0.89 -5.83 -37.25
N VAL B 600 0.12 -4.99 -37.41
CA VAL B 600 1.39 -5.17 -36.72
C VAL B 600 1.66 -3.93 -35.89
N CYS B 601 2.58 -4.08 -34.93
CA CYS B 601 2.99 -2.95 -34.10
C CYS B 601 3.94 -2.07 -34.91
N VAL B 602 3.55 -0.81 -35.12
CA VAL B 602 4.36 0.17 -35.82
C VAL B 602 4.53 1.40 -34.95
N GLU B 603 5.43 2.28 -35.38
CA GLU B 603 5.46 3.64 -34.88
C GLU B 603 4.66 4.55 -35.81
N TYR B 604 4.10 5.61 -35.24
CA TYR B 604 3.34 6.51 -36.08
C TYR B 604 3.62 7.94 -35.70
N SER B 605 3.57 8.80 -36.73
CA SER B 605 3.59 10.26 -36.60
C SER B 605 2.50 10.78 -37.53
N LEU B 606 1.36 11.11 -36.95
CA LEU B 606 0.16 11.51 -37.69
C LEU B 606 -0.15 12.95 -37.31
N HIS B 607 0.24 13.87 -38.20
CA HIS B 607 0.00 15.32 -38.06
C HIS B 607 0.48 15.85 -36.71
N GLY B 608 1.68 15.47 -36.32
CA GLY B 608 2.27 15.87 -35.07
C GLY B 608 2.07 14.90 -33.92
N ILE B 609 1.06 14.04 -33.97
CA ILE B 609 0.78 13.09 -32.89
C ILE B 609 1.66 11.86 -33.08
N THR B 610 2.40 11.48 -32.06
CA THR B 610 3.33 10.37 -32.16
C THR B 610 2.92 9.22 -31.26
N GLY B 611 3.31 8.01 -31.64
CA GLY B 611 3.11 6.88 -30.74
C GLY B 611 3.42 5.54 -31.37
N ARG B 612 2.80 4.52 -30.80
CA ARG B 612 3.12 3.12 -31.06
C ARG B 612 1.84 2.31 -31.03
N GLY B 613 1.59 1.49 -32.04
CA GLY B 613 0.40 0.68 -31.94
C GLY B 613 0.08 -0.12 -33.18
N VAL B 614 -1.11 -0.69 -33.15
CA VAL B 614 -1.61 -1.63 -34.14
C VAL B 614 -2.80 -0.98 -34.84
N PHE B 615 -2.75 -0.91 -36.16
CA PHE B 615 -3.76 -0.26 -36.98
C PHE B 615 -4.61 -1.29 -37.72
N HIS B 616 -5.92 -1.08 -37.72
CA HIS B 616 -6.84 -1.99 -38.37
C HIS B 616 -7.88 -1.20 -39.14
N ASN B 617 -8.15 -1.56 -40.38
CA ASN B 617 -9.19 -0.89 -41.16
C ASN B 617 -10.57 -1.15 -40.55
N CYS B 618 -11.39 -0.10 -40.43
CA CYS B 618 -12.62 -0.15 -39.66
C CYS B 618 -13.68 0.71 -40.35
N THR B 619 -14.90 0.66 -39.81
CA THR B 619 -15.99 1.52 -40.25
C THR B 619 -15.99 2.82 -39.46
N SER B 620 -16.26 3.92 -40.17
CA SER B 620 -16.03 5.26 -39.65
C SER B 620 -16.92 5.60 -38.46
N VAL B 621 -16.30 6.04 -37.36
CA VAL B 621 -17.02 6.59 -36.23
C VAL B 621 -16.39 7.93 -35.86
N GLY B 622 -17.17 8.73 -35.14
CA GLY B 622 -16.73 10.05 -34.73
C GLY B 622 -16.85 11.05 -35.86
N LEU B 623 -16.45 12.28 -35.56
CA LEU B 623 -16.47 13.36 -36.54
C LEU B 623 -15.19 13.35 -37.35
N ARG B 624 -15.34 13.39 -38.67
CA ARG B 624 -14.20 13.20 -39.54
C ARG B 624 -13.32 14.45 -39.70
N ASN B 625 -13.79 15.62 -39.29
CA ASN B 625 -12.98 16.82 -39.31
C ASN B 625 -12.12 16.98 -38.08
N GLN B 626 -12.43 16.30 -36.99
CA GLN B 626 -11.60 16.32 -35.81
C GLN B 626 -10.43 15.35 -35.92
N ARG B 627 -10.53 14.35 -36.79
CA ARG B 627 -9.50 13.47 -37.34
C ARG B 627 -8.93 12.46 -36.35
N PHE B 628 -9.08 12.68 -35.05
CA PHE B 628 -8.62 11.76 -34.03
C PHE B 628 -9.80 11.41 -33.14
N VAL B 629 -9.84 10.17 -32.65
CA VAL B 629 -10.87 9.70 -31.74
C VAL B 629 -10.20 9.17 -30.48
N TYR B 630 -10.71 9.57 -29.33
CA TYR B 630 -10.13 9.19 -28.06
C TYR B 630 -11.16 8.40 -27.25
N ASP B 631 -10.70 7.80 -26.16
CA ASP B 631 -11.55 7.11 -25.23
C ASP B 631 -11.60 7.88 -23.91
N THR B 632 -12.24 7.30 -22.90
CA THR B 632 -12.41 7.99 -21.62
C THR B 632 -11.11 8.13 -20.84
N PHE B 633 -10.09 7.35 -21.18
CA PHE B 633 -8.78 7.49 -20.58
C PHE B 633 -7.86 8.38 -21.40
N ASP B 634 -8.39 9.05 -22.42
CA ASP B 634 -7.67 9.94 -23.33
C ASP B 634 -6.52 9.22 -24.05
N ASN B 635 -6.74 7.96 -24.39
CA ASN B 635 -5.85 7.21 -25.27
C ASN B 635 -6.43 7.20 -26.68
N LEU B 636 -5.55 7.21 -27.68
CA LEU B 636 -5.98 7.27 -29.07
C LEU B 636 -6.57 5.92 -29.49
N VAL B 637 -7.77 5.94 -30.05
CA VAL B 637 -8.46 4.71 -30.43
C VAL B 637 -8.85 4.69 -31.90
N GLY B 638 -8.74 5.79 -32.62
CA GLY B 638 -9.12 5.79 -34.02
C GLY B 638 -8.60 7.00 -34.74
N TYR B 639 -8.48 6.86 -36.06
CA TYR B 639 -7.83 7.87 -36.88
C TYR B 639 -8.46 7.92 -38.26
N HIS B 640 -8.91 9.10 -38.67
CA HIS B 640 -9.44 9.33 -40.01
C HIS B 640 -8.29 9.74 -40.91
N SER B 641 -8.00 8.91 -41.92
CA SER B 641 -6.80 9.06 -42.71
C SER B 641 -7.02 9.97 -43.91
N ASP B 642 -5.93 10.51 -44.42
CA ASP B 642 -5.94 11.30 -45.64
C ASP B 642 -6.38 10.50 -46.86
N ASN B 643 -6.16 9.18 -46.88
CA ASN B 643 -6.61 8.36 -48.01
C ASN B 643 -8.10 8.07 -47.99
N GLY B 644 -8.83 8.51 -46.96
CA GLY B 644 -10.27 8.38 -46.94
C GLY B 644 -10.80 7.30 -46.03
N ASN B 645 -9.94 6.49 -45.42
CA ASN B 645 -10.36 5.37 -44.60
C ASN B 645 -10.15 5.67 -43.13
N TYR B 646 -10.94 5.00 -42.30
CA TYR B 646 -10.86 5.10 -40.86
C TYR B 646 -10.10 3.89 -40.34
N TYR B 647 -9.27 4.09 -39.32
CA TYR B 647 -8.51 3.00 -38.73
C TYR B 647 -8.75 2.96 -37.24
N CYS B 648 -9.05 1.76 -36.74
CA CYS B 648 -9.04 1.49 -35.31
C CYS B 648 -7.61 1.33 -34.85
N VAL B 649 -7.29 1.92 -33.71
CA VAL B 649 -5.94 1.91 -33.17
C VAL B 649 -5.98 1.20 -31.83
N ARG B 650 -5.04 0.29 -31.64
CA ARG B 650 -4.85 -0.42 -30.38
C ARG B 650 -3.41 -0.25 -29.95
N PRO B 651 -3.11 -0.41 -28.66
CA PRO B 651 -1.70 -0.53 -28.28
C PRO B 651 -1.13 -1.87 -28.71
N CYS B 652 0.18 -2.01 -28.54
CA CYS B 652 0.85 -3.23 -28.99
C CYS B 652 0.58 -4.36 -27.99
N VAL B 653 0.29 -5.55 -28.52
CA VAL B 653 -0.18 -6.66 -27.71
C VAL B 653 0.85 -7.78 -27.72
N SER B 654 0.58 -8.80 -26.91
CA SER B 654 1.52 -9.88 -26.67
C SER B 654 0.78 -11.20 -26.54
N VAL B 655 1.41 -12.26 -27.04
CA VAL B 655 0.87 -13.62 -26.94
C VAL B 655 1.23 -14.20 -25.58
N PRO B 656 0.28 -14.74 -24.81
CA PRO B 656 0.62 -15.38 -23.54
C PRO B 656 1.19 -16.79 -23.70
N VAL B 657 2.14 -17.13 -22.82
CA VAL B 657 2.97 -18.33 -22.96
C VAL B 657 2.94 -19.12 -21.65
N SER B 658 2.74 -20.43 -21.75
CA SER B 658 2.74 -21.31 -20.60
C SER B 658 3.70 -22.48 -20.83
N VAL B 659 4.53 -22.77 -19.84
CA VAL B 659 5.50 -23.86 -19.91
C VAL B 659 5.05 -24.97 -18.97
N ILE B 660 5.10 -26.20 -19.46
CA ILE B 660 4.70 -27.38 -18.72
C ILE B 660 5.94 -28.20 -18.42
N TYR B 661 6.29 -28.34 -17.15
CA TYR B 661 7.55 -28.96 -16.76
C TYR B 661 7.30 -30.17 -15.86
N ASP B 662 7.98 -31.28 -16.17
CA ASP B 662 7.97 -32.49 -15.36
C ASP B 662 9.38 -32.79 -14.87
N LYS B 663 9.54 -32.87 -13.55
CA LYS B 663 10.85 -32.96 -12.94
C LYS B 663 11.43 -34.37 -12.98
N ALA B 664 10.57 -35.40 -13.04
CA ALA B 664 11.08 -36.76 -12.99
C ALA B 664 11.74 -37.17 -14.31
N SER B 665 11.16 -36.78 -15.43
CA SER B 665 11.74 -37.02 -16.73
C SER B 665 12.66 -35.90 -17.19
N ASN B 666 12.67 -34.78 -16.46
CA ASN B 666 13.33 -33.53 -16.84
C ASN B 666 12.87 -33.06 -18.23
N SER B 667 11.56 -33.00 -18.42
CA SER B 667 11.00 -32.69 -19.73
C SER B 667 10.11 -31.46 -19.64
N HIS B 668 9.89 -30.81 -20.78
CA HIS B 668 8.98 -29.68 -20.84
C HIS B 668 8.25 -29.63 -22.17
N ALA B 669 7.19 -28.83 -22.18
CA ALA B 669 6.40 -28.54 -23.38
C ALA B 669 5.81 -27.14 -23.25
N THR B 670 5.13 -26.67 -24.32
CA THR B 670 4.63 -25.31 -24.35
C THR B 670 3.14 -25.27 -24.70
N LEU B 671 2.43 -24.30 -24.14
CA LEU B 671 1.07 -23.97 -24.55
C LEU B 671 0.95 -22.48 -24.78
N PHE B 672 0.49 -22.06 -25.95
CA PHE B 672 0.09 -20.68 -26.19
C PHE B 672 -1.40 -20.57 -25.97
N GLY B 673 -1.80 -19.98 -24.84
CA GLY B 673 -3.21 -19.92 -24.48
C GLY B 673 -3.96 -18.88 -25.27
N SER B 674 -5.21 -19.23 -25.62
CA SER B 674 -6.15 -18.43 -26.43
C SER B 674 -5.62 -18.13 -27.82
N VAL B 675 -4.69 -18.91 -28.35
CA VAL B 675 -4.15 -18.68 -29.68
C VAL B 675 -4.54 -19.84 -30.57
N ALA B 676 -5.05 -19.54 -31.76
CA ALA B 676 -5.29 -20.56 -32.76
C ALA B 676 -3.99 -20.89 -33.49
N CYS B 677 -3.80 -22.17 -33.79
CA CYS B 677 -2.54 -22.65 -34.34
C CYS B 677 -2.24 -22.11 -35.75
N SER B 678 -3.25 -21.67 -36.49
CA SER B 678 -3.02 -21.07 -37.79
C SER B 678 -2.31 -19.72 -37.71
N HIS B 679 -2.31 -19.07 -36.54
CA HIS B 679 -1.58 -17.82 -36.34
C HIS B 679 -0.25 -18.00 -35.64
N VAL B 680 0.02 -19.17 -35.07
CA VAL B 680 1.34 -19.40 -34.49
C VAL B 680 2.37 -19.61 -35.58
N THR B 681 1.95 -20.19 -36.70
CA THR B 681 2.86 -20.45 -37.81
C THR B 681 3.30 -19.18 -38.51
N THR B 682 2.46 -18.14 -38.53
CA THR B 682 2.81 -16.91 -39.23
C THR B 682 3.85 -16.11 -38.45
N MET B 683 3.64 -15.95 -37.14
CA MET B 683 4.60 -15.27 -36.28
C MET B 683 5.52 -16.24 -35.55
N MET B 684 5.86 -17.36 -36.18
CA MET B 684 6.70 -18.38 -35.55
C MET B 684 8.08 -17.85 -35.23
N SER B 685 8.72 -17.18 -36.18
CA SER B 685 10.03 -16.62 -35.93
C SER B 685 9.93 -15.33 -35.13
N PRO B 701 6.86 -33.01 -32.86
CA PRO B 701 5.45 -32.98 -33.24
C PRO B 701 4.96 -31.56 -33.51
N GLY B 702 4.02 -31.42 -34.45
CA GLY B 702 3.59 -30.11 -34.87
C GLY B 702 2.69 -29.43 -33.87
N PRO B 703 2.34 -28.18 -34.17
CA PRO B 703 1.40 -27.46 -33.30
C PRO B 703 0.01 -28.05 -33.33
N LEU B 704 -0.56 -28.26 -32.16
CA LEU B 704 -1.81 -29.00 -31.98
C LEU B 704 -2.85 -28.11 -31.31
N GLN B 705 -4.02 -27.97 -31.92
CA GLN B 705 -5.08 -27.13 -31.38
C GLN B 705 -5.86 -27.86 -30.30
N THR B 706 -6.08 -27.19 -29.18
CA THR B 706 -6.81 -27.67 -28.04
C THR B 706 -7.83 -26.62 -27.65
N THR B 707 -8.75 -27.00 -26.74
CA THR B 707 -9.76 -26.05 -26.26
C THR B 707 -9.19 -24.95 -25.38
N VAL B 708 -7.92 -25.02 -24.99
CA VAL B 708 -7.26 -23.93 -24.28
C VAL B 708 -6.13 -23.34 -25.10
N GLY B 709 -6.10 -23.55 -26.41
CA GLY B 709 -5.06 -22.90 -27.19
C GLY B 709 -4.18 -23.82 -28.02
N CYS B 710 -3.02 -23.34 -28.43
CA CYS B 710 -2.14 -24.08 -29.33
C CYS B 710 -0.99 -24.69 -28.54
N ALA B 711 -0.91 -26.02 -28.54
CA ALA B 711 0.10 -26.75 -27.79
C ALA B 711 1.26 -27.10 -28.70
N MET B 712 2.47 -27.05 -28.13
CA MET B 712 3.72 -27.35 -28.83
C MET B 712 4.47 -28.41 -28.04
N GLY B 713 4.79 -29.51 -28.70
CA GLY B 713 5.45 -30.62 -28.04
C GLY B 713 4.50 -31.66 -27.50
N PHE B 714 3.32 -31.79 -28.06
CA PHE B 714 2.29 -32.69 -27.58
C PHE B 714 1.80 -33.54 -28.74
N ILE B 715 1.38 -34.76 -28.42
CA ILE B 715 0.77 -35.64 -29.40
C ILE B 715 -0.67 -35.89 -28.98
N ASN B 716 -1.56 -35.97 -29.96
CA ASN B 716 -2.95 -36.32 -29.74
C ASN B 716 -3.06 -37.76 -29.25
N SER B 717 -3.88 -37.97 -28.23
CA SER B 717 -4.08 -39.32 -27.71
C SER B 717 -5.54 -39.51 -27.35
N SER B 718 -5.89 -40.75 -27.05
CA SER B 718 -7.24 -41.12 -26.64
C SER B 718 -7.29 -41.58 -25.19
N MET B 719 -6.26 -41.28 -24.42
CA MET B 719 -6.15 -41.73 -23.04
C MET B 719 -7.15 -41.00 -22.15
N VAL B 720 -7.71 -41.72 -21.18
CA VAL B 720 -8.69 -41.19 -20.25
C VAL B 720 -8.23 -41.54 -18.84
N VAL B 721 -8.12 -40.53 -17.99
CA VAL B 721 -7.72 -40.69 -16.60
C VAL B 721 -8.78 -40.05 -15.71
N ASP B 722 -8.69 -40.35 -14.42
CA ASP B 722 -9.52 -39.69 -13.42
C ASP B 722 -8.72 -39.03 -12.31
N GLU B 723 -7.47 -38.68 -12.58
CA GLU B 723 -6.56 -38.10 -11.60
C GLU B 723 -5.43 -37.44 -12.37
N CYS B 724 -5.09 -36.22 -11.99
CA CYS B 724 -4.11 -35.47 -12.77
C CYS B 724 -3.15 -34.74 -11.85
N GLN B 725 -1.90 -34.65 -12.28
CA GLN B 725 -0.93 -33.81 -11.59
C GLN B 725 -0.47 -32.62 -12.43
N LEU B 726 -0.75 -32.61 -13.73
CA LEU B 726 -0.45 -31.49 -14.63
C LEU B 726 -1.71 -31.07 -15.37
N PRO B 727 -2.70 -30.48 -14.69
CA PRO B 727 -3.94 -30.13 -15.39
C PRO B 727 -3.79 -28.89 -16.25
N LEU B 728 -4.44 -28.92 -17.41
CA LEU B 728 -4.36 -27.81 -18.34
C LEU B 728 -5.60 -26.94 -18.36
N GLY B 729 -6.68 -27.36 -17.74
CA GLY B 729 -7.96 -26.68 -17.75
C GLY B 729 -8.90 -27.30 -18.75
N GLN B 730 -10.20 -27.09 -18.53
CA GLN B 730 -11.30 -27.63 -19.34
C GLN B 730 -11.20 -29.15 -19.50
N SER B 731 -10.89 -29.81 -18.38
CA SER B 731 -10.74 -31.28 -18.25
C SER B 731 -9.62 -31.86 -19.09
N LEU B 732 -8.57 -31.09 -19.37
CA LEU B 732 -7.40 -31.57 -20.10
C LEU B 732 -6.26 -31.84 -19.12
N CYS B 733 -5.49 -32.88 -19.40
CA CYS B 733 -4.41 -33.34 -18.51
C CYS B 733 -3.19 -33.67 -19.37
N ALA B 734 -2.01 -33.26 -18.90
CA ALA B 734 -0.77 -33.50 -19.62
C ALA B 734 -0.03 -34.70 -19.02
N ILE B 735 0.30 -35.67 -19.85
CA ILE B 735 0.92 -36.90 -19.40
C ILE B 735 2.40 -36.85 -19.79
N PRO B 736 3.33 -36.95 -18.85
CA PRO B 736 4.75 -36.76 -19.15
C PRO B 736 5.34 -37.97 -19.88
N PRO B 737 6.48 -37.79 -20.56
CA PRO B 737 7.14 -38.94 -21.18
C PRO B 737 7.74 -39.88 -20.12
N THR B 738 8.00 -41.10 -20.55
CA THR B 738 8.55 -42.09 -19.62
C THR B 738 9.84 -42.71 -20.14
N SER B 751 6.12 -41.75 -23.79
CA SER B 751 6.70 -41.82 -25.12
C SER B 751 7.98 -40.98 -25.20
N ASP B 752 8.11 -40.24 -26.29
CA ASP B 752 9.16 -39.25 -26.43
C ASP B 752 8.67 -37.85 -26.10
N VAL B 753 7.37 -37.62 -26.08
CA VAL B 753 6.77 -36.31 -25.89
C VAL B 753 5.63 -36.44 -24.90
N PHE B 754 5.09 -35.30 -24.45
CA PHE B 754 3.93 -35.27 -23.59
C PHE B 754 2.69 -35.66 -24.37
N GLN B 755 1.72 -36.25 -23.68
CA GLN B 755 0.44 -36.60 -24.28
C GLN B 755 -0.67 -35.74 -23.70
N ILE B 756 -1.71 -35.51 -24.51
CA ILE B 756 -2.93 -34.87 -24.06
C ILE B 756 -3.94 -35.96 -23.72
N ALA B 757 -4.40 -36.00 -22.47
CA ALA B 757 -5.49 -36.88 -22.09
C ALA B 757 -6.64 -36.07 -21.50
N THR B 758 -7.76 -36.73 -21.29
CA THR B 758 -8.94 -36.09 -20.72
C THR B 758 -9.24 -36.62 -19.33
N LEU B 759 -9.58 -35.70 -18.44
CA LEU B 759 -10.19 -36.06 -17.16
C LEU B 759 -11.66 -36.40 -17.41
N ASN B 760 -12.06 -37.61 -17.05
CA ASN B 760 -13.41 -38.06 -17.33
C ASN B 760 -13.74 -39.22 -16.41
N PHE B 761 -14.83 -39.10 -15.66
CA PHE B 761 -15.32 -40.19 -14.82
C PHE B 761 -16.80 -39.96 -14.53
N THR B 762 -17.46 -41.03 -14.08
CA THR B 762 -18.88 -40.99 -13.79
C THR B 762 -19.17 -41.94 -12.63
N SER B 763 -20.43 -41.97 -12.20
CA SER B 763 -20.82 -42.71 -11.00
C SER B 763 -20.91 -44.20 -11.31
N PRO B 764 -20.30 -45.06 -10.45
CA PRO B 764 -19.99 -46.44 -10.84
C PRO B 764 -21.13 -47.39 -11.18
N LEU B 765 -21.99 -47.75 -10.24
CA LEU B 765 -22.92 -48.85 -10.50
C LEU B 765 -24.36 -48.38 -10.34
N THR B 766 -25.18 -48.72 -11.33
CA THR B 766 -26.54 -48.22 -11.41
C THR B 766 -27.52 -49.37 -11.19
N LEU B 767 -27.89 -49.58 -9.94
CA LEU B 767 -28.89 -50.59 -9.59
C LEU B 767 -30.27 -50.11 -10.05
N ALA B 768 -30.96 -50.96 -10.79
CA ALA B 768 -32.27 -50.60 -11.30
C ALA B 768 -33.37 -51.29 -10.50
N PRO B 769 -34.49 -50.60 -10.26
CA PRO B 769 -35.59 -51.20 -9.49
C PRO B 769 -36.23 -52.37 -10.24
N ILE B 770 -36.64 -53.38 -9.48
CA ILE B 770 -37.27 -54.56 -10.07
C ILE B 770 -38.77 -54.36 -10.12
N ASN B 771 -39.43 -55.03 -11.08
CA ASN B 771 -40.88 -54.94 -11.23
C ASN B 771 -41.50 -56.06 -10.42
N SER B 772 -41.71 -55.80 -9.15
CA SER B 772 -42.24 -56.78 -8.20
C SER B 772 -42.88 -55.98 -7.06
N THR B 773 -43.17 -56.67 -5.97
CA THR B 773 -43.79 -56.01 -4.83
C THR B 773 -42.77 -55.65 -3.74
N GLY B 774 -41.55 -56.15 -3.84
CA GLY B 774 -40.53 -55.80 -2.87
C GLY B 774 -39.62 -54.73 -3.41
N PHE B 775 -38.33 -54.82 -3.10
CA PHE B 775 -37.31 -54.01 -3.76
C PHE B 775 -36.01 -54.79 -3.74
N VAL B 776 -35.00 -54.26 -4.42
CA VAL B 776 -33.67 -54.87 -4.48
C VAL B 776 -32.74 -54.02 -3.64
N VAL B 777 -31.97 -54.66 -2.76
CA VAL B 777 -30.97 -53.95 -1.98
C VAL B 777 -29.64 -54.69 -2.11
N ALA B 778 -28.56 -53.95 -2.30
CA ALA B 778 -27.21 -54.50 -2.35
C ALA B 778 -26.61 -54.49 -0.96
N VAL B 779 -26.43 -55.66 -0.37
CA VAL B 779 -25.99 -55.82 1.01
C VAL B 779 -24.56 -56.36 0.99
N PRO B 780 -23.65 -55.81 1.79
CA PRO B 780 -22.25 -56.25 1.73
C PRO B 780 -22.02 -57.67 2.24
N THR B 781 -21.08 -58.35 1.59
CA THR B 781 -20.63 -59.67 2.02
C THR B 781 -19.16 -59.71 2.38
N ASN B 782 -18.45 -58.58 2.29
CA ASN B 782 -17.02 -58.49 2.60
C ASN B 782 -16.68 -57.01 2.75
N PHE B 783 -15.66 -56.74 3.57
CA PHE B 783 -15.35 -55.37 3.96
C PHE B 783 -13.86 -55.22 4.26
N THR B 784 -13.42 -53.96 4.31
CA THR B 784 -12.14 -53.54 4.84
C THR B 784 -12.37 -52.31 5.71
N PHE B 785 -11.30 -51.80 6.32
CA PHE B 785 -11.32 -50.52 7.01
C PHE B 785 -10.49 -49.53 6.22
N GLY B 786 -11.10 -48.42 5.85
CA GLY B 786 -10.41 -47.33 5.18
C GLY B 786 -10.08 -46.22 6.16
N VAL B 787 -9.07 -45.44 5.84
CA VAL B 787 -8.63 -44.32 6.67
C VAL B 787 -8.68 -43.07 5.83
N THR B 788 -9.40 -42.07 6.31
CA THR B 788 -9.39 -40.72 5.75
C THR B 788 -8.58 -39.83 6.66
N GLN B 789 -7.64 -39.08 6.09
CA GLN B 789 -6.77 -38.21 6.85
C GLN B 789 -7.14 -36.75 6.62
N GLU B 790 -6.89 -35.93 7.63
CA GLU B 790 -7.42 -34.58 7.61
C GLU B 790 -6.52 -33.67 8.43
N PHE B 791 -6.33 -32.43 7.97
CA PHE B 791 -5.49 -31.50 8.69
C PHE B 791 -6.23 -30.21 8.97
N ILE B 792 -6.21 -29.75 10.21
CA ILE B 792 -6.83 -28.48 10.58
C ILE B 792 -5.79 -27.59 11.24
N GLU B 793 -5.62 -26.40 10.70
CA GLU B 793 -4.72 -25.40 11.27
C GLU B 793 -5.35 -24.74 12.49
N THR B 794 -4.54 -24.54 13.52
CA THR B 794 -4.99 -23.88 14.72
C THR B 794 -4.22 -22.61 15.05
N THR B 795 -3.17 -22.29 14.31
CA THR B 795 -2.16 -21.35 14.77
C THR B 795 -1.37 -20.86 13.55
N ILE B 796 -0.75 -19.69 13.70
CA ILE B 796 0.33 -19.24 12.82
C ILE B 796 1.56 -18.95 13.67
N GLN B 797 2.62 -18.48 13.03
CA GLN B 797 3.83 -18.06 13.73
C GLN B 797 3.71 -16.60 14.16
N LYS B 798 4.12 -16.28 15.37
CA LYS B 798 3.92 -14.95 15.93
C LYS B 798 5.17 -14.10 15.83
N ILE B 799 5.01 -12.89 15.29
CA ILE B 799 6.10 -12.00 14.92
C ILE B 799 5.90 -10.68 15.65
N THR B 800 6.98 -10.16 16.23
CA THR B 800 7.05 -8.75 16.60
C THR B 800 8.09 -8.05 15.75
N VAL B 801 7.91 -6.76 15.53
CA VAL B 801 8.81 -5.96 14.69
C VAL B 801 9.35 -4.81 15.53
N ASP B 802 10.67 -4.62 15.48
CA ASP B 802 11.32 -3.40 15.96
C ASP B 802 11.32 -2.41 14.81
N CYS B 803 10.44 -1.41 14.88
CA CYS B 803 10.17 -0.54 13.74
C CYS B 803 11.34 0.39 13.45
N LYS B 804 11.97 0.90 14.49
CA LYS B 804 13.08 1.83 14.32
C LYS B 804 14.33 1.14 13.80
N GLN B 805 14.54 -0.10 14.24
CA GLN B 805 15.63 -0.92 13.72
C GLN B 805 15.38 -1.35 12.28
N TYR B 806 14.13 -1.61 11.92
CA TYR B 806 13.83 -2.01 10.56
C TYR B 806 13.99 -0.85 9.59
N VAL B 807 13.62 0.36 10.02
CA VAL B 807 13.68 1.49 9.09
C VAL B 807 15.09 2.08 9.03
N CYS B 808 15.77 2.25 10.16
CA CYS B 808 16.98 3.05 10.15
C CYS B 808 18.28 2.29 10.34
N ASN B 809 18.25 1.06 10.87
CA ASN B 809 19.37 0.11 10.91
C ASN B 809 20.57 0.62 11.70
N GLY B 810 20.32 1.24 12.86
CA GLY B 810 21.36 1.98 13.55
C GLY B 810 21.29 3.41 13.06
N PHE B 811 22.42 4.06 12.79
CA PHE B 811 22.45 5.27 11.95
C PHE B 811 21.63 6.46 12.43
N LYS B 812 22.18 7.20 13.40
CA LYS B 812 21.51 8.32 14.08
C LYS B 812 20.89 9.36 13.15
N LYS B 813 21.42 9.58 11.94
CA LYS B 813 20.84 10.60 11.08
C LYS B 813 19.49 10.19 10.51
N CYS B 814 19.33 8.89 10.21
CA CYS B 814 18.02 8.37 9.84
C CYS B 814 17.05 8.45 11.00
N GLU B 815 17.53 8.19 12.22
CA GLU B 815 16.66 8.23 13.39
C GLU B 815 16.19 9.65 13.69
N ASP B 816 17.05 10.64 13.48
CA ASP B 816 16.62 12.02 13.64
C ASP B 816 15.65 12.43 12.54
N LEU B 817 15.78 11.86 11.34
CA LEU B 817 14.74 12.13 10.35
C LEU B 817 13.45 11.37 10.64
N LEU B 818 13.53 10.28 11.37
CA LEU B 818 12.42 9.38 11.66
C LEU B 818 11.65 9.80 12.90
N LYS B 819 12.22 10.70 13.71
CA LYS B 819 11.52 11.29 14.86
C LYS B 819 10.20 11.96 14.48
N GLU B 820 10.10 12.46 13.25
CA GLU B 820 8.88 13.00 12.68
C GLU B 820 7.78 11.94 12.46
N TYR B 821 8.11 10.64 12.50
CA TYR B 821 7.16 9.59 12.18
C TYR B 821 6.92 8.58 13.30
N GLY B 822 7.27 8.90 14.55
CA GLY B 822 7.26 7.87 15.60
C GLY B 822 5.88 7.40 16.02
N GLN B 823 4.88 8.26 15.85
CA GLN B 823 3.49 7.87 16.03
C GLN B 823 3.07 6.76 15.06
N PHE B 824 3.61 6.76 13.85
CA PHE B 824 3.29 5.69 12.91
C PHE B 824 4.04 4.40 13.24
N CYS B 825 5.17 4.47 13.94
CA CYS B 825 5.83 3.27 14.40
C CYS B 825 5.10 2.64 15.58
N SER B 826 4.49 3.45 16.45
CA SER B 826 3.78 2.92 17.62
C SER B 826 2.55 2.10 17.24
N LYS B 827 1.85 2.51 16.17
CA LYS B 827 0.64 1.83 15.73
C LYS B 827 0.90 0.40 15.27
N ILE B 828 2.05 0.19 14.62
CA ILE B 828 2.45 -1.12 14.13
C ILE B 828 2.63 -2.11 15.28
N ASN B 829 3.35 -1.69 16.32
CA ASN B 829 3.60 -2.58 17.45
C ASN B 829 2.34 -2.85 18.24
N GLN B 830 1.47 -1.84 18.37
CA GLN B 830 0.20 -2.06 19.05
C GLN B 830 -0.69 -3.06 18.32
N ALA B 831 -0.76 -2.96 16.98
CA ALA B 831 -1.57 -3.89 16.21
C ALA B 831 -1.05 -5.33 16.29
N LEU B 832 0.28 -5.50 16.23
CA LEU B 832 0.86 -6.84 16.34
C LEU B 832 0.68 -7.43 17.73
N HIS B 833 0.85 -6.61 18.77
CA HIS B 833 0.61 -7.06 20.15
C HIS B 833 -0.83 -7.53 20.36
N GLY B 834 -1.79 -6.82 19.77
CA GLY B 834 -3.18 -7.25 19.87
C GLY B 834 -3.47 -8.57 19.19
N ALA B 835 -2.91 -8.78 17.98
CA ALA B 835 -3.15 -10.04 17.28
C ALA B 835 -2.50 -11.23 17.98
N ASN B 836 -1.30 -11.04 18.54
CA ASN B 836 -0.63 -12.14 19.24
C ASN B 836 -1.32 -12.49 20.55
N LEU B 837 -1.87 -11.49 21.24
CA LEU B 837 -2.67 -11.75 22.45
C LEU B 837 -3.93 -12.55 22.13
N ARG B 838 -4.61 -12.19 21.04
CA ARG B 838 -5.84 -12.89 20.66
C ARG B 838 -5.58 -14.35 20.30
N GLN B 839 -4.43 -14.63 19.66
CA GLN B 839 -4.10 -16.02 19.34
C GLN B 839 -3.80 -16.85 20.58
N ASP B 840 -3.10 -16.26 21.56
CA ASP B 840 -2.84 -16.99 22.81
C ASP B 840 -4.13 -17.30 23.59
N GLU B 841 -5.10 -16.39 23.58
CA GLU B 841 -6.38 -16.68 24.23
C GLU B 841 -7.15 -17.77 23.50
N SER B 842 -7.06 -17.79 22.15
CA SER B 842 -7.70 -18.84 21.36
C SER B 842 -7.11 -20.23 21.66
N ILE B 843 -5.79 -20.30 21.83
CA ILE B 843 -5.15 -21.59 22.07
C ILE B 843 -5.41 -22.09 23.49
N ALA B 844 -5.45 -21.19 24.47
CA ALA B 844 -5.80 -21.59 25.83
C ALA B 844 -7.24 -22.10 25.91
N ASN B 845 -8.13 -21.50 25.12
CA ASN B 845 -9.51 -21.99 25.06
C ASN B 845 -9.60 -23.36 24.40
N LEU B 846 -8.76 -23.64 23.39
CA LEU B 846 -8.73 -24.98 22.80
C LEU B 846 -8.22 -26.03 23.79
N PHE B 847 -7.18 -25.69 24.56
CA PHE B 847 -6.58 -26.66 25.47
C PHE B 847 -7.33 -26.80 26.79
N SER B 848 -8.35 -25.99 27.05
CA SER B 848 -9.09 -26.06 28.32
C SER B 848 -9.84 -27.37 28.55
N SER B 849 -10.07 -28.19 27.54
CA SER B 849 -10.83 -29.43 27.73
C SER B 849 -10.07 -30.53 28.46
N ILE B 850 -8.75 -30.38 28.67
CA ILE B 850 -7.96 -31.40 29.37
C ILE B 850 -8.41 -31.50 30.83
N LYS B 851 -8.71 -30.37 31.45
CA LYS B 851 -8.91 -30.28 32.90
C LYS B 851 -10.12 -31.02 33.41
N THR B 852 -11.07 -31.38 32.56
CA THR B 852 -12.36 -31.82 33.06
C THR B 852 -12.90 -33.10 32.42
N GLN B 853 -12.16 -33.76 31.53
CA GLN B 853 -12.78 -34.71 30.61
C GLN B 853 -13.35 -35.99 31.23
N ASN B 854 -12.54 -37.06 31.29
CA ASN B 854 -12.47 -38.23 32.16
C ASN B 854 -11.59 -39.18 31.35
N THR B 855 -10.89 -40.12 31.98
CA THR B 855 -9.91 -40.84 31.18
C THR B 855 -9.82 -42.29 31.65
N GLN B 856 -9.35 -43.15 30.76
CA GLN B 856 -9.16 -44.55 31.06
C GLN B 856 -7.84 -45.01 30.45
N PRO B 857 -6.99 -45.69 31.23
CA PRO B 857 -5.68 -46.10 30.70
C PRO B 857 -5.77 -47.27 29.74
N LEU B 858 -4.97 -47.18 28.68
CA LEU B 858 -4.84 -48.22 27.66
C LEU B 858 -3.65 -49.10 27.99
N GLN B 859 -3.74 -50.37 27.59
CA GLN B 859 -2.59 -51.26 27.69
C GLN B 859 -1.58 -50.94 26.59
N ALA B 860 -0.31 -50.92 26.96
CA ALA B 860 0.75 -50.71 25.99
C ALA B 860 0.85 -51.88 25.03
N GLY B 861 0.68 -51.62 23.74
CA GLY B 861 0.74 -52.64 22.73
C GLY B 861 -0.65 -53.01 22.24
N LEU B 862 -1.03 -54.27 22.42
CA LEU B 862 -2.34 -54.71 21.96
C LEU B 862 -3.36 -54.72 23.09
N ASN B 863 -4.59 -54.33 22.75
CA ASN B 863 -5.71 -54.18 23.67
C ASN B 863 -6.78 -55.15 23.20
N GLY B 864 -6.81 -56.34 23.76
CA GLY B 864 -7.51 -57.43 23.11
C GLY B 864 -6.65 -57.92 21.97
N ASP B 865 -7.16 -57.88 20.74
CA ASP B 865 -6.33 -58.13 19.58
C ASP B 865 -6.10 -56.88 18.76
N PHE B 866 -6.36 -55.69 19.31
CA PHE B 866 -6.21 -54.45 18.57
C PHE B 866 -4.88 -53.81 18.93
N ASN B 867 -4.04 -53.59 17.93
CA ASN B 867 -2.67 -53.12 18.15
C ASN B 867 -2.66 -51.59 18.04
N LEU B 868 -2.41 -50.92 19.15
CA LEU B 868 -2.47 -49.46 19.23
C LEU B 868 -1.08 -48.84 19.40
N THR B 869 -0.05 -49.59 19.00
CA THR B 869 1.33 -49.18 19.25
C THR B 869 1.75 -48.00 18.37
N MET B 870 1.10 -47.85 17.22
CA MET B 870 1.41 -46.76 16.30
C MET B 870 1.06 -45.39 16.87
N LEU B 871 0.09 -45.33 17.79
CA LEU B 871 -0.42 -44.09 18.32
C LEU B 871 0.05 -43.82 19.74
N GLN B 872 0.77 -44.75 20.34
CA GLN B 872 1.28 -44.58 21.69
C GLN B 872 2.71 -44.06 21.65
N ILE B 873 3.10 -43.45 22.77
CA ILE B 873 4.46 -42.94 22.92
C ILE B 873 5.38 -44.12 23.23
N PRO B 874 6.51 -44.26 22.53
CA PRO B 874 7.43 -45.36 22.82
C PRO B 874 8.05 -45.24 24.20
N GLN B 875 8.16 -46.38 24.87
CA GLN B 875 8.76 -46.46 26.20
C GLN B 875 10.24 -46.80 25.99
N VAL B 876 11.05 -45.78 25.77
CA VAL B 876 12.47 -45.96 25.57
C VAL B 876 13.14 -46.26 26.91
N THR B 877 14.04 -47.22 26.92
CA THR B 877 14.66 -47.68 28.16
C THR B 877 15.94 -46.93 28.49
N THR B 878 16.45 -46.11 27.57
CA THR B 878 17.58 -45.24 27.85
C THR B 878 17.08 -44.00 28.60
N GLY B 879 17.98 -43.06 28.85
CA GLY B 879 17.65 -41.86 29.59
C GLY B 879 17.21 -40.70 28.73
N GLU B 880 16.26 -40.92 27.83
CA GLU B 880 15.69 -39.85 27.02
C GLU B 880 14.18 -39.81 27.22
N ARG B 881 13.60 -38.62 27.09
CA ARG B 881 12.16 -38.43 27.24
C ARG B 881 11.55 -38.22 25.85
N LYS B 882 11.05 -39.31 25.27
CA LYS B 882 10.25 -39.21 24.07
C LYS B 882 8.89 -38.61 24.42
N TYR B 883 8.40 -37.71 23.57
CA TYR B 883 7.08 -37.12 23.74
C TYR B 883 6.15 -37.34 22.57
N ARG B 884 6.66 -37.45 21.36
CA ARG B 884 5.83 -37.78 20.21
C ARG B 884 5.57 -39.27 20.15
N SER B 885 4.46 -39.63 19.50
CA SER B 885 4.18 -41.01 19.19
C SER B 885 4.90 -41.38 17.89
N THR B 886 4.75 -42.65 17.50
CA THR B 886 5.47 -43.19 16.35
C THR B 886 5.02 -42.54 15.04
N ILE B 887 3.71 -42.43 14.85
CA ILE B 887 3.18 -41.82 13.63
C ILE B 887 3.41 -40.31 13.63
N GLU B 888 3.52 -39.71 14.82
CA GLU B 888 3.83 -38.28 14.91
C GLU B 888 5.28 -38.00 14.52
N ASP B 889 6.21 -38.86 14.94
CA ASP B 889 7.60 -38.78 14.47
C ASP B 889 7.69 -38.99 12.96
N LEU B 890 6.94 -39.97 12.44
CA LEU B 890 6.95 -40.24 11.01
C LEU B 890 6.39 -39.07 10.21
N LEU B 891 5.43 -38.32 10.76
CA LEU B 891 4.96 -37.13 10.07
C LEU B 891 5.96 -35.99 10.18
N PHE B 892 6.55 -35.81 11.36
CA PHE B 892 7.43 -34.67 11.59
C PHE B 892 8.76 -34.81 10.86
N ASN B 893 9.12 -36.02 10.43
CA ASN B 893 10.33 -36.15 9.62
C ASN B 893 10.06 -36.06 8.12
N LYS B 894 8.89 -35.59 7.70
CA LYS B 894 8.64 -35.37 6.28
C LYS B 894 8.42 -33.90 5.94
N VAL B 895 8.44 -33.02 6.93
CA VAL B 895 8.31 -31.59 6.71
C VAL B 895 9.57 -30.92 7.24
N THR B 896 10.10 -29.99 6.44
CA THR B 896 11.29 -29.23 6.79
C THR B 896 10.88 -27.89 7.37
N ILE B 897 11.23 -27.65 8.63
CA ILE B 897 10.93 -26.41 9.33
C ILE B 897 12.23 -25.88 9.92
N ALA B 898 12.48 -24.59 9.75
CA ALA B 898 13.60 -23.93 10.38
C ALA B 898 13.39 -23.83 11.89
N ASP B 899 14.46 -24.06 12.63
CA ASP B 899 14.40 -23.99 14.09
C ASP B 899 14.60 -22.55 14.54
N PRO B 900 13.69 -21.98 15.33
CA PRO B 900 13.83 -20.57 15.72
C PRO B 900 14.84 -20.33 16.83
N GLY B 901 15.15 -21.34 17.63
CA GLY B 901 16.11 -21.19 18.71
C GLY B 901 15.65 -20.29 19.83
N TYR B 902 14.64 -20.72 20.59
CA TYR B 902 14.07 -19.86 21.61
C TYR B 902 15.00 -19.66 22.79
N MET B 903 15.85 -20.64 23.10
CA MET B 903 16.67 -20.52 24.30
C MET B 903 17.91 -19.67 24.06
N GLN B 904 18.72 -20.01 23.06
CA GLN B 904 19.97 -19.31 22.81
C GLN B 904 20.29 -19.18 21.33
N GLY B 905 19.30 -18.85 20.50
CA GLY B 905 19.53 -18.70 19.08
C GLY B 905 20.42 -17.53 18.70
N TYR B 906 20.50 -16.51 19.56
CA TYR B 906 21.36 -15.36 19.29
C TYR B 906 22.83 -15.74 19.40
N ASP B 907 23.20 -16.48 20.45
CA ASP B 907 24.59 -16.90 20.60
C ASP B 907 24.99 -17.92 19.56
N GLU B 908 24.08 -18.79 19.14
CA GLU B 908 24.34 -19.71 18.06
C GLU B 908 24.47 -19.01 16.72
N CYS B 909 23.77 -17.89 16.52
CA CYS B 909 24.01 -17.11 15.33
C CYS B 909 25.25 -16.23 15.43
N MET B 910 25.82 -16.04 16.63
CA MET B 910 27.09 -15.32 16.73
C MET B 910 28.28 -16.11 16.23
N GLN B 911 28.15 -17.42 16.06
CA GLN B 911 29.25 -18.30 15.70
C GLN B 911 28.88 -19.13 14.47
N GLN B 912 28.41 -18.44 13.43
CA GLN B 912 27.79 -19.10 12.29
C GLN B 912 28.81 -19.78 11.37
N GLY B 913 29.68 -19.00 10.74
CA GLY B 913 30.45 -19.48 9.61
C GLY B 913 29.55 -19.86 8.46
N PRO B 914 29.58 -21.15 8.09
CA PRO B 914 28.67 -21.64 7.05
C PRO B 914 27.24 -21.75 7.55
N GLN B 915 26.45 -20.67 7.38
CA GLN B 915 25.07 -20.61 7.87
C GLN B 915 24.15 -21.70 7.29
N SER B 916 24.58 -22.40 6.24
CA SER B 916 23.87 -23.58 5.74
C SER B 916 24.40 -24.85 6.41
N ALA B 917 24.43 -24.83 7.75
CA ALA B 917 24.78 -25.98 8.55
C ALA B 917 23.60 -26.50 9.36
N ARG B 918 22.96 -25.63 10.14
CA ARG B 918 21.71 -25.95 10.82
C ARG B 918 20.68 -24.87 10.50
N ASP B 919 19.41 -25.27 10.52
CA ASP B 919 18.30 -24.39 10.16
C ASP B 919 18.02 -23.40 11.27
N LEU B 920 18.69 -22.25 11.20
CA LEU B 920 18.40 -21.17 12.13
C LEU B 920 17.82 -19.97 11.40
N ILE B 921 17.08 -19.15 12.15
CA ILE B 921 16.55 -17.90 11.60
C ILE B 921 17.43 -16.79 12.17
N CYS B 922 18.52 -16.50 11.46
CA CYS B 922 19.45 -15.49 11.96
C CYS B 922 19.08 -14.08 11.50
N ALA B 923 18.27 -13.98 10.44
CA ALA B 923 17.74 -12.71 9.94
C ALA B 923 16.82 -12.00 10.92
N GLN B 924 16.35 -12.68 11.97
CA GLN B 924 15.73 -12.01 13.11
C GLN B 924 16.61 -10.91 13.66
N TYR B 925 17.89 -11.19 13.84
CA TYR B 925 18.74 -10.26 14.58
C TYR B 925 19.33 -9.19 13.69
N VAL B 926 19.21 -9.34 12.38
CA VAL B 926 19.67 -8.35 11.44
C VAL B 926 18.56 -7.38 11.06
N ALA B 927 17.42 -7.91 10.59
CA ALA B 927 16.32 -7.07 10.13
C ALA B 927 15.56 -6.43 11.29
N GLY B 928 15.45 -7.12 12.41
CA GLY B 928 14.81 -6.53 13.57
C GLY B 928 13.42 -7.05 13.89
N TYR B 929 13.10 -8.26 13.47
CA TYR B 929 11.89 -8.90 13.92
C TYR B 929 12.23 -10.03 14.88
N LYS B 930 11.21 -10.55 15.54
CA LYS B 930 11.37 -11.57 16.57
C LYS B 930 10.26 -12.58 16.45
N VAL B 931 10.64 -13.84 16.29
CA VAL B 931 9.71 -14.97 16.40
C VAL B 931 9.51 -15.28 17.88
N LEU B 932 8.27 -15.34 18.30
CA LEU B 932 7.93 -15.61 19.69
C LEU B 932 7.62 -17.09 19.89
N PRO B 933 7.94 -17.63 21.06
CA PRO B 933 7.62 -19.04 21.34
C PRO B 933 6.14 -19.25 21.57
N PRO B 934 5.60 -20.40 21.18
CA PRO B 934 4.19 -20.70 21.43
C PRO B 934 3.90 -20.89 22.91
N LEU B 935 2.60 -20.91 23.22
CA LEU B 935 2.10 -20.88 24.58
C LEU B 935 2.50 -22.10 25.39
N TYR B 936 2.51 -23.29 24.78
CA TYR B 936 2.81 -24.53 25.46
C TYR B 936 4.04 -25.22 24.87
N ASP B 937 4.75 -25.96 25.71
CA ASP B 937 5.90 -26.78 25.33
C ASP B 937 5.42 -28.16 24.87
N PRO B 938 6.28 -28.98 24.24
CA PRO B 938 5.79 -30.27 23.67
C PRO B 938 5.25 -31.31 24.65
N TYR B 939 5.62 -31.24 25.92
CA TYR B 939 5.04 -32.12 26.94
C TYR B 939 3.53 -31.86 27.09
N MET B 940 3.11 -30.60 27.01
CA MET B 940 1.68 -30.30 27.17
C MET B 940 0.87 -30.66 25.93
N GLU B 941 1.47 -30.61 24.75
CA GLU B 941 0.75 -31.06 23.57
C GLU B 941 0.64 -32.56 23.52
N ALA B 942 1.65 -33.27 24.07
CA ALA B 942 1.52 -34.70 24.26
C ALA B 942 0.44 -35.03 25.29
N ALA B 943 0.30 -34.19 26.33
CA ALA B 943 -0.74 -34.40 27.32
C ALA B 943 -2.12 -34.19 26.73
N TYR B 944 -2.25 -33.24 25.80
CA TYR B 944 -3.51 -33.02 25.11
C TYR B 944 -3.89 -34.22 24.25
N THR B 945 -2.95 -34.73 23.45
CA THR B 945 -3.32 -35.85 22.59
C THR B 945 -3.43 -37.18 23.34
N SER B 946 -2.81 -37.32 24.52
CA SER B 946 -3.07 -38.49 25.35
C SER B 946 -4.41 -38.42 26.07
N SER B 947 -4.89 -37.21 26.37
CA SER B 947 -6.27 -37.04 26.78
C SER B 947 -7.24 -37.47 25.68
N LEU B 948 -6.98 -37.01 24.45
CA LEU B 948 -7.83 -37.38 23.32
C LEU B 948 -7.78 -38.88 23.02
N LEU B 949 -6.66 -39.55 23.32
CA LEU B 949 -6.62 -40.99 23.11
C LEU B 949 -7.33 -41.74 24.22
N GLY B 950 -7.15 -41.33 25.47
CA GLY B 950 -7.84 -41.97 26.56
C GLY B 950 -9.31 -41.65 26.71
N SER B 951 -9.86 -40.76 25.88
CA SER B 951 -11.28 -40.43 25.95
C SER B 951 -12.12 -41.14 24.88
N ILE B 952 -11.59 -42.15 24.22
CA ILE B 952 -12.32 -42.82 23.13
C ILE B 952 -13.17 -43.97 23.66
N ALA B 953 -12.59 -44.88 24.43
CA ALA B 953 -13.32 -46.01 24.96
C ALA B 953 -14.28 -45.57 26.07
N GLY B 954 -15.45 -46.19 26.13
CA GLY B 954 -16.45 -45.79 27.10
C GLY B 954 -17.15 -44.52 26.66
N ALA B 955 -16.83 -43.41 27.35
CA ALA B 955 -17.06 -42.04 26.88
C ALA B 955 -18.54 -41.73 26.65
N SER B 956 -19.27 -41.62 27.77
CA SER B 956 -20.69 -41.24 27.81
C SER B 956 -21.55 -42.24 27.02
N TRP B 957 -21.61 -43.45 27.59
CA TRP B 957 -22.21 -44.63 26.99
C TRP B 957 -23.69 -44.49 26.61
N THR B 958 -24.38 -43.45 27.06
CA THR B 958 -25.83 -43.43 27.14
C THR B 958 -26.33 -42.02 26.82
N ALA B 959 -27.56 -41.73 27.27
CA ALA B 959 -28.35 -40.58 26.82
C ALA B 959 -27.66 -39.24 27.05
N GLY B 960 -27.07 -39.05 28.22
CA GLY B 960 -26.41 -37.80 28.53
C GLY B 960 -24.91 -37.89 28.45
N LEU B 961 -24.26 -37.01 29.20
CA LEU B 961 -22.80 -36.92 29.25
C LEU B 961 -22.26 -36.99 30.66
N SER B 962 -23.08 -37.35 31.64
CA SER B 962 -22.74 -37.18 33.04
C SER B 962 -22.26 -38.46 33.69
N SER B 963 -22.47 -39.61 33.07
CA SER B 963 -21.90 -40.85 33.57
C SER B 963 -20.70 -41.21 32.71
N PHE B 964 -19.80 -42.01 33.29
CA PHE B 964 -18.58 -42.45 32.62
C PHE B 964 -18.45 -43.95 32.81
N ALA B 965 -18.62 -44.70 31.74
CA ALA B 965 -18.51 -46.16 31.78
C ALA B 965 -17.08 -46.54 31.44
N ALA B 966 -16.50 -47.40 32.25
CA ALA B 966 -15.13 -47.85 32.02
C ALA B 966 -15.16 -49.22 31.35
N ILE B 967 -15.44 -49.20 30.05
CA ILE B 967 -15.48 -50.45 29.29
C ILE B 967 -14.25 -50.48 28.38
N PRO B 968 -13.66 -51.65 28.14
CA PRO B 968 -12.41 -51.72 27.37
C PRO B 968 -12.54 -51.26 25.93
N PHE B 969 -11.37 -51.11 25.29
CA PHE B 969 -11.29 -50.60 23.93
C PHE B 969 -11.95 -51.56 22.93
N ALA B 970 -11.68 -52.86 23.06
CA ALA B 970 -12.15 -53.85 22.10
C ALA B 970 -13.67 -53.95 22.08
N GLN B 971 -14.30 -54.00 23.26
CA GLN B 971 -15.75 -54.07 23.30
C GLN B 971 -16.40 -52.75 22.91
N SER B 972 -15.67 -51.65 23.05
CA SER B 972 -16.18 -50.37 22.57
C SER B 972 -16.19 -50.32 21.04
N ILE B 973 -15.19 -50.92 20.41
CA ILE B 973 -15.19 -51.03 18.95
C ILE B 973 -16.28 -51.97 18.47
N PHE B 974 -16.51 -53.07 19.20
CA PHE B 974 -17.59 -53.99 18.86
C PHE B 974 -18.97 -53.35 19.03
N TYR B 975 -19.17 -52.53 20.05
CA TYR B 975 -20.44 -51.80 20.18
C TYR B 975 -20.63 -50.77 19.09
N ARG B 976 -19.58 -50.06 18.69
CA ARG B 976 -19.68 -49.14 17.56
C ARG B 976 -19.95 -49.87 16.25
N LEU B 977 -19.52 -51.12 16.13
CA LEU B 977 -19.81 -51.90 14.93
C LEU B 977 -21.22 -52.44 14.94
N ASN B 978 -21.71 -52.83 16.12
CA ASN B 978 -23.09 -53.25 16.28
C ASN B 978 -24.05 -52.11 16.00
N GLY B 979 -23.68 -50.89 16.36
CA GLY B 979 -24.50 -49.72 16.12
C GLY B 979 -24.72 -49.33 14.68
N VAL B 980 -23.99 -49.88 13.72
CA VAL B 980 -24.13 -49.49 12.32
C VAL B 980 -24.62 -50.64 11.44
N GLY B 981 -25.20 -51.67 12.03
CA GLY B 981 -25.86 -52.69 11.24
C GLY B 981 -25.15 -54.01 11.09
N ILE B 982 -24.31 -54.37 12.05
CA ILE B 982 -23.63 -55.65 12.06
C ILE B 982 -24.06 -56.39 13.33
N THR B 983 -24.80 -57.48 13.18
CA THR B 983 -25.41 -58.17 14.30
C THR B 983 -24.38 -58.90 15.14
N GLN B 984 -24.80 -59.28 16.35
CA GLN B 984 -23.92 -59.92 17.33
C GLN B 984 -23.43 -61.28 16.87
N GLN B 985 -24.23 -61.97 16.05
CA GLN B 985 -23.81 -63.29 15.56
C GLN B 985 -22.66 -63.18 14.57
N VAL B 986 -22.73 -62.20 13.67
CA VAL B 986 -21.65 -61.91 12.74
C VAL B 986 -20.39 -61.50 13.50
N LEU B 987 -20.56 -60.69 14.54
CA LEU B 987 -19.41 -60.22 15.31
C LEU B 987 -18.77 -61.33 16.13
N SER B 988 -19.57 -62.25 16.66
CA SER B 988 -19.00 -63.37 17.40
C SER B 988 -18.32 -64.36 16.49
N GLU B 989 -18.77 -64.48 15.24
CA GLU B 989 -18.14 -65.40 14.32
C GLU B 989 -16.94 -64.81 13.59
N ASN B 990 -16.66 -63.51 13.74
CA ASN B 990 -15.63 -62.83 12.95
C ASN B 990 -14.78 -61.90 13.80
N GLN B 991 -14.39 -62.32 15.01
CA GLN B 991 -13.66 -61.42 15.90
C GLN B 991 -12.23 -61.20 15.44
N LYS B 992 -11.48 -62.29 15.23
CA LYS B 992 -10.08 -62.20 14.83
C LYS B 992 -9.92 -61.58 13.46
N ILE B 993 -10.87 -61.79 12.57
CA ILE B 993 -10.80 -61.23 11.23
C ILE B 993 -10.98 -59.72 11.26
N ILE B 994 -11.89 -59.25 12.11
CA ILE B 994 -12.11 -57.82 12.30
C ILE B 994 -10.88 -57.17 12.89
N ALA B 995 -10.28 -57.82 13.89
CA ALA B 995 -9.10 -57.24 14.53
C ALA B 995 -7.88 -57.23 13.62
N ASN B 996 -7.73 -58.26 12.77
CA ASN B 996 -6.64 -58.27 11.80
C ASN B 996 -6.80 -57.20 10.73
N LYS B 997 -8.03 -57.00 10.23
CA LYS B 997 -8.25 -55.94 9.25
C LYS B 997 -8.07 -54.55 9.84
N PHE B 998 -8.45 -54.37 11.11
CA PHE B 998 -8.20 -53.11 11.79
C PHE B 998 -6.71 -52.85 11.96
N ASN B 999 -5.95 -53.89 12.33
CA ASN B 999 -4.52 -53.74 12.53
C ASN B 999 -3.80 -53.42 11.22
N GLN B 1000 -4.21 -54.05 10.11
CA GLN B 1000 -3.53 -53.73 8.87
C GLN B 1000 -4.00 -52.40 8.28
N ALA B 1001 -5.16 -51.89 8.68
CA ALA B 1001 -5.52 -50.54 8.25
C ALA B 1001 -4.77 -49.48 9.05
N LEU B 1002 -4.54 -49.72 10.35
CA LEU B 1002 -3.72 -48.82 11.14
C LEU B 1002 -2.25 -48.89 10.77
N GLY B 1003 -1.76 -50.02 10.29
CA GLY B 1003 -0.35 -50.13 9.97
C GLY B 1003 0.09 -49.53 8.66
N ALA B 1004 -0.84 -49.04 7.86
CA ALA B 1004 -0.52 -48.46 6.56
C ALA B 1004 -0.75 -46.95 6.51
N MET B 1005 -0.85 -46.28 7.67
CA MET B 1005 -1.23 -44.88 7.68
C MET B 1005 -0.12 -43.96 7.17
N GLN B 1006 1.14 -44.37 7.28
CA GLN B 1006 2.28 -43.55 6.89
C GLN B 1006 2.38 -43.37 5.38
N THR B 1007 1.64 -44.15 4.59
CA THR B 1007 1.68 -44.03 3.15
C THR B 1007 0.89 -42.81 2.66
N GLY B 1008 0.21 -42.11 3.57
CA GLY B 1008 -0.52 -40.92 3.21
C GLY B 1008 0.30 -39.66 3.28
N PHE B 1009 1.58 -39.79 3.64
CA PHE B 1009 2.42 -38.61 3.84
C PHE B 1009 3.16 -38.23 2.56
N THR B 1010 2.44 -38.11 1.46
CA THR B 1010 2.99 -37.77 0.15
C THR B 1010 2.21 -36.58 -0.42
N THR B 1011 2.64 -36.11 -1.59
CA THR B 1011 2.05 -34.92 -2.21
C THR B 1011 0.84 -35.25 -3.08
N THR B 1012 0.41 -36.51 -3.12
CA THR B 1012 -0.86 -36.80 -3.76
C THR B 1012 -2.02 -36.67 -2.78
N ASN B 1013 -1.72 -36.62 -1.48
CA ASN B 1013 -2.73 -36.56 -0.44
C ASN B 1013 -2.98 -35.11 -0.01
N LEU B 1014 -4.26 -34.76 0.14
CA LEU B 1014 -4.65 -33.36 0.33
C LEU B 1014 -4.29 -32.83 1.71
N ALA B 1015 -4.44 -33.65 2.75
CA ALA B 1015 -4.11 -33.25 4.12
C ALA B 1015 -2.62 -32.92 4.26
N PHE B 1016 -1.77 -33.70 3.60
CA PHE B 1016 -0.33 -33.46 3.66
C PHE B 1016 0.05 -32.18 2.91
N ASN B 1017 -0.56 -31.95 1.74
CA ASN B 1017 -0.39 -30.70 1.02
C ASN B 1017 -0.79 -29.50 1.86
N LYS B 1018 -1.84 -29.63 2.67
CA LYS B 1018 -2.25 -28.54 3.55
C LYS B 1018 -1.22 -28.27 4.65
N VAL B 1019 -0.62 -29.33 5.21
CA VAL B 1019 0.45 -29.16 6.21
C VAL B 1019 1.64 -28.40 5.62
N GLN B 1020 2.03 -28.78 4.40
CA GLN B 1020 3.15 -28.13 3.74
C GLN B 1020 2.82 -26.69 3.37
N ASP B 1021 1.56 -26.42 3.00
CA ASP B 1021 1.11 -25.06 2.70
C ASP B 1021 1.20 -24.15 3.91
N ALA B 1022 0.83 -24.64 5.08
CA ALA B 1022 0.91 -23.80 6.28
C ALA B 1022 2.36 -23.50 6.66
N VAL B 1023 3.26 -24.47 6.47
CA VAL B 1023 4.68 -24.23 6.73
C VAL B 1023 5.23 -23.18 5.75
N ASN B 1024 4.90 -23.30 4.46
CA ASN B 1024 5.34 -22.33 3.48
C ASN B 1024 4.77 -20.94 3.71
N ALA B 1025 3.55 -20.84 4.24
CA ALA B 1025 2.97 -19.53 4.51
C ALA B 1025 3.73 -18.80 5.62
N ASN B 1026 4.07 -19.54 6.70
CA ASN B 1026 4.91 -18.96 7.75
C ASN B 1026 6.27 -18.51 7.20
N ALA B 1027 6.91 -19.32 6.36
CA ALA B 1027 8.24 -18.95 5.89
C ALA B 1027 8.20 -17.82 4.85
N MET B 1028 7.15 -17.76 4.04
CA MET B 1028 7.04 -16.73 3.02
C MET B 1028 6.81 -15.35 3.63
N ALA B 1029 6.10 -15.28 4.76
CA ALA B 1029 5.94 -14.02 5.47
C ALA B 1029 7.29 -13.41 5.88
N LEU B 1030 8.20 -14.25 6.40
CA LEU B 1030 9.50 -13.76 6.82
C LEU B 1030 10.41 -13.44 5.65
N SER B 1031 10.28 -14.19 4.55
CA SER B 1031 11.04 -13.87 3.35
C SER B 1031 10.66 -12.52 2.78
N LYS B 1032 9.36 -12.22 2.74
CA LYS B 1032 8.91 -10.92 2.24
C LYS B 1032 9.27 -9.79 3.18
N LEU B 1033 9.34 -10.06 4.49
CA LEU B 1033 9.87 -9.06 5.41
C LEU B 1033 11.33 -8.73 5.11
N ALA B 1034 12.17 -9.75 4.93
CA ALA B 1034 13.59 -9.50 4.75
C ALA B 1034 13.94 -8.92 3.37
N ALA B 1035 13.21 -9.26 2.32
CA ALA B 1035 13.55 -8.79 0.99
C ALA B 1035 13.30 -7.31 0.78
N GLU B 1036 12.41 -6.69 1.54
CA GLU B 1036 12.12 -5.26 1.36
C GLU B 1036 13.24 -4.34 1.81
N LEU B 1037 14.22 -4.82 2.56
CA LEU B 1037 15.35 -4.00 2.95
C LEU B 1037 16.39 -3.86 1.85
N SER B 1038 16.17 -4.46 0.70
CA SER B 1038 17.01 -4.29 -0.47
C SER B 1038 16.30 -3.51 -1.57
N ASN B 1039 15.10 -3.02 -1.30
CA ASN B 1039 14.36 -2.13 -2.19
C ASN B 1039 14.96 -0.73 -2.10
N THR B 1040 15.39 -0.18 -3.24
CA THR B 1040 15.93 1.18 -3.23
C THR B 1040 14.84 2.25 -3.18
N PHE B 1041 13.60 1.91 -3.57
CA PHE B 1041 12.45 2.81 -3.63
C PHE B 1041 12.71 4.04 -4.50
N GLY B 1042 13.57 3.92 -5.49
CA GLY B 1042 13.93 5.04 -6.33
C GLY B 1042 15.11 5.87 -5.88
N ALA B 1043 15.81 5.47 -4.83
CA ALA B 1043 17.00 6.17 -4.40
C ALA B 1043 18.23 5.55 -5.08
N ILE B 1044 19.42 6.09 -4.75
CA ILE B 1044 20.64 5.58 -5.35
C ILE B 1044 21.06 4.24 -4.76
N SER B 1045 20.58 3.89 -3.57
CA SER B 1045 21.00 2.68 -2.90
C SER B 1045 19.92 2.27 -1.92
N SER B 1046 19.97 1.01 -1.51
CA SER B 1046 19.20 0.55 -0.37
C SER B 1046 20.00 0.61 0.92
N SER B 1047 21.28 0.89 0.81
CA SER B 1047 22.18 1.00 1.96
C SER B 1047 22.21 2.45 2.40
N ILE B 1048 22.03 2.69 3.70
CA ILE B 1048 22.12 4.03 4.24
C ILE B 1048 23.57 4.50 4.28
N SER B 1049 24.50 3.55 4.54
CA SER B 1049 25.93 3.83 4.54
C SER B 1049 26.43 4.44 3.24
N ASP B 1050 25.95 3.90 2.10
CA ASP B 1050 26.38 4.41 0.80
C ASP B 1050 25.84 5.80 0.53
N ILE B 1051 24.59 6.06 0.93
CA ILE B 1051 24.00 7.40 0.80
C ILE B 1051 24.80 8.40 1.62
N LEU B 1052 25.17 8.03 2.85
CA LEU B 1052 25.96 8.93 3.69
C LEU B 1052 27.39 9.07 3.19
N ALA B 1053 27.87 8.14 2.38
CA ALA B 1053 29.22 8.29 1.84
C ALA B 1053 29.26 9.05 0.52
N ARG B 1054 28.17 9.15 -0.22
CA ARG B 1054 28.26 9.70 -1.57
C ARG B 1054 27.60 11.06 -1.77
N LEU B 1055 26.86 11.58 -0.80
CA LEU B 1055 26.09 12.79 -1.00
C LEU B 1055 26.35 13.77 0.14
N ASP B 1056 26.02 15.04 -0.09
CA ASP B 1056 26.00 16.02 0.96
C ASP B 1056 24.62 16.08 1.60
N THR B 1057 24.52 16.88 2.67
CA THR B 1057 23.40 16.84 3.63
C THR B 1057 22.03 17.08 2.99
N VAL B 1058 21.96 18.03 2.06
CA VAL B 1058 20.68 18.38 1.43
C VAL B 1058 20.19 17.26 0.53
N GLU B 1059 21.10 16.53 -0.12
CA GLU B 1059 20.69 15.38 -0.91
C GLU B 1059 20.50 14.13 -0.05
N GLN B 1060 21.21 14.05 1.07
CA GLN B 1060 21.05 12.93 1.99
C GLN B 1060 19.65 12.90 2.57
N GLU B 1061 19.09 14.07 2.86
CA GLU B 1061 17.75 14.12 3.45
C GLU B 1061 16.68 13.64 2.48
N ALA B 1062 16.73 14.09 1.24
CA ALA B 1062 15.75 13.65 0.25
C ALA B 1062 15.97 12.20 -0.15
N GLN B 1063 17.18 11.68 -0.01
CA GLN B 1063 17.39 10.28 -0.33
C GLN B 1063 16.92 9.36 0.79
N ILE B 1064 17.16 9.73 2.05
CA ILE B 1064 16.72 8.91 3.17
C ILE B 1064 15.20 8.98 3.38
N ASP B 1065 14.55 10.10 3.02
CA ASP B 1065 13.10 10.17 3.16
C ASP B 1065 12.35 9.20 2.24
N ARG B 1066 12.92 8.87 1.07
CA ARG B 1066 12.35 7.83 0.21
C ARG B 1066 12.37 6.46 0.89
N LEU B 1067 13.49 6.11 1.51
CA LEU B 1067 13.63 4.82 2.18
C LEU B 1067 12.70 4.75 3.39
N ILE B 1068 12.56 5.85 4.13
CA ILE B 1068 11.68 5.88 5.29
C ILE B 1068 10.23 5.67 4.89
N ASN B 1069 9.77 6.40 3.86
CA ASN B 1069 8.37 6.30 3.46
C ASN B 1069 8.05 4.95 2.85
N GLY B 1070 8.98 4.40 2.05
CA GLY B 1070 8.79 3.07 1.51
C GLY B 1070 8.73 1.97 2.57
N ARG B 1071 9.65 2.01 3.53
CA ARG B 1071 9.70 0.96 4.55
C ARG B 1071 8.53 1.05 5.52
N LEU B 1072 8.02 2.25 5.80
CA LEU B 1072 6.82 2.35 6.64
C LEU B 1072 5.58 1.83 5.92
N THR B 1073 5.46 2.09 4.62
CA THR B 1073 4.34 1.54 3.87
C THR B 1073 4.40 0.01 3.79
N SER B 1074 5.61 -0.55 3.65
CA SER B 1074 5.78 -2.00 3.63
C SER B 1074 5.42 -2.64 4.96
N LEU B 1075 5.85 -2.04 6.08
CA LEU B 1075 5.49 -2.57 7.38
C LEU B 1075 3.98 -2.49 7.64
N ASN B 1076 3.31 -1.49 7.07
CA ASN B 1076 1.85 -1.42 7.16
C ASN B 1076 1.17 -2.58 6.43
N ALA B 1077 1.67 -2.90 5.23
CA ALA B 1077 1.11 -4.01 4.47
C ALA B 1077 1.33 -5.35 5.18
N PHE B 1078 2.50 -5.53 5.80
CA PHE B 1078 2.79 -6.72 6.60
C PHE B 1078 1.83 -6.87 7.79
N VAL B 1079 1.54 -5.77 8.48
CA VAL B 1079 0.65 -5.83 9.64
C VAL B 1079 -0.78 -6.18 9.21
N ALA B 1080 -1.23 -5.62 8.08
CA ALA B 1080 -2.54 -5.95 7.53
C ALA B 1080 -2.67 -7.41 7.16
N GLN B 1081 -1.59 -8.02 6.64
CA GLN B 1081 -1.65 -9.45 6.30
C GLN B 1081 -1.62 -10.36 7.53
N GLN B 1082 -0.87 -9.98 8.56
CA GLN B 1082 -0.85 -10.78 9.78
C GLN B 1082 -2.19 -10.77 10.51
N LEU B 1083 -2.92 -9.65 10.45
CA LEU B 1083 -4.25 -9.61 11.07
C LEU B 1083 -5.22 -10.60 10.42
N VAL B 1084 -5.28 -10.61 9.09
CA VAL B 1084 -6.13 -11.52 8.34
C VAL B 1084 -5.79 -12.97 8.63
N ARG B 1085 -4.49 -13.30 8.66
CA ARG B 1085 -4.07 -14.68 8.92
C ARG B 1085 -4.38 -15.13 10.35
N THR B 1086 -4.22 -14.24 11.33
CA THR B 1086 -4.51 -14.60 12.72
C THR B 1086 -6.01 -14.84 12.94
N GLU B 1087 -6.85 -14.04 12.31
CA GLU B 1087 -8.29 -14.23 12.46
C GLU B 1087 -8.78 -15.50 11.74
N ALA B 1088 -8.17 -15.83 10.60
CA ALA B 1088 -8.48 -17.10 9.94
C ALA B 1088 -8.06 -18.32 10.74
N ALA B 1089 -6.88 -18.25 11.38
CA ALA B 1089 -6.44 -19.36 12.22
C ALA B 1089 -7.32 -19.53 13.45
N ALA B 1090 -7.84 -18.42 14.00
CA ALA B 1090 -8.76 -18.52 15.12
C ALA B 1090 -10.11 -19.11 14.73
N ARG B 1091 -10.56 -18.91 13.49
CA ARG B 1091 -11.76 -19.62 13.05
C ARG B 1091 -11.54 -21.11 12.87
N SER B 1092 -10.38 -21.49 12.33
CA SER B 1092 -10.19 -22.93 12.15
C SER B 1092 -9.85 -23.65 13.45
N ALA B 1093 -9.41 -22.95 14.50
CA ALA B 1093 -9.32 -23.61 15.80
C ALA B 1093 -10.69 -23.97 16.36
N GLN B 1094 -11.70 -23.16 16.05
CA GLN B 1094 -13.08 -23.48 16.43
C GLN B 1094 -13.61 -24.67 15.64
N LEU B 1095 -13.26 -24.75 14.36
CA LEU B 1095 -13.60 -25.94 13.58
C LEU B 1095 -12.89 -27.20 14.11
N ALA B 1096 -11.65 -27.05 14.59
CA ALA B 1096 -10.93 -28.18 15.15
C ALA B 1096 -11.55 -28.67 16.45
N GLN B 1097 -12.03 -27.75 17.28
CA GLN B 1097 -12.73 -28.14 18.50
C GLN B 1097 -14.04 -28.85 18.19
N ASP B 1098 -14.74 -28.43 17.13
CA ASP B 1098 -15.93 -29.14 16.69
C ASP B 1098 -15.62 -30.57 16.24
N LYS B 1099 -14.51 -30.76 15.52
CA LYS B 1099 -14.10 -32.09 15.06
C LYS B 1099 -13.68 -33.00 16.21
N VAL B 1100 -12.97 -32.47 17.20
CA VAL B 1100 -12.61 -33.28 18.37
C VAL B 1100 -13.86 -33.69 19.16
N ASN B 1101 -14.81 -32.77 19.32
CA ASN B 1101 -16.00 -33.11 20.12
C ASN B 1101 -16.91 -34.10 19.38
N GLU B 1102 -17.04 -33.96 18.07
CA GLU B 1102 -18.01 -34.79 17.37
C GLU B 1102 -17.46 -36.04 16.71
N CYS B 1103 -16.17 -36.10 16.35
CA CYS B 1103 -15.63 -37.29 15.70
C CYS B 1103 -14.77 -38.15 16.59
N VAL B 1104 -13.98 -37.56 17.47
CA VAL B 1104 -13.06 -38.30 18.32
C VAL B 1104 -13.71 -38.67 19.66
N LYS B 1105 -14.59 -37.83 20.17
CA LYS B 1105 -15.14 -38.06 21.51
C LYS B 1105 -16.56 -38.60 21.51
N SER B 1106 -17.20 -38.75 20.35
CA SER B 1106 -18.49 -39.39 20.28
C SER B 1106 -18.65 -40.00 18.89
N GLN B 1107 -19.85 -40.45 18.58
CA GLN B 1107 -20.20 -40.98 17.26
C GLN B 1107 -21.26 -40.07 16.67
N SER B 1108 -20.89 -39.33 15.62
CA SER B 1108 -21.76 -38.31 15.06
C SER B 1108 -22.88 -38.93 14.24
N LYS B 1109 -23.98 -38.20 14.12
CA LYS B 1109 -25.06 -38.54 13.20
C LYS B 1109 -25.13 -37.61 12.00
N ARG B 1110 -24.01 -36.95 11.68
CA ARG B 1110 -23.90 -36.11 10.50
C ARG B 1110 -23.20 -36.91 9.42
N ASN B 1111 -23.88 -37.10 8.29
CA ASN B 1111 -23.34 -37.89 7.20
C ASN B 1111 -22.21 -37.15 6.50
N GLY B 1112 -21.03 -37.75 6.48
CA GLY B 1112 -19.90 -37.23 5.75
C GLY B 1112 -18.95 -36.35 6.53
N PHE B 1113 -19.23 -36.09 7.81
CA PHE B 1113 -18.46 -35.15 8.59
C PHE B 1113 -17.14 -35.75 9.07
N CYS B 1114 -17.09 -37.06 9.24
CA CYS B 1114 -15.91 -37.71 9.80
C CYS B 1114 -15.31 -38.70 8.82
N GLY B 1115 -15.09 -38.28 7.59
CA GLY B 1115 -14.52 -39.11 6.55
C GLY B 1115 -15.58 -39.79 5.72
N THR B 1116 -15.13 -40.65 4.82
CA THR B 1116 -16.03 -41.34 3.91
C THR B 1116 -16.39 -42.72 4.43
N GLY B 1117 -17.47 -43.27 3.90
CA GLY B 1117 -17.97 -44.54 4.36
C GLY B 1117 -18.84 -44.41 5.59
N THR B 1118 -18.76 -45.43 6.43
CA THR B 1118 -19.47 -45.48 7.70
C THR B 1118 -18.45 -45.30 8.81
N HIS B 1119 -18.55 -44.20 9.56
CA HIS B 1119 -17.53 -43.85 10.53
C HIS B 1119 -17.54 -44.77 11.73
N ILE B 1120 -16.39 -45.31 12.08
CA ILE B 1120 -16.24 -46.19 13.22
C ILE B 1120 -15.53 -45.48 14.36
N VAL B 1121 -14.35 -44.91 14.10
CA VAL B 1121 -13.54 -44.35 15.18
C VAL B 1121 -12.56 -43.35 14.57
N SER B 1122 -12.11 -42.39 15.37
CA SER B 1122 -11.19 -41.38 14.89
C SER B 1122 -10.12 -41.09 15.93
N PHE B 1123 -8.94 -40.75 15.44
CA PHE B 1123 -7.80 -40.37 16.26
C PHE B 1123 -7.23 -39.05 15.78
N ALA B 1124 -6.57 -38.34 16.70
CA ALA B 1124 -5.96 -37.06 16.38
C ALA B 1124 -4.58 -36.97 17.01
N ILE B 1125 -3.60 -36.49 16.23
CA ILE B 1125 -2.25 -36.24 16.70
C ILE B 1125 -1.90 -34.78 16.43
N ASN B 1126 -0.78 -34.36 17.02
CA ASN B 1126 -0.25 -33.03 16.77
C ASN B 1126 0.49 -32.99 15.45
N ALA B 1127 0.42 -31.86 14.78
CA ALA B 1127 1.05 -31.61 13.50
C ALA B 1127 1.66 -30.23 13.56
N PRO B 1128 2.63 -29.92 12.69
CA PRO B 1128 3.13 -28.55 12.59
C PRO B 1128 2.01 -27.58 12.25
N ASN B 1129 1.73 -26.69 13.22
CA ASN B 1129 0.70 -25.66 13.24
C ASN B 1129 -0.72 -26.20 13.40
N GLY B 1130 -0.94 -27.39 13.97
CA GLY B 1130 -2.32 -27.79 14.11
C GLY B 1130 -2.54 -29.23 14.49
N LEU B 1131 -3.70 -29.75 14.07
CA LEU B 1131 -4.13 -31.10 14.44
C LEU B 1131 -4.35 -31.94 13.20
N TYR B 1132 -3.93 -33.20 13.27
CA TYR B 1132 -4.02 -34.14 12.16
C TYR B 1132 -4.90 -35.33 12.58
N PHE B 1133 -5.83 -35.70 11.71
CA PHE B 1133 -6.93 -36.60 12.04
C PHE B 1133 -6.89 -37.83 11.16
N PHE B 1134 -7.14 -39.00 11.76
CA PHE B 1134 -7.30 -40.27 11.09
C PHE B 1134 -8.69 -40.80 11.40
N HIS B 1135 -9.56 -40.88 10.39
CA HIS B 1135 -10.91 -41.42 10.52
C HIS B 1135 -10.92 -42.83 9.97
N VAL B 1136 -11.26 -43.79 10.81
CA VAL B 1136 -11.41 -45.19 10.41
C VAL B 1136 -12.87 -45.45 10.13
N GLY B 1137 -13.14 -45.86 8.88
CA GLY B 1137 -14.45 -46.17 8.38
C GLY B 1137 -14.59 -47.55 7.78
N TYR B 1138 -15.80 -48.09 7.86
CA TYR B 1138 -16.15 -49.42 7.34
C TYR B 1138 -16.44 -49.33 5.86
N GLN B 1139 -15.81 -50.18 5.06
CA GLN B 1139 -15.85 -50.05 3.62
C GLN B 1139 -16.21 -51.38 2.96
N PRO B 1140 -17.34 -51.48 2.28
CA PRO B 1140 -17.70 -52.73 1.59
C PRO B 1140 -16.86 -52.97 0.35
N THR B 1141 -16.55 -54.24 0.10
CA THR B 1141 -15.78 -54.62 -1.08
C THR B 1141 -16.52 -55.56 -2.01
N SER B 1142 -17.30 -56.50 -1.51
CA SER B 1142 -18.21 -57.27 -2.33
C SER B 1142 -19.60 -57.22 -1.73
N HIS B 1143 -20.61 -57.49 -2.54
CA HIS B 1143 -21.99 -57.38 -2.09
C HIS B 1143 -22.84 -58.42 -2.81
N VAL B 1144 -24.07 -58.58 -2.33
CA VAL B 1144 -25.05 -59.47 -2.94
C VAL B 1144 -26.31 -58.67 -3.20
N ASN B 1145 -27.08 -59.13 -4.19
CA ASN B 1145 -28.37 -58.52 -4.56
C ASN B 1145 -29.47 -59.28 -3.86
N ALA B 1146 -30.11 -58.64 -2.88
CA ALA B 1146 -31.12 -59.30 -2.08
C ALA B 1146 -32.51 -58.76 -2.40
N THR B 1147 -33.50 -59.66 -2.30
CA THR B 1147 -34.90 -59.32 -2.46
C THR B 1147 -35.48 -58.96 -1.10
N ALA B 1148 -36.01 -57.75 -0.96
CA ALA B 1148 -36.41 -57.23 0.33
C ALA B 1148 -37.89 -56.87 0.34
N ALA B 1149 -38.49 -57.01 1.51
CA ALA B 1149 -39.86 -56.60 1.78
C ALA B 1149 -39.89 -55.25 2.49
N TYR B 1150 -40.92 -54.46 2.21
CA TYR B 1150 -41.15 -53.25 2.99
C TYR B 1150 -41.67 -53.56 4.38
N GLY B 1151 -42.60 -54.50 4.49
CA GLY B 1151 -43.03 -55.00 5.77
C GLY B 1151 -43.86 -56.24 5.55
N LEU B 1152 -44.40 -56.75 6.65
CA LEU B 1152 -45.14 -58.00 6.61
C LEU B 1152 -46.45 -57.89 7.38
N CYS B 1153 -47.52 -58.40 6.78
CA CYS B 1153 -48.86 -58.34 7.36
C CYS B 1153 -49.40 -59.70 7.74
N ASN B 1154 -50.63 -59.74 8.23
CA ASN B 1154 -51.20 -60.87 8.96
C ASN B 1154 -52.41 -61.49 8.30
N THR B 1155 -53.16 -60.73 7.49
CA THR B 1155 -54.48 -61.08 6.96
C THR B 1155 -55.44 -61.51 8.07
N GLU B 1156 -55.50 -60.68 9.11
CA GLU B 1156 -56.33 -60.98 10.27
C GLU B 1156 -57.28 -59.81 10.51
N ASN B 1157 -57.95 -59.83 11.65
CA ASN B 1157 -58.91 -58.79 12.01
C ASN B 1157 -58.90 -58.65 13.52
N PRO B 1158 -58.20 -57.65 14.07
CA PRO B 1158 -57.46 -56.57 13.39
C PRO B 1158 -56.04 -56.98 12.94
N GLN B 1159 -55.65 -56.48 11.79
CA GLN B 1159 -54.40 -56.86 11.12
C GLN B 1159 -53.21 -56.24 11.83
N LYS B 1160 -52.17 -57.04 12.04
CA LYS B 1160 -50.93 -56.59 12.68
C LYS B 1160 -49.81 -56.61 11.66
N CYS B 1161 -48.95 -55.59 11.72
CA CYS B 1161 -47.90 -55.39 10.73
C CYS B 1161 -46.58 -55.07 11.43
N ILE B 1162 -45.48 -55.57 10.86
CA ILE B 1162 -44.15 -55.33 11.41
C ILE B 1162 -43.24 -54.75 10.34
N ALA B 1163 -42.22 -54.05 10.79
CA ALA B 1163 -41.17 -53.46 9.98
C ALA B 1163 -39.82 -53.73 10.65
N PRO B 1164 -38.73 -53.76 9.89
CA PRO B 1164 -37.43 -54.09 10.50
C PRO B 1164 -36.77 -52.93 11.24
N ILE B 1165 -35.98 -53.29 12.23
CA ILE B 1165 -35.15 -52.35 12.98
C ILE B 1165 -33.72 -52.52 12.48
N ASP B 1166 -33.18 -51.46 11.87
CA ASP B 1166 -31.77 -51.36 11.47
C ASP B 1166 -31.34 -52.44 10.49
N GLY B 1167 -32.21 -52.76 9.54
CA GLY B 1167 -31.93 -53.88 8.65
C GLY B 1167 -33.09 -54.14 7.74
N TYR B 1168 -33.11 -55.34 7.16
CA TYR B 1168 -34.03 -55.65 6.08
C TYR B 1168 -34.69 -56.99 6.30
N PHE B 1169 -35.90 -57.14 5.78
CA PHE B 1169 -36.55 -58.44 5.67
C PHE B 1169 -36.24 -59.01 4.30
N VAL B 1170 -35.47 -60.10 4.24
CA VAL B 1170 -34.93 -60.62 2.98
C VAL B 1170 -35.31 -62.08 2.80
N LEU B 1171 -35.22 -62.53 1.55
CA LEU B 1171 -35.23 -63.95 1.23
C LEU B 1171 -33.81 -64.50 1.29
N ASN B 1172 -33.69 -65.77 1.69
CA ASN B 1172 -32.40 -66.45 1.69
C ASN B 1172 -32.24 -67.16 0.35
N GLN B 1173 -31.90 -66.39 -0.69
CA GLN B 1173 -32.05 -66.85 -2.07
C GLN B 1173 -30.84 -67.62 -2.56
N THR B 1174 -30.48 -68.68 -1.83
CA THR B 1174 -29.42 -69.59 -2.26
C THR B 1174 -29.97 -70.66 -3.19
N THR B 1175 -31.28 -70.90 -3.14
CA THR B 1175 -31.95 -71.84 -4.02
C THR B 1175 -33.13 -71.12 -4.67
N SER B 1176 -32.87 -70.46 -5.79
CA SER B 1176 -33.80 -69.51 -6.40
C SER B 1176 -34.96 -70.22 -7.09
N THR B 1177 -35.87 -69.41 -7.64
CA THR B 1177 -37.06 -69.82 -8.39
C THR B 1177 -37.97 -70.73 -7.56
N VAL B 1178 -38.50 -70.14 -6.49
CA VAL B 1178 -39.35 -70.85 -5.54
C VAL B 1178 -40.71 -70.16 -5.46
N ALA B 1179 -41.60 -70.68 -4.61
CA ALA B 1179 -43.01 -70.31 -4.65
C ALA B 1179 -43.33 -69.28 -3.57
N ASP B 1180 -44.60 -68.86 -3.52
CA ASP B 1180 -45.03 -67.81 -2.60
C ASP B 1180 -45.24 -68.33 -1.19
N SER B 1181 -45.45 -69.63 -1.01
CA SER B 1181 -45.37 -70.22 0.32
C SER B 1181 -43.92 -70.49 0.70
N ASP B 1182 -43.05 -70.64 -0.29
CA ASP B 1182 -41.62 -70.70 -0.07
C ASP B 1182 -41.00 -69.32 0.06
N GLN B 1183 -41.83 -68.28 0.07
CA GLN B 1183 -41.43 -66.97 0.57
C GLN B 1183 -41.37 -67.05 2.09
N GLN B 1184 -40.24 -67.58 2.54
CA GLN B 1184 -39.86 -67.55 3.94
C GLN B 1184 -38.93 -66.37 4.16
N TRP B 1185 -39.32 -65.46 5.05
CA TRP B 1185 -38.61 -64.20 5.23
C TRP B 1185 -37.73 -64.24 6.45
N TYR B 1186 -36.59 -63.57 6.35
CA TYR B 1186 -35.57 -63.52 7.38
C TYR B 1186 -35.21 -62.08 7.63
N TYR B 1187 -34.49 -61.85 8.72
CA TYR B 1187 -33.92 -60.54 9.00
C TYR B 1187 -32.43 -60.58 8.70
N THR B 1188 -31.94 -59.53 8.06
CA THR B 1188 -30.51 -59.32 7.99
C THR B 1188 -30.19 -57.90 8.45
N GLY B 1189 -29.00 -57.74 9.02
CA GLY B 1189 -28.49 -56.42 9.29
C GLY B 1189 -28.11 -55.70 8.01
N SER B 1190 -28.10 -54.37 8.08
CA SER B 1190 -27.95 -53.57 6.88
C SER B 1190 -26.51 -53.51 6.36
N SER B 1191 -25.52 -53.93 7.14
CA SER B 1191 -24.13 -53.78 6.72
C SER B 1191 -23.44 -55.10 6.39
N PHE B 1192 -24.07 -56.23 6.64
CA PHE B 1192 -23.44 -57.52 6.38
C PHE B 1192 -24.54 -58.54 6.18
N PHE B 1193 -24.50 -59.26 5.05
CA PHE B 1193 -25.59 -60.14 4.71
C PHE B 1193 -25.45 -61.45 5.46
N HIS B 1194 -26.35 -61.70 6.40
CA HIS B 1194 -26.38 -62.94 7.17
C HIS B 1194 -27.77 -63.16 7.74
N PRO B 1195 -28.62 -63.93 7.05
CA PRO B 1195 -30.03 -64.03 7.46
C PRO B 1195 -30.22 -64.85 8.73
N GLU B 1196 -31.25 -64.51 9.49
CA GLU B 1196 -31.56 -65.08 10.78
C GLU B 1196 -33.05 -64.94 11.03
N PRO B 1197 -33.61 -65.68 12.00
CA PRO B 1197 -35.07 -65.61 12.22
C PRO B 1197 -35.58 -64.26 12.71
N ILE B 1198 -36.81 -63.94 12.30
CA ILE B 1198 -37.46 -62.70 12.67
C ILE B 1198 -38.10 -62.85 14.03
N THR B 1199 -37.74 -61.97 14.95
CA THR B 1199 -38.16 -62.04 16.33
C THR B 1199 -38.57 -60.65 16.77
N GLU B 1200 -39.00 -60.54 18.03
CA GLU B 1200 -39.30 -59.24 18.63
C GLU B 1200 -38.04 -58.41 18.91
N ALA B 1201 -36.85 -58.95 18.71
CA ALA B 1201 -35.63 -58.20 18.90
C ALA B 1201 -35.28 -57.33 17.71
N ASN B 1202 -35.69 -57.72 16.50
CA ASN B 1202 -35.26 -57.02 15.29
C ASN B 1202 -36.43 -56.50 14.44
N SER B 1203 -37.62 -56.40 15.02
CA SER B 1203 -38.76 -55.85 14.31
C SER B 1203 -39.62 -55.03 15.26
N LYS B 1204 -40.48 -54.20 14.69
CA LYS B 1204 -41.41 -53.38 15.45
C LYS B 1204 -42.76 -53.32 14.77
N TYR B 1205 -43.79 -53.11 15.58
CA TYR B 1205 -45.16 -53.00 15.09
C TYR B 1205 -45.40 -51.63 14.48
N VAL B 1206 -46.02 -51.62 13.31
CA VAL B 1206 -46.32 -50.40 12.58
C VAL B 1206 -47.76 -50.45 12.12
N SER B 1207 -48.24 -49.32 11.64
CA SER B 1207 -49.58 -49.26 11.07
C SER B 1207 -49.53 -49.72 9.62
N MET B 1208 -50.69 -50.19 9.14
CA MET B 1208 -50.76 -50.92 7.88
C MET B 1208 -50.43 -50.05 6.68
N ASP B 1209 -49.71 -50.63 5.73
CA ASP B 1209 -49.33 -50.00 4.48
C ASP B 1209 -49.66 -50.97 3.35
N VAL B 1210 -50.00 -50.41 2.18
CA VAL B 1210 -50.47 -51.25 1.08
C VAL B 1210 -49.34 -51.92 0.33
N LYS B 1211 -48.09 -51.57 0.59
CA LYS B 1211 -46.96 -52.23 -0.04
C LYS B 1211 -46.46 -53.44 0.74
N PHE B 1212 -47.02 -53.71 1.91
CA PHE B 1212 -46.52 -54.79 2.75
C PHE B 1212 -47.05 -56.12 2.22
N GLU B 1213 -46.22 -57.16 2.26
CA GLU B 1213 -46.63 -58.46 1.76
C GLU B 1213 -47.60 -59.13 2.73
N ASN B 1214 -48.65 -59.74 2.20
CA ASN B 1214 -49.68 -60.38 3.01
C ASN B 1214 -49.33 -61.86 3.20
N LEU B 1215 -49.04 -62.25 4.44
CA LEU B 1215 -48.64 -63.61 4.77
C LEU B 1215 -49.81 -64.39 5.34
N THR B 1216 -49.99 -65.61 4.86
CA THR B 1216 -51.00 -66.52 5.40
C THR B 1216 -50.42 -67.78 5.99
N ASN B 1217 -49.23 -68.20 5.57
CA ASN B 1217 -48.51 -69.28 6.23
C ASN B 1217 -47.05 -68.88 6.45
N ARG B 1218 -46.35 -69.70 7.24
CA ARG B 1218 -44.98 -69.48 7.71
C ARG B 1218 -44.83 -68.12 8.41
N LEU B 1219 -45.62 -67.95 9.46
CA LEU B 1219 -45.63 -66.63 10.08
C LEU B 1219 -44.53 -66.50 11.13
N PRO B 1220 -43.94 -65.31 11.25
CA PRO B 1220 -43.05 -65.04 12.39
C PRO B 1220 -43.82 -65.05 13.70
N PRO B 1221 -43.13 -65.25 14.82
CA PRO B 1221 -43.79 -65.19 16.14
C PRO B 1221 -44.36 -63.83 16.51
N PRO B 1222 -43.77 -62.67 16.12
CA PRO B 1222 -44.51 -61.41 16.37
C PRO B 1222 -45.79 -61.26 15.57
N LEU B 1223 -45.93 -61.93 14.44
CA LEU B 1223 -47.09 -61.81 13.57
C LEU B 1223 -48.12 -62.90 13.79
N LEU B 1224 -48.00 -63.64 14.88
CA LEU B 1224 -48.87 -64.77 15.14
C LEU B 1224 -50.13 -64.34 15.86
N SER B 1225 -51.24 -64.98 15.55
CA SER B 1225 -52.47 -64.84 16.32
C SER B 1225 -52.26 -65.52 17.66
N ASN B 1226 -52.05 -64.72 18.71
CA ASN B 1226 -51.55 -65.23 19.97
C ASN B 1226 -52.60 -66.01 20.75
N SER B 1227 -52.61 -67.33 20.56
CA SER B 1227 -53.42 -68.21 21.38
C SER B 1227 -52.52 -69.33 21.90
N THR B 1228 -52.33 -69.37 23.21
CA THR B 1228 -51.43 -70.35 23.80
C THR B 1228 -52.22 -71.40 24.60
N VAL C 39 42.85 30.45 51.40
CA VAL C 39 41.91 29.40 51.02
C VAL C 39 42.25 28.10 51.74
N GLN C 40 41.24 27.47 52.33
CA GLN C 40 41.40 26.23 53.08
C GLN C 40 40.21 25.34 52.78
N PRO C 41 40.21 24.63 51.64
CA PRO C 41 38.96 24.12 51.06
C PRO C 41 38.39 22.88 51.73
N ASP C 42 39.15 22.14 52.54
CA ASP C 42 38.64 20.94 53.17
C ASP C 42 37.80 21.24 54.42
N TYR C 43 37.59 22.51 54.73
CA TYR C 43 36.63 22.94 55.73
C TYR C 43 35.23 23.14 55.16
N PHE C 44 35.10 23.20 53.83
CA PHE C 44 33.83 23.56 53.18
C PHE C 44 33.09 22.36 52.64
N GLU C 45 33.78 21.55 51.82
CA GLU C 45 33.19 20.35 51.22
C GLU C 45 33.34 19.12 52.11
N SER C 46 33.05 19.30 53.39
CA SER C 46 33.13 18.23 54.37
C SER C 46 31.78 17.53 54.45
N VAL C 47 31.58 16.71 55.48
CA VAL C 47 30.39 15.88 55.58
C VAL C 47 29.43 16.48 56.61
N HIS C 48 29.47 17.81 56.77
CA HIS C 48 28.62 18.47 57.75
C HIS C 48 27.17 18.51 57.31
N THR C 49 26.89 19.27 56.24
CA THR C 49 25.54 19.29 55.70
C THR C 49 25.43 18.29 54.55
N THR C 50 26.15 18.56 53.45
CA THR C 50 26.49 17.66 52.33
C THR C 50 25.35 16.73 51.92
N TRP C 51 24.21 17.33 51.66
CA TRP C 51 23.01 16.56 51.38
C TRP C 51 22.93 16.24 49.90
N PRO C 52 22.75 14.98 49.53
CA PRO C 52 22.42 14.65 48.14
C PRO C 52 21.08 15.23 47.72
N MET C 53 20.92 15.44 46.43
CA MET C 53 19.70 16.03 45.87
C MET C 53 19.57 15.57 44.42
N PRO C 54 19.10 14.35 44.20
CA PRO C 54 18.94 13.87 42.82
C PRO C 54 17.79 14.55 42.12
N ILE C 55 17.77 14.42 40.80
CA ILE C 55 16.68 14.94 39.98
C ILE C 55 15.50 14.00 40.08
N ASP C 56 14.33 14.55 40.40
CA ASP C 56 13.10 13.80 40.52
C ASP C 56 12.18 14.16 39.36
N THR C 57 12.07 13.26 38.38
CA THR C 57 11.23 13.51 37.22
C THR C 57 9.74 13.40 37.53
N SER C 58 9.37 12.70 38.61
CA SER C 58 7.95 12.56 38.94
C SER C 58 7.33 13.86 39.42
N LYS C 59 8.13 14.81 39.88
CA LYS C 59 7.67 16.16 40.13
C LYS C 59 8.19 17.15 39.09
N ALA C 60 8.72 16.65 37.97
CA ALA C 60 9.16 17.41 36.80
C ALA C 60 10.22 18.45 37.17
N GLU C 61 11.35 17.96 37.65
CA GLU C 61 12.40 18.82 38.20
C GLU C 61 13.36 19.26 37.11
N GLY C 62 13.52 20.56 36.96
CA GLY C 62 14.47 21.11 36.02
C GLY C 62 14.07 21.00 34.57
N VAL C 63 12.80 21.23 34.26
CA VAL C 63 12.28 21.06 32.91
C VAL C 63 11.99 22.43 32.32
N ILE C 64 12.51 22.67 31.13
CA ILE C 64 12.31 23.90 30.39
C ILE C 64 10.99 23.79 29.64
N TYR C 65 10.17 24.84 29.71
CA TYR C 65 8.84 24.80 29.12
C TYR C 65 8.93 25.19 27.63
N PRO C 66 8.18 24.49 26.77
CA PRO C 66 8.23 24.78 25.32
C PRO C 66 7.75 26.19 24.97
N ASN C 67 8.64 26.98 24.37
CA ASN C 67 8.33 28.37 24.13
C ASN C 67 7.46 28.56 22.90
N GLY C 68 6.59 29.56 22.98
CA GLY C 68 5.72 29.90 21.88
C GLY C 68 4.36 29.24 21.90
N LYS C 69 4.10 28.37 22.88
CA LYS C 69 2.87 27.58 22.84
C LYS C 69 2.55 27.06 24.23
N SER C 70 1.27 26.72 24.40
CA SER C 70 0.77 26.11 25.63
C SER C 70 0.03 24.85 25.26
N TYR C 71 -0.03 23.91 26.20
CA TYR C 71 -0.83 22.69 26.11
C TYR C 71 -1.64 22.56 27.38
N SER C 72 -2.79 21.88 27.28
CA SER C 72 -3.70 21.74 28.42
C SER C 72 -4.26 20.34 28.50
N ASN C 73 -4.01 19.68 29.64
CA ASN C 73 -4.65 18.40 30.02
C ASN C 73 -4.34 17.27 29.02
N ILE C 74 -3.07 17.16 28.62
CA ILE C 74 -2.67 16.13 27.66
C ILE C 74 -1.31 15.56 28.07
N THR C 75 -0.79 14.69 27.23
CA THR C 75 0.45 13.96 27.48
C THR C 75 1.17 13.78 26.16
N LEU C 76 2.45 14.14 26.09
CA LEU C 76 3.15 14.03 24.82
C LEU C 76 4.65 13.87 25.04
N THR C 77 5.33 13.42 23.99
CA THR C 77 6.78 13.34 24.00
C THR C 77 7.39 14.59 23.37
N TYR C 78 8.53 15.00 23.90
CA TYR C 78 9.15 16.24 23.49
C TYR C 78 10.66 16.07 23.55
N THR C 79 11.33 16.46 22.47
CA THR C 79 12.77 16.35 22.35
C THR C 79 13.41 17.69 22.71
N GLY C 80 14.37 17.66 23.63
CA GLY C 80 14.98 18.90 24.06
C GLY C 80 16.19 18.65 24.92
N LEU C 81 16.52 19.64 25.73
CA LEU C 81 17.67 19.60 26.61
C LEU C 81 17.18 19.40 28.04
N TYR C 82 17.45 18.24 28.60
CA TYR C 82 16.96 17.84 29.91
C TYR C 82 18.10 17.38 30.79
N PRO C 83 17.93 17.44 32.10
CA PRO C 83 18.82 16.70 32.98
C PRO C 83 18.48 15.22 32.99
N LYS C 84 19.46 14.43 33.43
CA LYS C 84 19.26 12.99 33.55
C LYS C 84 18.34 12.66 34.71
N ALA C 85 17.63 11.54 34.57
CA ALA C 85 16.84 11.02 35.68
C ALA C 85 17.77 10.53 36.79
N ASN C 86 17.48 10.96 38.02
CA ASN C 86 18.23 10.64 39.24
C ASN C 86 19.68 11.12 39.16
N ASP C 87 19.93 12.21 38.46
CA ASP C 87 21.25 12.82 38.44
C ASP C 87 21.44 13.66 39.70
N LEU C 88 22.59 13.49 40.35
CA LEU C 88 22.83 14.17 41.61
C LEU C 88 23.34 15.59 41.42
N GLY C 89 24.00 15.85 40.29
CA GLY C 89 24.45 17.19 40.00
C GLY C 89 25.78 17.51 40.67
N LYS C 90 25.94 18.77 41.05
CA LYS C 90 27.11 19.22 41.79
C LYS C 90 26.67 20.24 42.83
N GLN C 91 27.15 20.06 44.05
CA GLN C 91 26.74 20.84 45.21
C GLN C 91 27.75 21.94 45.51
N TYR C 92 27.25 23.14 45.81
CA TYR C 92 28.10 24.29 46.12
C TYR C 92 27.67 24.81 47.48
N LEU C 93 28.49 24.50 48.50
CA LEU C 93 28.37 25.03 49.85
C LEU C 93 29.12 26.35 49.97
N PHE C 94 28.45 27.36 50.51
CA PHE C 94 29.08 28.67 50.70
C PHE C 94 29.01 29.06 52.16
N SER C 95 29.97 29.91 52.54
CA SER C 95 30.14 30.31 53.94
C SER C 95 30.45 31.79 54.02
N ASP C 96 30.24 32.34 55.20
CA ASP C 96 30.70 33.69 55.54
C ASP C 96 32.22 33.75 55.52
N GLY C 97 32.75 34.96 55.45
CA GLY C 97 34.17 35.17 55.60
C GLY C 97 34.62 35.01 57.04
N HIS C 98 35.92 35.17 57.24
CA HIS C 98 36.49 35.10 58.58
C HIS C 98 36.03 36.28 59.43
N SER C 99 35.93 36.06 60.73
CA SER C 99 35.34 37.05 61.61
C SER C 99 36.17 37.23 62.87
N ALA C 100 36.58 38.46 63.13
CA ALA C 100 36.88 38.93 64.47
C ALA C 100 35.55 39.25 65.15
N PRO C 101 35.53 39.41 66.49
CA PRO C 101 34.30 39.90 67.13
C PRO C 101 33.92 41.31 66.71
N GLY C 102 32.84 41.41 65.95
CA GLY C 102 32.36 42.69 65.46
C GLY C 102 33.16 43.31 64.34
N ARG C 103 34.12 42.60 63.76
CA ARG C 103 34.94 43.11 62.66
C ARG C 103 34.93 42.11 61.52
N LEU C 104 35.50 42.53 60.39
CA LEU C 104 35.51 41.73 59.17
C LEU C 104 36.94 41.44 58.77
N ASN C 105 37.20 40.19 58.38
CA ASN C 105 38.52 39.69 58.01
C ASN C 105 38.48 39.23 56.55
N ASN C 106 39.53 38.52 56.15
CA ASN C 106 39.65 37.99 54.79
C ASN C 106 38.55 36.96 54.49
N LEU C 107 38.34 36.71 53.21
CA LEU C 107 37.24 35.86 52.77
C LEU C 107 37.57 34.39 53.00
N PHE C 108 36.60 33.65 53.55
CA PHE C 108 36.72 32.21 53.78
C PHE C 108 35.94 31.53 52.66
N VAL C 109 36.62 31.22 51.56
CA VAL C 109 36.01 30.64 50.37
C VAL C 109 36.74 29.35 50.01
N SER C 110 36.13 28.59 49.09
CA SER C 110 36.73 27.39 48.54
C SER C 110 37.64 27.78 47.36
N ASN C 111 38.08 26.79 46.58
CA ASN C 111 38.85 27.02 45.37
C ASN C 111 38.00 26.83 44.12
N TYR C 112 36.76 27.32 44.14
CA TYR C 112 35.91 27.33 42.96
C TYR C 112 36.32 28.41 41.96
N SER C 113 37.28 29.28 42.30
CA SER C 113 37.73 30.35 41.42
C SER C 113 38.78 29.88 40.43
N SER C 114 39.36 28.71 40.64
CA SER C 114 40.22 28.08 39.64
C SER C 114 39.57 26.86 39.01
N GLN C 115 38.40 26.45 39.50
CA GLN C 115 37.66 25.37 38.88
C GLN C 115 37.01 25.88 37.60
N VAL C 116 37.35 25.27 36.48
CA VAL C 116 36.85 25.63 35.16
C VAL C 116 36.20 24.37 34.58
N GLU C 117 34.93 24.49 34.23
CA GLU C 117 34.14 23.34 33.82
C GLU C 117 33.69 23.53 32.39
N SER C 118 33.45 22.41 31.70
CA SER C 118 32.99 22.47 30.33
C SER C 118 31.49 22.72 30.31
N PHE C 119 31.09 23.70 29.51
CA PHE C 119 29.69 24.13 29.38
C PHE C 119 28.86 23.04 28.71
N ASP C 120 29.22 22.75 27.47
CA ASP C 120 28.84 21.66 26.55
C ASP C 120 27.40 21.66 26.06
N ASP C 121 26.43 22.05 26.89
CA ASP C 121 25.05 22.16 26.44
C ASP C 121 24.22 23.08 27.31
N GLY C 122 24.84 23.69 28.31
CA GLY C 122 24.11 24.51 29.25
C GLY C 122 23.80 23.78 30.53
N PHE C 123 23.15 24.48 31.44
CA PHE C 123 22.86 23.86 32.72
C PHE C 123 21.65 24.52 33.38
N VAL C 124 21.17 23.86 34.44
CA VAL C 124 20.13 24.40 35.30
C VAL C 124 20.62 24.37 36.74
N VAL C 125 20.10 25.30 37.54
CA VAL C 125 20.58 25.58 38.89
C VAL C 125 19.40 25.56 39.84
N ARG C 126 19.48 24.70 40.87
CA ARG C 126 18.54 24.65 41.98
C ARG C 126 19.05 25.55 43.10
N ILE C 127 18.24 26.54 43.49
CA ILE C 127 18.68 27.63 44.34
C ILE C 127 17.91 27.54 45.66
N GLY C 128 18.52 26.97 46.68
CA GLY C 128 18.08 27.17 48.05
C GLY C 128 16.80 26.51 48.50
N ALA C 129 16.64 25.21 48.20
CA ALA C 129 15.51 24.46 48.76
C ALA C 129 15.74 24.07 50.21
N ALA C 130 16.97 24.17 50.71
CA ALA C 130 17.29 23.91 52.10
C ALA C 130 17.33 25.18 52.94
N ALA C 131 16.76 26.27 52.44
CA ALA C 131 16.74 27.55 53.14
C ALA C 131 15.41 27.79 53.83
N ASN C 132 14.78 26.72 54.27
CA ASN C 132 13.52 26.81 54.99
C ASN C 132 13.53 26.00 56.28
N LYS C 133 14.59 25.25 56.54
CA LYS C 133 14.76 24.50 57.78
C LYS C 133 16.09 24.91 58.40
N THR C 134 16.29 24.59 59.68
CA THR C 134 17.42 25.11 60.44
C THR C 134 18.69 24.30 60.19
N GLY C 135 19.82 24.96 60.39
CA GLY C 135 21.12 24.37 60.18
C GLY C 135 22.18 25.44 60.06
N THR C 136 23.44 25.00 60.12
CA THR C 136 24.57 25.89 59.96
C THR C 136 25.25 25.63 58.61
N THR C 137 25.88 26.68 58.06
CA THR C 137 26.40 26.60 56.69
C THR C 137 27.57 25.63 56.56
N VAL C 138 28.79 26.04 56.93
CA VAL C 138 29.84 25.07 57.20
C VAL C 138 30.77 25.54 58.31
N ILE C 139 30.77 26.84 58.62
CA ILE C 139 31.90 27.41 59.34
C ILE C 139 31.74 27.23 60.86
N SER C 140 30.70 27.80 61.44
CA SER C 140 30.44 27.67 62.87
C SER C 140 29.59 26.42 63.06
N GLN C 141 30.09 25.46 63.84
CA GLN C 141 29.41 24.17 63.93
C GLN C 141 28.23 24.20 64.88
N SER C 142 28.21 25.13 65.85
CA SER C 142 27.13 25.23 66.82
C SER C 142 26.45 26.59 66.74
N THR C 143 26.14 27.05 65.52
CA THR C 143 25.40 28.28 65.30
C THR C 143 24.30 28.00 64.27
N PHE C 144 23.14 27.56 64.74
CA PHE C 144 22.02 27.28 63.85
C PHE C 144 21.20 28.55 63.65
N LYS C 145 21.27 29.10 62.45
CA LYS C 145 20.70 30.38 62.09
C LYS C 145 19.72 30.20 60.94
N PRO C 146 18.80 31.15 60.73
CA PRO C 146 17.90 31.05 59.57
C PRO C 146 18.67 31.20 58.27
N ILE C 147 18.41 30.26 57.35
CA ILE C 147 19.25 30.09 56.17
C ILE C 147 18.79 31.04 55.07
N LYS C 148 19.74 31.75 54.47
CA LYS C 148 19.46 32.62 53.34
C LYS C 148 19.49 31.82 52.03
N LYS C 149 19.19 32.49 50.93
CA LYS C 149 19.34 31.92 49.60
C LYS C 149 20.53 32.57 48.91
N ILE C 150 21.36 31.75 48.28
CA ILE C 150 22.56 32.21 47.60
C ILE C 150 22.34 32.12 46.10
N TYR C 151 22.30 33.27 45.44
CA TYR C 151 22.17 33.31 44.00
C TYR C 151 23.56 33.31 43.38
N PRO C 152 23.88 32.36 42.50
CA PRO C 152 25.26 32.26 42.00
C PRO C 152 25.58 33.32 40.94
N ALA C 153 26.89 33.58 40.83
CA ALA C 153 27.44 34.50 39.86
C ALA C 153 28.34 33.72 38.92
N PHE C 154 28.37 34.12 37.65
CA PHE C 154 29.02 33.31 36.64
C PHE C 154 29.95 34.13 35.75
N LEU C 155 31.05 33.48 35.35
CA LEU C 155 31.87 33.92 34.22
C LEU C 155 31.81 32.85 33.13
N LEU C 156 31.42 33.23 31.92
CA LEU C 156 31.29 32.29 30.83
C LEU C 156 32.15 32.73 29.66
N GLY C 157 32.80 31.78 29.00
CA GLY C 157 33.73 32.18 27.96
C GLY C 157 34.07 31.10 26.96
N HIS C 158 34.75 31.55 25.91
CA HIS C 158 35.18 30.72 24.80
C HIS C 158 36.64 30.28 24.91
N SER C 159 37.49 31.09 25.52
CA SER C 159 38.93 30.89 25.53
C SER C 159 39.47 31.10 26.94
N VAL C 160 40.43 30.27 27.35
CA VAL C 160 40.92 30.30 28.72
C VAL C 160 42.43 30.08 28.74
N GLY C 161 43.11 30.81 29.62
CA GLY C 161 44.56 30.76 29.69
C GLY C 161 45.08 31.02 31.10
N ASN C 162 46.40 31.18 31.20
CA ASN C 162 47.07 31.38 32.48
C ASN C 162 46.91 32.81 32.96
N TYR C 163 47.17 33.01 34.26
CA TYR C 163 46.95 34.32 34.86
C TYR C 163 48.14 35.25 34.79
N THR C 164 49.39 34.73 34.67
CA THR C 164 50.58 35.45 34.15
C THR C 164 50.91 36.76 34.86
N PRO C 165 51.74 36.76 35.92
CA PRO C 165 52.80 35.79 36.23
C PRO C 165 52.52 34.68 37.22
N SER C 166 51.38 34.72 37.92
CA SER C 166 51.15 33.78 39.02
C SER C 166 50.86 32.36 38.55
N ASN C 167 50.74 32.13 37.23
CA ASN C 167 50.69 30.79 36.61
C ASN C 167 49.45 30.01 37.06
N ARG C 168 48.39 30.74 37.40
CA ARG C 168 47.15 30.17 37.93
C ARG C 168 46.17 29.97 36.80
N THR C 169 45.79 28.72 36.56
CA THR C 169 44.96 28.38 35.42
C THR C 169 43.51 28.79 35.66
N GLY C 170 42.90 29.40 34.64
CA GLY C 170 41.54 29.86 34.76
C GLY C 170 41.30 31.32 34.44
N ARG C 171 42.13 31.92 33.60
CA ARG C 171 41.93 33.30 33.18
C ARG C 171 41.20 33.33 31.85
N TYR C 172 40.12 34.12 31.78
CA TYR C 172 39.30 34.23 30.58
C TYR C 172 39.80 35.40 29.74
N LEU C 173 40.20 35.13 28.51
CA LEU C 173 40.88 36.13 27.72
C LEU C 173 40.38 36.20 26.29
N ASN C 174 39.24 36.86 26.10
CA ASN C 174 38.70 37.61 24.92
C ASN C 174 37.41 38.23 25.46
N HIS C 175 36.41 38.50 24.63
CA HIS C 175 35.11 38.89 25.15
C HIS C 175 34.47 37.75 25.93
N THR C 176 34.08 38.05 27.17
CA THR C 176 33.65 37.12 28.18
C THR C 176 32.34 37.63 28.74
N LEU C 177 31.41 36.71 29.02
CA LEU C 177 30.09 37.06 29.53
C LEU C 177 30.08 36.97 31.05
N VAL C 178 29.63 38.04 31.70
CA VAL C 178 29.54 38.12 33.14
C VAL C 178 28.06 38.17 33.53
N ILE C 179 27.66 37.28 34.45
CA ILE C 179 26.32 37.25 35.02
C ILE C 179 26.45 37.51 36.52
N LEU C 180 25.96 38.65 36.99
CA LEU C 180 26.09 38.99 38.40
C LEU C 180 24.75 39.31 39.04
N PRO C 181 24.42 38.72 40.19
CA PRO C 181 23.29 39.21 40.98
C PRO C 181 23.69 40.39 41.86
N ASP C 182 22.72 41.26 42.12
CA ASP C 182 23.00 42.53 42.78
C ASP C 182 21.71 43.01 43.42
N GLY C 183 21.83 44.04 44.25
CA GLY C 183 20.69 44.58 44.98
C GLY C 183 20.12 43.62 46.01
N CYS C 184 21.00 42.90 46.72
CA CYS C 184 20.65 41.80 47.64
C CYS C 184 19.80 40.72 46.97
N GLY C 185 19.99 40.53 45.66
CA GLY C 185 19.16 39.61 44.90
C GLY C 185 17.88 40.24 44.39
N THR C 186 17.99 41.38 43.71
CA THR C 186 16.81 42.00 43.11
C THR C 186 17.11 42.35 41.65
N ILE C 187 18.38 42.59 41.34
CA ILE C 187 18.79 42.94 39.99
C ILE C 187 19.75 41.88 39.49
N LEU C 188 19.70 41.61 38.20
CA LEU C 188 20.65 40.73 37.53
C LEU C 188 21.33 41.54 36.43
N HIS C 189 22.64 41.66 36.49
CA HIS C 189 23.42 42.31 35.45
C HIS C 189 23.96 41.25 34.50
N ALA C 190 23.86 41.51 33.20
CA ALA C 190 24.42 40.64 32.18
C ALA C 190 25.21 41.49 31.22
N PHE C 191 26.54 41.33 31.19
CA PHE C 191 27.29 42.11 30.20
C PHE C 191 28.43 41.31 29.60
N TYR C 192 28.85 41.76 28.42
CA TYR C 192 29.78 41.05 27.56
C TYR C 192 30.99 41.95 27.31
N CYS C 193 32.11 41.70 27.99
CA CYS C 193 33.21 42.64 27.99
C CYS C 193 34.55 41.89 27.97
N VAL C 194 35.63 42.64 27.90
CA VAL C 194 36.99 42.11 28.08
C VAL C 194 37.42 42.42 29.51
N LEU C 195 37.95 41.40 30.20
CA LEU C 195 38.38 41.52 31.58
C LEU C 195 39.89 41.73 31.64
N HIS C 196 40.32 42.85 32.24
CA HIS C 196 41.74 43.13 32.40
C HIS C 196 42.11 43.12 33.88
N PRO C 197 43.04 42.27 34.32
CA PRO C 197 43.39 42.24 35.74
C PRO C 197 44.19 43.47 36.17
N ARG C 198 44.00 43.86 37.43
CA ARG C 198 44.64 45.06 37.96
C ARG C 198 45.92 44.71 38.73
N THR C 199 46.58 45.74 39.24
CA THR C 199 47.85 45.62 39.96
C THR C 199 47.81 46.31 41.31
N GLN C 200 46.67 46.22 42.00
CA GLN C 200 46.53 46.65 43.38
C GLN C 200 46.91 45.49 44.29
N GLN C 201 46.52 45.54 45.58
CA GLN C 201 46.49 44.34 46.41
C GLN C 201 45.64 43.28 45.71
N ASN C 202 45.99 42.01 45.92
CA ASN C 202 46.26 41.05 44.85
C ASN C 202 45.58 41.32 43.51
N CYS C 203 44.25 41.44 43.49
CA CYS C 203 43.44 41.88 42.33
C CYS C 203 43.69 41.05 41.07
N ALA C 204 43.99 39.76 41.24
CA ALA C 204 44.14 38.75 40.19
C ALA C 204 45.29 39.00 39.21
N GLY C 205 46.09 40.03 39.42
CA GLY C 205 47.20 40.31 38.53
C GLY C 205 48.51 40.60 39.23
N GLU C 206 48.62 40.19 40.49
CA GLU C 206 49.86 40.31 41.24
C GLU C 206 50.70 39.06 41.00
N THR C 207 51.84 39.00 41.69
CA THR C 207 52.62 37.77 41.72
C THR C 207 52.01 36.75 42.67
N ASN C 208 51.19 37.20 43.62
CA ASN C 208 50.59 36.34 44.63
C ASN C 208 49.08 36.42 44.49
N PHE C 209 48.45 35.28 44.24
CA PHE C 209 47.03 35.23 43.93
C PHE C 209 46.38 34.05 44.65
N LYS C 210 45.40 34.33 45.50
CA LYS C 210 44.64 33.27 46.16
C LYS C 210 43.42 32.86 45.33
N SER C 211 42.50 33.79 45.13
CA SER C 211 41.24 33.56 44.42
C SER C 211 40.55 34.89 44.19
N LEU C 212 39.75 34.94 43.12
CA LEU C 212 38.80 36.03 42.90
C LEU C 212 37.55 35.75 43.73
N SER C 213 37.18 36.68 44.59
CA SER C 213 36.17 36.40 45.61
C SER C 213 35.39 37.66 45.92
N LEU C 214 34.07 37.53 46.01
CA LEU C 214 33.18 38.68 46.15
C LEU C 214 32.43 38.62 47.47
N TRP C 215 31.93 39.78 47.89
CA TRP C 215 31.28 39.89 49.19
C TRP C 215 30.08 40.82 49.09
N ASP C 216 29.36 40.89 50.20
CA ASP C 216 28.22 41.79 50.39
C ASP C 216 27.94 41.86 51.88
N THR C 217 27.28 42.95 52.29
CA THR C 217 26.96 43.16 53.71
C THR C 217 25.46 43.28 53.86
N PRO C 218 24.83 42.44 54.69
CA PRO C 218 23.36 42.50 54.81
C PRO C 218 22.89 43.63 55.72
N ALA C 219 23.69 43.96 56.74
CA ALA C 219 23.29 44.93 57.75
C ALA C 219 23.74 46.35 57.43
N SER C 220 24.62 46.53 56.44
CA SER C 220 25.09 47.84 56.03
C SER C 220 24.64 48.20 54.63
N ASP C 221 24.82 47.31 53.66
CA ASP C 221 24.39 47.61 52.29
C ASP C 221 22.90 47.36 52.10
N CYS C 222 22.34 46.36 52.78
CA CYS C 222 20.96 45.93 52.54
C CYS C 222 20.02 46.41 53.63
N VAL C 223 20.22 47.61 54.15
CA VAL C 223 19.21 48.24 54.98
C VAL C 223 18.04 48.66 54.10
N SER C 224 16.83 48.57 54.65
CA SER C 224 15.61 48.61 53.85
C SER C 224 15.35 50.00 53.28
N GLY C 225 14.66 50.03 52.14
CA GLY C 225 14.43 51.27 51.41
C GLY C 225 15.44 51.51 50.30
N SER C 226 16.73 51.49 50.63
CA SER C 226 17.80 51.80 49.67
C SER C 226 18.79 50.64 49.61
N TYR C 227 18.50 49.66 48.75
CA TYR C 227 19.44 48.58 48.47
C TYR C 227 20.38 49.04 47.36
N ASN C 228 21.67 49.06 47.65
CA ASN C 228 22.66 49.56 46.70
C ASN C 228 22.82 48.57 45.55
N GLN C 229 22.31 48.93 44.38
CA GLN C 229 22.42 48.05 43.22
C GLN C 229 23.66 48.35 42.39
N GLU C 230 24.78 48.55 43.10
CA GLU C 230 26.11 48.62 42.50
C GLU C 230 27.15 47.98 43.41
N ALA C 231 26.74 47.20 44.41
CA ALA C 231 27.65 46.80 45.47
C ALA C 231 28.59 45.69 45.01
N THR C 232 28.02 44.56 44.59
CA THR C 232 28.82 43.48 44.01
C THR C 232 29.42 43.89 42.68
N LEU C 233 28.78 44.81 41.96
CA LEU C 233 29.33 45.31 40.71
C LEU C 233 30.59 46.15 40.94
N GLY C 234 30.55 47.02 41.96
CA GLY C 234 31.76 47.77 42.30
C GLY C 234 32.83 46.89 42.90
N ALA C 235 32.44 45.91 43.70
CA ALA C 235 33.41 44.94 44.22
C ALA C 235 33.99 44.05 43.13
N PHE C 236 33.29 43.90 42.00
CA PHE C 236 33.83 43.19 40.85
C PHE C 236 34.74 44.10 40.02
N LYS C 237 34.38 45.39 39.91
CA LYS C 237 35.27 46.39 39.33
C LYS C 237 36.56 46.56 40.11
N VAL C 238 36.56 46.23 41.40
CA VAL C 238 37.80 46.18 42.18
C VAL C 238 38.78 45.21 41.56
N TYR C 239 38.30 44.04 41.13
CA TYR C 239 39.20 43.01 40.61
C TYR C 239 39.59 43.22 39.16
N PHE C 240 38.69 43.75 38.33
CA PHE C 240 38.90 43.80 36.89
C PHE C 240 38.56 45.17 36.32
N ASP C 241 39.21 45.50 35.21
CA ASP C 241 38.76 46.55 34.32
C ASP C 241 37.92 45.95 33.21
N LEU C 242 36.81 46.60 32.90
CA LEU C 242 35.86 46.14 31.89
C LEU C 242 36.07 46.99 30.64
N ILE C 243 36.55 46.36 29.56
CA ILE C 243 37.00 47.06 28.36
C ILE C 243 36.20 46.55 27.18
N ASN C 244 35.67 47.48 26.37
CA ASN C 244 34.95 47.21 25.12
C ASN C 244 33.72 46.34 25.36
N CYS C 245 32.79 46.86 26.15
CA CYS C 245 31.56 46.13 26.43
C CYS C 245 30.60 46.28 25.26
N THR C 246 30.13 45.15 24.73
CA THR C 246 29.18 45.21 23.63
C THR C 246 27.74 45.41 24.10
N PHE C 247 27.35 44.90 25.27
CA PHE C 247 26.07 45.27 25.85
C PHE C 247 26.20 45.34 27.36
N ARG C 248 25.18 45.92 28.01
CA ARG C 248 25.07 45.98 29.47
C ARG C 248 23.58 45.92 29.83
N TYR C 249 23.07 44.72 30.08
CA TYR C 249 21.65 44.54 30.33
C TYR C 249 21.39 44.35 31.81
N ASN C 250 20.17 44.68 32.23
CA ASN C 250 19.72 44.51 33.60
C ASN C 250 18.35 43.87 33.60
N TYR C 251 18.07 43.10 34.66
CA TYR C 251 16.84 42.31 34.74
C TYR C 251 16.35 42.28 36.17
N THR C 252 15.06 42.55 36.37
CA THR C 252 14.50 42.53 37.72
C THR C 252 14.23 41.09 38.15
N ILE C 253 14.79 40.71 39.29
CA ILE C 253 14.60 39.38 39.87
C ILE C 253 13.63 39.49 41.03
N THR C 254 12.63 38.62 41.06
CA THR C 254 11.74 38.50 42.21
C THR C 254 12.27 37.42 43.15
N GLU C 255 12.67 37.82 44.35
CA GLU C 255 13.24 36.89 45.32
C GLU C 255 12.24 36.59 46.43
N ASP C 256 12.33 35.38 46.95
CA ASP C 256 11.63 34.93 48.14
C ASP C 256 12.51 33.86 48.79
N GLU C 257 11.95 33.05 49.67
CA GLU C 257 12.69 31.94 50.24
C GLU C 257 12.13 30.59 49.80
N ASN C 258 11.43 30.56 48.67
CA ASN C 258 10.88 29.32 48.13
C ASN C 258 11.90 28.67 47.20
N ALA C 259 11.47 27.64 46.47
CA ALA C 259 12.34 27.01 45.49
C ALA C 259 12.49 27.88 44.26
N GLU C 260 13.71 27.94 43.72
CA GLU C 260 14.01 28.79 42.59
C GLU C 260 14.91 28.01 41.64
N TRP C 261 14.69 28.20 40.34
CA TRP C 261 15.42 27.50 39.30
C TRP C 261 15.89 28.48 38.23
N PHE C 262 17.20 28.45 37.92
CA PHE C 262 17.80 29.31 36.91
C PHE C 262 18.50 28.48 35.85
N GLY C 263 18.37 28.84 34.58
CA GLY C 263 18.93 28.03 33.52
C GLY C 263 19.61 28.85 32.44
N ILE C 264 20.49 28.19 31.69
CA ILE C 264 21.20 28.84 30.59
C ILE C 264 21.52 27.84 29.50
N THR C 265 21.19 28.20 28.24
CA THR C 265 21.56 27.44 27.05
C THR C 265 22.14 28.39 26.00
N GLN C 266 22.57 27.81 24.88
CA GLN C 266 23.08 28.59 23.75
C GLN C 266 22.81 27.85 22.45
N ASP C 267 22.34 28.56 21.44
CA ASP C 267 22.27 28.03 20.08
C ASP C 267 22.66 29.15 19.13
N THR C 268 22.36 28.99 17.83
CA THR C 268 22.79 29.95 16.82
C THR C 268 22.11 31.31 16.96
N GLN C 269 20.97 31.39 17.63
CA GLN C 269 20.36 32.68 17.90
C GLN C 269 20.92 33.35 19.15
N GLY C 270 21.79 32.68 19.91
CA GLY C 270 22.46 33.36 20.99
C GLY C 270 22.30 32.60 22.28
N VAL C 271 22.43 33.30 23.39
CA VAL C 271 22.41 32.70 24.71
C VAL C 271 21.04 32.95 25.34
N HIS C 272 20.36 31.89 25.76
CA HIS C 272 19.04 32.01 26.34
C HIS C 272 19.09 31.76 27.85
N LEU C 273 18.37 32.60 28.60
CA LEU C 273 18.27 32.51 30.04
C LEU C 273 16.88 32.05 30.43
N TYR C 274 16.78 31.22 31.46
CA TYR C 274 15.51 30.64 31.86
C TYR C 274 15.36 30.79 33.36
N SER C 275 14.11 30.91 33.81
CA SER C 275 13.88 31.10 35.23
C SER C 275 12.53 30.56 35.63
N SER C 276 12.40 30.29 36.92
CA SER C 276 11.09 29.99 37.49
C SER C 276 10.31 31.27 37.80
N ARG C 277 9.02 31.23 37.53
CA ARG C 277 8.14 32.37 37.71
C ARG C 277 7.80 32.55 39.18
N LYS C 278 7.14 33.67 39.50
CA LYS C 278 6.79 34.01 40.87
C LYS C 278 5.29 33.84 41.08
N GLU C 279 4.87 32.60 41.36
CA GLU C 279 3.50 32.34 41.80
C GLU C 279 3.40 31.36 42.95
N ASN C 280 4.49 30.66 43.31
CA ASN C 280 4.50 29.45 44.15
C ASN C 280 3.67 28.32 43.54
N VAL C 281 3.46 28.38 42.23
CA VAL C 281 2.63 27.44 41.49
C VAL C 281 3.54 26.81 40.45
N PHE C 282 4.04 25.61 40.76
CA PHE C 282 4.94 24.81 39.91
C PHE C 282 6.23 25.58 39.60
N ARG C 283 6.99 25.80 40.67
CA ARG C 283 8.26 26.51 40.60
C ARG C 283 9.36 25.69 39.95
N ASN C 284 9.12 24.42 39.63
CA ASN C 284 10.11 23.67 38.87
C ASN C 284 10.08 24.05 37.40
N ASN C 285 8.93 24.50 36.91
CA ASN C 285 8.78 24.94 35.53
C ASN C 285 9.61 26.20 35.26
N MET C 286 10.45 26.13 34.25
CA MET C 286 11.33 27.23 33.88
C MET C 286 10.91 27.83 32.55
N PHE C 287 10.88 29.15 32.50
CA PHE C 287 10.43 29.87 31.32
C PHE C 287 11.50 30.82 30.81
N HIS C 288 11.45 31.10 29.52
CA HIS C 288 12.38 32.00 28.85
C HIS C 288 12.13 33.46 29.25
N PHE C 289 13.21 34.18 29.59
CA PHE C 289 13.06 35.61 29.86
C PHE C 289 14.12 36.51 29.23
N ALA C 290 15.14 35.97 28.56
CA ALA C 290 16.19 36.83 28.01
C ALA C 290 16.96 36.10 26.93
N THR C 291 17.26 36.82 25.85
CA THR C 291 18.23 36.41 24.85
C THR C 291 19.38 37.40 24.83
N LEU C 292 20.61 36.90 24.87
CA LEU C 292 21.82 37.69 24.80
C LEU C 292 22.49 37.46 23.45
N PRO C 293 22.96 38.54 22.78
CA PRO C 293 23.66 38.43 21.49
C PRO C 293 25.12 38.00 21.63
N VAL C 294 25.30 36.75 22.00
CA VAL C 294 26.60 36.11 22.11
C VAL C 294 26.60 34.95 21.14
N TYR C 295 27.51 34.97 20.17
CA TYR C 295 27.45 34.05 19.04
C TYR C 295 28.68 33.19 18.86
N GLN C 296 29.83 33.58 19.39
CA GLN C 296 30.91 32.64 19.52
C GLN C 296 30.56 31.62 20.58
N LYS C 297 30.98 30.38 20.37
CA LYS C 297 30.51 29.27 21.18
C LYS C 297 31.15 29.28 22.57
N ILE C 298 30.33 29.17 23.59
CA ILE C 298 30.80 29.11 24.97
C ILE C 298 31.25 27.68 25.27
N LEU C 299 32.48 27.55 25.76
CA LEU C 299 33.00 26.26 26.16
C LEU C 299 33.25 26.14 27.65
N TYR C 300 33.47 27.23 28.37
CA TYR C 300 33.82 27.14 29.78
C TYR C 300 32.97 28.09 30.62
N TYR C 301 32.79 27.74 31.88
CA TYR C 301 32.24 28.66 32.87
C TYR C 301 32.93 28.45 34.20
N THR C 302 32.85 29.48 35.04
CA THR C 302 33.38 29.45 36.39
C THR C 302 32.34 30.03 37.34
N VAL C 303 32.05 29.29 38.39
CA VAL C 303 31.26 29.79 39.52
C VAL C 303 32.19 30.57 40.44
N ILE C 304 31.81 31.80 40.74
CA ILE C 304 32.68 32.68 41.52
C ILE C 304 32.40 32.45 43.00
N PRO C 305 33.40 32.05 43.80
CA PRO C 305 33.15 31.77 45.21
C PRO C 305 33.03 33.07 46.01
N ARG C 306 31.90 33.22 46.70
CA ARG C 306 31.57 34.42 47.43
C ARG C 306 31.63 34.17 48.93
N SER C 307 31.46 35.25 49.69
CA SER C 307 31.27 35.19 51.14
C SER C 307 30.54 36.45 51.56
N ILE C 308 29.26 36.32 51.90
CA ILE C 308 28.49 37.48 52.35
C ILE C 308 28.91 37.85 53.78
N ARG C 309 29.23 39.12 53.98
CA ARG C 309 29.91 39.60 55.19
C ARG C 309 28.92 39.94 56.31
N SER C 310 28.14 38.96 56.76
CA SER C 310 27.38 39.12 58.00
C SER C 310 28.34 39.25 59.18
N PRO C 311 27.90 39.87 60.30
CA PRO C 311 28.76 39.94 61.49
C PRO C 311 28.98 38.59 62.17
N PHE C 312 29.72 38.57 63.27
CA PHE C 312 30.01 37.30 63.93
C PHE C 312 28.83 36.82 64.76
N ASN C 313 28.37 37.64 65.71
CA ASN C 313 27.28 37.23 66.60
C ASN C 313 25.96 37.17 65.86
N ASP C 314 25.64 38.19 65.08
CA ASP C 314 24.44 38.19 64.25
C ASP C 314 24.78 37.68 62.86
N ARG C 315 25.25 36.45 62.81
CA ARG C 315 25.56 35.80 61.54
C ARG C 315 24.34 35.05 61.02
N LYS C 316 24.37 34.77 59.72
CA LYS C 316 23.29 34.05 59.06
C LYS C 316 23.83 32.74 58.50
N ALA C 317 22.98 31.74 58.48
CA ALA C 317 23.33 30.50 57.81
C ALA C 317 23.26 30.69 56.30
N TRP C 318 23.95 29.80 55.59
CA TRP C 318 24.02 29.89 54.15
C TRP C 318 23.66 28.54 53.54
N ALA C 319 22.91 28.59 52.45
CA ALA C 319 22.46 27.37 51.79
C ALA C 319 23.49 26.92 50.76
N ALA C 320 23.13 25.87 50.03
CA ALA C 320 23.90 25.45 48.89
C ALA C 320 23.17 25.89 47.62
N PHE C 321 23.80 25.66 46.47
CA PHE C 321 23.04 25.53 45.24
C PHE C 321 23.55 24.34 44.47
N TYR C 322 22.72 23.85 43.54
CA TYR C 322 23.01 22.60 42.84
C TYR C 322 22.97 22.83 41.35
N ILE C 323 23.99 22.34 40.64
CA ILE C 323 24.10 22.54 39.20
C ILE C 323 23.98 21.20 38.50
N TYR C 324 23.07 21.14 37.51
CA TYR C 324 22.79 19.94 36.75
C TYR C 324 22.95 20.24 35.28
N LYS C 325 23.53 19.30 34.54
CA LYS C 325 23.82 19.52 33.13
C LYS C 325 22.66 19.08 32.26
N LEU C 326 22.64 19.60 31.04
CA LEU C 326 21.60 19.29 30.08
C LEU C 326 22.14 18.36 29.00
N HIS C 327 21.26 17.56 28.45
CA HIS C 327 21.54 16.55 27.43
C HIS C 327 20.39 16.55 26.43
N PRO C 328 20.65 16.26 25.18
CA PRO C 328 19.54 16.10 24.25
C PRO C 328 18.83 14.77 24.43
N LEU C 329 17.66 14.83 25.06
CA LEU C 329 16.87 13.65 25.37
C LEU C 329 15.44 13.88 24.95
N THR C 330 14.68 12.79 24.89
CA THR C 330 13.24 12.83 24.71
C THR C 330 12.60 12.58 26.07
N TYR C 331 11.67 13.45 26.46
CA TYR C 331 10.90 13.21 27.66
C TYR C 331 9.45 12.99 27.29
N LEU C 332 8.71 12.36 28.20
CA LEU C 332 7.26 12.28 28.15
C LEU C 332 6.73 13.18 29.24
N LEU C 333 5.89 14.15 28.87
CA LEU C 333 5.42 15.18 29.78
C LEU C 333 3.91 15.14 29.88
N ASN C 334 3.41 15.39 31.09
CA ASN C 334 1.99 15.55 31.35
C ASN C 334 1.68 17.02 31.64
N PHE C 335 0.65 17.56 31.01
CA PHE C 335 0.16 18.91 31.23
C PHE C 335 -1.24 18.86 31.84
N ASP C 336 -1.43 19.57 32.95
CA ASP C 336 -2.72 19.70 33.60
C ASP C 336 -3.59 20.71 32.86
N VAL C 337 -4.77 21.04 33.42
CA VAL C 337 -5.70 21.92 32.73
C VAL C 337 -5.23 23.36 32.77
N GLU C 338 -4.49 23.73 33.81
CA GLU C 338 -3.87 25.04 33.89
C GLU C 338 -2.81 25.22 32.81
N GLY C 339 -2.07 24.17 32.51
CA GLY C 339 -1.01 24.24 31.53
C GLY C 339 0.39 23.98 32.03
N TYR C 340 0.55 23.56 33.28
CA TYR C 340 1.85 23.30 33.85
C TYR C 340 2.27 21.86 33.65
N ILE C 341 3.57 21.62 33.61
CA ILE C 341 4.11 20.27 33.53
C ILE C 341 4.08 19.68 34.94
N THR C 342 3.24 18.67 35.14
CA THR C 342 3.12 18.09 36.48
C THR C 342 4.03 16.89 36.69
N LYS C 343 4.27 16.08 35.66
CA LYS C 343 5.19 14.97 35.80
C LYS C 343 5.80 14.63 34.44
N ALA C 344 6.98 14.00 34.48
CA ALA C 344 7.75 13.70 33.29
C ALA C 344 8.45 12.36 33.43
N VAL C 345 8.90 11.82 32.29
CA VAL C 345 9.56 10.52 32.22
C VAL C 345 10.71 10.63 31.22
N ASP C 346 11.92 10.30 31.65
CA ASP C 346 13.05 10.13 30.75
C ASP C 346 12.87 8.86 29.93
N CYS C 347 12.76 9.01 28.61
CA CYS C 347 12.43 7.89 27.75
C CYS C 347 13.56 6.87 27.62
N GLY C 348 14.79 7.25 27.94
CA GLY C 348 15.90 6.33 27.84
C GLY C 348 16.49 5.94 29.18
N TYR C 349 15.69 6.03 30.24
CA TYR C 349 16.18 5.69 31.56
C TYR C 349 16.18 4.19 31.82
N ASP C 350 15.10 3.51 31.44
CA ASP C 350 15.02 2.04 31.50
C ASP C 350 14.01 1.59 30.45
N ASP C 351 13.59 0.33 30.52
CA ASP C 351 12.72 -0.22 29.47
C ASP C 351 11.23 -0.03 29.74
N LEU C 352 10.81 0.10 30.99
CA LEU C 352 9.44 0.48 31.28
C LEU C 352 9.16 1.93 30.86
N ALA C 353 10.14 2.82 31.07
CA ALA C 353 10.03 4.20 30.62
C ALA C 353 9.96 4.29 29.11
N GLN C 354 10.69 3.41 28.42
CA GLN C 354 10.63 3.31 26.98
C GLN C 354 9.27 2.80 26.50
N LEU C 355 8.66 1.89 27.25
CA LEU C 355 7.32 1.43 26.92
C LEU C 355 6.26 2.51 27.14
N GLN C 356 6.43 3.32 28.19
CA GLN C 356 5.52 4.43 28.42
C GLN C 356 5.66 5.52 27.37
N CYS C 357 6.89 5.79 26.90
CA CYS C 357 7.09 6.74 25.84
C CYS C 357 6.63 6.23 24.48
N SER C 358 6.62 4.93 24.27
CA SER C 358 5.99 4.40 23.06
C SER C 358 4.47 4.44 23.12
N TYR C 359 3.85 4.21 24.28
CA TYR C 359 2.41 4.31 24.34
C TYR C 359 1.90 5.73 24.54
N GLU C 360 2.81 6.68 24.80
CA GLU C 360 2.50 8.08 25.11
C GLU C 360 1.49 8.19 26.24
N SER C 361 1.76 7.48 27.33
CA SER C 361 0.81 7.30 28.40
C SER C 361 1.57 6.88 29.64
N PHE C 362 1.23 7.46 30.78
CA PHE C 362 1.84 7.05 32.02
C PHE C 362 1.23 5.77 32.58
N GLU C 363 0.11 5.32 32.01
CA GLU C 363 -0.58 4.11 32.45
C GLU C 363 -0.71 3.16 31.26
N VAL C 364 -0.11 1.97 31.38
CA VAL C 364 -0.26 0.92 30.37
C VAL C 364 -0.85 -0.32 31.05
N GLU C 365 -1.49 -1.17 30.25
CA GLU C 365 -2.14 -2.35 30.76
C GLU C 365 -1.12 -3.42 31.14
N THR C 366 -1.57 -4.38 31.95
CA THR C 366 -0.76 -5.53 32.34
C THR C 366 -0.43 -6.39 31.12
N GLY C 367 0.83 -6.73 30.93
CA GLY C 367 1.17 -7.50 29.74
C GLY C 367 2.65 -7.77 29.60
N VAL C 368 2.99 -8.35 28.46
CA VAL C 368 4.36 -8.72 28.10
C VAL C 368 4.64 -8.07 26.76
N TYR C 369 5.61 -7.17 26.71
CA TYR C 369 5.75 -6.25 25.60
C TYR C 369 7.16 -6.33 25.06
N SER C 370 7.31 -6.21 23.74
CA SER C 370 8.63 -6.13 23.14
C SER C 370 9.01 -4.66 22.97
N VAL C 371 10.15 -4.28 23.52
CA VAL C 371 10.64 -2.93 23.40
C VAL C 371 11.86 -2.94 22.51
N SER C 372 12.35 -1.76 22.16
CA SER C 372 13.41 -1.74 21.18
C SER C 372 14.76 -2.05 21.82
N SER C 373 15.68 -2.48 20.98
CA SER C 373 16.93 -3.03 21.44
C SER C 373 17.93 -1.93 21.75
N PHE C 374 18.97 -2.30 22.49
CA PHE C 374 20.10 -1.40 22.66
C PHE C 374 20.89 -1.37 21.35
N GLU C 375 21.21 -0.16 20.89
CA GLU C 375 21.86 -0.02 19.59
C GLU C 375 23.32 -0.45 19.66
N ALA C 376 23.95 -0.51 18.48
CA ALA C 376 25.30 -1.04 18.40
C ALA C 376 26.34 0.01 18.79
N SER C 377 26.39 1.13 18.05
CA SER C 377 27.38 2.21 18.18
C SER C 377 28.80 1.66 18.11
N PRO C 378 29.33 1.43 16.89
CA PRO C 378 30.61 0.73 16.73
C PRO C 378 31.80 1.40 17.41
N ARG C 379 32.78 0.58 17.76
CA ARG C 379 33.84 0.98 18.67
C ARG C 379 35.13 1.39 17.97
N GLY C 380 35.68 0.52 17.13
CA GLY C 380 36.94 0.83 16.48
C GLY C 380 36.89 0.83 14.97
N GLU C 381 38.08 0.88 14.35
CA GLU C 381 38.26 0.75 12.92
C GLU C 381 39.24 -0.37 12.62
N PHE C 382 39.09 -0.95 11.42
CA PHE C 382 39.89 -2.09 10.97
C PHE C 382 41.07 -1.65 10.07
N ILE C 383 41.03 -0.47 9.47
CA ILE C 383 41.60 -0.11 8.17
C ILE C 383 42.79 -0.88 7.61
N GLU C 384 42.66 -1.37 6.37
CA GLU C 384 43.74 -1.98 5.59
C GLU C 384 43.87 -1.29 4.24
N GLN C 385 45.08 -1.24 3.70
CA GLN C 385 45.34 -0.52 2.46
C GLN C 385 46.55 -1.12 1.76
N ALA C 386 46.72 -0.75 0.49
CA ALA C 386 47.84 -1.17 -0.33
C ALA C 386 48.97 -0.13 -0.28
N THR C 387 50.01 -0.36 -1.08
CA THR C 387 51.20 0.49 -1.01
C THR C 387 51.16 1.63 -2.02
N THR C 388 50.70 1.36 -3.24
CA THR C 388 50.01 2.37 -4.04
C THR C 388 50.82 3.61 -4.46
N GLN C 389 51.57 3.49 -5.55
CA GLN C 389 52.13 4.66 -6.23
C GLN C 389 51.04 5.64 -6.70
N GLU C 390 51.45 6.82 -7.14
CA GLU C 390 50.55 7.95 -7.28
C GLU C 390 50.09 8.17 -8.73
N CYS C 391 48.91 8.78 -8.86
CA CYS C 391 48.28 8.98 -10.16
C CYS C 391 49.00 10.07 -10.95
N ASP C 392 49.01 9.92 -12.28
CA ASP C 392 49.82 10.73 -13.17
C ASP C 392 48.96 11.78 -13.88
N PHE C 393 48.89 12.98 -13.32
CA PHE C 393 48.13 14.07 -13.89
C PHE C 393 48.97 15.01 -14.74
N THR C 394 50.25 14.72 -14.91
CA THR C 394 51.12 15.58 -15.73
C THR C 394 50.78 15.73 -17.21
N PRO C 395 50.10 14.81 -17.93
CA PRO C 395 49.69 15.17 -19.30
C PRO C 395 48.69 16.32 -19.36
N MET C 396 47.85 16.47 -18.34
CA MET C 396 46.86 17.54 -18.34
C MET C 396 47.49 18.88 -17.94
N LEU C 397 48.53 18.86 -17.13
CA LEU C 397 49.14 20.07 -16.61
C LEU C 397 50.30 20.56 -17.45
N THR C 398 50.46 20.06 -18.66
CA THR C 398 51.49 20.54 -19.57
C THR C 398 50.92 20.60 -20.97
N GLY C 399 51.44 21.51 -21.77
CA GLY C 399 51.08 21.57 -23.17
C GLY C 399 49.82 22.38 -23.42
N THR C 400 49.23 22.12 -24.58
CA THR C 400 48.03 22.84 -25.02
C THR C 400 46.83 21.92 -24.86
N PRO C 401 45.77 22.33 -24.17
CA PRO C 401 44.56 21.51 -24.12
C PRO C 401 43.86 21.50 -25.47
N PRO C 402 43.21 20.41 -25.82
CA PRO C 402 42.72 20.25 -27.19
C PRO C 402 41.35 20.89 -27.38
N PRO C 403 40.84 20.93 -28.62
CA PRO C 403 39.46 21.39 -28.83
C PRO C 403 38.44 20.37 -28.36
N ILE C 404 37.18 20.81 -28.34
CA ILE C 404 36.11 20.01 -27.72
C ILE C 404 35.82 18.75 -28.54
N TYR C 405 35.89 18.83 -29.86
CA TYR C 405 35.58 17.66 -30.66
C TYR C 405 36.72 16.65 -30.62
N ASN C 406 37.93 17.11 -30.37
CA ASN C 406 39.08 16.25 -30.11
C ASN C 406 39.45 16.23 -28.63
N PHE C 407 38.56 15.80 -27.75
CA PHE C 407 38.82 15.91 -26.32
C PHE C 407 39.79 14.85 -25.84
N LYS C 408 40.46 15.12 -24.72
CA LYS C 408 41.37 14.14 -24.14
C LYS C 408 40.73 13.40 -22.97
N ARG C 409 41.00 12.10 -22.88
CA ARG C 409 40.47 11.21 -21.84
C ARG C 409 41.60 10.58 -21.03
N LEU C 410 41.50 10.63 -19.70
CA LEU C 410 42.42 10.00 -18.77
C LEU C 410 41.67 9.08 -17.81
N VAL C 411 42.18 7.88 -17.59
CA VAL C 411 41.55 6.90 -16.71
C VAL C 411 42.55 6.49 -15.62
N PHE C 412 42.08 6.44 -14.38
CA PHE C 412 42.91 6.09 -13.22
C PHE C 412 42.30 4.91 -12.48
N THR C 413 43.16 3.94 -12.14
CA THR C 413 42.87 2.82 -11.24
C THR C 413 44.07 2.61 -10.32
N ASN C 414 43.79 2.23 -9.06
CA ASN C 414 44.77 1.74 -8.09
C ASN C 414 45.89 2.75 -7.82
N CYS C 415 45.50 3.95 -7.38
CA CYS C 415 46.49 5.01 -7.17
C CYS C 415 45.95 6.01 -6.14
N ASN C 416 46.82 6.95 -5.76
CA ASN C 416 46.48 8.08 -4.91
C ASN C 416 46.84 9.38 -5.61
N TYR C 417 46.07 10.46 -5.44
CA TYR C 417 46.30 11.58 -6.36
C TYR C 417 46.45 13.01 -5.83
N ASN C 418 46.22 13.30 -4.54
CA ASN C 418 46.37 14.66 -3.98
C ASN C 418 45.45 15.70 -4.62
N LEU C 419 44.17 15.69 -4.22
CA LEU C 419 43.17 16.58 -4.81
C LEU C 419 43.43 18.04 -4.47
N THR C 420 43.84 18.33 -3.23
CA THR C 420 44.50 19.58 -2.93
C THR C 420 45.78 19.67 -3.75
N LYS C 421 46.09 20.87 -4.25
CA LYS C 421 47.08 21.30 -5.24
C LYS C 421 46.64 21.01 -6.66
N LEU C 422 45.59 20.22 -6.86
CA LEU C 422 44.93 20.24 -8.14
C LEU C 422 43.87 21.32 -8.18
N LEU C 423 43.22 21.57 -7.06
CA LEU C 423 42.27 22.66 -6.94
C LEU C 423 42.93 24.01 -6.77
N SER C 424 44.18 24.03 -6.30
CA SER C 424 44.96 25.24 -6.16
C SER C 424 45.53 25.73 -7.49
N LEU C 425 45.35 24.97 -8.57
CA LEU C 425 45.86 25.37 -9.87
C LEU C 425 44.80 26.01 -10.75
N PHE C 426 43.53 25.82 -10.44
CA PHE C 426 42.44 26.30 -11.27
C PHE C 426 41.51 27.17 -10.46
N GLN C 427 40.77 28.02 -11.16
CA GLN C 427 39.77 28.90 -10.56
C GLN C 427 38.40 28.46 -11.06
N VAL C 428 37.66 27.77 -10.20
CA VAL C 428 36.40 27.15 -10.61
C VAL C 428 35.34 28.22 -10.85
N SER C 429 34.79 28.25 -12.05
CA SER C 429 33.64 29.09 -12.35
C SER C 429 32.33 28.44 -11.92
N GLU C 430 32.09 27.19 -12.32
CA GLU C 430 30.90 26.49 -11.88
C GLU C 430 31.10 24.98 -11.94
N PHE C 431 30.21 24.26 -11.26
CA PHE C 431 30.16 22.82 -11.33
C PHE C 431 28.70 22.37 -11.24
N SER C 432 28.43 21.23 -11.86
CA SER C 432 27.13 20.57 -11.73
C SER C 432 27.33 19.07 -11.68
N CYS C 433 26.77 18.43 -10.66
CA CYS C 433 27.01 17.03 -10.40
C CYS C 433 25.73 16.23 -10.41
N HIS C 434 25.84 14.97 -10.83
CA HIS C 434 24.74 14.03 -10.90
C HIS C 434 25.12 12.79 -10.10
N GLN C 435 24.43 12.59 -8.98
CA GLN C 435 24.44 11.42 -8.08
C GLN C 435 25.66 11.34 -7.19
N VAL C 436 26.41 12.42 -7.05
CA VAL C 436 27.61 12.47 -6.22
C VAL C 436 27.84 13.94 -5.93
N SER C 437 28.52 14.23 -4.82
CA SER C 437 28.91 15.61 -4.57
C SER C 437 30.42 15.73 -4.61
N PRO C 438 30.96 16.92 -4.93
CA PRO C 438 32.42 17.08 -4.96
C PRO C 438 33.10 16.89 -3.61
N SER C 439 32.43 17.18 -2.52
CA SER C 439 33.03 16.99 -1.21
C SER C 439 33.05 15.52 -0.78
N SER C 440 32.29 14.66 -1.45
CA SER C 440 32.36 13.22 -1.22
C SER C 440 33.44 12.55 -2.05
N LEU C 441 33.79 13.13 -3.20
CA LEU C 441 35.00 12.72 -3.91
C LEU C 441 36.26 13.05 -3.13
N ALA C 442 36.21 14.00 -2.20
CA ALA C 442 37.37 14.41 -1.45
C ALA C 442 37.57 13.61 -0.18
N THR C 443 36.56 12.89 0.31
CA THR C 443 36.71 12.13 1.54
C THR C 443 36.58 10.63 1.35
N GLY C 444 36.39 10.13 0.13
CA GLY C 444 36.09 8.74 -0.09
C GLY C 444 36.89 8.14 -1.23
N CYS C 445 36.73 6.84 -1.42
CA CYS C 445 37.48 6.08 -2.41
C CYS C 445 36.51 5.46 -3.41
N TYR C 446 37.01 5.21 -4.62
CA TYR C 446 36.21 4.70 -5.71
C TYR C 446 37.08 3.73 -6.49
N SER C 447 36.45 2.95 -7.39
CA SER C 447 37.16 1.94 -8.17
C SER C 447 37.95 2.55 -9.32
N SER C 448 37.35 3.46 -10.06
CA SER C 448 38.04 4.13 -11.14
C SER C 448 37.59 5.57 -11.25
N LEU C 449 38.46 6.38 -11.84
CA LEU C 449 38.22 7.78 -12.14
C LEU C 449 38.46 8.03 -13.62
N THR C 450 37.54 8.74 -14.30
CA THR C 450 37.68 9.07 -15.71
C THR C 450 37.49 10.57 -15.89
N VAL C 451 38.43 11.22 -16.58
CA VAL C 451 38.41 12.67 -16.81
C VAL C 451 38.51 12.95 -18.30
N ASP C 452 37.49 13.59 -18.86
CA ASP C 452 37.56 14.20 -20.18
C ASP C 452 37.83 15.69 -20.03
N TYR C 453 38.73 16.22 -20.84
CA TYR C 453 39.04 17.64 -20.72
C TYR C 453 39.35 18.25 -22.07
N PHE C 454 39.05 19.56 -22.17
CA PHE C 454 39.28 20.35 -23.38
C PHE C 454 39.26 21.83 -23.02
N ALA C 455 39.74 22.65 -23.96
CA ALA C 455 39.57 24.10 -23.87
C ALA C 455 38.13 24.47 -24.21
N TYR C 456 37.59 25.48 -23.51
CA TYR C 456 36.17 25.84 -23.60
C TYR C 456 35.86 27.18 -22.94
N SER C 457 35.19 28.07 -23.66
CA SER C 457 34.81 29.35 -23.08
C SER C 457 33.71 29.15 -22.03
N THR C 458 33.79 29.89 -20.92
CA THR C 458 32.81 29.78 -19.84
C THR C 458 31.48 30.41 -20.21
N ASP C 459 31.51 31.47 -21.00
CA ASP C 459 30.27 32.06 -21.46
C ASP C 459 29.55 31.21 -22.53
N MET C 460 30.00 30.02 -22.92
CA MET C 460 29.19 29.08 -23.68
C MET C 460 28.66 27.96 -22.81
N SER C 461 28.71 28.14 -21.49
CA SER C 461 28.41 27.08 -20.52
C SER C 461 27.03 26.45 -20.69
N SER C 462 26.03 27.24 -21.06
CA SER C 462 24.69 26.71 -21.16
C SER C 462 24.52 25.77 -22.34
N TYR C 463 25.44 25.80 -23.32
CA TYR C 463 25.43 24.81 -24.38
C TYR C 463 25.94 23.45 -23.93
N LEU C 464 26.51 23.33 -22.74
CA LEU C 464 26.92 22.04 -22.20
C LEU C 464 25.89 21.42 -21.28
N GLN C 465 24.79 22.11 -20.99
CA GLN C 465 23.76 21.61 -20.11
C GLN C 465 23.08 20.37 -20.72
N PRO C 466 22.66 19.42 -19.88
CA PRO C 466 21.78 18.35 -20.36
C PRO C 466 20.39 18.89 -20.69
N GLY C 467 19.94 18.62 -21.90
CA GLY C 467 18.73 19.19 -22.42
C GLY C 467 18.93 20.29 -23.43
N SER C 468 20.14 20.84 -23.54
CA SER C 468 20.45 21.89 -24.49
C SER C 468 20.32 21.40 -25.92
N ALA C 469 20.15 22.35 -26.85
CA ALA C 469 19.74 22.03 -28.21
C ALA C 469 20.72 22.42 -29.32
N GLY C 470 21.74 23.22 -29.06
CA GLY C 470 22.59 23.68 -30.14
C GLY C 470 23.57 22.70 -30.77
N ALA C 471 24.62 23.24 -31.38
CA ALA C 471 25.60 22.46 -32.13
C ALA C 471 26.61 21.74 -31.26
N ILE C 472 26.76 22.15 -30.00
CA ILE C 472 27.75 21.58 -29.11
C ILE C 472 27.40 20.16 -28.71
N VAL C 473 26.16 19.93 -28.29
CA VAL C 473 25.73 18.60 -27.90
C VAL C 473 25.55 17.71 -29.12
N GLN C 474 25.10 18.29 -30.23
CA GLN C 474 24.85 17.53 -31.45
C GLN C 474 26.15 17.05 -32.12
N PHE C 475 27.15 17.91 -32.23
CA PHE C 475 28.31 17.55 -33.04
C PHE C 475 29.64 17.53 -32.30
N ASN C 476 29.69 17.91 -31.02
CA ASN C 476 30.98 18.05 -30.37
C ASN C 476 31.17 17.18 -29.13
N TYR C 477 30.24 17.22 -28.18
CA TYR C 477 30.35 16.45 -26.96
C TYR C 477 28.97 16.24 -26.39
N LYS C 478 28.62 15.00 -26.10
CA LYS C 478 27.39 14.67 -25.39
C LYS C 478 27.77 13.90 -24.14
N GLN C 479 27.39 14.43 -22.99
CA GLN C 479 27.71 13.81 -21.71
C GLN C 479 26.91 12.53 -21.49
N ASP C 480 27.57 11.54 -20.92
CA ASP C 480 26.99 10.24 -20.57
C ASP C 480 26.65 10.23 -19.08
N PHE C 481 25.50 9.64 -18.75
CA PHE C 481 24.96 9.72 -17.39
C PHE C 481 24.73 8.35 -16.75
N SER C 482 25.40 7.32 -17.23
CA SER C 482 25.21 5.98 -16.66
C SER C 482 26.02 5.75 -15.39
N ASN C 483 27.03 6.57 -15.13
CA ASN C 483 27.79 6.56 -13.90
C ASN C 483 27.60 7.89 -13.17
N PRO C 484 27.92 7.96 -11.88
CA PRO C 484 27.91 9.27 -11.21
C PRO C 484 28.98 10.22 -11.74
N THR C 485 28.61 11.48 -11.94
CA THR C 485 29.44 12.30 -12.81
C THR C 485 29.34 13.77 -12.41
N CYS C 486 30.39 14.52 -12.73
CA CYS C 486 30.43 15.96 -12.49
C CYS C 486 30.95 16.69 -13.71
N ARG C 487 30.54 17.94 -13.85
CA ARG C 487 30.96 18.82 -14.93
C ARG C 487 31.51 20.09 -14.28
N VAL C 488 32.77 20.42 -14.57
CA VAL C 488 33.47 21.54 -13.95
C VAL C 488 34.00 22.47 -15.04
N LEU C 489 33.74 23.77 -14.90
CA LEU C 489 34.35 24.80 -15.73
C LEU C 489 35.33 25.60 -14.90
N ALA C 490 36.48 25.97 -15.49
CA ALA C 490 37.50 26.66 -14.73
C ALA C 490 38.39 27.54 -15.60
N THR C 491 38.96 28.54 -14.97
CA THR C 491 39.98 29.40 -15.58
C THR C 491 41.34 28.98 -15.06
N VAL C 492 42.34 29.00 -15.92
CA VAL C 492 43.71 28.69 -15.48
C VAL C 492 44.48 30.01 -15.42
N PRO C 493 45.07 30.35 -14.29
CA PRO C 493 45.72 31.66 -14.14
C PRO C 493 47.13 31.68 -14.73
N GLN C 494 47.63 32.90 -14.86
CA GLN C 494 48.92 33.23 -15.45
C GLN C 494 50.21 32.46 -15.14
N ASN C 495 50.74 32.59 -13.92
CA ASN C 495 52.01 31.91 -13.63
C ASN C 495 51.98 30.56 -12.96
N LEU C 496 50.83 29.91 -12.91
CA LEU C 496 50.75 28.60 -12.31
C LEU C 496 50.75 27.63 -13.47
N THR C 497 51.27 26.43 -13.26
CA THR C 497 51.26 25.44 -14.33
C THR C 497 52.05 25.83 -15.58
N THR C 498 52.25 24.83 -16.44
CA THR C 498 52.98 24.97 -17.67
C THR C 498 52.09 24.76 -18.88
N ILE C 499 50.81 25.03 -18.69
CA ILE C 499 49.79 24.96 -19.73
C ILE C 499 49.92 26.15 -20.65
N THR C 500 49.98 25.90 -21.94
CA THR C 500 50.07 26.97 -22.91
C THR C 500 48.69 27.26 -23.49
N LYS C 501 48.61 28.35 -24.22
CA LYS C 501 47.34 28.72 -24.80
C LYS C 501 47.33 28.40 -26.29
N PRO C 502 46.20 27.96 -26.83
CA PRO C 502 46.06 27.89 -28.28
C PRO C 502 45.71 29.28 -28.81
N SER C 503 45.63 29.38 -30.13
CA SER C 503 45.32 30.67 -30.73
C SER C 503 43.82 30.93 -30.74
N ASN C 504 43.01 29.96 -31.11
CA ASN C 504 41.57 30.13 -31.14
C ASN C 504 40.91 29.10 -30.24
N TYR C 505 39.66 29.39 -29.89
CA TYR C 505 38.67 28.38 -29.54
C TYR C 505 37.98 27.92 -30.83
N ALA C 506 37.48 26.69 -30.83
CA ALA C 506 37.00 26.07 -32.07
C ALA C 506 35.99 24.96 -31.79
N TYR C 507 34.83 25.01 -32.43
CA TYR C 507 33.90 23.90 -32.34
C TYR C 507 33.35 23.58 -33.73
N LEU C 508 32.60 22.50 -33.83
CA LEU C 508 32.03 22.06 -35.09
C LEU C 508 30.59 22.50 -35.18
N THR C 509 30.20 22.96 -36.36
CA THR C 509 28.83 23.41 -36.54
C THR C 509 27.97 22.41 -37.30
N GLU C 510 28.56 21.56 -38.12
CA GLU C 510 27.82 20.58 -38.89
C GLU C 510 28.67 19.33 -39.10
N CYS C 511 28.01 18.18 -39.16
CA CYS C 511 28.63 16.94 -39.61
C CYS C 511 27.54 16.08 -40.23
N TYR C 512 27.73 15.70 -41.48
CA TYR C 512 26.71 14.99 -42.22
C TYR C 512 27.38 14.20 -43.35
N LYS C 513 26.60 13.29 -43.94
CA LYS C 513 26.98 12.64 -45.18
C LYS C 513 25.95 12.95 -46.27
N THR C 514 26.43 13.13 -47.49
CA THR C 514 25.56 13.32 -48.63
C THR C 514 25.07 11.98 -49.14
N SER C 515 23.83 11.96 -49.60
CA SER C 515 23.23 10.78 -50.21
C SER C 515 22.48 11.21 -51.46
N ALA C 516 21.79 10.25 -52.09
CA ALA C 516 21.01 10.56 -53.27
C ALA C 516 19.78 11.40 -52.94
N TYR C 517 19.31 11.33 -51.70
CA TYR C 517 18.14 12.11 -51.30
C TYR C 517 18.55 13.50 -50.81
N GLY C 518 19.64 13.58 -50.07
CA GLY C 518 20.07 14.84 -49.49
C GLY C 518 20.99 14.57 -48.30
N LYS C 519 21.12 15.60 -47.46
CA LYS C 519 22.00 15.53 -46.30
C LYS C 519 21.45 14.58 -45.25
N ASN C 520 22.36 13.90 -44.56
CA ASN C 520 22.03 12.99 -43.47
C ASN C 520 22.95 13.36 -42.31
N TYR C 521 22.39 14.04 -41.30
CA TYR C 521 23.17 14.58 -40.19
C TYR C 521 23.58 13.48 -39.23
N LEU C 522 24.85 13.44 -38.87
CA LEU C 522 25.40 12.43 -37.99
C LEU C 522 25.65 13.03 -36.61
N TYR C 523 24.92 12.54 -35.62
CA TYR C 523 24.94 13.09 -34.28
C TYR C 523 25.82 12.27 -33.36
N ASN C 524 26.36 12.94 -32.35
CA ASN C 524 27.20 12.30 -31.35
C ASN C 524 26.40 11.29 -30.52
N ALA C 525 27.07 10.22 -30.13
CA ALA C 525 26.65 9.30 -29.09
C ALA C 525 27.18 9.79 -27.75
N PRO C 526 26.59 9.39 -26.63
CA PRO C 526 27.08 9.86 -25.32
C PRO C 526 28.44 9.27 -24.97
N GLY C 527 29.39 10.15 -24.66
CA GLY C 527 30.75 9.79 -24.33
C GLY C 527 31.69 9.57 -25.50
N ALA C 528 31.22 9.55 -26.73
CA ALA C 528 31.99 9.14 -27.89
C ALA C 528 32.54 10.34 -28.66
N TYR C 529 33.29 10.06 -29.70
CA TYR C 529 33.83 11.07 -30.58
C TYR C 529 32.95 11.23 -31.80
N THR C 530 33.05 12.38 -32.44
CA THR C 530 32.28 12.65 -33.64
C THR C 530 32.83 11.83 -34.81
N PRO C 531 31.96 11.36 -35.72
CA PRO C 531 32.46 10.64 -36.90
C PRO C 531 33.22 11.50 -37.91
N CYS C 532 33.16 12.82 -37.80
CA CYS C 532 33.92 13.74 -38.63
C CYS C 532 35.26 14.13 -38.02
N LEU C 533 35.82 13.31 -37.12
CA LEU C 533 37.02 13.71 -36.38
C LEU C 533 38.26 13.71 -37.27
N SER C 534 38.37 12.74 -38.17
CA SER C 534 39.51 12.69 -39.08
C SER C 534 39.51 13.84 -40.07
N LEU C 535 38.34 14.28 -40.52
CA LEU C 535 38.23 15.46 -41.35
C LEU C 535 38.58 16.72 -40.56
N ALA C 536 38.11 16.79 -39.31
CA ALA C 536 38.35 17.94 -38.47
C ALA C 536 39.78 18.05 -37.98
N SER C 537 40.60 17.01 -38.14
CA SER C 537 42.01 17.15 -37.83
C SER C 537 42.78 17.99 -38.84
N ARG C 538 42.19 18.33 -39.99
CA ARG C 538 42.84 19.19 -40.97
C ARG C 538 42.96 20.63 -40.51
N GLY C 539 42.29 21.02 -39.43
CA GLY C 539 42.32 22.38 -38.95
C GLY C 539 41.31 23.27 -39.64
N PHE C 540 41.12 24.46 -39.06
CA PHE C 540 40.23 25.47 -39.60
C PHE C 540 40.94 26.81 -39.55
N SER C 541 40.91 27.54 -40.67
CA SER C 541 41.56 28.83 -40.77
C SER C 541 40.61 30.00 -40.65
N THR C 542 39.38 29.85 -41.14
CA THR C 542 38.37 30.89 -41.11
C THR C 542 37.11 30.32 -40.50
N LYS C 543 36.24 31.19 -40.03
CA LYS C 543 34.91 30.75 -39.58
C LYS C 543 34.15 30.18 -40.76
N TYR C 544 33.37 29.12 -40.49
CA TYR C 544 32.51 28.44 -41.46
C TYR C 544 33.31 27.85 -42.61
N GLN C 545 34.49 27.34 -42.29
CA GLN C 545 35.30 26.62 -43.24
C GLN C 545 34.91 25.14 -43.24
N SER C 546 34.79 24.59 -44.44
CA SER C 546 34.36 23.21 -44.61
C SER C 546 35.53 22.31 -45.00
N HIS C 547 35.33 21.02 -44.75
CA HIS C 547 36.25 19.97 -45.16
C HIS C 547 35.39 18.78 -45.59
N SER C 548 35.65 18.28 -46.79
CA SER C 548 34.86 17.18 -47.32
C SER C 548 35.77 16.05 -47.77
N ASP C 549 35.35 14.82 -47.47
CA ASP C 549 36.00 13.62 -47.98
C ASP C 549 34.90 12.61 -48.32
N GLY C 550 34.74 12.35 -49.61
CA GLY C 550 33.74 11.42 -50.08
C GLY C 550 32.33 11.89 -49.78
N GLU C 551 31.60 11.11 -48.98
CA GLU C 551 30.29 11.56 -48.53
C GLU C 551 30.42 12.60 -47.43
N LEU C 552 31.42 12.47 -46.55
CA LEU C 552 31.45 13.24 -45.32
C LEU C 552 31.81 14.69 -45.55
N THR C 553 31.18 15.56 -44.77
CA THR C 553 31.44 16.99 -44.77
C THR C 553 31.40 17.46 -43.32
N THR C 554 32.24 18.44 -43.01
CA THR C 554 32.23 19.04 -41.68
C THR C 554 32.53 20.53 -41.84
N THR C 555 32.01 21.32 -40.91
CA THR C 555 32.19 22.76 -40.90
C THR C 555 32.66 23.18 -39.51
N GLY C 556 33.61 24.10 -39.47
CA GLY C 556 34.15 24.52 -38.19
C GLY C 556 33.98 25.99 -37.89
N TYR C 557 34.10 26.35 -36.62
CA TYR C 557 33.91 27.73 -36.17
C TYR C 557 35.02 28.05 -35.18
N ILE C 558 35.81 29.07 -35.47
CA ILE C 558 36.90 29.50 -34.60
C ILE C 558 36.68 30.94 -34.18
N TYR C 559 37.25 31.29 -33.03
CA TYR C 559 37.24 32.66 -32.54
C TYR C 559 38.36 32.80 -31.52
N PRO C 560 38.99 33.98 -31.43
CA PRO C 560 40.25 34.10 -30.67
C PRO C 560 40.09 33.93 -29.17
N VAL C 561 41.21 33.58 -28.54
CA VAL C 561 41.30 33.42 -27.09
C VAL C 561 41.76 34.74 -26.51
N THR C 562 41.00 35.29 -25.57
CA THR C 562 41.25 36.62 -25.03
C THR C 562 41.29 36.53 -23.50
N GLY C 563 42.46 36.80 -22.93
CA GLY C 563 42.61 36.72 -21.50
C GLY C 563 43.16 35.36 -21.09
N ASN C 564 42.92 34.97 -19.85
CA ASN C 564 43.33 33.66 -19.37
C ASN C 564 42.53 32.57 -20.07
N LEU C 565 43.16 31.41 -20.23
CA LEU C 565 42.53 30.27 -20.85
C LEU C 565 41.44 29.69 -19.94
N GLN C 566 40.39 29.18 -20.56
CA GLN C 566 39.31 28.53 -19.86
C GLN C 566 39.13 27.10 -20.36
N MET C 567 38.67 26.22 -19.47
CA MET C 567 38.70 24.77 -19.69
C MET C 567 37.45 24.12 -19.11
N ALA C 568 37.07 22.99 -19.70
CA ALA C 568 36.03 22.13 -19.15
C ALA C 568 36.54 20.72 -18.86
N PHE C 569 35.98 20.14 -17.80
CA PHE C 569 36.32 18.82 -17.27
C PHE C 569 35.04 18.05 -17.02
N ILE C 570 34.90 16.89 -17.67
CA ILE C 570 33.82 15.94 -17.39
C ILE C 570 34.41 14.78 -16.61
N ILE C 571 33.96 14.61 -15.37
CA ILE C 571 34.53 13.64 -14.45
C ILE C 571 33.47 12.58 -14.19
N SER C 572 33.89 11.31 -14.10
CA SER C 572 32.99 10.25 -13.69
C SER C 572 33.72 9.21 -12.86
N VAL C 573 33.04 8.64 -11.88
CA VAL C 573 33.61 7.67 -10.97
C VAL C 573 32.86 6.35 -11.11
N GLN C 574 33.51 5.29 -10.68
CA GLN C 574 32.86 3.98 -10.55
C GLN C 574 33.03 3.43 -9.15
N TYR C 575 32.00 2.76 -8.66
CA TYR C 575 32.02 2.07 -7.38
C TYR C 575 31.89 0.58 -7.58
N GLY C 576 32.78 -0.18 -6.94
CA GLY C 576 32.58 -1.60 -6.74
C GLY C 576 33.02 -2.53 -7.85
N THR C 577 33.92 -2.11 -8.75
CA THR C 577 34.27 -2.90 -9.92
C THR C 577 35.73 -3.35 -9.90
N ASP C 578 36.36 -3.34 -8.75
CA ASP C 578 37.80 -3.51 -8.68
C ASP C 578 38.16 -3.93 -7.27
N THR C 579 39.27 -4.62 -7.13
CA THR C 579 39.76 -5.05 -5.84
C THR C 579 40.62 -3.98 -5.17
N ASN C 580 40.99 -2.94 -5.90
CA ASN C 580 41.81 -1.84 -5.43
C ASN C 580 41.06 -0.54 -5.69
N SER C 581 41.53 0.55 -5.09
CA SER C 581 40.78 1.80 -5.14
C SER C 581 41.64 2.95 -5.62
N VAL C 582 40.97 3.99 -6.09
CA VAL C 582 41.55 5.31 -6.28
C VAL C 582 41.12 6.18 -5.09
N CYS C 583 42.09 6.72 -4.35
CA CYS C 583 41.79 7.51 -3.17
C CYS C 583 42.52 8.84 -3.20
N PRO C 584 41.92 9.93 -2.73
CA PRO C 584 42.70 11.16 -2.55
C PRO C 584 43.41 11.15 -1.20
N MET C 585 44.55 11.84 -1.16
CA MET C 585 45.53 11.65 -0.08
C MET C 585 45.04 12.13 1.27
N GLN C 586 44.07 13.04 1.31
CA GLN C 586 43.49 13.43 2.60
C GLN C 586 42.58 12.38 3.18
N ALA C 587 42.13 11.40 2.40
CA ALA C 587 41.27 10.34 2.90
C ALA C 587 42.02 9.12 3.40
N LEU C 588 43.36 9.17 3.45
CA LEU C 588 44.17 8.03 3.86
C LEU C 588 44.42 8.04 5.36
N ARG C 589 44.14 6.92 6.01
CA ARG C 589 44.50 6.68 7.40
C ARG C 589 45.55 5.57 7.44
N ASN C 590 46.21 5.42 8.59
CA ASN C 590 47.38 4.55 8.65
C ASN C 590 47.11 3.06 8.46
N ASP C 591 46.66 2.36 9.51
CA ASP C 591 46.43 0.91 9.51
C ASP C 591 45.95 0.47 10.88
N THR C 592 45.15 -0.59 10.93
CA THR C 592 44.73 -1.14 12.21
C THR C 592 44.60 -2.65 12.07
N SER C 593 44.29 -3.32 13.18
CA SER C 593 44.16 -4.76 13.20
C SER C 593 42.76 -5.13 13.68
N ILE C 594 42.33 -6.33 13.30
CA ILE C 594 41.03 -6.84 13.72
C ILE C 594 41.15 -7.87 14.85
N GLU C 595 42.35 -8.43 15.05
CA GLU C 595 42.54 -9.59 15.93
C GLU C 595 42.26 -9.30 17.39
N ASP C 596 42.23 -8.04 17.79
CA ASP C 596 41.89 -7.65 19.15
C ASP C 596 40.46 -7.15 19.28
N LYS C 597 39.71 -7.08 18.17
CA LYS C 597 38.34 -6.58 18.19
C LYS C 597 37.43 -7.49 17.38
N LEU C 598 37.53 -8.79 17.61
CA LEU C 598 36.63 -9.74 16.98
C LEU C 598 35.29 -9.79 17.71
N ASP C 599 34.24 -10.09 16.95
CA ASP C 599 32.85 -10.24 17.40
C ASP C 599 32.26 -8.97 18.02
N VAL C 600 32.79 -7.80 17.69
CA VAL C 600 32.15 -6.52 18.02
C VAL C 600 31.92 -5.74 16.73
N CYS C 601 30.94 -4.85 16.78
CA CYS C 601 30.62 -4.00 15.63
C CYS C 601 31.68 -2.91 15.51
N VAL C 602 32.26 -2.77 14.31
CA VAL C 602 33.30 -1.80 14.02
C VAL C 602 32.99 -1.12 12.69
N GLU C 603 33.63 0.02 12.49
CA GLU C 603 33.74 0.58 11.14
C GLU C 603 34.88 -0.09 10.41
N TYR C 604 34.80 -0.14 9.10
CA TYR C 604 35.90 -0.68 8.34
C TYR C 604 36.13 0.12 7.06
N SER C 605 37.39 0.14 6.66
CA SER C 605 37.85 0.68 5.38
C SER C 605 38.89 -0.31 4.86
N LEU C 606 38.46 -1.21 4.00
CA LEU C 606 39.28 -2.31 3.51
C LEU C 606 39.51 -2.11 2.02
N HIS C 607 40.70 -1.61 1.68
CA HIS C 607 41.13 -1.34 0.29
C HIS C 607 40.15 -0.42 -0.44
N GLY C 608 39.59 0.53 0.30
CA GLY C 608 38.62 1.46 -0.23
C GLY C 608 37.17 1.05 -0.09
N ILE C 609 36.88 -0.10 0.49
CA ILE C 609 35.50 -0.52 0.72
C ILE C 609 35.16 -0.22 2.17
N THR C 610 34.17 0.62 2.40
CA THR C 610 33.89 1.12 3.74
C THR C 610 32.52 0.65 4.22
N GLY C 611 32.37 0.54 5.53
CA GLY C 611 31.08 0.19 6.09
C GLY C 611 31.14 -0.13 7.56
N ARG C 612 30.19 -0.93 8.00
CA ARG C 612 29.94 -1.28 9.40
C ARG C 612 29.70 -2.77 9.53
N GLY C 613 30.33 -3.40 10.51
CA GLY C 613 30.11 -4.83 10.58
C GLY C 613 30.77 -5.50 11.76
N VAL C 614 30.50 -6.79 11.86
CA VAL C 614 31.02 -7.67 12.88
C VAL C 614 31.82 -8.75 12.18
N PHE C 615 33.00 -9.04 12.68
CA PHE C 615 33.95 -9.93 12.01
C PHE C 615 34.19 -11.17 12.86
N HIS C 616 34.38 -12.30 12.19
CA HIS C 616 34.51 -13.57 12.89
C HIS C 616 35.45 -14.47 12.10
N ASN C 617 36.40 -15.09 12.78
CA ASN C 617 37.37 -15.96 12.12
C ASN C 617 36.69 -17.21 11.57
N CYS C 618 36.98 -17.54 10.32
CA CYS C 618 36.23 -18.53 9.56
C CYS C 618 37.18 -19.36 8.71
N THR C 619 36.61 -20.31 7.98
CA THR C 619 37.34 -21.10 7.00
C THR C 619 37.20 -20.47 5.62
N SER C 620 38.28 -20.53 4.85
CA SER C 620 38.39 -19.89 3.54
C SER C 620 37.37 -20.42 2.55
N VAL C 621 36.56 -19.51 1.98
CA VAL C 621 35.67 -19.82 0.87
C VAL C 621 35.79 -18.70 -0.16
N GLY C 622 35.44 -19.01 -1.40
CA GLY C 622 35.61 -18.08 -2.50
C GLY C 622 37.03 -18.03 -3.01
N LEU C 623 37.22 -17.33 -4.13
CA LEU C 623 38.56 -17.12 -4.67
C LEU C 623 39.25 -16.05 -3.85
N ARG C 624 40.45 -16.35 -3.37
CA ARG C 624 41.13 -15.42 -2.48
C ARG C 624 41.86 -14.31 -3.23
N ASN C 625 41.99 -14.42 -4.55
CA ASN C 625 42.52 -13.34 -5.37
C ASN C 625 41.50 -12.26 -5.65
N GLN C 626 40.22 -12.49 -5.37
CA GLN C 626 39.18 -11.50 -5.58
C GLN C 626 38.84 -10.73 -4.31
N ARG C 627 39.37 -11.16 -3.16
CA ARG C 627 39.49 -10.45 -1.87
C ARG C 627 38.17 -10.22 -1.13
N PHE C 628 37.05 -10.26 -1.82
CA PHE C 628 35.75 -9.95 -1.24
C PHE C 628 34.76 -11.02 -1.64
N VAL C 629 33.92 -11.43 -0.70
CA VAL C 629 32.85 -12.38 -0.94
C VAL C 629 31.52 -11.68 -0.72
N TYR C 630 30.56 -11.93 -1.60
CA TYR C 630 29.25 -11.31 -1.55
C TYR C 630 28.16 -12.36 -1.55
N ASP C 631 26.97 -11.97 -1.13
CA ASP C 631 25.78 -12.81 -1.19
C ASP C 631 24.91 -12.40 -2.37
N THR C 632 23.69 -12.94 -2.43
CA THR C 632 22.81 -12.64 -3.56
C THR C 632 22.23 -11.24 -3.49
N PHE C 633 22.31 -10.57 -2.34
CA PHE C 633 21.81 -9.20 -2.21
C PHE C 633 22.89 -8.15 -2.34
N ASP C 634 24.11 -8.57 -2.74
CA ASP C 634 25.29 -7.72 -2.88
C ASP C 634 25.65 -7.04 -1.56
N ASN C 635 25.61 -7.81 -0.48
CA ASN C 635 26.17 -7.39 0.79
C ASN C 635 27.47 -8.14 1.00
N LEU C 636 28.39 -7.50 1.72
CA LEU C 636 29.70 -8.10 1.98
C LEU C 636 29.56 -9.18 3.05
N VAL C 637 29.92 -10.42 2.71
CA VAL C 637 29.83 -11.51 3.66
C VAL C 637 31.17 -12.09 4.06
N GLY C 638 32.25 -11.79 3.34
CA GLY C 638 33.54 -12.36 3.67
C GLY C 638 34.69 -11.53 3.16
N TYR C 639 35.83 -11.65 3.83
CA TYR C 639 37.00 -10.85 3.51
C TYR C 639 38.27 -11.68 3.68
N HIS C 640 39.07 -11.76 2.61
CA HIS C 640 40.39 -12.38 2.66
C HIS C 640 41.41 -11.32 3.04
N SER C 641 42.03 -11.49 4.20
CA SER C 641 42.84 -10.45 4.79
C SER C 641 44.27 -10.53 4.30
N ASP C 642 45.00 -9.44 4.54
CA ASP C 642 46.40 -9.36 4.15
C ASP C 642 47.29 -10.21 5.04
N ASN C 643 46.86 -10.54 6.26
CA ASN C 643 47.65 -11.40 7.13
C ASN C 643 47.61 -12.86 6.68
N GLY C 644 46.59 -13.29 5.97
CA GLY C 644 46.42 -14.67 5.58
C GLY C 644 45.18 -15.35 6.13
N ASN C 645 44.38 -14.67 6.94
CA ASN C 645 43.15 -15.23 7.46
C ASN C 645 41.96 -14.81 6.62
N TYR C 646 40.88 -15.57 6.73
CA TYR C 646 39.61 -15.25 6.13
C TYR C 646 38.63 -14.93 7.25
N TYR C 647 37.79 -13.91 7.03
CA TYR C 647 36.83 -13.49 8.04
C TYR C 647 35.43 -13.48 7.46
N CYS C 648 34.48 -14.02 8.21
CA CYS C 648 33.07 -13.83 7.94
C CYS C 648 32.64 -12.48 8.48
N VAL C 649 31.86 -11.75 7.69
CA VAL C 649 31.40 -10.41 8.03
C VAL C 649 29.89 -10.44 8.12
N ARG C 650 29.34 -9.79 9.13
CA ARG C 650 27.92 -9.76 9.38
C ARG C 650 27.51 -8.32 9.62
N PRO C 651 26.27 -7.95 9.30
CA PRO C 651 25.75 -6.66 9.76
C PRO C 651 25.62 -6.64 11.27
N CYS C 652 25.65 -5.44 11.83
CA CYS C 652 25.63 -5.31 13.27
C CYS C 652 24.24 -5.64 13.83
N VAL C 653 24.22 -6.49 14.85
CA VAL C 653 22.99 -7.14 15.30
C VAL C 653 22.63 -6.64 16.69
N SER C 654 21.39 -6.89 17.07
CA SER C 654 20.83 -6.33 18.30
C SER C 654 20.15 -7.41 19.13
N VAL C 655 20.30 -7.32 20.44
CA VAL C 655 19.70 -8.26 21.40
C VAL C 655 18.23 -7.92 21.57
N PRO C 656 17.31 -8.88 21.46
CA PRO C 656 15.89 -8.60 21.69
C PRO C 656 15.56 -8.43 23.18
N VAL C 657 14.60 -7.54 23.46
CA VAL C 657 14.26 -7.13 24.83
C VAL C 657 12.74 -7.15 25.01
N SER C 658 12.27 -7.76 26.09
CA SER C 658 10.87 -7.69 26.50
C SER C 658 10.75 -7.23 27.94
N VAL C 659 9.63 -6.58 28.24
CA VAL C 659 9.30 -6.12 29.59
C VAL C 659 7.96 -6.72 30.00
N ILE C 660 7.92 -7.28 31.21
CA ILE C 660 6.71 -7.79 31.84
C ILE C 660 6.22 -6.74 32.83
N TYR C 661 4.96 -6.33 32.68
CA TYR C 661 4.41 -5.26 33.49
C TYR C 661 3.14 -5.72 34.17
N ASP C 662 3.09 -5.52 35.48
CA ASP C 662 1.89 -5.72 36.29
C ASP C 662 1.40 -4.36 36.76
N LYS C 663 0.16 -4.04 36.38
CA LYS C 663 -0.45 -2.75 36.68
C LYS C 663 -0.89 -2.65 38.13
N ALA C 664 -1.35 -3.76 38.72
CA ALA C 664 -1.94 -3.70 40.06
C ALA C 664 -0.89 -3.47 41.13
N SER C 665 0.27 -4.12 41.02
CA SER C 665 1.34 -3.95 41.98
C SER C 665 2.43 -3.01 41.48
N ASN C 666 2.26 -2.45 40.28
CA ASN C 666 3.18 -1.47 39.67
C ASN C 666 4.60 -2.03 39.50
N SER C 667 4.71 -3.22 38.93
CA SER C 667 5.99 -3.92 38.89
C SER C 667 6.38 -4.27 37.47
N HIS C 668 7.68 -4.34 37.21
CA HIS C 668 8.15 -4.73 35.88
C HIS C 668 9.40 -5.58 36.00
N ALA C 669 9.63 -6.39 34.97
CA ALA C 669 10.77 -7.30 34.91
C ALA C 669 11.17 -7.48 33.46
N THR C 670 12.39 -7.99 33.22
CA THR C 670 12.97 -7.99 31.89
C THR C 670 13.25 -9.40 31.40
N LEU C 671 13.16 -9.60 30.09
CA LEU C 671 13.56 -10.84 29.44
C LEU C 671 14.35 -10.55 28.19
N PHE C 672 15.59 -11.02 28.13
CA PHE C 672 16.38 -11.01 26.91
C PHE C 672 16.16 -12.34 26.20
N GLY C 673 15.42 -12.30 25.08
CA GLY C 673 15.00 -13.53 24.43
C GLY C 673 16.08 -14.11 23.54
N SER C 674 16.19 -15.44 23.55
CA SER C 674 17.17 -16.25 22.81
C SER C 674 18.61 -15.93 23.17
N VAL C 675 18.87 -15.51 24.40
CA VAL C 675 20.22 -15.15 24.83
C VAL C 675 20.61 -16.07 25.99
N ALA C 676 21.84 -16.59 25.93
CA ALA C 676 22.38 -17.32 27.07
C ALA C 676 22.92 -16.34 28.10
N CYS C 677 22.68 -16.62 29.38
CA CYS C 677 22.93 -15.65 30.44
C CYS C 677 24.42 -15.41 30.71
N SER C 678 25.32 -16.20 30.13
CA SER C 678 26.74 -15.93 30.24
C SER C 678 27.20 -14.80 29.34
N HIS C 679 26.37 -14.34 28.41
CA HIS C 679 26.69 -13.24 27.52
C HIS C 679 25.96 -11.96 27.86
N VAL C 680 25.07 -11.98 28.85
CA VAL C 680 24.40 -10.76 29.25
C VAL C 680 25.30 -9.94 30.17
N THR C 681 26.04 -10.63 31.05
CA THR C 681 26.94 -9.97 31.98
C THR C 681 28.11 -9.29 31.27
N THR C 682 28.48 -9.79 30.09
CA THR C 682 29.51 -9.13 29.30
C THR C 682 29.00 -7.82 28.71
N MET C 683 27.81 -7.84 28.11
CA MET C 683 27.24 -6.69 27.44
C MET C 683 26.42 -5.80 28.36
N MET C 684 26.66 -5.88 29.67
CA MET C 684 25.81 -5.20 30.65
C MET C 684 25.90 -3.68 30.52
N SER C 685 27.12 -3.14 30.49
CA SER C 685 27.33 -1.71 30.30
C SER C 685 26.93 -1.27 28.89
N PRO C 701 17.49 -9.96 42.25
CA PRO C 701 18.14 -11.25 41.97
C PRO C 701 19.04 -11.20 40.75
N GLY C 702 19.92 -12.19 40.61
CA GLY C 702 20.78 -12.27 39.45
C GLY C 702 20.02 -12.74 38.22
N PRO C 703 20.72 -12.75 37.09
CA PRO C 703 20.10 -13.24 35.86
C PRO C 703 19.88 -14.75 35.89
N LEU C 704 18.75 -15.17 35.35
CA LEU C 704 18.30 -16.55 35.45
C LEU C 704 18.05 -17.10 34.06
N GLN C 705 18.58 -18.29 33.77
CA GLN C 705 18.40 -18.90 32.46
C GLN C 705 17.11 -19.70 32.41
N THR C 706 16.30 -19.46 31.39
CA THR C 706 15.08 -20.20 31.14
C THR C 706 15.11 -20.70 29.70
N THR C 707 14.16 -21.58 29.37
CA THR C 707 14.04 -22.15 28.04
C THR C 707 13.53 -21.17 26.99
N VAL C 708 13.30 -19.91 27.34
CA VAL C 708 13.00 -18.85 26.39
C VAL C 708 14.02 -17.71 26.47
N GLY C 709 15.10 -17.88 27.20
CA GLY C 709 16.09 -16.83 27.25
C GLY C 709 16.62 -16.47 28.62
N CYS C 710 16.99 -15.22 28.84
CA CYS C 710 17.62 -14.80 30.09
C CYS C 710 16.72 -13.80 30.81
N ALA C 711 16.40 -14.10 32.06
CA ALA C 711 15.38 -13.39 32.82
C ALA C 711 16.02 -12.52 33.90
N MET C 712 15.63 -11.25 33.94
CA MET C 712 16.10 -10.30 34.96
C MET C 712 14.93 -9.92 35.85
N GLY C 713 15.09 -10.13 37.15
CA GLY C 713 14.05 -9.82 38.10
C GLY C 713 13.13 -10.97 38.43
N PHE C 714 13.61 -12.20 38.31
CA PHE C 714 12.82 -13.39 38.53
C PHE C 714 13.54 -14.30 39.51
N ILE C 715 12.80 -14.92 40.40
CA ILE C 715 13.34 -15.95 41.25
C ILE C 715 12.69 -17.28 40.83
N ASN C 716 13.40 -18.36 41.09
CA ASN C 716 12.98 -19.70 40.73
C ASN C 716 12.04 -20.26 41.78
N SER C 717 11.05 -21.02 41.32
CA SER C 717 10.07 -21.60 42.23
C SER C 717 9.57 -22.93 41.68
N SER C 718 8.95 -23.72 42.55
CA SER C 718 8.29 -24.95 42.17
C SER C 718 6.78 -24.80 42.14
N MET C 719 6.30 -23.59 41.85
CA MET C 719 4.88 -23.34 41.76
C MET C 719 4.33 -23.94 40.46
N VAL C 720 3.10 -24.41 40.50
CA VAL C 720 2.45 -25.02 39.35
C VAL C 720 1.05 -24.44 39.22
N VAL C 721 0.76 -23.83 38.07
CA VAL C 721 -0.54 -23.27 37.79
C VAL C 721 -1.15 -23.97 36.58
N ASP C 722 -2.45 -23.77 36.40
CA ASP C 722 -3.13 -24.19 35.20
C ASP C 722 -3.81 -23.05 34.48
N GLU C 723 -3.70 -21.83 35.01
CA GLU C 723 -4.29 -20.62 34.47
C GLU C 723 -3.26 -19.52 34.64
N CYS C 724 -3.13 -18.68 33.62
CA CYS C 724 -2.03 -17.71 33.59
C CYS C 724 -2.48 -16.45 32.86
N GLN C 725 -2.17 -15.29 33.44
CA GLN C 725 -2.43 -14.04 32.75
C GLN C 725 -1.19 -13.39 32.16
N LEU C 726 0.01 -13.82 32.54
CA LEU C 726 1.26 -13.33 31.98
C LEU C 726 2.07 -14.49 31.41
N PRO C 727 1.70 -15.02 30.25
CA PRO C 727 2.44 -16.16 29.71
C PRO C 727 3.75 -15.74 29.08
N LEU C 728 4.78 -16.55 29.28
CA LEU C 728 6.11 -16.28 28.78
C LEU C 728 6.49 -17.10 27.57
N GLY C 729 5.78 -18.18 27.29
CA GLY C 729 6.10 -19.15 26.25
C GLY C 729 6.64 -20.45 26.85
N GLN C 730 6.42 -21.54 26.11
CA GLN C 730 6.85 -22.91 26.47
C GLN C 730 6.38 -23.32 27.86
N SER C 731 5.10 -23.05 28.13
CA SER C 731 4.39 -23.37 29.38
C SER C 731 4.98 -22.66 30.60
N LEU C 732 5.59 -21.50 30.42
CA LEU C 732 6.12 -20.72 31.53
C LEU C 732 5.23 -19.53 31.81
N CYS C 733 5.05 -19.22 33.08
CA CYS C 733 4.18 -18.15 33.53
C CYS C 733 4.96 -17.25 34.48
N ALA C 734 4.71 -15.94 34.39
CA ALA C 734 5.24 -14.98 35.35
C ALA C 734 4.21 -14.71 36.42
N ILE C 735 4.63 -14.74 37.68
CA ILE C 735 3.74 -14.52 38.82
C ILE C 735 4.19 -13.22 39.49
N PRO C 736 3.29 -12.25 39.66
CA PRO C 736 3.69 -10.91 40.09
C PRO C 736 3.85 -10.84 41.60
N PRO C 737 4.53 -9.83 42.12
CA PRO C 737 4.60 -9.65 43.58
C PRO C 737 3.24 -9.23 44.14
N THR C 738 3.15 -9.30 45.46
CA THR C 738 1.91 -8.96 46.15
C THR C 738 2.10 -7.78 47.12
N SER C 751 5.90 -12.56 47.22
CA SER C 751 6.91 -11.87 48.00
C SER C 751 7.09 -10.44 47.52
N ASP C 752 8.21 -10.16 46.85
CA ASP C 752 8.53 -8.82 46.40
C ASP C 752 9.05 -8.74 44.97
N VAL C 753 9.42 -9.86 44.37
CA VAL C 753 9.90 -9.92 42.99
C VAL C 753 9.00 -10.86 42.21
N PHE C 754 9.31 -11.08 40.94
CA PHE C 754 8.51 -11.98 40.12
C PHE C 754 8.97 -13.42 40.29
N GLN C 755 8.06 -14.35 40.02
CA GLN C 755 8.36 -15.78 40.09
C GLN C 755 8.07 -16.46 38.76
N ILE C 756 8.86 -17.48 38.45
CA ILE C 756 8.61 -18.35 37.30
C ILE C 756 7.80 -19.56 37.76
N ALA C 757 6.59 -19.71 37.24
CA ALA C 757 5.81 -20.91 37.44
C ALA C 757 5.63 -21.64 36.11
N THR C 758 5.15 -22.87 36.19
CA THR C 758 4.92 -23.70 35.01
C THR C 758 3.44 -23.99 34.83
N LEU C 759 2.98 -23.93 33.59
CA LEU C 759 1.65 -24.40 33.21
C LEU C 759 1.67 -25.91 33.06
N ASN C 760 0.93 -26.61 33.92
CA ASN C 760 0.98 -28.07 33.91
C ASN C 760 -0.31 -28.61 34.53
N PHE C 761 -1.10 -29.31 33.74
CA PHE C 761 -2.34 -29.91 34.22
C PHE C 761 -2.62 -31.19 33.46
N THR C 762 -3.63 -31.91 33.93
CA THR C 762 -3.92 -33.25 33.44
C THR C 762 -5.38 -33.58 33.75
N SER C 763 -5.82 -34.75 33.26
CA SER C 763 -7.21 -35.17 33.37
C SER C 763 -7.57 -35.50 34.83
N PRO C 764 -8.83 -35.19 35.25
CA PRO C 764 -9.19 -35.30 36.67
C PRO C 764 -9.13 -36.69 37.30
N LEU C 765 -9.86 -37.67 36.77
CA LEU C 765 -9.83 -39.00 37.38
C LEU C 765 -9.75 -40.07 36.31
N THR C 766 -8.97 -41.12 36.60
CA THR C 766 -8.78 -42.24 35.70
C THR C 766 -9.43 -43.46 36.34
N LEU C 767 -10.64 -43.79 35.90
CA LEU C 767 -11.31 -44.99 36.37
C LEU C 767 -10.74 -46.20 35.66
N ALA C 768 -10.42 -47.25 36.41
CA ALA C 768 -9.80 -48.43 35.84
C ALA C 768 -10.83 -49.53 35.64
N PRO C 769 -10.75 -50.28 34.55
CA PRO C 769 -11.75 -51.33 34.29
C PRO C 769 -11.59 -52.51 35.24
N ILE C 770 -12.72 -52.94 35.80
CA ILE C 770 -12.73 -54.02 36.78
C ILE C 770 -12.69 -55.37 36.07
N ASN C 771 -12.37 -56.43 36.81
CA ASN C 771 -12.29 -57.78 36.27
C ASN C 771 -13.49 -58.58 36.79
N SER C 772 -14.54 -58.63 35.98
CA SER C 772 -15.78 -59.34 36.31
C SER C 772 -16.54 -59.54 35.00
N THR C 773 -17.78 -60.01 35.11
CA THR C 773 -18.61 -60.21 33.93
C THR C 773 -19.26 -58.91 33.45
N GLY C 774 -19.38 -57.92 34.32
CA GLY C 774 -19.95 -56.64 33.92
C GLY C 774 -18.91 -55.54 33.85
N PHE C 775 -19.26 -54.34 34.27
CA PHE C 775 -18.32 -53.23 34.23
C PHE C 775 -18.63 -52.27 35.37
N VAL C 776 -17.83 -51.21 35.49
CA VAL C 776 -18.00 -50.21 36.53
C VAL C 776 -18.34 -48.89 35.86
N VAL C 777 -19.42 -48.24 36.33
CA VAL C 777 -19.84 -46.97 35.78
C VAL C 777 -19.94 -45.95 36.92
N ALA C 778 -19.57 -44.70 36.65
CA ALA C 778 -19.62 -43.63 37.64
C ALA C 778 -20.85 -42.76 37.39
N VAL C 779 -21.79 -42.78 38.33
CA VAL C 779 -23.13 -42.23 38.12
C VAL C 779 -23.36 -41.13 39.15
N PRO C 780 -23.86 -39.94 38.76
CA PRO C 780 -23.96 -38.82 39.71
C PRO C 780 -25.02 -39.01 40.80
N THR C 781 -24.70 -38.45 41.96
CA THR C 781 -25.62 -38.40 43.09
C THR C 781 -25.96 -36.98 43.53
N ASN C 782 -25.34 -35.97 42.93
CA ASN C 782 -25.57 -34.57 43.25
C ASN C 782 -25.10 -33.75 42.05
N PHE C 783 -25.66 -32.56 41.89
CA PHE C 783 -25.48 -31.82 40.65
C PHE C 783 -25.67 -30.32 40.87
N THR C 784 -25.20 -29.54 39.91
CA THR C 784 -25.46 -28.11 39.78
C THR C 784 -25.83 -27.79 38.34
N PHE C 785 -26.13 -26.52 38.10
CA PHE C 785 -26.30 -25.99 36.76
C PHE C 785 -25.16 -25.04 36.47
N GLY C 786 -24.50 -25.24 35.34
CA GLY C 786 -23.42 -24.37 34.91
C GLY C 786 -23.87 -23.53 33.74
N VAL C 787 -23.31 -22.33 33.64
CA VAL C 787 -23.62 -21.41 32.55
C VAL C 787 -22.36 -21.17 31.75
N THR C 788 -22.41 -21.47 30.46
CA THR C 788 -21.35 -21.16 29.52
C THR C 788 -21.76 -19.94 28.70
N GLN C 789 -20.93 -18.92 28.70
CA GLN C 789 -21.25 -17.67 28.03
C GLN C 789 -20.54 -17.61 26.68
N GLU C 790 -21.20 -17.04 25.69
CA GLU C 790 -20.64 -17.02 24.35
C GLU C 790 -21.02 -15.72 23.64
N PHE C 791 -20.19 -15.30 22.70
CA PHE C 791 -20.46 -14.06 21.97
C PHE C 791 -20.17 -14.24 20.50
N ILE C 792 -21.14 -13.93 19.66
CA ILE C 792 -20.96 -13.97 18.21
C ILE C 792 -21.21 -12.58 17.65
N GLU C 793 -20.27 -12.10 16.83
CA GLU C 793 -20.42 -10.83 16.16
C GLU C 793 -21.29 -11.00 14.92
N THR C 794 -22.15 -10.02 14.65
CA THR C 794 -22.96 -10.05 13.45
C THR C 794 -22.71 -8.87 12.52
N THR C 795 -22.04 -7.82 12.97
CA THR C 795 -22.07 -6.52 12.30
C THR C 795 -20.77 -5.78 12.60
N ILE C 796 -20.43 -4.81 11.76
CA ILE C 796 -19.42 -3.80 12.06
C ILE C 796 -20.04 -2.42 11.87
N GLN C 797 -19.26 -1.40 12.21
CA GLN C 797 -19.67 -0.01 12.04
C GLN C 797 -19.50 0.42 10.58
N LYS C 798 -20.56 0.97 9.99
CA LYS C 798 -20.60 1.35 8.58
C LYS C 798 -20.06 2.77 8.38
N ILE C 799 -19.17 2.92 7.40
CA ILE C 799 -18.39 4.14 7.20
C ILE C 799 -18.50 4.54 5.73
N THR C 800 -18.73 5.84 5.48
CA THR C 800 -18.53 6.42 4.17
C THR C 800 -17.49 7.52 4.28
N VAL C 801 -16.75 7.77 3.20
CA VAL C 801 -15.71 8.79 3.19
C VAL C 801 -16.02 9.79 2.08
N ASP C 802 -15.95 11.08 2.40
CA ASP C 802 -15.88 12.14 1.38
C ASP C 802 -14.43 12.25 0.94
N CYS C 803 -14.13 11.86 -0.29
CA CYS C 803 -12.75 11.68 -0.71
C CYS C 803 -12.07 13.02 -0.95
N LYS C 804 -12.78 13.96 -1.58
CA LYS C 804 -12.24 15.28 -1.86
C LYS C 804 -12.00 16.08 -0.58
N GLN C 805 -12.90 15.98 0.39
CA GLN C 805 -12.70 16.66 1.67
C GLN C 805 -11.55 16.04 2.46
N TYR C 806 -11.41 14.71 2.39
CA TYR C 806 -10.29 14.03 3.05
C TYR C 806 -8.95 14.44 2.45
N VAL C 807 -8.87 14.54 1.14
CA VAL C 807 -7.59 14.81 0.51
C VAL C 807 -7.24 16.30 0.56
N CYS C 808 -8.18 17.16 0.19
CA CYS C 808 -7.85 18.56 -0.08
C CYS C 808 -8.27 19.54 0.99
N ASN C 809 -9.09 19.11 1.96
CA ASN C 809 -9.57 19.89 3.13
C ASN C 809 -10.08 21.30 2.80
N GLY C 810 -10.81 21.44 1.71
CA GLY C 810 -11.10 22.77 1.20
C GLY C 810 -10.08 23.08 0.13
N PHE C 811 -9.55 24.31 0.08
CA PHE C 811 -8.33 24.65 -0.67
C PHE C 811 -8.42 24.36 -2.17
N LYS C 812 -9.09 25.24 -2.91
CA LYS C 812 -9.32 25.12 -4.35
C LYS C 812 -8.09 24.75 -5.17
N LYS C 813 -6.89 25.16 -4.75
CA LYS C 813 -5.68 24.84 -5.49
C LYS C 813 -5.36 23.36 -5.43
N CYS C 814 -5.58 22.74 -4.26
CA CYS C 814 -5.50 21.30 -4.14
C CYS C 814 -6.53 20.61 -5.01
N GLU C 815 -7.75 21.15 -5.07
CA GLU C 815 -8.81 20.52 -5.86
C GLU C 815 -8.54 20.61 -7.35
N ASP C 816 -7.90 21.70 -7.77
CA ASP C 816 -7.48 21.81 -9.16
C ASP C 816 -6.33 20.87 -9.47
N LEU C 817 -5.50 20.54 -8.49
CA LEU C 817 -4.54 19.47 -8.72
C LEU C 817 -5.17 18.08 -8.65
N LEU C 818 -6.23 17.91 -7.88
CA LEU C 818 -6.88 16.63 -7.65
C LEU C 818 -7.84 16.25 -8.76
N LYS C 819 -8.23 17.19 -9.61
CA LYS C 819 -9.11 16.90 -10.74
C LYS C 819 -8.52 15.86 -11.71
N GLU C 820 -7.20 15.72 -11.73
CA GLU C 820 -6.51 14.68 -12.49
C GLU C 820 -6.70 13.27 -11.91
N TYR C 821 -7.26 13.15 -10.70
CA TYR C 821 -7.41 11.87 -10.02
C TYR C 821 -8.84 11.58 -9.59
N GLY C 822 -9.86 12.14 -10.26
CA GLY C 822 -11.22 12.04 -9.75
C GLY C 822 -11.81 10.66 -9.86
N GLN C 823 -11.37 9.90 -10.87
CA GLN C 823 -11.87 8.55 -11.04
C GLN C 823 -11.30 7.59 -10.01
N PHE C 824 -10.19 7.95 -9.38
CA PHE C 824 -9.71 7.14 -8.27
C PHE C 824 -10.46 7.48 -6.98
N CYS C 825 -11.02 8.68 -6.88
CA CYS C 825 -11.85 9.00 -5.72
C CYS C 825 -13.24 8.37 -5.83
N SER C 826 -13.78 8.23 -7.05
CA SER C 826 -15.10 7.61 -7.23
C SER C 826 -15.13 6.15 -6.81
N LYS C 827 -14.03 5.43 -7.04
CA LYS C 827 -14.01 3.99 -6.79
C LYS C 827 -14.03 3.65 -5.32
N ILE C 828 -13.47 4.52 -4.48
CA ILE C 828 -13.48 4.35 -3.03
C ILE C 828 -14.91 4.41 -2.49
N ASN C 829 -15.68 5.38 -2.97
CA ASN C 829 -17.08 5.53 -2.61
C ASN C 829 -17.91 4.35 -3.09
N GLN C 830 -17.64 3.86 -4.30
CA GLN C 830 -18.43 2.74 -4.82
C GLN C 830 -18.15 1.44 -4.07
N ALA C 831 -16.90 1.22 -3.67
CA ALA C 831 -16.56 0.03 -2.89
C ALA C 831 -17.20 0.06 -1.51
N LEU C 832 -17.15 1.21 -0.82
CA LEU C 832 -17.76 1.30 0.50
C LEU C 832 -19.28 1.24 0.44
N HIS C 833 -19.87 1.74 -0.65
CA HIS C 833 -21.32 1.65 -0.83
C HIS C 833 -21.77 0.20 -0.98
N GLY C 834 -21.05 -0.59 -1.79
CA GLY C 834 -21.37 -2.01 -1.92
C GLY C 834 -21.19 -2.81 -0.63
N ALA C 835 -20.19 -2.44 0.17
CA ALA C 835 -19.98 -3.17 1.43
C ALA C 835 -21.10 -2.90 2.45
N ASN C 836 -21.51 -1.63 2.58
CA ASN C 836 -22.61 -1.30 3.49
C ASN C 836 -23.94 -1.90 3.02
N LEU C 837 -24.13 -2.04 1.71
CA LEU C 837 -25.33 -2.66 1.19
C LEU C 837 -25.39 -4.15 1.51
N ARG C 838 -24.25 -4.83 1.42
CA ARG C 838 -24.22 -6.26 1.78
C ARG C 838 -24.47 -6.47 3.26
N GLN C 839 -23.95 -5.59 4.13
CA GLN C 839 -24.24 -5.75 5.56
C GLN C 839 -25.72 -5.53 5.88
N ASP C 840 -26.38 -4.59 5.18
CA ASP C 840 -27.81 -4.40 5.39
C ASP C 840 -28.64 -5.60 4.94
N GLU C 841 -28.28 -6.20 3.81
CA GLU C 841 -28.99 -7.40 3.33
C GLU C 841 -28.82 -8.58 4.29
N SER C 842 -27.61 -8.72 4.84
CA SER C 842 -27.33 -9.79 5.82
C SER C 842 -28.10 -9.61 7.12
N ILE C 843 -28.18 -8.38 7.65
CA ILE C 843 -28.89 -8.15 8.91
C ILE C 843 -30.40 -8.32 8.73
N ALA C 844 -30.93 -7.94 7.55
CA ALA C 844 -32.35 -8.17 7.29
C ALA C 844 -32.67 -9.66 7.17
N ASN C 845 -31.75 -10.45 6.62
CA ASN C 845 -31.95 -11.89 6.58
C ASN C 845 -31.91 -12.52 7.97
N LEU C 846 -31.06 -12.00 8.86
CA LEU C 846 -31.04 -12.52 10.22
C LEU C 846 -32.31 -12.17 10.98
N PHE C 847 -32.89 -10.99 10.74
CA PHE C 847 -34.10 -10.61 11.44
C PHE C 847 -35.38 -11.17 10.83
N SER C 848 -35.29 -11.80 9.65
CA SER C 848 -36.47 -12.34 8.97
C SER C 848 -37.27 -13.36 9.79
N SER C 849 -36.68 -14.00 10.80
CA SER C 849 -37.35 -15.07 11.54
C SER C 849 -38.39 -14.56 12.54
N ILE C 850 -38.47 -13.25 12.78
CA ILE C 850 -39.50 -12.71 13.68
C ILE C 850 -40.87 -12.91 13.08
N LYS C 851 -41.00 -12.72 11.76
CA LYS C 851 -42.29 -12.68 11.08
C LYS C 851 -43.01 -14.02 11.04
N THR C 852 -42.36 -15.12 11.38
CA THR C 852 -42.94 -16.43 11.10
C THR C 852 -42.80 -17.44 12.24
N GLN C 853 -42.40 -17.02 13.45
CA GLN C 853 -41.98 -18.02 14.43
C GLN C 853 -43.09 -18.90 15.01
N ASN C 854 -43.62 -18.51 16.18
CA ASN C 854 -44.86 -18.80 16.90
C ASN C 854 -44.49 -18.37 18.32
N THR C 855 -45.43 -18.09 19.21
CA THR C 855 -45.00 -17.50 20.46
C THR C 855 -45.97 -17.84 21.57
N GLN C 856 -45.44 -17.96 22.78
CA GLN C 856 -46.22 -18.14 24.00
C GLN C 856 -45.84 -17.04 24.97
N PRO C 857 -46.81 -16.44 25.66
CA PRO C 857 -46.49 -15.38 26.60
C PRO C 857 -46.04 -15.89 27.97
N LEU C 858 -45.20 -15.09 28.62
CA LEU C 858 -44.52 -15.47 29.86
C LEU C 858 -44.91 -14.53 30.99
N GLN C 859 -45.18 -15.10 32.17
CA GLN C 859 -45.47 -14.32 33.35
C GLN C 859 -44.24 -13.55 33.83
N ALA C 860 -44.44 -12.30 34.24
CA ALA C 860 -43.36 -11.52 34.81
C ALA C 860 -42.99 -12.05 36.20
N GLY C 861 -41.71 -12.21 36.45
CA GLY C 861 -41.24 -12.80 37.68
C GLY C 861 -41.05 -14.30 37.54
N LEU C 862 -41.69 -15.07 38.42
CA LEU C 862 -41.52 -16.51 38.40
C LEU C 862 -42.59 -17.18 37.55
N ASN C 863 -42.19 -18.26 36.88
CA ASN C 863 -43.01 -19.08 36.00
C ASN C 863 -43.00 -20.46 36.62
N GLY C 864 -44.07 -20.80 37.33
CA GLY C 864 -44.02 -21.98 38.18
C GLY C 864 -43.14 -21.64 39.36
N ASP C 865 -41.94 -22.20 39.41
CA ASP C 865 -40.95 -21.82 40.41
C ASP C 865 -39.66 -21.31 39.77
N PHE C 866 -39.62 -21.12 38.46
CA PHE C 866 -38.44 -20.65 37.76
C PHE C 866 -38.56 -19.13 37.58
N ASN C 867 -37.62 -18.40 38.17
CA ASN C 867 -37.64 -16.94 38.18
C ASN C 867 -36.88 -16.43 36.97
N LEU C 868 -37.60 -15.85 36.01
CA LEU C 868 -37.01 -15.36 34.77
C LEU C 868 -36.97 -13.83 34.73
N THR C 869 -36.72 -13.20 35.87
CA THR C 869 -36.74 -11.74 35.98
C THR C 869 -35.53 -11.11 35.31
N MET C 870 -34.39 -11.79 35.34
CA MET C 870 -33.15 -11.24 34.82
C MET C 870 -33.18 -11.06 33.31
N LEU C 871 -33.96 -11.87 32.61
CA LEU C 871 -33.97 -11.89 31.16
C LEU C 871 -35.13 -11.11 30.56
N GLN C 872 -36.00 -10.54 31.38
CA GLN C 872 -37.19 -9.84 30.92
C GLN C 872 -37.01 -8.32 31.00
N ILE C 873 -37.85 -7.61 30.25
CA ILE C 873 -37.84 -6.15 30.21
C ILE C 873 -38.63 -5.62 31.40
N PRO C 874 -38.07 -4.70 32.19
CA PRO C 874 -38.80 -4.20 33.36
C PRO C 874 -40.02 -3.36 32.98
N GLN C 875 -41.09 -3.53 33.74
CA GLN C 875 -42.35 -2.84 33.51
C GLN C 875 -42.43 -1.68 34.49
N VAL C 876 -41.96 -0.51 34.07
CA VAL C 876 -41.84 0.64 34.95
C VAL C 876 -43.11 1.47 34.90
N THR C 877 -43.49 2.03 36.04
CA THR C 877 -44.62 2.94 36.14
C THR C 877 -44.23 4.39 35.87
N THR C 878 -42.97 4.64 35.52
CA THR C 878 -42.49 5.98 35.20
C THR C 878 -42.87 6.32 33.75
N GLY C 879 -42.31 7.40 33.23
CA GLY C 879 -42.66 7.86 31.91
C GLY C 879 -41.62 7.56 30.85
N GLU C 880 -41.05 6.35 30.89
CA GLU C 880 -40.00 5.94 29.98
C GLU C 880 -40.29 4.54 29.43
N ARG C 881 -40.23 4.41 28.11
CA ARG C 881 -40.31 3.10 27.47
C ARG C 881 -38.92 2.49 27.49
N LYS C 882 -38.66 1.68 28.52
CA LYS C 882 -37.41 0.94 28.62
C LYS C 882 -37.41 -0.21 27.63
N TYR C 883 -36.24 -0.48 27.03
CA TYR C 883 -36.13 -1.52 26.01
C TYR C 883 -35.13 -2.62 26.31
N ARG C 884 -34.19 -2.41 27.20
CA ARG C 884 -33.26 -3.47 27.53
C ARG C 884 -33.77 -4.28 28.72
N SER C 885 -33.26 -5.50 28.85
CA SER C 885 -33.52 -6.30 30.02
C SER C 885 -32.53 -5.92 31.12
N THR C 886 -32.60 -6.61 32.26
CA THR C 886 -31.69 -6.32 33.36
C THR C 886 -30.26 -6.72 33.02
N ILE C 887 -30.07 -7.94 32.52
CA ILE C 887 -28.74 -8.45 32.23
C ILE C 887 -28.12 -7.73 31.04
N GLU C 888 -28.93 -7.26 30.09
CA GLU C 888 -28.44 -6.45 28.98
C GLU C 888 -27.95 -5.09 29.44
N ASP C 889 -28.68 -4.45 30.37
CA ASP C 889 -28.23 -3.21 31.01
C ASP C 889 -26.91 -3.41 31.73
N LEU C 890 -26.80 -4.51 32.49
CA LEU C 890 -25.55 -4.79 33.20
C LEU C 890 -24.41 -5.06 32.25
N LEU C 891 -24.67 -5.60 31.07
CA LEU C 891 -23.62 -5.83 30.09
C LEU C 891 -23.18 -4.52 29.45
N PHE C 892 -24.15 -3.73 28.97
CA PHE C 892 -23.83 -2.46 28.31
C PHE C 892 -23.18 -1.46 29.26
N ASN C 893 -23.41 -1.58 30.56
CA ASN C 893 -22.75 -0.66 31.49
C ASN C 893 -21.28 -0.97 31.73
N LYS C 894 -20.75 -2.06 31.20
CA LYS C 894 -19.34 -2.39 31.36
C LYS C 894 -18.50 -2.12 30.12
N VAL C 895 -19.12 -1.69 29.02
CA VAL C 895 -18.41 -1.38 27.79
C VAL C 895 -18.56 0.10 27.49
N THR C 896 -17.48 0.71 27.03
CA THR C 896 -17.44 2.12 26.71
C THR C 896 -17.47 2.28 25.20
N ILE C 897 -18.51 2.92 24.69
CA ILE C 897 -18.68 3.15 23.25
C ILE C 897 -18.94 4.63 23.04
N ALA C 898 -18.21 5.24 22.12
CA ALA C 898 -18.46 6.63 21.75
C ALA C 898 -19.77 6.76 20.99
N ASP C 899 -20.51 7.78 21.31
CA ASP C 899 -21.82 7.99 20.73
C ASP C 899 -21.71 8.72 19.41
N PRO C 900 -22.27 8.19 18.32
CA PRO C 900 -22.10 8.85 17.02
C PRO C 900 -23.00 10.04 16.78
N GLY C 901 -24.08 10.19 17.55
CA GLY C 901 -25.00 11.31 17.36
C GLY C 901 -25.75 11.29 16.04
N TYR C 902 -26.67 10.34 15.87
CA TYR C 902 -27.34 10.18 14.59
C TYR C 902 -28.33 11.30 14.32
N MET C 903 -29.00 11.81 15.34
CA MET C 903 -30.04 12.80 15.11
C MET C 903 -29.47 14.18 14.86
N GLN C 904 -28.70 14.71 15.82
CA GLN C 904 -28.26 16.09 15.77
C GLN C 904 -26.82 16.25 16.25
N GLY C 905 -25.93 15.36 15.82
CA GLY C 905 -24.58 15.40 16.33
C GLY C 905 -23.69 16.48 15.77
N TYR C 906 -23.98 16.93 14.55
CA TYR C 906 -23.25 18.06 13.97
C TYR C 906 -23.47 19.33 14.78
N ASP C 907 -24.70 19.56 15.22
CA ASP C 907 -25.02 20.73 16.02
C ASP C 907 -24.45 20.64 17.42
N GLU C 908 -24.35 19.43 17.99
CA GLU C 908 -23.73 19.26 19.29
C GLU C 908 -22.21 19.35 19.23
N CYS C 909 -21.60 19.00 18.10
CA CYS C 909 -20.18 19.27 17.97
C CYS C 909 -19.88 20.73 17.65
N MET C 910 -20.87 21.51 17.20
CA MET C 910 -20.64 22.94 16.98
C MET C 910 -20.45 23.74 18.28
N GLN C 911 -20.80 23.20 19.43
CA GLN C 911 -20.89 23.98 20.67
C GLN C 911 -20.22 23.25 21.83
N GLN C 912 -18.96 22.86 21.64
CA GLN C 912 -18.34 21.88 22.54
C GLN C 912 -17.69 22.51 23.77
N GLY C 913 -16.70 23.36 23.57
CA GLY C 913 -15.89 23.85 24.67
C GLY C 913 -14.82 22.84 25.07
N PRO C 914 -15.00 22.23 26.25
CA PRO C 914 -14.18 21.07 26.63
C PRO C 914 -14.61 19.80 25.92
N GLN C 915 -13.99 19.49 24.76
CA GLN C 915 -14.49 18.50 23.81
C GLN C 915 -14.71 17.10 24.38
N SER C 916 -14.11 16.76 25.51
CA SER C 916 -14.37 15.48 26.16
C SER C 916 -15.38 15.65 27.31
N ALA C 917 -16.64 15.82 26.94
CA ALA C 917 -17.76 15.89 27.88
C ALA C 917 -18.80 14.81 27.64
N ARG C 918 -19.29 14.70 26.40
CA ARG C 918 -20.01 13.53 25.93
C ARG C 918 -19.19 12.90 24.80
N ASP C 919 -19.20 11.57 24.73
CA ASP C 919 -18.30 10.84 23.84
C ASP C 919 -18.80 10.90 22.38
N LEU C 920 -18.67 12.06 21.79
CA LEU C 920 -19.05 12.26 20.40
C LEU C 920 -17.87 12.07 19.48
N ILE C 921 -18.15 11.56 18.28
CA ILE C 921 -17.11 11.42 17.25
C ILE C 921 -17.18 12.69 16.41
N CYS C 922 -16.54 13.75 16.90
CA CYS C 922 -16.58 15.02 16.20
C CYS C 922 -15.64 15.06 15.00
N ALA C 923 -14.62 14.20 15.00
CA ALA C 923 -13.67 14.00 13.92
C ALA C 923 -14.30 13.56 12.61
N GLN C 924 -15.55 13.09 12.62
CA GLN C 924 -16.34 12.92 11.41
C GLN C 924 -16.35 14.16 10.56
N TYR C 925 -16.63 15.30 11.17
CA TYR C 925 -16.93 16.49 10.40
C TYR C 925 -15.70 17.27 10.01
N VAL C 926 -14.58 17.02 10.66
CA VAL C 926 -13.30 17.61 10.29
C VAL C 926 -12.60 16.79 9.22
N ALA C 927 -12.48 15.47 9.42
CA ALA C 927 -11.72 14.64 8.50
C ALA C 927 -12.47 14.33 7.23
N GLY C 928 -13.79 14.16 7.29
CA GLY C 928 -14.54 13.90 6.09
C GLY C 928 -15.07 12.50 5.95
N TYR C 929 -15.49 11.89 7.05
CA TYR C 929 -16.14 10.60 6.99
C TYR C 929 -17.42 10.64 7.79
N LYS C 930 -18.29 9.69 7.50
CA LYS C 930 -19.63 9.63 8.08
C LYS C 930 -19.86 8.22 8.62
N VAL C 931 -20.17 8.13 9.90
CA VAL C 931 -20.69 6.92 10.50
C VAL C 931 -22.18 6.81 10.19
N LEU C 932 -22.59 5.71 9.61
CA LEU C 932 -23.96 5.45 9.21
C LEU C 932 -24.72 4.75 10.33
N PRO C 933 -26.01 5.04 10.48
CA PRO C 933 -26.81 4.37 11.53
C PRO C 933 -27.16 2.94 11.17
N PRO C 934 -27.30 2.06 12.17
CA PRO C 934 -27.75 0.70 11.91
C PRO C 934 -29.18 0.64 11.37
N LEU C 935 -29.51 -0.52 10.78
CA LEU C 935 -30.76 -0.69 10.06
C LEU C 935 -31.98 -0.67 10.98
N TYR C 936 -31.85 -1.13 12.21
CA TYR C 936 -32.98 -1.20 13.13
C TYR C 936 -32.70 -0.35 14.35
N ASP C 937 -33.77 0.25 14.89
CA ASP C 937 -33.70 0.99 16.14
C ASP C 937 -33.78 -0.01 17.29
N PRO C 938 -33.54 0.42 18.54
CA PRO C 938 -33.57 -0.54 19.67
C PRO C 938 -34.90 -1.25 19.94
N TYR C 939 -36.03 -0.68 19.54
CA TYR C 939 -37.31 -1.36 19.71
C TYR C 939 -37.37 -2.65 18.92
N MET C 940 -36.81 -2.65 17.70
CA MET C 940 -36.83 -3.84 16.87
C MET C 940 -35.87 -4.91 17.38
N GLU C 941 -34.75 -4.50 17.96
CA GLU C 941 -33.82 -5.47 18.54
C GLU C 941 -34.40 -6.12 19.79
N ALA C 942 -35.14 -5.33 20.58
CA ALA C 942 -35.84 -5.92 21.71
C ALA C 942 -36.95 -6.85 21.26
N ALA C 943 -37.61 -6.52 20.15
CA ALA C 943 -38.63 -7.42 19.57
C ALA C 943 -38.02 -8.74 19.13
N TYR C 944 -36.80 -8.70 18.58
CA TYR C 944 -36.11 -9.92 18.18
C TYR C 944 -35.79 -10.81 19.37
N THR C 945 -35.18 -10.25 20.42
CA THR C 945 -34.83 -11.13 21.53
C THR C 945 -36.03 -11.52 22.40
N SER C 946 -37.14 -10.77 22.34
CA SER C 946 -38.33 -11.22 23.04
C SER C 946 -39.06 -12.31 22.29
N SER C 947 -38.99 -12.29 20.96
CA SER C 947 -39.42 -13.43 20.16
C SER C 947 -38.61 -14.68 20.49
N LEU C 948 -37.30 -14.50 20.68
CA LEU C 948 -36.44 -15.61 21.06
C LEU C 948 -36.79 -16.15 22.44
N LEU C 949 -37.07 -15.28 23.41
CA LEU C 949 -37.44 -15.76 24.74
C LEU C 949 -38.78 -16.46 24.74
N GLY C 950 -39.71 -16.01 23.91
CA GLY C 950 -41.01 -16.63 23.85
C GLY C 950 -41.11 -17.85 22.97
N SER C 951 -40.04 -18.20 22.25
CA SER C 951 -40.04 -19.41 21.43
C SER C 951 -39.40 -20.61 22.12
N ILE C 952 -39.20 -20.58 23.43
CA ILE C 952 -38.43 -21.64 24.10
C ILE C 952 -39.32 -22.76 24.60
N ALA C 953 -40.34 -22.44 25.39
CA ALA C 953 -41.27 -23.45 25.90
C ALA C 953 -42.10 -24.06 24.79
N GLY C 954 -42.15 -25.38 24.75
CA GLY C 954 -42.91 -26.08 23.73
C GLY C 954 -42.33 -25.96 22.33
N ALA C 955 -43.16 -25.46 21.41
CA ALA C 955 -42.81 -25.18 20.01
C ALA C 955 -42.34 -26.45 19.29
N SER C 956 -43.30 -27.37 19.12
CA SER C 956 -43.11 -28.67 18.47
C SER C 956 -42.10 -29.53 19.24
N TRP C 957 -42.56 -30.02 20.40
CA TRP C 957 -41.77 -30.92 21.23
C TRP C 957 -41.73 -32.36 20.71
N THR C 958 -42.00 -32.57 19.43
CA THR C 958 -42.18 -33.90 18.83
C THR C 958 -41.23 -33.98 17.64
N ALA C 959 -41.47 -34.98 16.78
CA ALA C 959 -40.62 -35.28 15.63
C ALA C 959 -40.49 -34.10 14.67
N GLY C 960 -41.59 -33.68 14.07
CA GLY C 960 -41.56 -32.64 13.05
C GLY C 960 -41.40 -31.25 13.60
N LEU C 961 -41.76 -30.26 12.77
CA LEU C 961 -41.59 -28.86 13.12
C LEU C 961 -42.83 -28.02 12.89
N SER C 962 -43.98 -28.62 12.64
CA SER C 962 -45.12 -27.90 12.09
C SER C 962 -46.31 -27.79 13.04
N SER C 963 -46.22 -28.28 14.26
CA SER C 963 -47.26 -28.04 15.24
C SER C 963 -46.70 -27.18 16.35
N PHE C 964 -47.59 -26.65 17.18
CA PHE C 964 -47.17 -25.77 18.27
C PHE C 964 -47.94 -26.15 19.52
N ALA C 965 -47.24 -26.69 20.50
CA ALA C 965 -47.83 -27.03 21.78
C ALA C 965 -47.60 -25.88 22.75
N ALA C 966 -48.65 -25.49 23.45
CA ALA C 966 -48.56 -24.44 24.45
C ALA C 966 -48.43 -25.05 25.85
N ILE C 967 -47.26 -25.62 26.11
CA ILE C 967 -46.99 -26.13 27.45
C ILE C 967 -46.15 -25.08 28.16
N PRO C 968 -46.38 -24.85 29.44
CA PRO C 968 -45.64 -23.80 30.17
C PRO C 968 -44.17 -24.14 30.33
N PHE C 969 -43.44 -23.13 30.83
CA PHE C 969 -41.98 -23.16 30.89
C PHE C 969 -41.47 -24.24 31.83
N ALA C 970 -42.15 -24.44 32.96
CA ALA C 970 -41.68 -25.40 33.97
C ALA C 970 -41.79 -26.83 33.46
N GLN C 971 -42.87 -27.15 32.76
CA GLN C 971 -42.99 -28.47 32.16
C GLN C 971 -42.00 -28.68 31.05
N SER C 972 -41.63 -27.62 30.32
CA SER C 972 -40.60 -27.73 29.30
C SER C 972 -39.24 -28.05 29.90
N ILE C 973 -38.91 -27.43 31.04
CA ILE C 973 -37.64 -27.73 31.71
C ILE C 973 -37.63 -29.17 32.23
N PHE C 974 -38.74 -29.62 32.82
CA PHE C 974 -38.77 -30.98 33.36
C PHE C 974 -38.78 -32.06 32.28
N TYR C 975 -39.37 -31.79 31.12
CA TYR C 975 -39.24 -32.75 30.01
C TYR C 975 -37.86 -32.76 29.40
N ARG C 976 -37.21 -31.59 29.28
CA ARG C 976 -35.82 -31.58 28.83
C ARG C 976 -34.89 -32.30 29.80
N LEU C 977 -35.18 -32.24 31.10
CA LEU C 977 -34.39 -32.98 32.08
C LEU C 977 -34.67 -34.48 32.00
N ASN C 978 -35.93 -34.86 31.82
CA ASN C 978 -36.28 -36.27 31.67
C ASN C 978 -35.64 -36.89 30.42
N GLY C 979 -35.41 -36.09 29.38
CA GLY C 979 -34.79 -36.65 28.21
C GLY C 979 -33.30 -36.84 28.22
N VAL C 980 -32.58 -36.47 29.29
CA VAL C 980 -31.14 -36.68 29.34
C VAL C 980 -30.73 -37.63 30.46
N GLY C 981 -31.67 -38.39 31.02
CA GLY C 981 -31.30 -39.47 31.89
C GLY C 981 -31.74 -39.35 33.33
N ILE C 982 -32.76 -38.55 33.60
CA ILE C 982 -33.30 -38.40 34.94
C ILE C 982 -34.74 -38.89 34.90
N THR C 983 -35.07 -39.84 35.77
CA THR C 983 -36.37 -40.48 35.70
C THR C 983 -37.42 -39.62 36.37
N GLN C 984 -38.69 -39.99 36.16
CA GLN C 984 -39.81 -39.20 36.68
C GLN C 984 -39.92 -39.28 38.18
N GLN C 985 -39.42 -40.36 38.79
CA GLN C 985 -39.45 -40.50 40.23
C GLN C 985 -38.50 -39.51 40.90
N VAL C 986 -37.31 -39.34 40.31
CA VAL C 986 -36.33 -38.40 40.81
C VAL C 986 -36.80 -36.96 40.62
N LEU C 987 -37.38 -36.66 39.47
CA LEU C 987 -37.90 -35.32 39.21
C LEU C 987 -39.09 -35.01 40.11
N SER C 988 -39.88 -36.02 40.46
CA SER C 988 -41.01 -35.80 41.35
C SER C 988 -40.56 -35.61 42.78
N GLU C 989 -39.43 -36.19 43.17
CA GLU C 989 -38.95 -35.98 44.52
C GLU C 989 -38.15 -34.70 44.72
N ASN C 990 -37.60 -34.13 43.65
CA ASN C 990 -36.60 -33.08 43.79
C ASN C 990 -36.98 -31.80 43.05
N GLN C 991 -38.26 -31.43 43.09
CA GLN C 991 -38.75 -30.36 42.22
C GLN C 991 -38.28 -28.98 42.66
N LYS C 992 -38.45 -28.67 43.94
CA LYS C 992 -38.09 -27.35 44.44
C LYS C 992 -36.58 -27.17 44.55
N ILE C 993 -35.85 -28.26 44.80
CA ILE C 993 -34.39 -28.22 44.77
C ILE C 993 -33.87 -27.90 43.37
N ILE C 994 -34.52 -28.45 42.35
CA ILE C 994 -34.12 -28.21 40.97
C ILE C 994 -34.41 -26.76 40.58
N ALA C 995 -35.58 -26.24 40.98
CA ALA C 995 -35.88 -24.84 40.74
C ALA C 995 -34.94 -23.90 41.49
N ASN C 996 -34.53 -24.29 42.70
CA ASN C 996 -33.63 -23.46 43.49
C ASN C 996 -32.23 -23.40 42.90
N LYS C 997 -31.73 -24.55 42.42
CA LYS C 997 -30.40 -24.56 41.80
C LYS C 997 -30.40 -23.84 40.46
N PHE C 998 -31.52 -23.90 39.73
CA PHE C 998 -31.64 -23.15 38.48
C PHE C 998 -31.67 -21.65 38.71
N ASN C 999 -32.44 -21.20 39.72
CA ASN C 999 -32.55 -19.77 40.00
C ASN C 999 -31.23 -19.21 40.52
N GLN C 1000 -30.54 -19.99 41.35
CA GLN C 1000 -29.21 -19.59 41.81
C GLN C 1000 -28.20 -19.56 40.66
N ALA C 1001 -28.36 -20.40 39.64
CA ALA C 1001 -27.45 -20.33 38.50
C ALA C 1001 -27.73 -19.10 37.64
N LEU C 1002 -29.00 -18.78 37.41
CA LEU C 1002 -29.31 -17.57 36.63
C LEU C 1002 -29.02 -16.29 37.38
N GLY C 1003 -28.94 -16.33 38.71
CA GLY C 1003 -28.58 -15.15 39.47
C GLY C 1003 -27.12 -14.74 39.45
N ALA C 1004 -26.24 -15.52 38.83
CA ALA C 1004 -24.81 -15.25 38.85
C ALA C 1004 -24.22 -15.09 37.45
N MET C 1005 -25.02 -14.73 36.46
CA MET C 1005 -24.51 -14.61 35.10
C MET C 1005 -23.67 -13.36 34.91
N GLN C 1006 -23.91 -12.31 35.71
CA GLN C 1006 -23.18 -11.06 35.55
C GLN C 1006 -21.74 -11.15 36.04
N THR C 1007 -21.40 -12.17 36.83
CA THR C 1007 -20.03 -12.35 37.31
C THR C 1007 -19.05 -12.61 36.17
N GLY C 1008 -19.52 -13.19 35.07
CA GLY C 1008 -18.68 -13.43 33.92
C GLY C 1008 -18.36 -12.23 33.06
N PHE C 1009 -18.73 -11.02 33.49
CA PHE C 1009 -18.41 -9.80 32.74
C PHE C 1009 -17.08 -9.19 33.19
N THR C 1010 -16.04 -10.00 33.25
CA THR C 1010 -14.67 -9.59 33.56
C THR C 1010 -13.78 -10.02 32.39
N THR C 1011 -12.47 -9.82 32.53
CA THR C 1011 -11.55 -10.15 31.45
C THR C 1011 -10.81 -11.46 31.67
N THR C 1012 -11.28 -12.29 32.59
CA THR C 1012 -10.86 -13.68 32.59
C THR C 1012 -11.73 -14.51 31.63
N ASN C 1013 -12.95 -14.05 31.38
CA ASN C 1013 -13.88 -14.74 30.52
C ASN C 1013 -13.63 -14.41 29.05
N LEU C 1014 -13.73 -15.42 28.18
CA LEU C 1014 -13.37 -15.25 26.78
C LEU C 1014 -14.41 -14.45 26.01
N ALA C 1015 -15.69 -14.62 26.33
CA ALA C 1015 -16.74 -13.98 25.55
C ALA C 1015 -16.79 -12.47 25.79
N PHE C 1016 -16.50 -12.05 27.02
CA PHE C 1016 -16.43 -10.63 27.32
C PHE C 1016 -15.21 -9.98 26.65
N ASN C 1017 -14.08 -10.71 26.62
CA ASN C 1017 -12.93 -10.27 25.84
C ASN C 1017 -13.23 -10.15 24.35
N LYS C 1018 -14.12 -10.99 23.83
CA LYS C 1018 -14.50 -10.87 22.42
C LYS C 1018 -15.38 -9.65 22.16
N VAL C 1019 -16.32 -9.36 23.07
CA VAL C 1019 -17.13 -8.14 23.00
C VAL C 1019 -16.25 -6.90 22.97
N GLN C 1020 -15.29 -6.85 23.89
CA GLN C 1020 -14.36 -5.73 23.98
C GLN C 1020 -13.46 -5.63 22.74
N ASP C 1021 -13.05 -6.78 22.19
CA ASP C 1021 -12.25 -6.81 20.97
C ASP C 1021 -12.98 -6.20 19.78
N ALA C 1022 -14.27 -6.50 19.63
CA ALA C 1022 -15.01 -5.96 18.48
C ALA C 1022 -15.23 -4.45 18.62
N VAL C 1023 -15.46 -3.97 19.86
CA VAL C 1023 -15.53 -2.53 20.11
C VAL C 1023 -14.21 -1.83 19.77
N ASN C 1024 -13.10 -2.41 20.23
CA ASN C 1024 -11.78 -1.84 19.97
C ASN C 1024 -11.43 -1.84 18.49
N ALA C 1025 -11.88 -2.84 17.74
CA ALA C 1025 -11.60 -2.88 16.31
C ALA C 1025 -12.32 -1.76 15.56
N ASN C 1026 -13.60 -1.51 15.92
CA ASN C 1026 -14.31 -0.39 15.32
C ASN C 1026 -13.67 0.96 15.66
N ALA C 1027 -13.18 1.12 16.89
CA ALA C 1027 -12.52 2.39 17.22
C ALA C 1027 -11.15 2.54 16.57
N MET C 1028 -10.45 1.43 16.36
CA MET C 1028 -9.11 1.48 15.79
C MET C 1028 -9.13 1.84 14.31
N ALA C 1029 -10.15 1.37 13.57
CA ALA C 1029 -10.30 1.79 12.16
C ALA C 1029 -10.42 3.31 12.02
N LEU C 1030 -11.22 3.95 12.88
CA LEU C 1030 -11.39 5.39 12.80
C LEU C 1030 -10.15 6.14 13.25
N SER C 1031 -9.48 5.63 14.30
CA SER C 1031 -8.21 6.22 14.74
C SER C 1031 -7.16 6.22 13.64
N LYS C 1032 -7.06 5.11 12.92
CA LYS C 1032 -6.10 5.03 11.82
C LYS C 1032 -6.49 5.92 10.66
N LEU C 1033 -7.79 6.12 10.41
CA LEU C 1033 -8.20 7.04 9.35
C LEU C 1033 -7.83 8.48 9.69
N ALA C 1034 -8.09 8.91 10.91
CA ALA C 1034 -7.80 10.28 11.30
C ALA C 1034 -6.31 10.55 11.53
N ALA C 1035 -5.49 9.53 11.81
CA ALA C 1035 -4.09 9.81 12.07
C ALA C 1035 -3.25 9.99 10.81
N GLU C 1036 -3.69 9.50 9.66
CA GLU C 1036 -2.92 9.65 8.43
C GLU C 1036 -2.93 11.07 7.88
N LEU C 1037 -3.77 11.96 8.39
CA LEU C 1037 -3.76 13.35 7.95
C LEU C 1037 -2.64 14.17 8.58
N SER C 1038 -1.89 13.61 9.51
CA SER C 1038 -0.71 14.26 10.07
C SER C 1038 0.59 13.68 9.51
N ASN C 1039 0.52 12.85 8.49
CA ASN C 1039 1.69 12.33 7.78
C ASN C 1039 2.16 13.39 6.78
N THR C 1040 3.42 13.81 6.87
CA THR C 1040 3.92 14.75 5.87
C THR C 1040 4.20 14.09 4.54
N PHE C 1041 4.42 12.76 4.52
CA PHE C 1041 4.80 11.96 3.34
C PHE C 1041 6.06 12.47 2.66
N GLY C 1042 6.97 13.07 3.43
CA GLY C 1042 8.14 13.70 2.87
C GLY C 1042 7.97 15.11 2.35
N ALA C 1043 6.87 15.79 2.64
CA ALA C 1043 6.75 17.22 2.33
C ALA C 1043 7.14 18.05 3.55
N ILE C 1044 7.14 19.37 3.38
CA ILE C 1044 7.59 20.22 4.46
C ILE C 1044 6.57 20.29 5.58
N SER C 1045 5.31 19.99 5.31
CA SER C 1045 4.26 20.03 6.30
C SER C 1045 3.17 19.09 5.84
N SER C 1046 2.25 18.77 6.75
CA SER C 1046 1.01 18.09 6.38
C SER C 1046 -0.15 19.07 6.26
N SER C 1047 0.06 20.32 6.60
CA SER C 1047 -0.93 21.39 6.48
C SER C 1047 -0.76 22.06 5.12
N ILE C 1048 -1.82 22.03 4.30
CA ILE C 1048 -1.80 22.66 2.99
C ILE C 1048 -1.67 24.18 3.09
N SER C 1049 -2.25 24.76 4.14
CA SER C 1049 -2.19 26.20 4.38
C SER C 1049 -0.77 26.68 4.64
N ASP C 1050 0.05 25.87 5.33
CA ASP C 1050 1.46 26.17 5.52
C ASP C 1050 2.25 26.09 4.21
N ILE C 1051 1.97 25.08 3.39
CA ILE C 1051 2.68 24.92 2.13
C ILE C 1051 2.39 26.09 1.21
N LEU C 1052 1.13 26.53 1.16
CA LEU C 1052 0.79 27.71 0.39
C LEU C 1052 1.38 28.98 1.00
N ALA C 1053 1.58 29.00 2.31
CA ALA C 1053 2.16 30.19 2.93
C ALA C 1053 3.67 30.31 2.74
N ARG C 1054 4.39 29.21 2.50
CA ARG C 1054 5.85 29.28 2.51
C ARG C 1054 6.52 29.07 1.17
N LEU C 1055 5.80 28.68 0.13
CA LEU C 1055 6.45 28.36 -1.13
C LEU C 1055 5.81 29.15 -2.26
N ASP C 1056 6.44 29.11 -3.42
CA ASP C 1056 5.86 29.64 -4.64
C ASP C 1056 5.18 28.53 -5.44
N THR C 1057 4.51 28.93 -6.52
CA THR C 1057 3.52 28.12 -7.24
C THR C 1057 4.11 26.81 -7.78
N VAL C 1058 5.31 26.88 -8.35
CA VAL C 1058 5.95 25.72 -8.95
C VAL C 1058 6.34 24.70 -7.87
N GLU C 1059 6.78 25.16 -6.71
CA GLU C 1059 7.13 24.24 -5.64
C GLU C 1059 5.93 23.78 -4.85
N GLN C 1060 4.87 24.61 -4.83
CA GLN C 1060 3.62 24.22 -4.22
C GLN C 1060 3.04 22.99 -4.91
N GLU C 1061 3.12 22.95 -6.24
CA GLU C 1061 2.62 21.80 -7.00
C GLU C 1061 3.27 20.49 -6.59
N ALA C 1062 4.61 20.46 -6.53
CA ALA C 1062 5.33 19.25 -6.17
C ALA C 1062 5.09 18.86 -4.72
N GLN C 1063 4.99 19.84 -3.82
CA GLN C 1063 4.76 19.52 -2.43
C GLN C 1063 3.33 19.06 -2.15
N ILE C 1064 2.35 19.54 -2.91
CA ILE C 1064 0.95 19.15 -2.67
C ILE C 1064 0.64 17.80 -3.30
N ASP C 1065 1.30 17.47 -4.42
CA ASP C 1065 1.02 16.19 -5.04
C ASP C 1065 1.61 15.01 -4.25
N ARG C 1066 2.60 15.26 -3.38
CA ARG C 1066 3.06 14.25 -2.43
C ARG C 1066 1.96 13.88 -1.44
N LEU C 1067 1.30 14.88 -0.88
CA LEU C 1067 0.21 14.64 0.05
C LEU C 1067 -0.94 13.95 -0.65
N ILE C 1068 -1.20 14.30 -1.91
CA ILE C 1068 -2.33 13.71 -2.63
C ILE C 1068 -2.11 12.23 -2.87
N ASN C 1069 -0.93 11.86 -3.38
CA ASN C 1069 -0.62 10.46 -3.64
C ASN C 1069 -0.57 9.65 -2.35
N GLY C 1070 -0.02 10.22 -1.28
CA GLY C 1070 -0.03 9.55 0.01
C GLY C 1070 -1.41 9.29 0.58
N ARG C 1071 -2.26 10.32 0.60
CA ARG C 1071 -3.59 10.19 1.19
C ARG C 1071 -4.50 9.28 0.37
N LEU C 1072 -4.29 9.23 -0.96
CA LEU C 1072 -5.05 8.29 -1.78
C LEU C 1072 -4.63 6.86 -1.54
N THR C 1073 -3.32 6.60 -1.37
CA THR C 1073 -2.86 5.26 -1.06
C THR C 1073 -3.37 4.79 0.31
N SER C 1074 -3.40 5.70 1.28
CA SER C 1074 -3.97 5.39 2.59
C SER C 1074 -5.46 5.04 2.51
N LEU C 1075 -6.23 5.78 1.71
CA LEU C 1075 -7.65 5.48 1.56
C LEU C 1075 -7.89 4.13 0.90
N ASN C 1076 -7.04 3.75 -0.07
CA ASN C 1076 -7.13 2.41 -0.66
C ASN C 1076 -6.90 1.31 0.39
N ALA C 1077 -5.93 1.51 1.28
CA ALA C 1077 -5.71 0.53 2.35
C ALA C 1077 -6.90 0.44 3.32
N PHE C 1078 -7.54 1.58 3.63
CA PHE C 1078 -8.73 1.58 4.48
C PHE C 1078 -9.90 0.82 3.85
N VAL C 1079 -10.11 1.03 2.55
CA VAL C 1079 -11.17 0.31 1.84
C VAL C 1079 -10.92 -1.21 1.83
N ALA C 1080 -9.66 -1.60 1.60
CA ALA C 1080 -9.32 -3.03 1.55
C ALA C 1080 -9.52 -3.71 2.90
N GLN C 1081 -9.22 -3.01 4.00
CA GLN C 1081 -9.49 -3.60 5.31
C GLN C 1081 -10.99 -3.65 5.64
N GLN C 1082 -11.79 -2.67 5.16
CA GLN C 1082 -13.22 -2.68 5.45
C GLN C 1082 -13.94 -3.81 4.72
N LEU C 1083 -13.50 -4.16 3.50
CA LEU C 1083 -14.13 -5.26 2.78
C LEU C 1083 -13.93 -6.60 3.48
N VAL C 1084 -12.73 -6.81 4.04
CA VAL C 1084 -12.40 -8.04 4.74
C VAL C 1084 -13.18 -8.14 6.05
N ARG C 1085 -13.34 -7.03 6.77
CA ARG C 1085 -14.13 -7.08 8.00
C ARG C 1085 -15.62 -7.28 7.74
N THR C 1086 -16.15 -6.72 6.64
CA THR C 1086 -17.55 -6.93 6.29
C THR C 1086 -17.84 -8.38 5.92
N GLU C 1087 -16.92 -9.01 5.19
CA GLU C 1087 -17.11 -10.42 4.83
C GLU C 1087 -17.02 -11.34 6.06
N ALA C 1088 -16.11 -11.03 6.99
CA ALA C 1088 -16.02 -11.81 8.22
C ALA C 1088 -17.28 -11.68 9.09
N ALA C 1089 -17.84 -10.47 9.21
CA ALA C 1089 -19.08 -10.32 9.96
C ALA C 1089 -20.25 -11.00 9.28
N ALA C 1090 -20.24 -11.11 7.95
CA ALA C 1090 -21.30 -11.83 7.29
C ALA C 1090 -21.21 -13.34 7.54
N ARG C 1091 -20.01 -13.89 7.64
CA ARG C 1091 -19.90 -15.30 7.98
C ARG C 1091 -20.31 -15.58 9.42
N SER C 1092 -19.94 -14.70 10.35
CA SER C 1092 -20.35 -15.00 11.72
C SER C 1092 -21.82 -14.71 11.98
N ALA C 1093 -22.51 -13.92 11.15
CA ALA C 1093 -23.95 -13.82 11.28
C ALA C 1093 -24.66 -15.14 10.92
N GLN C 1094 -24.10 -15.88 9.96
CA GLN C 1094 -24.64 -17.20 9.62
C GLN C 1094 -24.36 -18.22 10.71
N LEU C 1095 -23.20 -18.10 11.35
CA LEU C 1095 -22.93 -18.92 12.52
C LEU C 1095 -23.89 -18.60 13.68
N ALA C 1096 -24.20 -17.32 13.89
CA ALA C 1096 -25.12 -16.93 14.97
C ALA C 1096 -26.53 -17.43 14.71
N GLN C 1097 -26.95 -17.43 13.44
CA GLN C 1097 -28.24 -18.02 13.07
C GLN C 1097 -28.29 -19.51 13.38
N ASP C 1098 -27.21 -20.24 13.08
CA ASP C 1098 -27.17 -21.67 13.40
C ASP C 1098 -27.22 -21.91 14.91
N LYS C 1099 -26.57 -21.06 15.70
CA LYS C 1099 -26.63 -21.19 17.16
C LYS C 1099 -28.02 -20.91 17.72
N VAL C 1100 -28.72 -19.91 17.16
CA VAL C 1100 -30.09 -19.63 17.57
C VAL C 1100 -31.00 -20.81 17.23
N ASN C 1101 -30.86 -21.37 16.03
CA ASN C 1101 -31.76 -22.44 15.61
C ASN C 1101 -31.51 -23.73 16.37
N GLU C 1102 -30.25 -24.05 16.68
CA GLU C 1102 -29.97 -25.34 17.27
C GLU C 1102 -29.79 -25.33 18.78
N CYS C 1103 -29.55 -24.18 19.41
CA CYS C 1103 -29.38 -24.16 20.86
C CYS C 1103 -30.48 -23.43 21.60
N VAL C 1104 -31.06 -22.40 21.00
CA VAL C 1104 -32.13 -21.65 21.65
C VAL C 1104 -33.49 -22.23 21.34
N LYS C 1105 -33.78 -22.49 20.07
CA LYS C 1105 -35.10 -22.91 19.66
C LYS C 1105 -35.31 -24.41 19.67
N SER C 1106 -34.27 -25.20 19.93
CA SER C 1106 -34.42 -26.64 19.90
C SER C 1106 -33.42 -27.26 20.86
N GLN C 1107 -33.34 -28.58 20.85
CA GLN C 1107 -32.39 -29.34 21.66
C GLN C 1107 -31.49 -30.12 20.71
N SER C 1108 -30.22 -29.71 20.63
CA SER C 1108 -29.28 -30.26 19.67
C SER C 1108 -28.79 -31.64 20.08
N LYS C 1109 -28.51 -32.46 19.07
CA LYS C 1109 -27.88 -33.77 19.25
C LYS C 1109 -26.40 -33.76 18.88
N ARG C 1110 -25.74 -32.61 18.97
CA ARG C 1110 -24.32 -32.47 18.65
C ARG C 1110 -23.55 -32.26 19.93
N ASN C 1111 -22.60 -33.14 20.20
CA ASN C 1111 -21.79 -33.09 21.42
C ASN C 1111 -20.91 -31.84 21.42
N GLY C 1112 -21.00 -31.07 22.49
CA GLY C 1112 -20.14 -29.93 22.70
C GLY C 1112 -20.55 -28.64 22.00
N PHE C 1113 -21.67 -28.60 21.30
CA PHE C 1113 -22.00 -27.46 20.46
C PHE C 1113 -22.60 -26.31 21.26
N CYS C 1114 -23.34 -26.59 22.32
CA CYS C 1114 -24.03 -25.57 23.09
C CYS C 1114 -23.48 -25.57 24.51
N GLY C 1115 -22.16 -25.54 24.62
CA GLY C 1115 -21.50 -25.43 25.90
C GLY C 1115 -21.04 -26.77 26.44
N THR C 1116 -20.40 -26.70 27.61
CA THR C 1116 -19.88 -27.88 28.28
C THR C 1116 -20.95 -28.50 29.18
N GLY C 1117 -20.88 -29.81 29.33
CA GLY C 1117 -21.83 -30.52 30.15
C GLY C 1117 -22.96 -31.13 29.33
N THR C 1118 -24.06 -31.36 30.02
CA THR C 1118 -25.29 -31.87 29.42
C THR C 1118 -26.23 -30.69 29.24
N HIS C 1119 -26.44 -30.28 27.99
CA HIS C 1119 -27.16 -29.06 27.69
C HIS C 1119 -28.63 -29.14 28.07
N ILE C 1120 -29.11 -28.13 28.78
CA ILE C 1120 -30.52 -28.05 29.17
C ILE C 1120 -31.26 -26.96 28.40
N VAL C 1121 -30.77 -25.72 28.45
CA VAL C 1121 -31.50 -24.60 27.83
C VAL C 1121 -30.54 -23.46 27.55
N SER C 1122 -30.81 -22.70 26.49
CA SER C 1122 -30.00 -21.54 26.12
C SER C 1122 -30.86 -20.29 25.98
N PHE C 1123 -30.26 -19.13 26.29
CA PHE C 1123 -30.87 -17.82 26.10
C PHE C 1123 -29.93 -16.91 25.32
N ALA C 1124 -30.51 -15.99 24.54
CA ALA C 1124 -29.74 -15.01 23.79
C ALA C 1124 -30.19 -13.59 24.11
N ILE C 1125 -29.22 -12.67 24.22
CA ILE C 1125 -29.47 -11.25 24.39
C ILE C 1125 -28.66 -10.46 23.36
N ASN C 1126 -29.07 -9.20 23.16
CA ASN C 1126 -28.31 -8.28 22.33
C ASN C 1126 -27.07 -7.78 23.05
N ALA C 1127 -25.99 -7.62 22.31
CA ALA C 1127 -24.71 -7.15 22.81
C ALA C 1127 -24.17 -6.17 21.78
N PRO C 1128 -23.21 -5.31 22.17
CA PRO C 1128 -22.55 -4.44 21.18
C PRO C 1128 -21.93 -5.23 20.04
N ASN C 1129 -22.49 -5.02 18.85
CA ASN C 1129 -22.17 -5.62 17.57
C ASN C 1129 -22.55 -7.09 17.46
N GLY C 1130 -23.44 -7.61 18.30
CA GLY C 1130 -23.88 -8.98 18.02
C GLY C 1130 -24.76 -9.58 19.09
N LEU C 1131 -24.58 -10.88 19.28
CA LEU C 1131 -25.45 -11.68 20.13
C LEU C 1131 -24.64 -12.37 21.22
N TYR C 1132 -25.23 -12.44 22.42
CA TYR C 1132 -24.58 -13.02 23.58
C TYR C 1132 -25.45 -14.15 24.11
N PHE C 1133 -24.84 -15.31 24.30
CA PHE C 1133 -25.54 -16.55 24.61
C PHE C 1133 -25.20 -17.01 26.01
N PHE C 1134 -26.20 -17.53 26.71
CA PHE C 1134 -26.06 -18.20 28.00
C PHE C 1134 -26.55 -19.63 27.83
N HIS C 1135 -25.64 -20.61 27.93
CA HIS C 1135 -25.99 -22.03 27.85
C HIS C 1135 -26.03 -22.59 29.27
N VAL C 1136 -27.18 -23.12 29.65
CA VAL C 1136 -27.37 -23.73 30.95
C VAL C 1136 -27.29 -25.23 30.75
N GLY C 1137 -26.28 -25.83 31.36
CA GLY C 1137 -26.04 -27.24 31.31
C GLY C 1137 -26.05 -27.89 32.67
N TYR C 1138 -26.34 -29.18 32.67
CA TYR C 1138 -26.33 -30.02 33.87
C TYR C 1138 -24.91 -30.49 34.15
N GLN C 1139 -24.43 -30.24 35.37
CA GLN C 1139 -23.08 -30.54 35.78
C GLN C 1139 -23.11 -31.43 37.02
N PRO C 1140 -22.48 -32.59 37.04
CA PRO C 1140 -22.46 -33.41 38.25
C PRO C 1140 -21.39 -32.97 39.22
N THR C 1141 -21.67 -33.14 40.51
CA THR C 1141 -20.71 -32.74 41.55
C THR C 1141 -20.14 -33.90 42.36
N SER C 1142 -20.94 -34.91 42.72
CA SER C 1142 -20.42 -36.14 43.29
C SER C 1142 -21.05 -37.32 42.58
N HIS C 1143 -20.44 -38.50 42.71
CA HIS C 1143 -20.90 -39.68 42.01
C HIS C 1143 -20.76 -40.92 42.87
N VAL C 1144 -21.08 -42.06 42.28
CA VAL C 1144 -20.90 -43.37 42.89
C VAL C 1144 -20.39 -44.34 41.84
N ASN C 1145 -19.70 -45.39 42.31
CA ASN C 1145 -19.16 -46.44 41.46
C ASN C 1145 -20.12 -47.62 41.49
N ALA C 1146 -20.80 -47.86 40.39
CA ALA C 1146 -21.81 -48.90 40.34
C ALA C 1146 -21.33 -50.05 39.48
N THR C 1147 -21.74 -51.25 39.88
CA THR C 1147 -21.49 -52.47 39.13
C THR C 1147 -22.64 -52.64 38.14
N ALA C 1148 -22.30 -52.62 36.86
CA ALA C 1148 -23.29 -52.69 35.82
C ALA C 1148 -23.16 -53.99 35.04
N ALA C 1149 -24.25 -54.35 34.39
CA ALA C 1149 -24.33 -55.49 33.50
C ALA C 1149 -24.56 -54.98 32.08
N TYR C 1150 -24.05 -55.73 31.10
CA TYR C 1150 -24.29 -55.37 29.71
C TYR C 1150 -25.72 -55.70 29.30
N GLY C 1151 -26.32 -56.69 29.93
CA GLY C 1151 -27.62 -57.18 29.53
C GLY C 1151 -27.95 -58.35 30.42
N LEU C 1152 -29.17 -58.83 30.28
CA LEU C 1152 -29.68 -59.89 31.13
C LEU C 1152 -30.34 -60.96 30.29
N CYS C 1153 -30.23 -62.20 30.74
CA CYS C 1153 -30.65 -63.36 29.95
C CYS C 1153 -31.59 -64.26 30.71
N ASN C 1154 -31.90 -65.41 30.13
CA ASN C 1154 -33.06 -66.19 30.50
C ASN C 1154 -32.73 -67.61 30.95
N THR C 1155 -31.75 -68.26 30.33
CA THR C 1155 -31.53 -69.72 30.37
C THR C 1155 -32.80 -70.48 29.98
N GLU C 1156 -33.19 -70.30 28.72
CA GLU C 1156 -34.41 -70.92 28.22
C GLU C 1156 -34.22 -71.26 26.74
N ASN C 1157 -35.23 -71.89 26.17
CA ASN C 1157 -35.27 -72.16 24.73
C ASN C 1157 -36.74 -72.10 24.34
N PRO C 1158 -37.21 -70.98 23.75
CA PRO C 1158 -36.56 -69.73 23.31
C PRO C 1158 -36.02 -68.84 24.41
N GLN C 1159 -34.85 -68.25 24.16
CA GLN C 1159 -34.11 -67.47 25.15
C GLN C 1159 -34.30 -65.98 24.89
N LYS C 1160 -34.66 -65.24 25.93
CA LYS C 1160 -34.96 -63.82 25.82
C LYS C 1160 -33.87 -62.99 26.48
N CYS C 1161 -33.50 -61.90 25.83
CA CYS C 1161 -32.47 -60.99 26.30
C CYS C 1161 -32.99 -59.56 26.30
N ILE C 1162 -32.69 -58.82 27.37
CA ILE C 1162 -33.08 -57.42 27.47
C ILE C 1162 -31.85 -56.56 27.71
N ALA C 1163 -31.94 -55.31 27.29
CA ALA C 1163 -30.94 -54.26 27.48
C ALA C 1163 -31.64 -52.99 27.95
N PRO C 1164 -30.97 -52.11 28.70
CA PRO C 1164 -31.66 -50.93 29.22
C PRO C 1164 -31.74 -49.79 28.21
N ILE C 1165 -32.75 -48.96 28.39
CA ILE C 1165 -33.02 -47.78 27.55
C ILE C 1165 -32.65 -46.54 28.35
N ASP C 1166 -31.61 -45.82 27.89
CA ASP C 1166 -31.16 -44.54 28.46
C ASP C 1166 -30.71 -44.66 29.92
N GLY C 1167 -30.02 -45.74 30.24
CA GLY C 1167 -29.66 -45.98 31.62
C GLY C 1167 -28.88 -47.26 31.75
N TYR C 1168 -28.82 -47.77 32.97
CA TYR C 1168 -27.99 -48.92 33.28
C TYR C 1168 -28.72 -49.92 34.14
N PHE C 1169 -28.45 -51.21 33.89
CA PHE C 1169 -28.78 -52.27 34.84
C PHE C 1169 -27.67 -52.34 35.88
N VAL C 1170 -28.01 -52.09 37.15
CA VAL C 1170 -27.02 -52.00 38.22
C VAL C 1170 -27.43 -52.86 39.41
N LEU C 1171 -26.50 -53.01 40.34
CA LEU C 1171 -26.78 -53.56 41.66
C LEU C 1171 -27.04 -52.43 42.65
N ASN C 1172 -27.92 -52.67 43.61
CA ASN C 1172 -28.18 -51.71 44.69
C ASN C 1172 -27.17 -51.98 45.79
N GLN C 1173 -26.02 -51.32 45.71
CA GLN C 1173 -24.80 -51.73 46.42
C GLN C 1173 -24.63 -50.97 47.73
N THR C 1174 -25.74 -50.70 48.40
CA THR C 1174 -25.67 -50.20 49.78
C THR C 1174 -25.41 -51.35 50.76
N THR C 1175 -25.64 -52.59 50.34
CA THR C 1175 -25.24 -53.78 51.08
C THR C 1175 -24.31 -54.58 50.19
N SER C 1176 -23.01 -54.50 50.48
CA SER C 1176 -22.00 -55.16 49.67
C SER C 1176 -21.84 -56.62 50.12
N THR C 1177 -21.00 -57.34 49.36
CA THR C 1177 -20.61 -58.74 49.61
C THR C 1177 -21.84 -59.66 49.64
N VAL C 1178 -22.46 -59.77 48.47
CA VAL C 1178 -23.65 -60.57 48.28
C VAL C 1178 -23.31 -61.75 47.37
N ALA C 1179 -24.28 -62.63 47.14
CA ALA C 1179 -24.06 -63.82 46.33
C ALA C 1179 -24.59 -63.59 44.91
N ASP C 1180 -24.59 -64.66 44.10
CA ASP C 1180 -25.15 -64.57 42.76
C ASP C 1180 -26.68 -64.69 42.77
N SER C 1181 -27.23 -65.44 43.74
CA SER C 1181 -28.68 -65.41 43.94
C SER C 1181 -29.11 -64.08 44.52
N ASP C 1182 -28.26 -63.44 45.32
CA ASP C 1182 -28.52 -62.10 45.82
C ASP C 1182 -28.14 -61.01 44.83
N GLN C 1183 -27.80 -61.38 43.59
CA GLN C 1183 -27.67 -60.41 42.52
C GLN C 1183 -29.05 -60.17 41.91
N GLN C 1184 -29.87 -59.45 42.67
CA GLN C 1184 -31.03 -58.78 42.13
C GLN C 1184 -30.57 -57.53 41.38
N TRP C 1185 -31.05 -57.36 40.15
CA TRP C 1185 -30.65 -56.24 39.33
C TRP C 1185 -31.75 -55.20 39.27
N TYR C 1186 -31.36 -53.95 39.01
CA TYR C 1186 -32.27 -52.83 38.98
C TYR C 1186 -31.94 -51.94 37.79
N TYR C 1187 -32.81 -51.00 37.52
CA TYR C 1187 -32.60 -49.97 36.52
C TYR C 1187 -32.25 -48.66 37.22
N THR C 1188 -31.29 -47.92 36.67
CA THR C 1188 -31.09 -46.54 37.03
C THR C 1188 -30.96 -45.70 35.77
N GLY C 1189 -31.47 -44.48 35.85
CA GLY C 1189 -31.20 -43.51 34.81
C GLY C 1189 -29.74 -43.11 34.77
N SER C 1190 -29.30 -42.65 33.61
CA SER C 1190 -27.87 -42.45 33.41
C SER C 1190 -27.34 -41.16 34.03
N SER C 1191 -28.19 -40.24 34.46
CA SER C 1191 -27.68 -38.99 35.01
C SER C 1191 -27.90 -38.85 36.50
N PHE C 1192 -28.66 -39.73 37.13
CA PHE C 1192 -28.83 -39.67 38.58
C PHE C 1192 -28.99 -41.08 39.12
N PHE C 1193 -28.18 -41.44 40.11
CA PHE C 1193 -28.25 -42.78 40.67
C PHE C 1193 -29.49 -42.94 41.55
N HIS C 1194 -30.42 -43.77 41.09
CA HIS C 1194 -31.64 -44.07 41.83
C HIS C 1194 -32.23 -45.39 41.34
N PRO C 1195 -31.91 -46.52 41.98
CA PRO C 1195 -32.35 -47.82 41.47
C PRO C 1195 -33.85 -48.05 41.63
N GLU C 1196 -34.49 -48.45 40.55
CA GLU C 1196 -35.91 -48.77 40.49
C GLU C 1196 -36.07 -50.16 39.90
N PRO C 1197 -37.27 -50.75 39.96
CA PRO C 1197 -37.46 -52.05 39.30
C PRO C 1197 -37.33 -52.02 37.78
N ILE C 1198 -36.99 -53.18 37.22
CA ILE C 1198 -36.82 -53.38 35.78
C ILE C 1198 -38.15 -53.80 35.19
N THR C 1199 -38.62 -53.07 34.19
CA THR C 1199 -39.92 -53.30 33.58
C THR C 1199 -39.82 -53.18 32.07
N GLU C 1200 -40.98 -53.32 31.41
CA GLU C 1200 -41.09 -53.07 29.97
C GLU C 1200 -40.94 -51.60 29.61
N ALA C 1201 -41.07 -50.70 30.60
CA ALA C 1201 -40.92 -49.28 30.34
C ALA C 1201 -39.46 -48.85 30.20
N ASN C 1202 -38.53 -49.54 30.86
CA ASN C 1202 -37.14 -49.10 30.86
C ASN C 1202 -36.17 -50.13 30.28
N SER C 1203 -36.68 -51.16 29.59
CA SER C 1203 -35.83 -52.12 28.91
C SER C 1203 -36.41 -52.48 27.55
N LYS C 1204 -35.54 -52.96 26.67
CA LYS C 1204 -35.93 -53.44 25.36
C LYS C 1204 -35.38 -54.84 25.13
N TYR C 1205 -35.93 -55.52 24.13
CA TYR C 1205 -35.48 -56.85 23.74
C TYR C 1205 -34.38 -56.75 22.71
N VAL C 1206 -33.35 -57.59 22.87
CA VAL C 1206 -32.21 -57.62 21.96
C VAL C 1206 -31.89 -59.07 21.63
N SER C 1207 -30.96 -59.25 20.72
CA SER C 1207 -30.49 -60.59 20.38
C SER C 1207 -29.34 -60.98 21.29
N MET C 1208 -29.11 -62.29 21.38
CA MET C 1208 -28.23 -62.86 22.39
C MET C 1208 -26.78 -62.43 22.23
N ASP C 1209 -26.17 -62.02 23.34
CA ASP C 1209 -24.77 -61.63 23.40
C ASP C 1209 -24.10 -62.43 24.51
N VAL C 1210 -22.81 -62.74 24.33
CA VAL C 1210 -22.13 -63.62 25.28
C VAL C 1210 -21.64 -62.91 26.53
N LYS C 1211 -21.62 -61.58 26.55
CA LYS C 1211 -21.28 -60.87 27.77
C LYS C 1211 -22.46 -60.69 28.71
N PHE C 1212 -23.64 -61.18 28.35
CA PHE C 1212 -24.84 -60.95 29.14
C PHE C 1212 -24.92 -61.92 30.30
N GLU C 1213 -25.34 -61.42 31.45
CA GLU C 1213 -25.46 -62.26 32.65
C GLU C 1213 -26.59 -63.26 32.50
N ASN C 1214 -26.33 -64.51 32.85
CA ASN C 1214 -27.32 -65.57 32.75
C ASN C 1214 -28.09 -65.69 34.06
N LEU C 1215 -29.41 -65.61 33.99
CA LEU C 1215 -30.24 -65.56 35.18
C LEU C 1215 -31.08 -66.83 35.31
N THR C 1216 -31.12 -67.37 36.52
CA THR C 1216 -31.95 -68.53 36.82
C THR C 1216 -33.04 -68.24 37.85
N ASN C 1217 -32.72 -67.52 38.92
CA ASN C 1217 -33.73 -66.95 39.81
C ASN C 1217 -33.62 -65.44 39.75
N ARG C 1218 -34.55 -64.78 40.45
CA ARG C 1218 -34.73 -63.33 40.50
C ARG C 1218 -34.92 -62.75 39.09
N LEU C 1219 -36.01 -63.17 38.47
CA LEU C 1219 -36.16 -62.76 37.09
C LEU C 1219 -37.07 -61.55 36.96
N PRO C 1220 -36.69 -60.58 36.13
CA PRO C 1220 -37.58 -59.46 35.83
C PRO C 1220 -38.80 -59.93 35.03
N PRO C 1221 -39.91 -59.21 35.10
CA PRO C 1221 -41.13 -59.61 34.36
C PRO C 1221 -41.01 -59.56 32.84
N PRO C 1222 -40.15 -58.74 32.22
CA PRO C 1222 -39.88 -58.98 30.79
C PRO C 1222 -39.12 -60.26 30.50
N LEU C 1223 -38.39 -60.82 31.46
CA LEU C 1223 -37.68 -62.07 31.28
C LEU C 1223 -38.44 -63.25 31.86
N LEU C 1224 -39.67 -63.04 32.31
CA LEU C 1224 -40.47 -64.10 32.90
C LEU C 1224 -41.06 -64.99 31.82
N SER C 1225 -41.09 -66.29 32.10
CA SER C 1225 -41.71 -67.26 31.19
C SER C 1225 -43.21 -66.99 31.17
N ASN C 1226 -43.67 -66.40 30.07
CA ASN C 1226 -44.96 -65.72 30.02
C ASN C 1226 -46.11 -66.72 30.01
N SER C 1227 -46.43 -67.25 31.18
CA SER C 1227 -47.48 -68.24 31.34
C SER C 1227 -48.19 -68.00 32.66
N THR C 1228 -49.44 -67.55 32.57
CA THR C 1228 -50.24 -67.27 33.76
C THR C 1228 -51.18 -68.43 34.06
C1 NAG D . -5.19 55.27 -24.70
C2 NAG D . -3.92 55.95 -25.18
C3 NAG D . -3.64 57.20 -24.34
C4 NAG D . -4.85 58.11 -24.25
C5 NAG D . -6.09 57.32 -23.84
C6 NAG D . -7.37 58.12 -23.93
C7 NAG D . -1.81 55.06 -26.01
C8 NAG D . -0.73 54.05 -25.83
N2 NAG D . -2.80 55.05 -25.13
O3 NAG D . -2.54 57.92 -24.91
O4 NAG D . -4.61 59.10 -23.24
O5 NAG D . -6.26 56.19 -24.71
O6 NAG D . -8.10 58.07 -22.71
O7 NAG D . -1.78 55.87 -26.94
C1 NAG D . -4.56 60.46 -23.75
C2 NAG D . -4.86 61.39 -22.56
C3 NAG D . -4.75 62.85 -22.99
C4 NAG D . -3.43 63.13 -23.67
C5 NAG D . -3.21 62.15 -24.82
C6 NAG D . -1.86 62.31 -25.48
C7 NAG D . -6.35 60.90 -20.69
C8 NAG D . -7.77 60.62 -20.28
N2 NAG D . -6.16 61.11 -21.99
O3 NAG D . -4.89 63.68 -21.85
O4 NAG D . -3.40 64.47 -24.16
O5 NAG D . -3.29 60.80 -24.34
O6 NAG D . -1.73 63.60 -26.05
O7 NAG D . -5.44 60.92 -19.89
C1 NAG E . -11.75 42.40 -45.37
C2 NAG E . -10.39 42.63 -46.00
C3 NAG E . -10.02 44.11 -45.91
C4 NAG E . -11.10 44.97 -46.56
C5 NAG E . -12.47 44.63 -45.98
C6 NAG E . -13.61 45.29 -46.73
C7 NAG E . -8.85 40.73 -45.98
C8 NAG E . -7.81 39.99 -45.20
N2 NAG E . -9.36 41.82 -45.38
O3 NAG E . -8.74 44.32 -46.49
O4 NAG E . -10.86 46.34 -46.27
O5 NAG E . -12.73 43.21 -46.04
O6 NAG E . -14.77 44.48 -46.73
O7 NAG E . -9.22 40.37 -47.09
C1 NAG E . -10.24 47.07 -47.34
C2 NAG E . -10.79 48.50 -47.36
C3 NAG E . -10.00 49.40 -48.33
C4 NAG E . -8.50 49.26 -48.12
C5 NAG E . -8.10 47.79 -48.18
C6 NAG E . -6.64 47.56 -47.93
C7 NAG E . -13.15 49.06 -46.99
C8 NAG E . -14.55 48.94 -47.53
N2 NAG E . -12.19 48.49 -47.72
O3 NAG E . -10.40 50.74 -48.11
O4 NAG E . -7.81 49.98 -49.14
O5 NAG E . -8.82 47.10 -47.16
O6 NAG E . -6.33 47.57 -46.54
O7 NAG E . -12.91 49.65 -45.94
C1 NAG F . 9.97 52.02 3.50
C2 NAG F . 8.66 52.77 3.81
C3 NAG F . 8.31 53.72 2.66
C4 NAG F . 9.47 54.62 2.27
C5 NAG F . 10.73 53.78 2.03
C6 NAG F . 11.96 54.62 1.77
C7 NAG F . 6.66 52.00 5.00
C8 NAG F . 5.58 50.98 5.06
N2 NAG F . 7.57 51.83 4.03
O3 NAG F . 7.17 54.50 3.03
O4 NAG F . 9.15 55.25 1.03
O5 NAG F . 11.00 52.98 3.18
O6 NAG F . 12.58 54.25 0.55
O7 NAG F . 6.72 52.94 5.78
C1 NAG F . 8.94 56.67 1.10
C2 NAG F . 9.06 57.27 -0.31
C3 NAG F . 8.80 58.76 -0.28
C4 NAG F . 7.43 59.05 0.36
C5 NAG F . 7.38 58.41 1.75
C6 NAG F . 6.03 58.56 2.42
C7 NAG F . 10.55 56.16 -1.91
C8 NAG F . 11.96 56.00 -2.39
N2 NAG F . 10.37 57.00 -0.89
O3 NAG F . 8.83 59.29 -1.61
O4 NAG F . 7.24 60.46 0.48
O5 NAG F . 7.66 57.00 1.66
O6 NAG F . 5.08 57.64 1.89
O7 NAG F . 9.62 55.55 -2.43
C1 NAG G . -56.52 -26.44 1.34
C2 NAG G . -57.97 -26.84 1.06
C3 NAG G . -58.23 -26.84 -0.44
C4 NAG G . -57.85 -25.50 -1.07
C5 NAG G . -56.40 -25.15 -0.70
C6 NAG G . -56.00 -23.77 -1.15
C7 NAG G . -59.27 -28.35 2.48
C8 NAG G . -59.44 -29.76 2.96
N2 NAG G . -58.26 -28.15 1.63
O3 NAG G . -59.62 -27.10 -0.68
O4 NAG G . -57.95 -25.59 -2.49
O5 NAG G . -56.25 -25.17 0.73
O6 NAG G . -56.93 -22.79 -0.72
O7 NAG G . -60.01 -27.45 2.85
C1 NAG G . -59.05 -24.82 -3.03
C2 NAG G . -58.64 -24.25 -4.39
C3 NAG G . -59.81 -23.51 -5.03
C4 NAG G . -61.06 -24.39 -5.08
C5 NAG G . -61.37 -24.93 -3.69
C6 NAG G . -62.52 -25.92 -3.69
C7 NAG G . -56.38 -23.51 -5.00
C8 NAG G . -55.30 -22.51 -4.73
N2 NAG G . -57.49 -23.37 -4.26
O3 NAG G . -59.45 -23.15 -6.37
O4 NAG G . -62.17 -23.63 -5.55
O5 NAG G . -60.23 -25.63 -3.17
O6 NAG G . -62.05 -27.25 -3.76
O7 NAG G . -56.26 -24.40 -5.84
C1 NAG H . -43.75 -31.17 -16.26
C2 NAG H . -44.94 -31.25 -17.21
C3 NAG H . -44.63 -30.54 -18.53
C4 NAG H . -44.11 -29.13 -18.30
C5 NAG H . -42.92 -29.19 -17.35
C6 NAG H . -42.34 -27.85 -16.96
C7 NAG H . -46.54 -33.07 -17.57
C8 NAG H . -46.71 -34.53 -17.85
N2 NAG H . -45.29 -32.64 -17.47
O3 NAG H . -45.80 -30.50 -19.33
O4 NAG H . -43.70 -28.59 -19.55
O5 NAG H . -43.34 -29.81 -16.12
O6 NAG H . -43.15 -27.19 -16.02
O7 NAG H . -47.50 -32.32 -17.42
C1 NAG H . -44.40 -27.38 -19.92
C2 NAG H . -43.52 -26.70 -20.95
C3 NAG H . -44.13 -25.38 -21.38
C4 NAG H . -45.56 -25.60 -21.88
C5 NAG H . -46.38 -26.40 -20.88
C6 NAG H . -47.73 -26.82 -21.41
C7 NAG H . -41.14 -27.26 -20.80
C8 NAG H . -39.81 -26.92 -20.18
N2 NAG H . -42.17 -26.48 -20.44
O3 NAG H . -43.35 -24.80 -22.41
O4 NAG H . -46.20 -24.36 -22.11
O5 NAG H . -45.70 -27.60 -20.49
O6 NAG H . -47.85 -28.24 -21.43
O7 NAG H . -41.27 -28.19 -21.59
C1 NAG I . -57.11 -21.31 18.37
C2 NAG I . -58.07 -20.68 17.36
C3 NAG I . -57.82 -19.18 17.23
C4 NAG I . -57.87 -18.51 18.59
C5 NAG I . -56.89 -19.19 19.53
C6 NAG I . -56.93 -18.65 20.94
C7 NAG I . -58.97 -21.90 15.42
C8 NAG I . -58.66 -22.52 14.10
N2 NAG I . -57.94 -21.33 16.06
O3 NAG I . -58.79 -18.62 16.35
O4 NAG I . -57.55 -17.13 18.48
O5 NAG I . -57.19 -20.59 19.61
O6 NAG I . -56.12 -19.43 21.82
O7 NAG I . -60.09 -21.92 15.89
C1 NAG I . -58.72 -16.31 18.71
C2 NAG I . -58.27 -14.91 19.17
C3 NAG I . -59.48 -14.01 19.35
C4 NAG I . -60.33 -13.97 18.08
C5 NAG I . -60.73 -15.39 17.69
C6 NAG I . -61.48 -15.45 16.39
C7 NAG I . -56.16 -14.78 20.42
C8 NAG I . -55.52 -14.88 21.77
N2 NAG I . -57.49 -14.97 20.39
O3 NAG I . -59.06 -12.69 19.70
O4 NAG I . -61.50 -13.19 18.28
O5 NAG I . -59.55 -16.20 17.53
O6 NAG I . -60.62 -15.83 15.31
O7 NAG I . -55.52 -14.54 19.40
C1 NAG J . -64.05 -37.93 14.47
C2 NAG J . -64.12 -39.34 13.90
C3 NAG J . -64.43 -39.30 12.39
C4 NAG J . -65.64 -38.43 12.10
C5 NAG J . -65.49 -37.07 12.77
C6 NAG J . -66.71 -36.19 12.62
C7 NAG J . -62.80 -41.34 14.48
C8 NAG J . -61.42 -41.89 14.68
N2 NAG J . -62.86 -40.05 14.14
O3 NAG J . -64.66 -40.62 11.93
O4 NAG J . -65.76 -38.22 10.70
O5 NAG J . -65.27 -37.24 14.18
O6 NAG J . -66.34 -34.86 12.28
O7 NAG J . -63.80 -42.01 14.63
C1 NAG J . -66.86 -38.96 10.10
C2 NAG J . -67.31 -38.26 8.82
C3 NAG J . -68.41 -39.08 8.14
C4 NAG J . -67.95 -40.51 7.91
C5 NAG J . -67.50 -41.13 9.23
C6 NAG J . -66.94 -42.52 9.07
C7 NAG J . -67.03 -35.83 8.82
C8 NAG J . -67.64 -34.51 9.16
N2 NAG J . -67.77 -36.91 9.08
O3 NAG J . -68.77 -38.47 6.90
O4 NAG J . -69.01 -41.28 7.35
O5 NAG J . -66.47 -40.32 9.82
O6 NAG J . -65.54 -42.54 9.32
O7 NAG J . -65.90 -35.92 8.35
C1 NAG K . -53.86 -39.66 38.47
C2 NAG K . -53.68 -38.17 38.69
C3 NAG K . -52.36 -37.90 39.41
C4 NAG K . -52.25 -38.73 40.69
C5 NAG K . -52.49 -40.20 40.36
C6 NAG K . -52.51 -41.08 41.58
C7 NAG K . -54.40 -36.29 37.28
C8 NAG K . -54.32 -35.66 35.93
N2 NAG K . -53.73 -37.43 37.44
O3 NAG K . -52.27 -36.50 39.70
O4 NAG K . -50.94 -38.63 41.24
O5 NAG K . -53.76 -40.35 39.71
O6 NAG K . -51.27 -41.77 41.74
O7 NAG K . -55.06 -35.79 38.19
C1 NAG K . -50.88 -37.73 42.36
C2 NAG K . -49.72 -38.15 43.28
C3 NAG K . -49.55 -37.14 44.40
C4 NAG K . -49.33 -35.76 43.82
C5 NAG K . -50.51 -35.39 42.93
C6 NAG K . -50.33 -34.07 42.22
C7 NAG K . -48.95 -40.37 43.95
C8 NAG K . -49.32 -41.71 44.52
N2 NAG K . -49.93 -39.48 43.81
O3 NAG K . -48.43 -37.51 45.21
O4 NAG K . -49.19 -34.79 44.87
O5 NAG K . -50.68 -36.39 41.91
O6 NAG K . -51.57 -33.47 41.91
O7 NAG K . -47.79 -40.11 43.65
C1 NAG L . 44.03 9.30 -40.24
C2 NAG L . 44.85 10.59 -40.13
C3 NAG L . 44.68 11.45 -41.38
C4 NAG L . 44.85 10.66 -42.67
C5 NAG L . 44.02 9.39 -42.62
C6 NAG L . 44.28 8.42 -43.76
C7 NAG L . 45.28 12.15 -38.29
C8 NAG L . 44.70 12.81 -37.07
N2 NAG L . 44.47 11.32 -38.94
O3 NAG L . 45.64 12.51 -41.35
O4 NAG L . 44.38 11.50 -43.73
O5 NAG L . 44.33 8.66 -41.43
O6 NAG L . 43.09 7.79 -44.19
O7 NAG L . 46.42 12.36 -38.66
C1 NAG L . 45.31 11.66 -44.85
C2 NAG L . 44.43 12.01 -46.06
C3 NAG L . 45.30 12.17 -47.31
C4 NAG L . 46.40 13.19 -47.05
C5 NAG L . 47.20 12.80 -45.81
C6 NAG L . 48.25 13.81 -45.44
C7 NAG L . 42.11 11.29 -46.40
C8 NAG L . 41.19 10.12 -46.61
N2 NAG L . 43.40 11.00 -46.28
O3 NAG L . 44.49 12.57 -48.40
O4 NAG L . 47.28 13.24 -48.18
O5 NAG L . 46.32 12.67 -44.68
O6 NAG L . 49.31 13.83 -46.39
O7 NAG L . 41.70 12.44 -46.34
C1 NAG M . 57.98 -4.75 -24.88
C2 NAG M . 58.67 -3.52 -24.32
C3 NAG M . 59.18 -2.65 -25.48
C4 NAG M . 60.06 -3.46 -26.43
C5 NAG M . 59.35 -4.75 -26.84
C6 NAG M . 60.25 -5.68 -27.63
C7 NAG M . 58.20 -2.17 -22.33
C8 NAG M . 57.17 -1.42 -21.56
N2 NAG M . 57.79 -2.75 -23.47
O3 NAG M . 59.88 -1.55 -24.92
O4 NAG M . 60.32 -2.72 -27.62
O5 NAG M . 58.89 -5.48 -25.70
O6 NAG M . 61.21 -6.31 -26.80
O7 NAG M . 59.36 -2.28 -21.94
C1 NAG M . 61.53 -1.94 -27.65
C2 NAG M . 61.99 -1.68 -29.10
C3 NAG M . 63.16 -0.70 -29.13
C4 NAG M . 62.88 0.55 -28.30
C5 NAG M . 62.43 0.15 -26.89
C6 NAG M . 62.01 1.34 -26.05
C7 NAG M . 61.56 -3.64 -30.52
C8 NAG M . 62.12 -4.90 -31.10
N2 NAG M . 62.38 -2.93 -29.75
O3 NAG M . 63.43 -0.33 -30.48
O4 NAG M . 64.06 1.34 -28.20
O5 NAG M . 61.28 -0.69 -27.00
O6 NAG M . 60.61 1.53 -26.10
O7 NAG M . 60.40 -3.29 -30.73
C1 NAG N . 17.22 26.76 -42.03
C2 NAG N . 17.26 25.77 -43.22
C3 NAG N . 18.71 25.55 -43.68
C4 NAG N . 19.43 26.87 -43.93
C5 NAG N . 19.33 27.75 -42.70
C6 NAG N . 19.93 29.12 -42.89
C7 NAG N . 15.83 23.83 -43.65
C8 NAG N . 15.35 22.51 -43.12
N2 NAG N . 16.67 24.50 -42.86
O3 NAG N . 18.73 24.75 -44.86
O4 NAG N . 20.80 26.60 -44.24
O5 NAG N . 17.95 27.96 -42.37
O6 NAG N . 20.88 29.43 -41.87
O7 NAG N . 15.47 24.27 -44.73
C1 NAG N . 21.17 27.01 -45.58
C2 NAG N . 22.67 27.28 -45.62
C3 NAG N . 23.07 27.75 -47.02
C4 NAG N . 22.64 26.70 -48.06
C5 NAG N . 21.15 26.39 -47.92
C6 NAG N . 20.71 25.25 -48.81
C7 NAG N . 23.78 27.91 -43.53
C8 NAG N . 24.13 29.04 -42.61
N2 NAG N . 23.09 28.24 -44.62
O3 NAG N . 24.47 27.96 -47.09
O4 NAG N . 22.91 27.19 -49.37
O5 NAG N . 20.83 26.01 -46.57
O6 NAG N . 20.52 24.06 -48.05
O7 NAG N . 24.09 26.75 -43.29
C1 NAG O . -13.02 -61.26 1.68
C2 NAG O . -13.08 -62.77 1.47
C3 NAG O . -11.76 -63.41 1.89
C4 NAG O . -10.58 -62.74 1.17
C5 NAG O . -10.63 -61.23 1.38
C6 NAG O . -9.58 -60.48 0.58
C7 NAG O . -15.40 -63.53 1.72
C8 NAG O . -16.40 -64.19 2.63
N2 NAG O . -14.18 -63.38 2.21
O3 NAG O . -11.80 -64.79 1.59
O4 NAG O . -9.35 -63.24 1.69
O5 NAG O . -11.90 -60.71 0.98
O6 NAG O . -9.56 -60.94 -0.78
O7 NAG O . -15.71 -63.13 0.61
C1 NAG O . -8.69 -64.10 0.73
C2 NAG O . -7.18 -63.93 0.80
C3 NAG O . -6.49 -64.89 -0.16
C4 NAG O . -6.95 -66.32 0.09
C5 NAG O . -8.47 -66.42 0.04
C6 NAG O . -9.00 -67.78 0.41
C7 NAG O . -5.99 -61.86 1.35
C8 NAG O . -5.66 -60.46 0.90
N2 NAG O . -6.77 -62.56 0.53
O3 NAG O . -5.09 -64.79 -0.01
O4 NAG O . -6.42 -67.18 -0.92
O5 NAG O . -9.05 -65.48 0.98
O6 NAG O . -9.36 -67.85 1.78
O7 NAG O . -5.57 -62.32 2.40
C1 NAG P . 1.96 -53.74 16.52
C2 NAG P . 2.75 -55.04 16.34
C3 NAG P . 4.25 -54.75 16.25
C4 NAG P . 4.56 -53.65 15.25
C5 NAG P . 3.71 -52.42 15.57
C6 NAG P . 3.86 -51.28 14.61
C7 NAG P . 2.04 -57.20 17.27
C8 NAG P . 1.83 -58.00 18.52
N2 NAG P . 2.48 -55.96 17.44
O3 NAG P . 4.93 -55.96 15.87
O4 NAG P . 5.94 -53.31 15.40
O5 NAG P . 2.33 -52.82 15.52
O6 NAG P . 2.99 -51.40 13.50
O7 NAG P . 1.81 -57.66 16.16
C1 NAG P . 6.76 -53.40 14.21
C2 NAG P . 8.06 -52.67 14.55
C3 NAG P . 9.04 -52.74 13.38
C4 NAG P . 9.25 -54.19 12.95
C5 NAG P . 7.90 -54.85 12.65
C6 NAG P . 8.02 -56.32 12.34
C7 NAG P . 7.62 -50.85 16.15
C8 NAG P . 7.38 -49.38 16.33
N2 NAG P . 7.80 -51.27 14.90
O3 NAG P . 10.28 -52.17 13.77
O4 NAG P . 10.07 -54.24 11.78
O5 NAG P . 7.05 -54.74 13.80
O6 NAG P . 7.19 -57.10 13.19
O7 NAG P . 7.62 -51.63 17.10
C1 NAG Q . -26.74 -57.19 -9.07
C2 NAG Q . -25.54 -57.96 -9.63
C3 NAG Q . -24.92 -57.21 -10.81
C4 NAG Q . -25.96 -56.94 -11.88
C5 NAG Q . -27.14 -56.18 -11.28
C6 NAG Q . -28.28 -56.00 -12.25
C7 NAG Q . -24.29 -59.39 -8.06
C8 NAG Q . -23.25 -59.42 -6.99
N2 NAG Q . -24.55 -58.18 -8.58
O3 NAG Q . -23.84 -57.98 -11.32
O4 NAG Q . -25.41 -56.17 -12.94
O5 NAG Q . -27.67 -56.90 -10.15
O6 NAG Q . -28.25 -54.72 -12.87
O7 NAG Q . -24.88 -60.39 -8.44
C1 NAG Q . -25.19 -56.97 -14.11
C2 NAG Q . -24.97 -56.05 -15.33
C3 NAG Q . -24.64 -56.88 -16.57
C4 NAG Q . -23.46 -57.82 -16.30
C5 NAG Q . -23.74 -58.67 -15.07
C6 NAG Q . -22.57 -59.53 -14.67
C7 NAG Q . -26.11 -53.89 -15.46
C8 NAG Q . -27.41 -53.19 -15.77
N2 NAG Q . -26.14 -55.22 -15.58
O3 NAG Q . -24.33 -56.01 -17.65
O4 NAG Q . -23.23 -58.65 -17.42
O5 NAG Q . -24.05 -57.83 -13.95
O6 NAG Q . -21.52 -58.75 -14.11
O7 NAG Q . -25.10 -53.27 -15.12
C1 NAG R . -29.46 -69.52 4.17
C2 NAG R . -29.52 -70.23 5.52
C3 NAG R . -28.14 -70.76 5.89
C4 NAG R . -27.57 -71.64 4.79
C5 NAG R . -27.62 -70.90 3.44
C6 NAG R . -27.25 -71.77 2.28
C7 NAG R . -30.97 -69.68 7.42
C8 NAG R . -31.33 -68.64 8.45
N2 NAG R . -30.01 -69.33 6.56
O3 NAG R . -28.26 -71.49 7.11
O4 NAG R . -26.21 -71.95 5.05
O5 NAG R . -28.95 -70.42 3.19
O6 NAG R . -26.24 -71.17 1.49
O7 NAG R . -31.52 -70.76 7.37
C1 NAG R . -26.08 -73.31 5.54
C2 NAG R . -24.69 -73.87 5.21
C3 NAG R . -24.58 -75.29 5.75
C4 NAG R . -24.90 -75.34 7.23
C5 NAG R . -26.24 -74.66 7.53
C6 NAG R . -26.48 -74.49 9.02
C7 NAG R . -23.61 -73.00 3.18
C8 NAG R . -23.47 -73.13 1.69
N2 NAG R . -24.44 -73.85 3.77
O3 NAG R . -23.25 -75.76 5.54
O4 NAG R . -24.97 -76.69 7.66
O5 NAG R . -26.29 -73.35 6.96
O6 NAG R . -27.11 -75.63 9.58
O7 NAG R . -22.99 -72.15 3.82
C1 NAG S . -52.09 -56.88 1.00
C2 NAG S . -51.81 -56.17 -0.33
C3 NAG S . -52.45 -54.77 -0.34
C4 NAG S . -53.90 -54.80 0.10
C5 NAG S . -54.08 -55.60 1.39
C6 NAG S . -55.52 -55.81 1.77
C7 NAG S . -49.69 -57.00 -1.26
C8 NAG S . -48.23 -56.72 -1.45
N2 NAG S . -50.38 -56.07 -0.60
O3 NAG S . -52.33 -54.23 -1.65
O4 NAG S . -54.34 -53.48 0.39
O5 NAG S . -53.49 -56.90 1.24
O6 NAG S . -55.80 -55.25 3.05
O7 NAG S . -50.21 -58.02 -1.69
C1 NAG S . -55.10 -52.83 -0.65
C2 NAG S . -56.04 -51.81 -0.03
C3 NAG S . -56.77 -51.02 -1.12
C4 NAG S . -55.78 -50.40 -2.10
C5 NAG S . -54.88 -51.49 -2.67
C6 NAG S . -53.79 -50.95 -3.56
C7 NAG S . -57.34 -51.97 2.05
C8 NAG S . -58.36 -52.76 2.82
N2 NAG S . -57.01 -52.45 0.85
O3 NAG S . -57.56 -50.00 -0.52
O4 NAG S . -56.48 -49.76 -3.16
O5 NAG S . -54.22 -52.18 -1.59
O6 NAG S . -52.98 -51.98 -4.11
O7 NAG S . -56.85 -50.95 2.50
C1 NAG T . 42.01 37.41 22.27
C2 NAG T . 42.55 38.53 21.38
C3 NAG T . 44.01 38.27 21.00
C4 NAG T . 44.86 37.98 22.23
C5 NAG T . 44.23 36.87 23.06
C6 NAG T . 44.91 36.62 24.39
C7 NAG T . 41.52 39.81 19.55
C8 NAG T . 40.64 39.74 18.35
N2 NAG T . 41.73 38.65 20.18
O3 NAG T . 44.53 39.40 20.32
O4 NAG T . 46.16 37.57 21.80
O5 NAG T . 42.88 37.23 23.39
O6 NAG T . 45.65 35.41 24.37
O7 NAG T . 42.04 40.86 19.92
C1 NAG T . 47.27 38.36 22.28
C2 NAG T . 48.54 37.54 22.02
C3 NAG T . 49.78 38.31 22.48
C4 NAG T . 49.82 39.70 21.86
C5 NAG T . 48.51 40.43 22.17
C6 NAG T . 48.43 41.80 21.53
C7 NAG T . 48.46 35.09 22.02
C8 NAG T . 48.39 33.86 22.88
N2 NAG T . 48.47 36.25 22.68
O3 NAG T . 50.94 37.58 22.07
O4 NAG T . 50.90 40.44 22.41
O5 NAG T . 47.40 39.66 21.66
O6 NAG T . 48.97 42.78 22.40
O7 NAG T . 48.50 35.04 20.80
C1 NAG U . 22.34 48.35 33.24
C2 NAG U . 22.21 49.45 32.19
C3 NAG U . 23.56 50.10 31.92
C4 NAG U . 24.20 50.57 33.23
C5 NAG U . 24.21 49.45 34.27
C6 NAG U . 24.64 49.93 35.64
C7 NAG U . 20.87 49.69 30.14
C8 NAG U . 20.36 49.00 28.91
N2 NAG U . 21.63 48.95 30.95
O3 NAG U . 23.42 51.19 31.03
O4 NAG U . 25.54 50.98 32.96
O5 NAG U . 22.89 48.91 34.43
O6 NAG U . 23.81 50.98 36.10
O7 NAG U . 20.63 50.86 30.37
C1 NAG U . 25.69 52.41 33.10
C2 NAG U . 27.13 52.72 33.52
C3 NAG U . 27.31 54.23 33.63
C4 NAG U . 26.91 54.92 32.34
C5 NAG U . 25.49 54.53 31.93
C6 NAG U . 25.11 55.04 30.57
C7 NAG U . 28.02 50.84 34.81
C8 NAG U . 28.33 50.31 36.17
N2 NAG U . 27.47 52.06 34.77
O3 NAG U . 28.69 54.51 33.93
O4 NAG U . 26.97 56.34 32.50
O5 NAG U . 25.39 53.09 31.87
O6 NAG U . 25.47 54.14 29.54
O7 NAG U . 28.25 50.20 33.79
C1 NAG V . 49.78 17.81 -2.11
C2 NAG V . 50.35 17.44 -0.71
C3 NAG V . 50.81 18.71 0.03
C4 NAG V . 51.70 19.61 -0.84
C5 NAG V . 50.99 19.88 -2.17
C6 NAG V . 51.79 20.70 -3.14
C7 NAG V . 49.59 15.70 0.85
C8 NAG V . 48.42 15.16 1.62
N2 NAG V . 49.34 16.77 0.08
O3 NAG V . 51.52 18.34 1.21
O4 NAG V . 51.91 20.84 -0.16
O5 NAG V . 50.73 18.62 -2.81
O6 NAG V . 51.24 22.00 -3.29
O7 NAG V . 50.69 15.18 0.90
C1 NAG V . 53.29 21.22 0.08
C2 NAG V . 53.31 22.70 0.46
C3 NAG V . 54.76 23.16 0.65
C4 NAG V . 55.42 22.31 1.72
C5 NAG V . 55.31 20.82 1.38
C6 NAG V . 55.80 19.92 2.50
C7 NAG V . 51.48 24.13 -0.29
C8 NAG V . 50.91 24.94 -1.42
N2 NAG V . 52.64 23.52 -0.53
O3 NAG V . 54.77 24.53 1.03
O4 NAG V . 56.80 22.66 1.84
O5 NAG V . 53.94 20.45 1.13
O6 NAG V . 55.39 20.43 3.77
O7 NAG V . 50.90 24.03 0.78
C1 NAG W . -25.40 -31.48 47.17
C2 NAG W . -26.08 -31.99 48.43
C3 NAG W . -26.61 -30.82 49.24
C4 NAG W . -25.48 -29.85 49.58
C5 NAG W . -24.78 -29.41 48.30
C6 NAG W . -23.55 -28.58 48.56
C7 NAG W . -27.11 -34.20 48.58
C8 NAG W . -28.27 -35.06 48.19
N2 NAG W . -27.13 -32.95 48.13
O3 NAG W . -27.24 -31.32 50.42
O4 NAG W . -25.99 -28.70 50.23
O5 NAG W . -24.35 -30.55 47.53
O6 NAG W . -23.15 -27.85 47.40
O7 NAG W . -26.20 -34.63 49.27
C1 NAG W . -25.73 -28.68 51.66
C2 NAG W . -25.59 -27.25 52.17
C3 NAG W . -25.40 -27.23 53.68
C4 NAG W . -26.51 -28.01 54.37
C5 NAG W . -26.62 -29.41 53.79
C6 NAG W . -27.80 -30.18 54.33
C7 NAG W . -24.68 -25.75 50.45
C8 NAG W . -23.45 -25.11 49.89
N2 NAG W . -24.50 -26.56 51.50
O3 NAG W . -25.39 -25.89 54.14
O4 NAG W . -26.26 -28.09 55.78
O5 NAG W . -26.80 -29.34 52.37
O6 NAG W . -29.02 -29.53 54.03
O7 NAG W . -25.80 -25.55 49.97
C1 NAG X . -36.24 -13.05 40.96
C2 NAG X . -36.60 -12.71 42.40
C3 NAG X . -36.40 -11.21 42.63
C4 NAG X . -34.98 -10.78 42.25
C5 NAG X . -34.68 -11.22 40.83
C6 NAG X . -33.25 -10.99 40.41
C7 NAG X . -38.26 -13.89 43.76
C8 NAG X . -39.70 -14.18 43.97
N2 NAG X . -37.96 -13.10 42.73
O3 NAG X . -36.66 -10.90 44.00
O4 NAG X . -34.92 -9.36 42.33
O5 NAG X . -34.91 -12.64 40.69
O6 NAG X . -32.36 -11.80 41.18
O7 NAG X . -37.39 -14.36 44.49
C1 NAG X . -33.93 -8.84 43.24
C2 NAG X . -33.73 -7.36 42.90
C3 NAG X . -32.70 -6.75 43.85
C4 NAG X . -33.09 -6.98 45.30
C5 NAG X . -33.34 -8.48 45.55
C6 NAG X . -33.88 -8.75 46.93
C7 NAG X . -34.15 -6.94 40.52
C8 NAG X . -33.53 -6.78 39.16
N2 NAG X . -33.31 -7.19 41.52
O3 NAG X . -32.61 -5.35 43.60
O4 NAG X . -32.04 -6.55 46.15
O5 NAG X . -34.30 -8.97 44.61
O6 NAG X . -35.11 -8.07 47.14
O7 NAG X . -35.36 -6.85 40.68
C1 NAG Y . -14.73 -44.90 42.80
C2 NAG Y . -14.61 -44.20 44.15
C3 NAG Y . -13.36 -43.34 44.19
C4 NAG Y . -12.13 -44.18 43.87
C5 NAG Y . -12.32 -44.87 42.52
C6 NAG Y . -11.18 -45.80 42.17
C7 NAG Y . -16.71 -43.76 45.33
C8 NAG Y . -17.87 -42.81 45.51
N2 NAG Y . -15.80 -43.40 44.43
O3 NAG Y . -13.25 -42.73 45.48
O4 NAG Y . -10.98 -43.34 43.80
O5 NAG Y . -13.52 -45.64 42.54
O6 NAG Y . -11.00 -45.88 40.76
O7 NAG Y . -16.62 -44.79 45.98
C1 NAG Y . -10.12 -43.55 44.95
C2 NAG Y . -8.66 -43.42 44.52
C3 NAG Y . -7.74 -43.58 45.73
C4 NAG Y . -8.12 -42.60 46.83
C5 NAG Y . -9.61 -42.73 47.17
C6 NAG Y . -10.08 -41.66 48.13
C7 NAG Y . -7.89 -44.01 42.28
C8 NAG Y . -7.58 -45.12 41.31
N2 NAG Y . -8.32 -44.38 43.48
O3 NAG Y . -6.40 -43.39 45.33
O4 NAG Y . -7.36 -42.86 47.99
O5 NAG Y . -10.41 -42.59 45.99
O6 NAG Y . -10.17 -40.39 47.47
O7 NAG Y . -7.75 -42.83 41.98
C1 NAG Z . -31.65 -49.70 47.56
C2 NAG Z . -33.16 -49.83 47.69
C3 NAG Z . -33.72 -48.68 48.53
C4 NAG Z . -32.98 -48.53 49.85
C5 NAG Z . -31.47 -48.50 49.63
C6 NAG Z . -30.69 -48.54 50.91
C7 NAG Z . -34.85 -50.64 46.12
C8 NAG Z . -35.36 -50.56 44.71
N2 NAG Z . -33.79 -49.88 46.39
O3 NAG Z . -35.11 -48.91 48.75
O4 NAG Z . -33.34 -47.31 50.48
O5 NAG Z . -31.07 -49.64 48.85
O6 NAG Z . -29.73 -47.50 50.96
O7 NAG Z . -35.36 -51.35 46.96
C1 NAG Z . -34.29 -47.47 51.56
C2 NAG Z . -33.90 -46.55 52.73
C3 NAG Z . -34.95 -46.60 53.82
C4 NAG Z . -36.34 -46.32 53.27
C5 NAG Z . -36.63 -47.29 52.13
C6 NAG Z . -37.97 -47.05 51.47
C7 NAG Z . -31.64 -45.99 53.50
C8 NAG Z . -30.36 -46.51 54.06
N2 NAG Z . -32.60 -46.89 53.26
O3 NAG Z . -34.64 -45.65 54.83
O4 NAG Z . -37.32 -46.45 54.28
O5 NAG Z . -35.62 -47.16 51.11
O6 NAG Z . -38.90 -48.08 51.82
O7 NAG Z . -31.81 -44.80 53.25
C1 NAG AA . -24.21 -67.03 29.60
C2 NAG AA . -22.72 -66.75 29.57
C3 NAG AA . -22.18 -66.89 28.15
C4 NAG AA . -22.57 -68.23 27.53
C5 NAG AA . -24.07 -68.45 27.66
C6 NAG AA . -24.52 -69.82 27.21
C7 NAG AA . -22.14 -65.20 31.38
C8 NAG AA . -21.83 -63.77 31.74
N2 NAG AA . -22.41 -65.43 30.09
O3 NAG AA . -20.76 -66.75 28.19
O4 NAG AA . -22.29 -68.23 26.13
O5 NAG AA . -24.46 -68.33 29.04
O6 NAG AA . -25.18 -69.75 25.96
O7 NAG AA . -22.12 -66.09 32.21
C1 NAG AA . -21.07 -68.88 25.77
C2 NAG AA . -21.22 -69.38 24.33
C3 NAG AA . -19.90 -69.95 23.80
C4 NAG AA . -18.77 -68.94 23.99
C5 NAG AA . -18.70 -68.49 25.44
C6 NAG AA . -17.68 -67.39 25.67
C7 NAG AA . -23.13 -70.46 23.22
C8 NAG AA . -24.14 -71.55 23.29
N2 NAG AA . -22.27 -70.39 24.24
O3 NAG AA . -20.04 -70.25 22.43
O4 NAG AA . -17.52 -69.54 23.63
O5 NAG AA . -19.97 -67.97 25.84
O6 NAG AA . -17.06 -67.50 26.94
O7 NAG AA . -23.07 -69.68 22.27
C1 PLM BA . 36.02 36.80 -1.01
O1 PLM BA . 35.83 35.98 -1.91
O2 PLM BA . 36.06 37.98 -1.35
C2 PLM BA . 36.80 36.42 0.23
C3 PLM BA . 36.23 37.00 1.52
C4 PLM BA . 36.13 38.53 1.61
C5 PLM BA . 36.80 39.17 2.82
C6 PLM BA . 36.99 40.66 2.58
C7 PLM BA . 37.61 41.45 3.72
C8 PLM BA . 36.83 42.75 3.94
C9 PLM BA . 36.58 43.13 5.38
CA PLM BA . 37.72 43.86 6.06
CB PLM BA . 37.20 44.94 7.01
CC PLM BA . 37.11 44.46 8.46
CD PLM BA . 35.69 44.54 9.03
CE PLM BA . 35.23 45.98 9.16
CF PLM BA . 35.39 46.50 10.57
CG PLM BA . 35.31 48.02 10.66
C1 NAG CA . -23.09 2.32 -28.32
C2 NAG CA . -23.23 1.09 -29.22
C3 NAG CA . -24.35 0.19 -28.73
C4 NAG CA . -24.15 -0.17 -27.26
C5 NAG CA . -23.99 1.10 -26.42
C6 NAG CA . -23.66 0.83 -24.98
C7 NAG CA . -22.69 1.11 -31.61
C8 NAG CA . -23.09 1.57 -32.98
N2 NAG CA . -23.48 1.49 -30.60
O3 NAG CA . -24.38 -0.99 -29.51
O4 NAG CA . -25.27 -0.91 -26.78
O5 NAG CA . -22.91 1.89 -26.95
O6 NAG CA . -24.70 1.29 -24.13
O7 NAG CA . -21.69 0.41 -31.43
C1 NAG DA . -32.24 52.57 -20.09
C2 NAG DA . -32.63 51.15 -19.67
C3 NAG DA . -33.29 51.16 -18.28
C4 NAG DA . -32.38 51.86 -17.27
C5 NAG DA . -31.99 53.26 -17.77
C6 NAG DA . -30.99 53.95 -16.87
C7 NAG DA . -33.62 49.22 -20.85
C8 NAG DA . -34.62 48.78 -21.89
N2 NAG DA . -33.53 50.54 -20.64
O3 NAG DA . -33.58 49.85 -17.84
O4 NAG DA . -33.05 51.98 -16.03
O5 NAG DA . -31.38 53.16 -19.06
O6 NAG DA . -29.75 54.16 -17.51
O7 NAG DA . -32.95 48.42 -20.20
C1 NAG EA . -39.34 25.62 -39.78
C2 NAG EA . -38.99 24.18 -39.44
C3 NAG EA . -38.67 23.40 -40.73
C4 NAG EA . -39.80 23.53 -41.74
C5 NAG EA . -40.16 25.00 -41.97
C6 NAG EA . -41.38 25.18 -42.84
C7 NAG EA . -37.79 23.19 -37.54
C8 NAG EA . -36.58 23.26 -36.67
N2 NAG EA . -37.88 24.11 -38.51
O3 NAG EA . -38.45 22.03 -40.43
O4 NAG EA . -39.41 22.94 -42.97
O5 NAG EA . -40.43 25.65 -40.72
O6 NAG EA . -41.86 26.51 -42.80
O7 NAG EA . -38.66 22.34 -37.38
C1 NAG FA . -18.37 66.11 -16.92
C2 NAG FA . -18.99 65.90 -15.54
C3 NAG FA . -17.99 66.24 -14.45
C4 NAG FA . -16.69 65.44 -14.65
C5 NAG FA . -16.16 65.65 -16.06
C6 NAG FA . -14.96 64.78 -16.37
C7 NAG FA . -21.44 66.19 -15.59
C8 NAG FA . -22.57 67.14 -15.37
N2 NAG FA . -20.21 66.68 -15.37
O3 NAG FA . -18.54 65.97 -13.17
O4 NAG FA . -15.71 65.88 -13.71
O5 NAG FA . -17.17 65.33 -17.03
O6 NAG FA . -14.16 65.34 -17.40
O7 NAG FA . -21.61 65.03 -15.96
C1 NAG GA . -1.22 55.65 -34.69
C2 NAG GA . -1.41 56.50 -33.42
C3 NAG GA . -0.42 57.66 -33.40
C4 NAG GA . 1.00 57.19 -33.65
C5 NAG GA . 1.06 56.38 -34.93
C6 NAG GA . 2.42 55.81 -35.22
C7 NAG GA . -3.55 56.79 -32.26
C8 NAG GA . -4.93 57.37 -32.33
N2 NAG GA . -2.77 56.98 -33.32
O3 NAG GA . -0.50 58.31 -32.14
O4 NAG GA . 1.88 58.31 -33.76
O5 NAG GA . 0.16 55.27 -34.82
O6 NAG GA . 2.44 55.10 -36.46
O7 NAG GA . -3.16 56.18 -31.27
C1 NAG HA . 25.94 58.66 -8.25
C2 NAG HA . 25.64 58.34 -9.71
C3 NAG HA . 25.87 59.58 -10.59
C4 NAG HA . 25.11 60.78 -10.05
C5 NAG HA . 25.45 61.01 -8.58
C6 NAG HA . 24.64 62.12 -7.94
C7 NAG HA . 25.95 56.04 -10.51
C8 NAG HA . 26.95 55.01 -10.95
N2 NAG HA . 26.46 57.23 -10.17
O3 NAG HA . 25.45 59.30 -11.92
O4 NAG HA . 25.44 61.94 -10.79
O5 NAG HA . 25.18 59.82 -7.83
O6 NAG HA . 25.33 62.70 -6.83
O7 NAG HA . 24.74 55.80 -10.47
C1 NAG IA . -6.27 51.77 9.11
C2 NAG IA . -7.17 52.58 8.19
C3 NAG IA . -6.68 54.03 8.08
C4 NAG IA . -6.48 54.64 9.47
C5 NAG IA . -5.57 53.75 10.31
C6 NAG IA . -5.39 54.24 11.71
C7 NAG IA . -8.15 51.08 6.52
C8 NAG IA . -8.06 50.54 5.13
N2 NAG IA . -7.24 51.98 6.87
O3 NAG IA . -7.62 54.80 7.36
O4 NAG IA . -5.90 55.94 9.36
O5 NAG IA . -6.15 52.44 10.40
O6 NAG IA . -6.55 53.98 12.50
O7 NAG IA . -9.02 50.69 7.31
C1 NAG JA . -17.55 35.05 26.09
C2 NAG JA . -18.49 36.24 26.30
C3 NAG JA . -18.05 37.05 27.53
C4 NAG JA . -17.98 36.14 28.75
C5 NAG JA . -17.06 34.95 28.47
C6 NAG JA . -17.02 33.95 29.60
C7 NAG JA . -19.67 37.48 24.55
C8 NAG JA . -19.53 38.36 23.34
N2 NAG JA . -18.53 37.09 25.13
O3 NAG JA . -18.96 38.11 27.75
O4 NAG JA . -17.49 36.86 29.87
O5 NAG JA . -17.50 34.24 27.30
O6 NAG JA . -16.90 32.62 29.13
O7 NAG JA . -20.77 37.14 24.98
C1 NAG KA . -44.41 12.84 11.99
C2 NAG KA . -44.44 14.01 12.99
C3 NAG KA . -44.30 13.49 14.41
C4 NAG KA . -45.38 12.46 14.71
C5 NAG KA . -45.33 11.33 13.67
C6 NAG KA . -46.48 10.37 13.81
C7 NAG KA . -43.66 16.24 12.31
C8 NAG KA . -42.47 17.11 12.05
N2 NAG KA . -43.39 14.98 12.69
O3 NAG KA . -44.39 14.58 15.32
O4 NAG KA . -45.18 11.90 16.01
O5 NAG KA . -45.42 11.89 12.35
O6 NAG KA . -47.35 10.43 12.69
O7 NAG KA . -44.80 16.65 12.20
C1 NAG LA . -44.75 -1.19 16.54
C2 NAG LA . -44.87 0.12 17.33
C3 NAG LA . -45.55 -0.13 18.68
C4 NAG LA . -46.86 -0.89 18.51
C5 NAG LA . -46.61 -2.18 17.74
C6 NAG LA . -47.88 -2.95 17.45
C7 NAG LA . -43.00 1.58 16.70
C8 NAG LA . -41.64 2.09 17.10
N2 NAG LA . -43.56 0.71 17.55
O3 NAG LA . -45.80 1.13 19.30
O4 NAG LA . -47.40 -1.23 19.78
O5 NAG LA . -46.03 -1.84 16.46
O6 NAG LA . -48.84 -2.73 18.46
O7 NAG LA . -43.55 1.94 15.68
C1 NAG MA . -58.66 -21.99 35.68
C2 NAG MA . -58.95 -21.68 37.16
C3 NAG MA . -59.64 -20.32 37.31
C4 NAG MA . -58.82 -19.23 36.62
C5 NAG MA . -58.59 -19.62 35.16
C6 NAG MA . -57.74 -18.62 34.42
C7 NAG MA . -59.25 -23.67 38.57
C8 NAG MA . -60.23 -24.67 39.11
N2 NAG MA . -59.76 -22.73 37.76
O3 NAG MA . -59.81 -20.01 38.68
O4 NAG MA . -59.50 -17.99 36.69
O5 NAG MA . -57.91 -20.88 35.10
O6 NAG MA . -58.31 -17.32 34.48
O7 NAG MA . -58.07 -23.71 38.85
C1 OLA NA . 34.44 22.81 -6.00
O1 OLA NA . 33.77 21.94 -5.42
O2 OLA NA . 34.41 24.02 -5.70
C2 OLA NA . 35.32 22.38 -7.13
C3 OLA NA . 34.52 21.45 -8.02
C4 OLA NA . 35.49 20.45 -8.61
C5 OLA NA . 35.29 19.05 -8.05
C6 OLA NA . 36.51 18.23 -8.43
C7 OLA NA . 36.33 16.74 -8.18
C8 OLA NA . 37.15 15.99 -9.20
C9 OLA NA . 38.15 15.07 -8.56
C10 OLA NA . 39.15 14.54 -9.24
C11 OLA NA . 39.38 14.84 -10.71
C12 OLA NA . 40.48 15.88 -10.81
C13 OLA NA . 40.85 16.20 -12.25
C14 OLA NA . 39.91 17.19 -12.92
C15 OLA NA . 39.53 18.33 -12.00
C16 OLA NA . 40.17 19.64 -12.41
C17 OLA NA . 39.55 20.76 -11.58
C18 OLA NA . 39.53 22.05 -12.37
C1 OLA OA . 15.38 38.42 -4.93
O1 OLA OA . 14.45 37.68 -4.57
O2 OLA OA . 15.71 38.61 -6.12
C2 OLA OA . 16.17 39.07 -3.83
C3 OLA OA . 16.61 37.99 -2.87
C4 OLA OA . 16.63 38.59 -1.47
C5 OLA OA . 15.55 38.01 -0.58
C6 OLA OA . 15.07 39.07 0.39
C7 OLA OA . 14.56 38.48 1.70
C8 OLA OA . 15.54 38.82 2.79
C9 OLA OA . 14.82 39.33 4.01
C10 OLA OA . 15.48 39.71 5.10
C11 OLA OA . 16.98 39.66 5.16
C12 OLA OA . 17.55 41.06 5.21
C13 OLA OA . 19.07 41.00 5.21
C14 OLA OA . 19.61 40.78 3.81
C15 OLA OA . 19.35 42.03 3.00
C16 OLA OA . 20.38 42.17 1.89
C17 OLA OA . 20.13 41.16 0.79
C18 OLA OA . 20.40 41.86 -0.52
C1 PLM PA . 16.34 45.20 -17.60
O1 PLM PA . 16.79 44.73 -16.53
O2 PLM PA . 17.05 45.39 -18.62
C2 PLM PA . 14.87 45.52 -17.70
C3 PLM PA . 14.64 46.62 -18.72
C4 PLM PA . 13.98 46.06 -19.98
C5 PLM PA . 13.12 47.13 -20.66
C6 PLM PA . 13.89 47.80 -21.80
C7 PLM PA . 13.18 49.08 -22.25
C8 PLM PA . 13.74 49.55 -23.59
C9 PLM PA . 13.00 48.91 -24.75
CA PLM PA . 12.64 49.94 -25.80
CB PLM PA . 11.17 49.80 -26.23
CC PLM PA . 10.96 50.34 -27.64
CD PLM PA . 9.63 49.86 -28.20
CE PLM PA . 9.63 49.96 -29.73
CF PLM PA . 10.17 48.67 -30.36
CG PLM PA . 9.05 47.70 -30.63
C1 NAG QA . 26.38 -25.47 -0.36
C2 NAG QA . 26.61 -26.06 1.03
C3 NAG QA . 25.61 -27.19 1.31
C4 NAG QA . 24.18 -26.73 1.07
C5 NAG QA . 24.06 -26.17 -0.33
C6 NAG QA . 22.69 -25.59 -0.62
C7 NAG QA . 28.90 -26.01 1.96
C8 NAG QA . 30.23 -26.68 1.96
N2 NAG QA . 27.97 -26.57 1.16
O3 NAG QA . 25.76 -27.63 2.66
O4 NAG QA . 23.28 -27.82 1.23
O5 NAG QA . 24.99 -25.10 -0.51
O6 NAG QA . 22.12 -26.15 -1.80
O7 NAG QA . 28.65 -25.03 2.65
C1 NAG RA . 38.29 -15.72 -49.74
C2 NAG RA . 37.33 -16.30 -48.68
C3 NAG RA . 35.99 -16.67 -49.32
C4 NAG RA . 35.42 -15.53 -50.16
C5 NAG RA . 36.46 -15.03 -51.16
C6 NAG RA . 36.00 -13.82 -51.93
C7 NAG RA . 37.65 -17.82 -46.77
C8 NAG RA . 38.35 -19.06 -46.29
N2 NAG RA . 37.91 -17.46 -48.03
O3 NAG RA . 35.05 -17.01 -48.30
O4 NAG RA . 34.28 -15.96 -50.88
O5 NAG RA . 37.65 -14.64 -50.45
O6 NAG RA . 36.78 -12.67 -51.62
O7 NAG RA . 36.88 -17.19 -46.06
C1 NAG SA . 45.48 -34.27 -22.28
C2 NAG SA . 44.62 -34.47 -21.03
C3 NAG SA . 45.51 -34.69 -19.80
C4 NAG SA . 46.51 -35.81 -20.04
C5 NAG SA . 47.32 -35.53 -21.31
C6 NAG SA . 48.28 -36.64 -21.65
C7 NAG SA . 42.56 -33.41 -20.20
C8 NAG SA . 41.81 -32.12 -20.07
N2 NAG SA . 43.74 -33.33 -20.82
O3 NAG SA . 44.71 -35.02 -18.67
O4 NAG SA . 47.40 -35.92 -18.93
O5 NAG SA . 46.42 -35.37 -22.42
O6 NAG SA . 47.94 -37.25 -22.90
O7 NAG SA . 42.12 -34.46 -19.77
C1 NAG TA . 41.11 1.22 -57.93
C2 NAG TA . 39.77 0.79 -58.55
C3 NAG TA . 38.90 2.03 -58.84
C4 NAG TA . 38.76 2.90 -57.60
C5 NAG TA . 40.15 3.26 -57.07
C6 NAG TA . 40.10 4.04 -55.78
C7 NAG TA . 39.36 -1.13 -60.04
C8 NAG TA . 39.70 -1.77 -61.34
N2 NAG TA . 39.98 0.03 -59.78
O3 NAG TA . 37.61 1.60 -59.28
O4 NAG TA . 38.08 4.10 -57.94
O5 NAG TA . 40.87 2.06 -56.79
O6 NAG TA . 41.25 4.88 -55.64
O7 NAG TA . 38.57 -1.63 -59.26
C1 NAG UA . 53.66 11.03 -36.12
C2 NAG UA . 52.78 11.38 -37.31
C3 NAG UA . 53.23 12.70 -37.93
C4 NAG UA . 53.31 13.79 -36.87
C5 NAG UA . 54.17 13.33 -35.69
C6 NAG UA . 54.19 14.32 -34.55
C7 NAG UA . 51.77 10.04 -39.09
C8 NAG UA . 51.96 8.90 -40.05
N2 NAG UA . 52.80 10.31 -38.30
O3 NAG UA . 52.29 13.10 -38.92
O4 NAG UA . 53.88 14.98 -37.43
O5 NAG UA . 53.67 12.10 -35.18
O6 NAG UA . 55.51 14.68 -34.20
O7 NAG UA . 50.72 10.69 -39.05
C1 NAG VA . 31.46 41.64 -38.89
C2 NAG VA . 32.69 41.06 -38.22
C3 NAG VA . 33.93 41.74 -38.77
C4 NAG VA . 34.00 41.60 -40.29
C5 NAG VA . 32.69 42.10 -40.92
C6 NAG VA . 32.62 41.83 -42.41
C7 NAG VA . 32.29 40.22 -35.95
C8 NAG VA . 32.25 40.55 -34.50
N2 NAG VA . 32.61 41.21 -36.78
O3 NAG VA . 35.10 41.16 -38.18
O4 NAG VA . 35.08 42.36 -40.80
O5 NAG VA . 31.56 41.44 -40.33
O6 NAG VA . 31.53 42.51 -43.01
O7 NAG VA . 32.05 39.09 -36.36
C1 NAG WA . 11.70 12.60 -49.59
C2 NAG WA . 12.80 11.79 -50.25
C3 NAG WA . 13.45 12.60 -51.36
C4 NAG WA . 12.40 13.09 -52.35
C5 NAG WA . 11.31 13.86 -51.60
C6 NAG WA . 10.16 14.28 -52.50
C7 NAG WA . 13.77 10.16 -48.69
C8 NAG WA . 14.86 9.87 -47.72
N2 NAG WA . 13.80 11.35 -49.29
O3 NAG WA . 14.42 11.81 -52.03
O4 NAG WA . 12.99 13.94 -53.32
O5 NAG WA . 10.75 13.02 -50.58
O6 NAG WA . 10.01 13.41 -53.61
O7 NAG WA . 12.87 9.34 -48.92
C1 NAG XA . -11.25 -0.39 -45.60
C2 NAG XA . -11.19 -1.10 -46.95
C3 NAG XA . -11.99 -0.32 -47.99
C4 NAG XA . -13.42 -0.08 -47.50
C5 NAG XA . -13.41 0.58 -46.13
C6 NAG XA . -14.79 0.73 -45.54
C7 NAG XA . -9.39 -2.37 -48.01
C8 NAG XA . -7.94 -2.39 -48.39
N2 NAG XA . -9.82 -1.27 -47.40
O3 NAG XA . -12.03 -1.04 -49.22
O4 NAG XA . -14.13 0.74 -48.42
O5 NAG XA . -12.64 -0.21 -45.21
O6 NAG XA . -15.01 -0.21 -44.49
O7 NAG XA . -10.13 -3.31 -48.24
C1 NAG YA . -7.35 -35.50 -31.93
C2 NAG YA . -7.67 -34.75 -33.22
C3 NAG YA . -9.17 -34.56 -33.37
C4 NAG YA . -9.90 -35.89 -33.26
C5 NAG YA . -9.52 -36.59 -31.96
C6 NAG YA . -10.10 -37.98 -31.85
C7 NAG YA . -5.82 -33.26 -33.88
C8 NAG YA . -5.29 -31.86 -33.82
N2 NAG YA . -6.99 -33.46 -33.26
O3 NAG YA . -9.45 -33.96 -34.63
O4 NAG YA . -11.31 -35.68 -33.28
O5 NAG YA . -8.09 -36.74 -31.89
O6 NAG YA . -9.11 -38.93 -31.46
O7 NAG YA . -5.22 -34.17 -34.44
C1 NAG ZA . -16.58 -39.29 -20.85
C2 NAG ZA . -16.75 -38.63 -22.24
C3 NAG ZA . -18.14 -38.90 -22.78
C4 NAG ZA . -18.44 -40.40 -22.79
C5 NAG ZA . -18.23 -40.97 -21.39
C6 NAG ZA . -18.40 -42.48 -21.34
C7 NAG ZA . -15.37 -36.64 -22.62
C8 NAG ZA . -15.27 -35.15 -22.49
N2 NAG ZA . -16.49 -37.20 -22.17
O3 NAG ZA . -18.26 -38.36 -24.09
O4 NAG ZA . -19.78 -40.63 -23.20
O5 NAG ZA . -16.90 -40.69 -20.94
O6 NAG ZA . -19.48 -42.89 -22.17
O7 NAG ZA . -14.47 -37.30 -23.14
C1 NAG AB . -42.73 -55.12 -15.20
C2 NAG AB . -43.99 -55.71 -15.84
C3 NAG AB . -43.59 -56.75 -16.88
C4 NAG AB . -42.65 -56.15 -17.91
C5 NAG AB . -41.44 -55.50 -17.23
C6 NAG AB . -40.57 -54.73 -18.20
C7 NAG AB . -46.19 -56.04 -14.81
C8 NAG AB . -46.96 -56.70 -13.71
N2 NAG AB . -44.88 -56.28 -14.84
O3 NAG AB . -44.77 -57.25 -17.51
O4 NAG AB . -42.20 -57.16 -18.81
O5 NAG AB . -41.87 -54.58 -16.22
O6 NAG AB . -39.21 -55.08 -18.08
O7 NAG AB . -46.74 -55.31 -15.63
C1 OLA BB . 20.08 25.98 -25.79
O1 OLA BB . 19.95 24.79 -26.11
O2 OLA BB . 20.98 26.39 -25.01
C2 OLA BB . 19.10 26.96 -26.37
C3 OLA BB . 17.95 27.15 -25.40
C4 OLA BB . 16.81 27.83 -26.13
C5 OLA BB . 15.70 26.84 -26.43
C6 OLA BB . 15.13 27.08 -27.81
C7 OLA BB . 13.72 26.51 -27.90
C8 OLA BB . 12.77 27.60 -28.37
C9 OLA BB . 12.03 27.12 -29.59
C10 OLA BB . 11.18 27.91 -30.24
C11 OLA BB . 10.91 29.32 -29.80
C12 OLA BB . 11.66 30.28 -30.71
C13 OLA BB . 11.41 31.73 -30.34
C14 OLA BB . 12.29 32.19 -29.19
C15 OLA BB . 13.69 32.54 -29.69
C16 OLA BB . 14.72 32.43 -28.59
C17 OLA BB . 16.08 32.78 -29.16
C18 OLA BB . 17.21 32.39 -28.24
C1 PLM CB . 34.20 27.24 -26.73
O1 PLM CB . 33.26 27.43 -25.93
O2 PLM CB . 35.28 27.87 -26.67
C2 PLM CB . 34.00 26.26 -27.85
C3 PLM CB . 35.35 25.72 -28.32
C4 PLM CB . 35.77 24.50 -27.48
C5 PLM CB . 37.27 24.53 -27.20
C6 PLM CB . 38.07 24.64 -28.50
C7 PLM CB . 39.42 25.28 -28.25
C8 PLM CB . 40.42 24.90 -29.35
C9 PLM CB . 41.83 25.33 -28.97
CA PLM CB . 42.58 24.20 -28.29
CB PLM CB . 42.98 23.13 -29.28
CC PLM CB . 44.50 23.06 -29.44
CD PLM CB . 44.96 21.64 -29.74
CE PLM CB . 46.39 21.41 -29.25
CF PLM CB . 46.39 20.83 -27.84
CG PLM CB . 46.19 19.33 -27.87
C1 NAG DB . -8.74 16.16 31.52
C2 NAG DB . -10.24 16.41 31.69
C3 NAG DB . -10.90 15.23 32.38
C4 NAG DB . -10.61 13.94 31.64
C5 NAG DB . -9.10 13.75 31.50
C6 NAG DB . -8.75 12.55 30.64
C7 NAG DB . -11.23 18.64 31.92
C8 NAG DB . -11.39 19.84 32.81
N2 NAG DB . -10.49 17.65 32.42
O3 NAG DB . -12.31 15.44 32.43
O4 NAG DB . -11.16 12.83 32.35
O5 NAG DB . -8.53 14.89 30.85
O6 NAG DB . -7.62 11.87 31.15
O7 NAG DB . -11.72 18.59 30.81
C1 NAG EB . 40.78 22.37 45.07
C2 NAG EB . 39.54 21.47 44.99
C3 NAG EB . 39.96 20.00 45.09
C4 NAG EB . 41.02 19.67 44.03
C5 NAG EB . 42.20 20.64 44.14
C6 NAG EB . 43.21 20.45 43.03
C7 NAG EB . 37.27 21.60 45.94
C8 NAG EB . 36.46 21.99 47.13
N2 NAG EB . 38.59 21.79 46.05
O3 NAG EB . 38.83 19.15 44.90
O4 NAG EB . 41.51 18.34 44.23
O5 NAG EB . 41.72 21.99 44.04
O6 NAG EB . 43.94 21.65 42.79
O7 NAG EB . 36.78 21.10 44.94
C1 NAG FB . 8.76 27.51 54.36
C2 NAG FB . 7.56 26.93 53.61
C3 NAG FB . 6.34 27.83 53.81
C4 NAG FB . 6.07 28.07 55.29
C5 NAG FB . 7.33 28.61 55.97
C6 NAG FB . 7.18 28.76 57.47
C7 NAG FB . 7.83 25.59 51.57
C8 NAG FB . 8.16 25.62 50.11
N2 NAG FB . 7.85 26.77 52.20
O3 NAG FB . 5.21 27.21 53.20
O4 NAG FB . 5.02 29.00 55.45
O5 NAG FB . 8.43 27.71 55.75
O6 NAG FB . 7.61 27.59 58.17
O7 NAG FB . 7.54 24.55 52.15
C1 NAG GB . 54.66 29.27 34.30
C2 NAG GB . 55.11 27.81 34.39
C3 NAG GB . 56.05 27.48 33.23
C4 NAG GB . 55.41 27.84 31.89
C5 NAG GB . 54.90 29.29 31.90
C6 NAG GB . 54.11 29.64 30.66
C7 NAG GB . 55.25 26.76 36.62
C8 NAG GB . 56.08 26.60 37.85
N2 NAG GB . 55.77 27.54 35.66
O3 NAG GB . 56.37 26.10 33.25
O4 NAG GB . 56.36 27.71 30.85
O5 NAG GB . 54.03 29.50 33.02
O6 NAG GB . 54.86 30.44 29.78
O7 NAG GB . 54.15 26.23 36.49
C1 NAG HB . 38.93 47.78 22.30
C2 NAG HB . 40.22 46.96 22.15
C3 NAG HB . 41.24 47.71 21.31
C4 NAG HB . 40.64 48.10 19.96
C5 NAG HB . 39.36 48.90 20.17
C6 NAG HB . 38.63 49.20 18.87
C7 NAG HB . 41.26 45.42 23.75
C8 NAG HB . 41.79 45.25 25.14
N2 NAG HB . 40.77 46.63 23.46
O3 NAG HB . 42.39 46.89 21.11
O4 NAG HB . 41.56 48.87 19.20
O5 NAG HB . 38.45 48.16 20.99
O6 NAG HB . 37.26 48.83 18.96
O7 NAG HB . 41.27 44.51 22.94
C1 NAG IB . 51.87 35.65 -10.90
C2 NAG IB . 53.07 36.09 -10.05
C3 NAG IB . 52.57 36.69 -8.75
C4 NAG IB . 51.62 37.86 -9.06
C5 NAG IB . 50.48 37.35 -9.93
C6 NAG IB . 49.57 38.51 -10.30
C7 NAG IB . 54.85 34.54 -10.66
C8 NAG IB . 55.72 33.34 -10.37
N2 NAG IB . 53.91 34.92 -9.77
O3 NAG IB . 53.68 37.17 -7.97
O4 NAG IB . 51.09 38.38 -7.84
O5 NAG IB . 51.02 36.77 -11.12
O6 NAG IB . 48.43 38.02 -11.03
O7 NAG IB . 54.98 35.15 -11.71
C1 NAG JB . 51.06 6.87 10.94
C2 NAG JB . 51.46 7.39 12.33
C3 NAG JB . 52.74 8.23 12.24
C4 NAG JB . 53.84 7.50 11.49
C5 NAG JB . 53.32 7.02 10.14
C6 NAG JB . 54.33 6.20 9.37
C7 NAG JB . 49.36 7.64 13.60
C8 NAG JB . 48.33 8.60 14.12
N2 NAG JB . 50.38 8.18 12.92
O3 NAG JB . 53.17 8.55 13.56
O4 NAG JB . 54.94 8.37 11.29
O5 NAG JB . 52.17 6.18 10.34
O6 NAG JB . 54.36 4.84 9.80
O7 NAG JB . 49.26 6.44 13.77
C1 NAG KB . 41.85 -17.96 12.58
C2 NAG KB . 42.93 -18.15 13.65
C3 NAG KB . 44.21 -18.69 13.02
C4 NAG KB . 43.94 -19.93 12.16
C5 NAG KB . 42.82 -19.63 11.16
C6 NAG KB . 42.41 -20.85 10.36
C7 NAG KB . 42.81 -16.67 15.61
C8 NAG KB . 43.18 -15.34 16.16
N2 NAG KB . 43.20 -16.91 14.35
O3 NAG KB . 45.13 -19.03 14.05
O4 NAG KB . 45.11 -20.29 11.46
O5 NAG KB . 41.66 -19.18 11.86
O6 NAG KB . 41.16 -21.37 10.81
O7 NAG KB . 42.21 -17.52 16.27
C1 NAG LB . 15.06 -23.91 39.05
C2 NAG LB . 16.52 -24.33 38.89
C3 NAG LB . 16.61 -25.78 38.39
C4 NAG LB . 15.83 -26.70 39.31
C5 NAG LB . 14.39 -26.22 39.38
C6 NAG LB . 13.54 -27.04 40.32
C7 NAG LB . 18.49 -23.05 38.16
C8 NAG LB . 19.05 -22.14 37.12
N2 NAG LB . 17.22 -23.43 37.97
O3 NAG LB . 17.98 -26.17 38.33
O4 NAG LB . 15.88 -28.04 38.83
O5 NAG LB . 14.35 -24.87 39.86
O6 NAG LB . 12.77 -26.21 41.19
O7 NAG LB . 19.15 -23.43 39.13
C1 NAG MB . 3.92 -31.91 35.03
C2 NAG MB . 5.42 -32.17 34.97
C3 NAG MB . 5.71 -33.68 35.05
C4 NAG MB . 5.04 -34.29 36.26
C5 NAG MB . 3.54 -33.99 36.23
C6 NAG MB . 2.81 -34.48 37.46
C7 NAG MB . 6.76 -30.50 33.75
C8 NAG MB . 7.29 -30.09 32.41
N2 NAG MB . 6.02 -31.62 33.76
O3 NAG MB . 7.11 -33.91 35.07
O4 NAG MB . 5.22 -35.71 36.27
O5 NAG MB . 3.35 -32.57 36.19
O6 NAG MB . 3.68 -34.60 38.59
O7 NAG MB . 6.96 -29.84 34.76
C1 NAG NB . -8.84 -60.45 37.02
C2 NAG NB . -8.43 -61.91 37.13
C3 NAG NB . -7.72 -62.17 38.44
C4 NAG NB . -6.51 -61.25 38.57
C5 NAG NB . -6.92 -59.79 38.39
C6 NAG NB . -5.74 -58.85 38.33
C7 NAG NB . -9.57 -63.88 36.20
C8 NAG NB . -10.83 -64.67 36.15
N2 NAG NB . -9.58 -62.80 36.98
O3 NAG NB . -7.30 -63.53 38.50
O4 NAG NB . -5.89 -61.42 39.84
O5 NAG NB . -7.65 -59.61 37.16
O6 NAG NB . -5.36 -58.40 39.62
O7 NAG NB . -8.58 -64.20 35.55
#